data_8CAD
#
_entry.id   8CAD
#
_cell.length_a   1.00
_cell.length_b   1.00
_cell.length_c   1.00
_cell.angle_alpha   90.00
_cell.angle_beta   90.00
_cell.angle_gamma   90.00
#
_symmetry.space_group_name_H-M   'P 1'
#
loop_
_entity.id
_entity.type
_entity.pdbx_description
1 polymer 'acidic juvenile hormone-suppressible protein 1'
2 branched 2-acetamido-2-deoxy-beta-D-glucopyranose-(1-4)-2-acetamido-2-deoxy-beta-D-glucopyranose
3 branched alpha-D-mannopyranose-(1-2)-alpha-D-mannopyranose-(1-2)-alpha-D-mannopyranose-(1-3)-[alpha-D-mannopyranose-(1-3)-[alpha-D-mannopyranose-(1-6)]alpha-D-mannopyranose-(1-6)]beta-D-mannopyranose-(1-4)-2-acetamido-2-deoxy-beta-D-glucopyranose-(1-4)-2-acetamido-2-deoxy-beta-D-glucopyranose
4 non-polymer 'COPPER (II) ION'
5 water water
#
_entity_poly.entity_id   1
_entity_poly.type   'polypeptide(L)'
_entity_poly.pdbx_seq_one_letter_code
;MGRLVLCVLALLVGGGISDPVKKLQRTVDQTVLDRQYKLLTLFFHPHEPIHIKEQQEIAASWDLEKNIGLYENATAVHLT
IQMLHNNYQVPRGVPFTVLESVHRFEISVYYSLLYSAKTYDTFYKTAVFLRQHVNENLFVNVLSVVILHRSDTQDIRIPP
IYDVFPSYFHNGEIMTTAQRITTHGQRMLEHYPSTYVWENNVVIRHNETAWPYYCNTESMPVSYFTHDVTLNALYYNIKL
AYPIWLRSDACAIKEKRGELFFFWNKQLLARYYMERLSVGLGEIPELGLNEVEEGYVSGLLYHNGIPYPVRPNHLVLNHQ
TWHAEAIEEIEVYENRIRDMIDQGFYITNTGEHVSINSPDSIDVLGRLIEANVDSPNVQYYKDFISIWKKVLGNSLVHES
VAFNGIPLVVPSVLEQYQTALRDPAYYMIMKRVLKLFNLWHEHLPHYTTKELSVPSVKIEKVEVDKLLTYFEYTNFNVTN
HLHLNEIECNNVINTKSVLVQRTRLNHKVFTVRVNVKSGVAKHVTVRFFLAPKYDSVGNEIPLNVNTQNFLLIDIFNYEL
KEGDNLITRVSSDNLLVTDEIDSASVLFNKVDSALQGHGQYMLNMKQNILKTPRHLLLPKGRVGGMPFVLMVYISEYHAP
NDVHRGTVETSTIDNTIRLTSDTLGFPVDRPLFPWMLTGVENIFLQDVQIYHKPTTEVTGVPVYVE
;
_entity_poly.pdbx_strand_id   A,B,C,D,E,F
#
# COMPACT_ATOMS: atom_id res chain seq x y z
N THR A 31 -45.03 -49.97 19.31
CA THR A 31 -44.02 -49.50 20.23
C THR A 31 -43.32 -48.25 19.71
N VAL A 32 -43.83 -47.70 18.61
CA VAL A 32 -43.22 -46.51 18.02
C VAL A 32 -43.35 -45.33 18.97
N LEU A 33 -44.51 -45.17 19.60
CA LEU A 33 -44.76 -43.98 20.41
C LEU A 33 -43.84 -43.91 21.61
N ASP A 34 -43.66 -45.03 22.33
CA ASP A 34 -42.82 -45.01 23.52
C ASP A 34 -41.35 -44.78 23.16
N ARG A 35 -40.87 -45.42 22.09
CA ARG A 35 -39.50 -45.20 21.65
C ARG A 35 -39.28 -43.74 21.26
N GLN A 36 -40.23 -43.16 20.52
CA GLN A 36 -40.12 -41.76 20.14
C GLN A 36 -40.13 -40.87 21.37
N TYR A 37 -40.96 -41.21 22.36
CA TYR A 37 -41.00 -40.42 23.59
C TYR A 37 -39.66 -40.45 24.32
N LYS A 38 -39.05 -41.63 24.41
CA LYS A 38 -37.75 -41.73 25.07
C LYS A 38 -36.69 -40.95 24.30
N LEU A 39 -36.68 -41.07 22.97
CA LEU A 39 -35.68 -40.35 22.19
C LEU A 39 -35.89 -38.85 22.28
N LEU A 40 -37.14 -38.41 22.41
CA LEU A 40 -37.41 -37.00 22.66
C LEU A 40 -36.89 -36.58 24.03
N THR A 41 -37.12 -37.40 25.06
CA THR A 41 -36.58 -37.08 26.37
C THR A 41 -35.07 -36.94 26.33
N LEU A 42 -34.43 -37.67 25.41
CA LEU A 42 -32.99 -37.47 25.20
C LEU A 42 -32.66 -36.08 24.67
N PHE A 43 -33.64 -35.31 24.21
CA PHE A 43 -33.44 -33.97 23.67
C PHE A 43 -34.25 -32.94 24.44
N PHE A 44 -34.30 -33.05 25.77
CA PHE A 44 -35.07 -32.10 26.57
C PHE A 44 -34.22 -30.97 27.13
N HIS A 45 -33.02 -31.27 27.63
CA HIS A 45 -32.14 -30.25 28.19
C HIS A 45 -30.70 -30.68 28.01
N PRO A 46 -30.09 -30.35 26.87
CA PRO A 46 -28.71 -30.77 26.61
C PRO A 46 -27.73 -30.21 27.63
N HIS A 47 -27.74 -28.89 27.83
CA HIS A 47 -26.75 -28.27 28.70
C HIS A 47 -26.87 -28.78 30.13
N GLU A 48 -28.10 -28.92 30.63
CA GLU A 48 -28.33 -29.39 31.99
C GLU A 48 -28.14 -30.91 32.07
N PRO A 49 -27.81 -31.43 33.26
CA PRO A 49 -27.55 -32.87 33.37
C PRO A 49 -28.81 -33.71 33.35
N ILE A 50 -28.65 -35.03 33.49
CA ILE A 50 -29.81 -35.94 33.44
C ILE A 50 -30.65 -35.76 34.70
N HIS A 51 -31.94 -35.54 34.51
CA HIS A 51 -32.88 -35.39 35.62
C HIS A 51 -33.75 -36.61 35.85
N ILE A 52 -33.93 -37.45 34.84
CA ILE A 52 -34.77 -38.63 34.95
C ILE A 52 -33.98 -39.75 35.60
N LYS A 53 -34.57 -40.40 36.61
CA LYS A 53 -33.80 -41.28 37.49
C LYS A 53 -33.33 -42.54 36.77
N GLU A 54 -34.21 -43.21 36.04
CA GLU A 54 -33.81 -44.48 35.43
C GLU A 54 -32.71 -44.29 34.40
N GLN A 55 -32.67 -43.12 33.73
CA GLN A 55 -31.56 -42.84 32.83
C GLN A 55 -30.26 -42.70 33.60
N GLN A 56 -30.31 -42.10 34.80
CA GLN A 56 -29.13 -42.07 35.65
C GLN A 56 -28.70 -43.47 36.04
N GLU A 57 -29.67 -44.33 36.35
CA GLU A 57 -29.35 -45.72 36.69
C GLU A 57 -28.67 -46.43 35.53
N ILE A 58 -29.17 -46.22 34.31
CA ILE A 58 -28.55 -46.83 33.13
C ILE A 58 -27.14 -46.29 32.94
N ALA A 59 -26.96 -44.97 33.08
CA ALA A 59 -25.64 -44.39 32.89
C ALA A 59 -24.64 -44.90 33.92
N ALA A 60 -25.10 -45.17 35.14
CA ALA A 60 -24.21 -45.67 36.18
C ALA A 60 -23.99 -47.17 36.08
N SER A 61 -24.92 -47.91 35.48
CA SER A 61 -24.83 -49.36 35.42
C SER A 61 -24.12 -49.87 34.18
N TRP A 62 -24.45 -49.32 33.00
CA TRP A 62 -23.87 -49.81 31.77
C TRP A 62 -22.35 -49.64 31.76
N ASP A 63 -21.65 -50.63 31.23
CA ASP A 63 -20.19 -50.61 31.13
C ASP A 63 -19.81 -51.21 29.79
N LEU A 64 -19.14 -50.42 28.95
CA LEU A 64 -18.80 -50.89 27.61
C LEU A 64 -17.84 -52.06 27.64
N GLU A 65 -16.96 -52.13 28.63
CA GLU A 65 -15.93 -53.17 28.66
C GLU A 65 -16.54 -54.56 28.62
N LYS A 66 -17.50 -54.83 29.51
CA LYS A 66 -18.11 -56.14 29.59
C LYS A 66 -19.15 -56.39 28.49
N ASN A 67 -19.74 -55.34 27.94
CA ASN A 67 -20.77 -55.47 26.92
C ASN A 67 -20.23 -55.24 25.51
N ILE A 68 -18.98 -55.63 25.26
CA ILE A 68 -18.41 -55.49 23.92
C ILE A 68 -19.08 -56.45 22.95
N GLY A 69 -19.62 -57.57 23.44
CA GLY A 69 -20.20 -58.57 22.57
C GLY A 69 -21.43 -58.13 21.83
N LEU A 70 -22.07 -57.05 22.28
CA LEU A 70 -23.27 -56.55 21.64
C LEU A 70 -23.00 -55.48 20.58
N TYR A 71 -21.74 -55.20 20.28
CA TYR A 71 -21.35 -54.23 19.26
C TYR A 71 -20.59 -54.95 18.16
N GLU A 72 -20.96 -54.66 16.91
CA GLU A 72 -20.28 -55.30 15.78
C GLU A 72 -18.86 -54.77 15.60
N ASN A 73 -18.67 -53.45 15.66
CA ASN A 73 -17.34 -52.83 15.39
C ASN A 73 -16.57 -52.75 16.70
N ALA A 74 -15.82 -53.79 17.03
CA ALA A 74 -15.08 -53.85 18.28
C ALA A 74 -14.00 -52.77 18.35
N THR A 75 -13.40 -52.43 17.21
CA THR A 75 -12.37 -51.39 17.22
C THR A 75 -12.93 -50.06 17.70
N ALA A 76 -14.15 -49.72 17.27
CA ALA A 76 -14.80 -48.51 17.75
C ALA A 76 -15.03 -48.59 19.26
N VAL A 77 -15.41 -49.76 19.77
CA VAL A 77 -15.61 -49.91 21.21
C VAL A 77 -14.30 -49.65 21.95
N HIS A 78 -13.20 -50.24 21.47
CA HIS A 78 -11.91 -50.03 22.13
C HIS A 78 -11.51 -48.56 22.09
N LEU A 79 -11.68 -47.90 20.94
CA LEU A 79 -11.32 -46.49 20.84
C LEU A 79 -12.16 -45.65 21.78
N THR A 80 -13.46 -45.90 21.85
CA THR A 80 -14.32 -45.14 22.75
C THR A 80 -13.93 -45.35 24.20
N ILE A 81 -13.63 -46.60 24.58
CA ILE A 81 -13.22 -46.87 25.95
C ILE A 81 -11.92 -46.13 26.26
N GLN A 82 -10.96 -46.16 25.34
CA GLN A 82 -9.69 -45.47 25.57
C GLN A 82 -9.91 -43.98 25.73
N MET A 83 -10.72 -43.38 24.85
CA MET A 83 -10.97 -41.94 24.93
C MET A 83 -11.67 -41.57 26.22
N LEU A 84 -12.67 -42.34 26.64
CA LEU A 84 -13.39 -42.02 27.87
C LEU A 84 -12.54 -42.26 29.11
N HIS A 85 -11.58 -43.18 29.05
CA HIS A 85 -10.71 -43.42 30.20
C HIS A 85 -9.64 -42.34 30.32
N ASN A 86 -9.01 -41.98 29.20
CA ASN A 86 -7.98 -40.95 29.23
C ASN A 86 -8.54 -39.54 29.31
N ASN A 87 -9.86 -39.38 29.29
CA ASN A 87 -10.51 -38.06 29.28
C ASN A 87 -10.13 -37.27 28.03
N TYR A 88 -9.64 -37.95 26.99
CA TYR A 88 -9.26 -37.29 25.74
C TYR A 88 -10.52 -37.06 24.89
N GLN A 89 -11.32 -36.09 25.33
CA GLN A 89 -12.57 -35.77 24.68
C GLN A 89 -12.81 -34.26 24.79
N VAL A 90 -13.66 -33.76 23.89
CA VAL A 90 -13.99 -32.34 23.93
C VAL A 90 -14.68 -32.01 25.25
N PRO A 91 -14.23 -31.00 26.00
CA PRO A 91 -14.89 -30.69 27.27
C PRO A 91 -16.33 -30.24 27.05
N ARG A 92 -17.18 -30.55 28.04
CA ARG A 92 -18.58 -30.17 27.96
C ARG A 92 -18.73 -28.66 28.14
N GLY A 93 -19.83 -28.14 27.59
CA GLY A 93 -20.07 -26.70 27.64
C GLY A 93 -19.09 -25.89 26.83
N VAL A 94 -18.68 -26.39 25.67
CA VAL A 94 -17.72 -25.70 24.82
C VAL A 94 -18.25 -25.75 23.38
N PRO A 95 -18.01 -24.72 22.57
CA PRO A 95 -18.46 -24.78 21.16
C PRO A 95 -17.85 -25.96 20.43
N PHE A 96 -18.64 -26.54 19.54
CA PHE A 96 -18.23 -27.70 18.75
C PHE A 96 -18.29 -27.37 17.27
N THR A 97 -17.23 -27.70 16.55
CA THR A 97 -17.16 -27.47 15.11
C THR A 97 -16.60 -28.72 14.44
N VAL A 98 -17.22 -29.10 13.32
CA VAL A 98 -16.77 -30.28 12.58
C VAL A 98 -15.54 -30.01 11.72
N LEU A 99 -15.16 -28.75 11.55
CA LEU A 99 -14.01 -28.43 10.70
C LEU A 99 -12.68 -28.78 11.37
N GLU A 100 -12.68 -29.01 12.68
CA GLU A 100 -11.46 -29.39 13.37
C GLU A 100 -11.27 -30.91 13.32
N SER A 101 -10.01 -31.32 13.18
CA SER A 101 -9.71 -32.72 12.92
C SER A 101 -10.10 -33.62 14.09
N VAL A 102 -9.70 -33.24 15.31
CA VAL A 102 -9.98 -34.08 16.47
C VAL A 102 -11.48 -34.21 16.70
N HIS A 103 -12.23 -33.13 16.46
CA HIS A 103 -13.68 -33.21 16.57
C HIS A 103 -14.25 -34.21 15.57
N ARG A 104 -13.74 -34.19 14.34
CA ARG A 104 -14.16 -35.16 13.34
C ARG A 104 -13.87 -36.58 13.80
N PHE A 105 -12.66 -36.80 14.33
CA PHE A 105 -12.30 -38.14 14.79
C PHE A 105 -13.25 -38.61 15.89
N GLU A 106 -13.50 -37.75 16.88
CA GLU A 106 -14.35 -38.13 17.99
C GLU A 106 -15.78 -38.42 17.53
N ILE A 107 -16.34 -37.55 16.68
CA ILE A 107 -17.72 -37.75 16.25
C ILE A 107 -17.82 -38.99 15.37
N SER A 108 -16.81 -39.24 14.53
CA SER A 108 -16.82 -40.46 13.71
C SER A 108 -16.75 -41.71 14.58
N VAL A 109 -15.91 -41.69 15.60
CA VAL A 109 -15.80 -42.86 16.48
C VAL A 109 -17.12 -43.11 17.20
N TYR A 110 -17.75 -42.04 17.70
CA TYR A 110 -19.02 -42.22 18.39
C TYR A 110 -20.12 -42.69 17.44
N TYR A 111 -20.12 -42.19 16.21
CA TYR A 111 -21.09 -42.67 15.23
C TYR A 111 -20.88 -44.14 14.93
N SER A 112 -19.62 -44.56 14.77
CA SER A 112 -19.34 -45.96 14.53
C SER A 112 -19.81 -46.83 15.69
N LEU A 113 -19.58 -46.37 16.92
CA LEU A 113 -20.03 -47.12 18.08
C LEU A 113 -21.55 -47.24 18.11
N LEU A 114 -22.24 -46.12 17.91
CA LEU A 114 -23.71 -46.13 17.98
C LEU A 114 -24.31 -46.97 16.86
N TYR A 115 -23.78 -46.85 15.65
CA TYR A 115 -24.34 -47.56 14.49
C TYR A 115 -24.10 -49.05 14.57
N SER A 116 -23.09 -49.50 15.33
CA SER A 116 -22.77 -50.91 15.46
C SER A 116 -23.59 -51.60 16.54
N ALA A 117 -24.68 -50.98 17.00
CA ALA A 117 -25.52 -51.56 18.02
C ALA A 117 -26.43 -52.61 17.38
N LYS A 118 -26.30 -53.87 17.80
CA LYS A 118 -27.09 -54.93 17.22
C LYS A 118 -28.58 -54.76 17.54
N THR A 119 -28.90 -54.41 18.78
CA THR A 119 -30.27 -54.26 19.23
C THR A 119 -30.59 -52.79 19.50
N TYR A 120 -31.87 -52.46 19.39
CA TYR A 120 -32.32 -51.11 19.74
C TYR A 120 -32.11 -50.79 21.21
N ASP A 121 -32.22 -51.80 22.08
CA ASP A 121 -31.95 -51.59 23.50
C ASP A 121 -30.50 -51.17 23.72
N THR A 122 -29.56 -51.86 23.06
CA THR A 122 -28.16 -51.51 23.19
C THR A 122 -27.90 -50.11 22.66
N PHE A 123 -28.54 -49.75 21.55
CA PHE A 123 -28.43 -48.42 20.99
C PHE A 123 -28.89 -47.35 21.98
N TYR A 124 -30.07 -47.55 22.57
CA TYR A 124 -30.57 -46.58 23.54
C TYR A 124 -29.67 -46.49 24.77
N LYS A 125 -29.17 -47.63 25.23
CA LYS A 125 -28.34 -47.63 26.43
C LYS A 125 -26.99 -46.95 26.17
N THR A 126 -26.44 -47.10 24.95
CA THR A 126 -25.25 -46.36 24.59
C THR A 126 -25.54 -44.87 24.44
N ALA A 127 -26.71 -44.52 23.90
CA ALA A 127 -27.08 -43.12 23.75
C ALA A 127 -27.17 -42.44 25.11
N VAL A 128 -27.78 -43.11 26.08
CA VAL A 128 -27.88 -42.53 27.42
C VAL A 128 -26.49 -42.33 28.03
N PHE A 129 -25.64 -43.34 27.91
CA PHE A 129 -24.30 -43.24 28.48
C PHE A 129 -23.52 -42.09 27.84
N LEU A 130 -23.60 -41.95 26.52
CA LEU A 130 -22.90 -40.85 25.86
C LEU A 130 -23.50 -39.51 26.25
N ARG A 131 -24.82 -39.41 26.30
CA ARG A 131 -25.47 -38.19 26.80
C ARG A 131 -24.91 -37.81 28.15
N GLN A 132 -24.64 -38.81 29.00
CA GLN A 132 -24.04 -38.53 30.30
C GLN A 132 -22.58 -38.09 30.16
N HIS A 133 -21.84 -38.66 29.21
CA HIS A 133 -20.40 -38.48 29.13
C HIS A 133 -19.94 -37.91 27.78
N VAL A 134 -20.70 -37.00 27.18
CA VAL A 134 -20.32 -36.38 25.90
C VAL A 134 -20.87 -34.97 25.83
N ASN A 135 -20.17 -34.12 25.06
CA ASN A 135 -20.59 -32.75 24.85
C ASN A 135 -21.98 -32.71 24.22
N GLU A 136 -22.70 -31.62 24.50
CA GLU A 136 -24.10 -31.53 24.09
C GLU A 136 -24.24 -31.47 22.58
N ASN A 137 -23.52 -30.55 21.92
CA ASN A 137 -23.67 -30.38 20.49
C ASN A 137 -23.25 -31.64 19.73
N LEU A 138 -22.12 -32.22 20.10
CA LEU A 138 -21.65 -33.42 19.43
C LEU A 138 -22.64 -34.57 19.61
N PHE A 139 -23.15 -34.74 20.83
CA PHE A 139 -24.11 -35.81 21.07
C PHE A 139 -25.38 -35.61 20.25
N VAL A 140 -25.91 -34.39 20.22
CA VAL A 140 -27.12 -34.13 19.46
C VAL A 140 -26.89 -34.44 17.98
N ASN A 141 -25.78 -33.95 17.43
CA ASN A 141 -25.50 -34.16 16.01
C ASN A 141 -25.36 -35.65 15.70
N VAL A 142 -24.57 -36.36 16.49
CA VAL A 142 -24.30 -37.77 16.20
C VAL A 142 -25.57 -38.59 16.36
N LEU A 143 -26.37 -38.31 17.40
CA LEU A 143 -27.60 -39.07 17.60
C LEU A 143 -28.59 -38.81 16.48
N SER A 144 -28.70 -37.56 16.02
CA SER A 144 -29.57 -37.26 14.89
C SER A 144 -29.12 -38.02 13.64
N VAL A 145 -27.81 -38.02 13.37
CA VAL A 145 -27.31 -38.71 12.20
C VAL A 145 -27.60 -40.20 12.29
N VAL A 146 -27.38 -40.79 13.48
CA VAL A 146 -27.63 -42.21 13.65
C VAL A 146 -29.11 -42.53 13.45
N ILE A 147 -29.99 -41.70 14.00
CA ILE A 147 -31.43 -41.94 13.86
C ILE A 147 -31.82 -41.85 12.39
N LEU A 148 -31.24 -40.91 11.66
CA LEU A 148 -31.61 -40.76 10.25
C LEU A 148 -31.13 -41.94 9.41
N HIS A 149 -30.01 -42.55 9.76
CA HIS A 149 -29.38 -43.58 8.94
C HIS A 149 -29.46 -44.98 9.55
N ARG A 150 -30.43 -45.21 10.43
CA ARG A 150 -30.61 -46.52 11.07
C ARG A 150 -31.98 -47.08 10.71
N SER A 151 -32.01 -48.36 10.35
CA SER A 151 -33.26 -48.99 9.96
C SER A 151 -34.26 -49.05 11.11
N ASP A 152 -33.78 -49.34 12.33
CA ASP A 152 -34.67 -49.45 13.47
C ASP A 152 -35.32 -48.12 13.83
N THR A 153 -34.83 -47.01 13.29
CA THR A 153 -35.33 -45.67 13.62
C THR A 153 -35.69 -44.90 12.37
N GLN A 154 -36.35 -45.56 11.41
CA GLN A 154 -36.81 -44.88 10.20
C GLN A 154 -38.16 -44.21 10.38
N ASP A 155 -38.81 -44.40 11.53
CA ASP A 155 -40.08 -43.74 11.83
C ASP A 155 -39.95 -42.62 12.86
N ILE A 156 -38.93 -42.68 13.71
CA ILE A 156 -38.72 -41.65 14.71
C ILE A 156 -38.53 -40.30 14.03
N ARG A 157 -39.19 -39.27 14.57
CA ARG A 157 -39.06 -37.91 14.07
C ARG A 157 -38.21 -37.11 15.05
N ILE A 158 -37.16 -36.45 14.53
CA ILE A 158 -36.24 -35.71 15.37
C ILE A 158 -36.70 -34.25 15.47
N PRO A 159 -36.50 -33.58 16.60
CA PRO A 159 -37.00 -32.21 16.75
C PRO A 159 -36.20 -31.24 15.89
N PRO A 160 -36.76 -30.09 15.55
CA PRO A 160 -36.00 -29.09 14.79
C PRO A 160 -34.78 -28.61 15.58
N ILE A 161 -33.72 -28.27 14.85
CA ILE A 161 -32.50 -27.81 15.49
C ILE A 161 -32.73 -26.47 16.19
N TYR A 162 -33.56 -25.60 15.62
CA TYR A 162 -33.77 -24.28 16.19
C TYR A 162 -34.56 -24.33 17.49
N ASP A 163 -35.11 -25.48 17.86
CA ASP A 163 -35.75 -25.65 19.16
C ASP A 163 -34.82 -26.22 20.21
N VAL A 164 -33.89 -27.11 19.82
CA VAL A 164 -32.96 -27.68 20.78
C VAL A 164 -31.95 -26.63 21.25
N PHE A 165 -31.43 -25.82 20.32
CA PHE A 165 -30.42 -24.80 20.63
C PHE A 165 -30.89 -23.48 20.03
N PRO A 166 -31.83 -22.79 20.71
CA PRO A 166 -32.31 -21.50 20.18
C PRO A 166 -31.25 -20.43 20.13
N SER A 167 -30.14 -20.57 20.87
CA SER A 167 -29.13 -19.53 20.95
C SER A 167 -28.42 -19.28 19.63
N TYR A 168 -28.53 -20.18 18.66
CA TYR A 168 -27.89 -20.02 17.37
C TYR A 168 -28.76 -19.32 16.34
N PHE A 169 -29.98 -18.92 16.71
CA PHE A 169 -30.91 -18.32 15.76
C PHE A 169 -31.53 -17.02 16.25
N HIS A 170 -31.21 -16.58 17.46
CA HIS A 170 -31.75 -15.33 18.00
C HIS A 170 -30.62 -14.54 18.64
N ASN A 171 -30.80 -13.22 18.69
CA ASN A 171 -29.77 -12.35 19.23
C ASN A 171 -29.63 -12.55 20.73
N GLY A 172 -28.44 -12.19 21.25
CA GLY A 172 -28.18 -12.37 22.66
C GLY A 172 -29.09 -11.55 23.55
N GLU A 173 -29.48 -10.37 23.10
CA GLU A 173 -30.40 -9.54 23.88
C GLU A 173 -31.73 -10.25 24.10
N ILE A 174 -32.23 -10.92 23.05
CA ILE A 174 -33.48 -11.66 23.17
C ILE A 174 -33.36 -12.74 24.23
N MET A 175 -32.25 -13.49 24.20
CA MET A 175 -32.08 -14.58 25.15
C MET A 175 -31.93 -14.08 26.57
N THR A 176 -31.19 -12.98 26.77
CA THR A 176 -31.05 -12.41 28.10
C THR A 176 -32.41 -11.92 28.62
N THR A 177 -33.17 -11.25 27.76
CA THR A 177 -34.51 -10.81 28.16
C THR A 177 -35.40 -11.98 28.49
N ALA A 178 -35.29 -13.08 27.73
CA ALA A 178 -36.06 -14.27 28.04
C ALA A 178 -35.72 -14.80 29.42
N GLN A 179 -34.42 -14.93 29.70
CA GLN A 179 -34.00 -15.41 31.02
C GLN A 179 -34.55 -14.51 32.13
N ARG A 180 -34.46 -13.19 31.93
CA ARG A 180 -34.94 -12.26 32.95
C ARG A 180 -36.44 -12.39 33.16
N ILE A 181 -37.22 -12.39 32.07
CA ILE A 181 -38.67 -12.46 32.20
C ILE A 181 -39.08 -13.77 32.84
N THR A 182 -38.36 -14.86 32.57
CA THR A 182 -38.70 -16.14 33.16
C THR A 182 -38.38 -16.16 34.65
N THR A 183 -37.16 -15.78 35.02
CA THR A 183 -36.75 -15.85 36.42
C THR A 183 -37.49 -14.82 37.26
N HIS A 184 -37.99 -13.76 36.65
CA HIS A 184 -38.71 -12.72 37.39
C HIS A 184 -40.08 -13.19 37.85
N GLY A 185 -40.51 -14.35 37.38
CA GLY A 185 -41.86 -14.82 37.69
C GLY A 185 -42.94 -14.03 36.98
N GLN A 186 -42.59 -13.35 35.89
CA GLN A 186 -43.54 -12.55 35.11
C GLN A 186 -44.20 -11.46 35.97
N ARG A 187 -43.46 -10.92 36.93
CA ARG A 187 -43.89 -9.75 37.68
C ARG A 187 -43.28 -8.46 37.14
N MET A 188 -41.99 -8.45 36.85
CA MET A 188 -41.39 -7.34 36.13
C MET A 188 -41.54 -7.47 34.62
N LEU A 189 -42.08 -8.60 34.16
CA LEU A 189 -42.39 -8.75 32.73
C LEU A 189 -43.44 -7.73 32.30
N GLU A 190 -44.48 -7.54 33.12
CA GLU A 190 -45.50 -6.54 32.78
C GLU A 190 -44.95 -5.12 32.82
N HIS A 191 -43.80 -4.91 33.44
CA HIS A 191 -43.12 -3.62 33.32
C HIS A 191 -42.51 -3.47 31.93
N TYR A 192 -41.98 -4.56 31.37
CA TYR A 192 -41.51 -4.55 30.00
C TYR A 192 -42.66 -4.28 29.04
N PRO A 193 -42.58 -3.25 28.19
CA PRO A 193 -43.64 -3.08 27.19
C PRO A 193 -43.50 -4.01 26.00
N SER A 194 -42.27 -4.41 25.67
CA SER A 194 -42.05 -5.27 24.51
C SER A 194 -42.79 -6.60 24.65
N THR A 195 -42.64 -7.26 25.80
CA THR A 195 -43.24 -8.56 26.00
C THR A 195 -44.76 -8.44 26.22
N TYR A 196 -45.48 -9.49 25.86
CA TYR A 196 -46.93 -9.53 26.01
C TYR A 196 -47.38 -10.97 26.10
N VAL A 197 -48.60 -11.17 26.60
CA VAL A 197 -49.17 -12.49 26.80
C VAL A 197 -50.21 -12.71 25.71
N TRP A 198 -49.84 -13.48 24.69
CA TRP A 198 -50.78 -13.78 23.60
C TRP A 198 -51.83 -14.79 24.06
N GLU A 199 -51.42 -15.80 24.82
CA GLU A 199 -52.33 -16.81 25.32
C GLU A 199 -51.84 -17.27 26.69
N ASN A 200 -52.66 -18.07 27.36
CA ASN A 200 -52.26 -18.63 28.64
C ASN A 200 -51.02 -19.49 28.48
N ASN A 201 -50.13 -19.41 29.47
CA ASN A 201 -48.90 -20.20 29.55
C ASN A 201 -47.87 -19.84 28.49
N VAL A 202 -48.07 -18.75 27.75
CA VAL A 202 -47.11 -18.31 26.75
C VAL A 202 -46.95 -16.80 26.84
N VAL A 203 -45.71 -16.34 26.77
CA VAL A 203 -45.39 -14.91 26.74
C VAL A 203 -44.51 -14.65 25.53
N ILE A 204 -44.86 -13.61 24.76
CA ILE A 204 -44.26 -13.35 23.47
C ILE A 204 -43.62 -11.97 23.47
N ARG A 205 -42.54 -11.84 22.72
CA ARG A 205 -41.78 -10.61 22.61
C ARG A 205 -41.85 -10.06 21.18
N HIS A 206 -41.16 -8.94 20.96
CA HIS A 206 -41.00 -8.34 19.65
C HIS A 206 -39.51 -8.22 19.33
N ASN A 207 -39.10 -8.75 18.19
CA ASN A 207 -37.77 -8.48 17.64
C ASN A 207 -37.79 -7.36 16.61
N GLU A 208 -38.95 -6.74 16.38
CA GLU A 208 -39.04 -5.65 15.42
C GLU A 208 -38.16 -4.48 15.83
N THR A 209 -38.16 -4.12 17.11
CA THR A 209 -37.39 -2.99 17.63
C THR A 209 -36.25 -3.54 18.49
N ALA A 210 -35.10 -3.74 17.88
CA ALA A 210 -33.91 -4.23 18.56
C ALA A 210 -32.75 -4.23 17.57
N TRP A 211 -31.54 -4.38 18.09
CA TRP A 211 -30.33 -4.44 17.29
C TRP A 211 -30.20 -3.23 16.35
N PRO A 212 -30.37 -2.00 16.87
CA PRO A 212 -30.14 -0.83 16.02
C PRO A 212 -28.73 -0.74 15.50
N TYR A 213 -27.76 -1.25 16.24
CA TYR A 213 -26.40 -1.40 15.74
C TYR A 213 -26.31 -2.67 14.91
N TYR A 214 -25.89 -2.53 13.65
CA TYR A 214 -25.89 -3.64 12.72
C TYR A 214 -24.89 -3.35 11.61
N CYS A 215 -24.59 -4.38 10.82
CA CYS A 215 -23.55 -4.28 9.80
C CYS A 215 -23.89 -3.25 8.74
N ASN A 216 -25.15 -3.21 8.31
CA ASN A 216 -25.61 -2.33 7.22
C ASN A 216 -24.92 -2.79 5.93
N THR A 217 -24.34 -1.89 5.15
CA THR A 217 -23.75 -2.23 3.85
C THR A 217 -24.74 -3.09 3.05
N GLU A 218 -24.36 -4.31 2.70
CA GLU A 218 -25.23 -5.20 1.93
C GLU A 218 -25.99 -6.19 2.80
N SER A 219 -25.88 -6.06 4.13
CA SER A 219 -26.41 -7.07 5.04
C SER A 219 -27.85 -6.79 5.47
N MET A 220 -28.25 -5.52 5.59
CA MET A 220 -29.57 -5.22 6.14
C MET A 220 -30.68 -5.46 5.11
N PRO A 221 -30.58 -4.99 3.86
CA PRO A 221 -31.70 -5.15 2.93
C PRO A 221 -32.11 -6.59 2.69
N VAL A 222 -31.19 -7.54 2.83
CA VAL A 222 -31.49 -8.96 2.63
C VAL A 222 -31.54 -9.71 3.96
N SER A 223 -31.64 -8.98 5.07
CA SER A 223 -31.66 -9.62 6.37
C SER A 223 -32.90 -10.48 6.58
N TYR A 224 -33.97 -10.21 5.85
CA TYR A 224 -35.17 -11.04 5.98
C TYR A 224 -35.02 -12.40 5.33
N PHE A 225 -34.00 -12.58 4.48
CA PHE A 225 -33.74 -13.85 3.81
C PHE A 225 -32.53 -14.56 4.37
N THR A 226 -31.44 -13.82 4.64
CA THR A 226 -30.21 -14.47 5.11
C THR A 226 -30.32 -14.91 6.56
N HIS A 227 -31.09 -14.20 7.37
CA HIS A 227 -31.25 -14.52 8.79
C HIS A 227 -32.46 -15.40 9.06
N ASP A 228 -33.12 -15.89 8.03
CA ASP A 228 -34.29 -16.75 8.22
C ASP A 228 -33.88 -18.01 8.95
N VAL A 229 -34.68 -18.39 9.97
CA VAL A 229 -34.36 -19.58 10.75
C VAL A 229 -34.45 -20.82 9.87
N THR A 230 -35.46 -20.90 9.01
CA THR A 230 -35.69 -22.11 8.23
C THR A 230 -34.53 -22.39 7.29
N LEU A 231 -33.92 -21.35 6.73
CA LEU A 231 -32.82 -21.56 5.79
C LEU A 231 -31.60 -22.17 6.48
N ASN A 232 -31.23 -21.63 7.65
CA ASN A 232 -30.11 -22.19 8.40
C ASN A 232 -30.42 -23.60 8.86
N ALA A 233 -31.66 -23.83 9.32
CA ALA A 233 -32.06 -25.18 9.70
C ALA A 233 -31.96 -26.14 8.52
N LEU A 234 -32.31 -25.66 7.33
CA LEU A 234 -32.21 -26.50 6.13
C LEU A 234 -30.77 -26.85 5.82
N TYR A 235 -29.86 -25.88 5.94
CA TYR A 235 -28.44 -26.17 5.74
C TYR A 235 -27.96 -27.21 6.75
N TYR A 236 -28.35 -27.04 8.02
CA TYR A 236 -27.93 -27.98 9.05
C TYR A 236 -28.47 -29.38 8.77
N ASN A 237 -29.74 -29.49 8.35
CA ASN A 237 -30.31 -30.80 8.07
C ASN A 237 -29.67 -31.42 6.83
N ILE A 238 -29.34 -30.60 5.84
CA ILE A 238 -28.66 -31.10 4.65
C ILE A 238 -27.32 -31.70 5.03
N LYS A 239 -26.56 -31.02 5.88
CA LYS A 239 -25.28 -31.58 6.30
C LYS A 239 -25.44 -32.72 7.29
N LEU A 240 -26.60 -32.83 7.93
CA LEU A 240 -26.92 -34.04 8.68
C LEU A 240 -27.10 -35.22 7.74
N ALA A 241 -27.75 -34.99 6.59
CA ALA A 241 -28.00 -36.07 5.64
C ALA A 241 -26.72 -36.52 4.95
N TYR A 242 -25.81 -35.57 4.67
CA TYR A 242 -24.56 -35.86 3.98
C TYR A 242 -23.40 -35.27 4.78
N PRO A 243 -23.05 -35.88 5.91
CA PRO A 243 -21.89 -35.40 6.67
C PRO A 243 -20.59 -35.60 5.89
N ILE A 244 -19.66 -34.66 6.07
CA ILE A 244 -18.38 -34.76 5.39
C ILE A 244 -17.53 -35.90 5.95
N TRP A 245 -17.83 -36.36 7.15
CA TRP A 245 -17.05 -37.40 7.82
C TRP A 245 -17.65 -38.79 7.71
N LEU A 246 -18.74 -38.95 6.96
CA LEU A 246 -19.43 -40.23 6.82
C LEU A 246 -19.26 -40.75 5.40
N ARG A 247 -18.81 -41.99 5.27
CA ARG A 247 -18.66 -42.62 3.96
C ARG A 247 -19.98 -43.17 3.48
N SER A 248 -20.25 -43.01 2.20
CA SER A 248 -21.54 -43.37 1.63
C SER A 248 -21.70 -44.89 1.55
N ASP A 249 -22.96 -45.33 1.67
CA ASP A 249 -23.37 -46.71 1.47
C ASP A 249 -24.09 -46.81 0.13
N ALA A 250 -24.66 -47.99 -0.14
CA ALA A 250 -25.36 -48.19 -1.41
C ALA A 250 -26.42 -47.11 -1.62
N CYS A 251 -27.18 -46.78 -0.59
CA CYS A 251 -28.19 -45.73 -0.71
C CYS A 251 -27.54 -44.38 -0.98
N ALA A 252 -26.53 -44.02 -0.19
CA ALA A 252 -25.85 -42.74 -0.36
C ALA A 252 -24.97 -42.70 -1.61
N ILE A 253 -24.65 -43.85 -2.19
CA ILE A 253 -23.85 -43.88 -3.41
C ILE A 253 -24.69 -43.59 -4.65
N LYS A 254 -26.00 -43.79 -4.58
CA LYS A 254 -26.93 -43.41 -5.64
C LYS A 254 -27.45 -42.00 -5.47
N GLU A 255 -27.01 -41.28 -4.43
CA GLU A 255 -27.47 -39.93 -4.18
C GLU A 255 -26.74 -38.90 -5.03
N LYS A 256 -25.63 -39.26 -5.66
CA LYS A 256 -24.85 -38.34 -6.48
C LYS A 256 -24.48 -37.10 -5.67
N ARG A 257 -23.67 -37.34 -4.65
CA ARG A 257 -23.34 -36.32 -3.66
C ARG A 257 -22.83 -35.04 -4.32
N GLY A 258 -21.87 -35.17 -5.24
CA GLY A 258 -21.28 -33.99 -5.85
C GLY A 258 -22.28 -33.19 -6.67
N GLU A 259 -23.12 -33.88 -7.44
CA GLU A 259 -24.12 -33.18 -8.23
C GLU A 259 -25.12 -32.46 -7.34
N LEU A 260 -25.51 -33.08 -6.23
CA LEU A 260 -26.38 -32.40 -5.27
C LEU A 260 -25.71 -31.15 -4.71
N PHE A 261 -24.43 -31.27 -4.35
CA PHE A 261 -23.68 -30.11 -3.86
C PHE A 261 -23.73 -28.97 -4.87
N PHE A 262 -23.37 -29.27 -6.12
CA PHE A 262 -23.34 -28.24 -7.15
C PHE A 262 -24.71 -27.62 -7.36
N PHE A 263 -25.75 -28.46 -7.50
CA PHE A 263 -27.09 -27.96 -7.79
C PHE A 263 -27.61 -27.10 -6.65
N TRP A 264 -27.44 -27.55 -5.41
CA TRP A 264 -27.94 -26.80 -4.27
C TRP A 264 -27.22 -25.47 -4.13
N ASN A 265 -25.89 -25.46 -4.31
CA ASN A 265 -25.16 -24.20 -4.25
C ASN A 265 -25.62 -23.25 -5.34
N LYS A 266 -25.82 -23.75 -6.56
CA LYS A 266 -26.29 -22.90 -7.65
C LYS A 266 -27.67 -22.32 -7.33
N GLN A 267 -28.57 -23.15 -6.82
CA GLN A 267 -29.91 -22.67 -6.50
C GLN A 267 -29.87 -21.60 -5.42
N LEU A 268 -29.07 -21.82 -4.37
CA LEU A 268 -28.95 -20.84 -3.30
C LEU A 268 -28.40 -19.52 -3.82
N LEU A 269 -27.35 -19.58 -4.64
CA LEU A 269 -26.75 -18.36 -5.15
C LEU A 269 -27.69 -17.62 -6.11
N ALA A 270 -28.46 -18.35 -6.93
CA ALA A 270 -29.42 -17.70 -7.80
C ALA A 270 -30.52 -17.02 -6.99
N ARG A 271 -31.02 -17.69 -5.94
CA ARG A 271 -32.03 -17.06 -5.09
C ARG A 271 -31.49 -15.83 -4.38
N TYR A 272 -30.25 -15.91 -3.89
CA TYR A 272 -29.64 -14.76 -3.22
C TYR A 272 -29.46 -13.59 -4.17
N TYR A 273 -29.05 -13.86 -5.40
CA TYR A 273 -28.91 -12.80 -6.39
C TYR A 273 -30.26 -12.17 -6.73
N MET A 274 -31.31 -13.00 -6.83
CA MET A 274 -32.65 -12.46 -7.05
C MET A 274 -33.05 -11.54 -5.90
N GLU A 275 -32.79 -11.96 -4.66
CA GLU A 275 -33.11 -11.11 -3.52
C GLU A 275 -32.34 -9.80 -3.58
N ARG A 276 -31.05 -9.86 -3.89
CA ARG A 276 -30.25 -8.63 -3.97
C ARG A 276 -30.79 -7.68 -5.02
N LEU A 277 -31.14 -8.21 -6.19
CA LEU A 277 -31.72 -7.36 -7.23
C LEU A 277 -33.06 -6.78 -6.78
N SER A 278 -33.85 -7.57 -6.05
CA SER A 278 -35.13 -7.08 -5.56
C SER A 278 -34.92 -5.91 -4.62
N VAL A 279 -33.94 -5.99 -3.72
CA VAL A 279 -33.66 -4.91 -2.78
C VAL A 279 -32.65 -3.91 -3.31
N GLY A 280 -32.26 -4.02 -4.57
CA GLY A 280 -31.37 -3.04 -5.16
C GLY A 280 -29.98 -2.98 -4.56
N LEU A 281 -29.37 -4.13 -4.30
CA LEU A 281 -28.01 -4.19 -3.76
C LEU A 281 -26.98 -4.54 -4.83
N GLY A 282 -27.41 -5.04 -5.99
CA GLY A 282 -26.50 -5.32 -7.08
C GLY A 282 -25.99 -6.75 -7.10
N GLU A 283 -25.01 -6.97 -7.95
CA GLU A 283 -24.45 -8.30 -8.15
C GLU A 283 -23.63 -8.72 -6.93
N ILE A 284 -23.49 -10.03 -6.78
CA ILE A 284 -22.70 -10.56 -5.66
C ILE A 284 -21.26 -10.12 -5.81
N PRO A 285 -20.64 -9.51 -4.80
CA PRO A 285 -19.25 -9.06 -4.95
C PRO A 285 -18.32 -10.24 -5.25
N GLU A 286 -17.33 -9.98 -6.08
CA GLU A 286 -16.33 -10.98 -6.43
C GLU A 286 -15.23 -10.99 -5.39
N LEU A 287 -14.85 -12.19 -4.95
CA LEU A 287 -13.86 -12.34 -3.89
C LEU A 287 -12.46 -12.41 -4.49
N GLY A 288 -11.56 -11.56 -4.00
CA GLY A 288 -10.19 -11.54 -4.45
C GLY A 288 -9.26 -12.26 -3.51
N LEU A 289 -7.98 -11.89 -3.57
CA LEU A 289 -6.94 -12.49 -2.73
C LEU A 289 -6.11 -11.43 -2.02
N ASN A 290 -6.58 -10.18 -1.97
CA ASN A 290 -5.84 -9.09 -1.35
C ASN A 290 -6.60 -8.40 -0.23
N GLU A 291 -7.91 -8.18 -0.39
CA GLU A 291 -8.68 -7.44 0.61
C GLU A 291 -10.16 -7.77 0.45
N VAL A 292 -10.86 -7.83 1.57
CA VAL A 292 -12.31 -7.99 1.61
C VAL A 292 -12.91 -6.73 2.22
N GLU A 293 -13.78 -6.07 1.46
CA GLU A 293 -14.32 -4.80 1.92
C GLU A 293 -15.43 -4.97 2.95
N GLU A 294 -16.34 -5.92 2.74
CA GLU A 294 -17.51 -6.06 3.59
C GLU A 294 -17.19 -6.93 4.80
N GLY A 295 -17.50 -6.42 5.99
CA GLY A 295 -17.37 -7.15 7.23
C GLY A 295 -18.71 -7.68 7.72
N TYR A 296 -18.66 -8.29 8.90
CA TYR A 296 -19.87 -8.87 9.49
C TYR A 296 -19.78 -8.82 11.00
N VAL A 297 -20.86 -8.38 11.64
CA VAL A 297 -21.04 -8.46 13.08
C VAL A 297 -22.29 -9.30 13.33
N SER A 298 -22.12 -10.44 13.98
CA SER A 298 -23.22 -11.39 14.13
C SER A 298 -24.27 -10.88 15.11
N GLY A 299 -23.84 -10.38 16.27
CA GLY A 299 -24.76 -10.06 17.33
C GLY A 299 -25.25 -11.26 18.11
N LEU A 300 -24.67 -12.43 17.89
CA LEU A 300 -25.06 -13.67 18.56
C LEU A 300 -24.13 -13.94 19.73
N LEU A 301 -24.63 -14.75 20.67
CA LEU A 301 -23.86 -15.15 21.85
C LEU A 301 -23.96 -16.65 22.04
N TYR A 302 -22.85 -17.26 22.46
CA TYR A 302 -22.85 -18.67 22.78
C TYR A 302 -23.59 -18.93 24.08
N HIS A 303 -23.86 -20.21 24.35
CA HIS A 303 -24.60 -20.58 25.54
C HIS A 303 -23.92 -20.04 26.80
N ASN A 304 -22.60 -20.21 26.91
CA ASN A 304 -21.90 -19.71 28.08
C ASN A 304 -21.91 -18.20 28.16
N GLY A 305 -21.82 -17.53 27.01
CA GLY A 305 -21.87 -16.07 26.97
C GLY A 305 -20.66 -15.44 26.33
N ILE A 306 -19.97 -16.18 25.47
CA ILE A 306 -18.79 -15.68 24.77
C ILE A 306 -19.24 -15.06 23.45
N PRO A 307 -18.90 -13.79 23.18
CA PRO A 307 -19.30 -13.19 21.91
C PRO A 307 -18.61 -13.86 20.72
N TYR A 308 -19.28 -13.79 19.58
CA TYR A 308 -18.75 -14.37 18.35
C TYR A 308 -17.63 -13.49 17.78
N PRO A 309 -16.71 -14.08 17.00
CA PRO A 309 -15.70 -13.27 16.32
C PRO A 309 -16.33 -12.31 15.32
N VAL A 310 -15.65 -11.20 15.09
CA VAL A 310 -16.11 -10.14 14.19
C VAL A 310 -15.07 -9.93 13.11
N ARG A 311 -15.52 -9.89 11.86
CA ARG A 311 -14.65 -9.53 10.74
C ARG A 311 -14.78 -8.04 10.46
N PRO A 312 -13.70 -7.27 10.53
CA PRO A 312 -13.81 -5.83 10.26
C PRO A 312 -13.98 -5.55 8.78
N ASN A 313 -14.44 -4.34 8.49
CA ASN A 313 -14.50 -3.85 7.12
C ASN A 313 -13.11 -3.57 6.59
N HIS A 314 -12.93 -3.78 5.29
CA HIS A 314 -11.64 -3.56 4.63
C HIS A 314 -10.54 -4.41 5.27
N LEU A 315 -10.83 -5.70 5.41
CA LEU A 315 -9.85 -6.62 5.97
C LEU A 315 -8.71 -6.82 4.98
N VAL A 316 -7.47 -6.73 5.47
CA VAL A 316 -6.28 -6.83 4.64
C VAL A 316 -5.75 -8.26 4.72
N LEU A 317 -5.44 -8.83 3.55
CA LEU A 317 -4.98 -10.20 3.46
C LEU A 317 -3.54 -10.32 2.94
N ASN A 318 -2.88 -9.21 2.64
CA ASN A 318 -1.52 -9.22 2.11
C ASN A 318 -0.55 -8.50 3.04
N HIS A 319 -0.70 -8.75 4.34
CA HIS A 319 0.19 -8.21 5.36
C HIS A 319 0.85 -9.36 6.11
N GLN A 320 1.64 -9.02 7.13
CA GLN A 320 2.36 -10.02 7.93
C GLN A 320 1.41 -10.64 8.95
N THR A 321 0.55 -11.53 8.43
CA THR A 321 -0.41 -12.24 9.25
C THR A 321 -0.58 -13.66 8.72
N TRP A 322 -1.13 -14.53 9.57
CA TRP A 322 -1.43 -15.89 9.15
C TRP A 322 -2.41 -15.93 7.98
N HIS A 323 -3.19 -14.86 7.80
CA HIS A 323 -4.08 -14.77 6.65
C HIS A 323 -3.32 -14.98 5.35
N ALA A 324 -2.12 -14.41 5.24
CA ALA A 324 -1.35 -14.54 4.01
C ALA A 324 -0.99 -15.99 3.74
N GLU A 325 -0.52 -16.71 4.76
CA GLU A 325 -0.17 -18.12 4.57
C GLU A 325 -1.39 -18.95 4.21
N ALA A 326 -2.51 -18.69 4.88
CA ALA A 326 -3.74 -19.41 4.56
C ALA A 326 -4.16 -19.16 3.11
N ILE A 327 -4.04 -17.90 2.67
CA ILE A 327 -4.42 -17.56 1.30
C ILE A 327 -3.47 -18.21 0.30
N GLU A 328 -2.18 -18.31 0.64
CA GLU A 328 -1.24 -18.99 -0.24
C GLU A 328 -1.60 -20.47 -0.40
N GLU A 329 -1.93 -21.12 0.71
CA GLU A 329 -2.36 -22.52 0.63
C GLU A 329 -3.63 -22.65 -0.20
N ILE A 330 -4.58 -21.73 0.01
CA ILE A 330 -5.83 -21.73 -0.76
C ILE A 330 -5.53 -21.60 -2.24
N GLU A 331 -4.64 -20.68 -2.60
CA GLU A 331 -4.28 -20.48 -4.00
C GLU A 331 -3.65 -21.74 -4.59
N VAL A 332 -2.76 -22.39 -3.83
CA VAL A 332 -2.14 -23.61 -4.32
C VAL A 332 -3.19 -24.67 -4.60
N TYR A 333 -4.13 -24.86 -3.66
CA TYR A 333 -5.13 -25.91 -3.83
C TYR A 333 -6.07 -25.58 -5.00
N GLU A 334 -6.49 -24.32 -5.12
CA GLU A 334 -7.36 -23.94 -6.22
C GLU A 334 -6.65 -24.06 -7.57
N ASN A 335 -5.35 -23.77 -7.61
CA ASN A 335 -4.59 -23.99 -8.84
C ASN A 335 -4.50 -25.47 -9.17
N ARG A 336 -4.36 -26.32 -8.16
CA ARG A 336 -4.41 -27.77 -8.41
C ARG A 336 -5.75 -28.16 -9.02
N ILE A 337 -6.84 -27.63 -8.49
CA ILE A 337 -8.16 -27.94 -9.03
C ILE A 337 -8.27 -27.44 -10.47
N ARG A 338 -7.78 -26.23 -10.73
CA ARG A 338 -7.84 -25.69 -12.09
C ARG A 338 -7.04 -26.55 -13.06
N ASP A 339 -5.85 -26.98 -12.66
CA ASP A 339 -5.04 -27.83 -13.52
C ASP A 339 -5.74 -29.16 -13.79
N MET A 340 -6.34 -29.75 -12.75
CA MET A 340 -7.08 -30.99 -12.96
C MET A 340 -8.23 -30.80 -13.93
N ILE A 341 -8.96 -29.69 -13.82
CA ILE A 341 -10.07 -29.43 -14.71
C ILE A 341 -9.58 -29.25 -16.14
N ASP A 342 -8.52 -28.47 -16.34
CA ASP A 342 -8.08 -28.16 -17.69
C ASP A 342 -7.44 -29.35 -18.37
N GLN A 343 -6.61 -30.10 -17.65
CA GLN A 343 -5.91 -31.22 -18.27
C GLN A 343 -6.86 -32.36 -18.65
N GLY A 344 -8.04 -32.42 -18.04
CA GLY A 344 -9.02 -33.43 -18.38
C GLY A 344 -8.96 -34.69 -17.56
N PHE A 345 -8.07 -34.77 -16.58
CA PHE A 345 -7.92 -35.97 -15.76
C PHE A 345 -7.45 -35.59 -14.37
N TYR A 346 -7.68 -36.50 -13.42
CA TYR A 346 -7.21 -36.34 -12.06
C TYR A 346 -6.23 -37.45 -11.72
N ILE A 347 -5.39 -37.16 -10.72
CA ILE A 347 -4.31 -38.05 -10.31
C ILE A 347 -4.80 -38.90 -9.15
N THR A 348 -4.56 -40.21 -9.23
CA THR A 348 -4.92 -41.11 -8.15
C THR A 348 -3.85 -41.05 -7.06
N ASN A 349 -4.10 -41.78 -5.96
CA ASN A 349 -3.15 -41.81 -4.86
C ASN A 349 -1.85 -42.53 -5.23
N THR A 350 -1.83 -43.26 -6.35
CA THR A 350 -0.64 -43.96 -6.80
C THR A 350 0.08 -43.24 -7.94
N GLY A 351 -0.60 -42.34 -8.64
CA GLY A 351 -0.03 -41.63 -9.76
C GLY A 351 -0.70 -41.88 -11.10
N GLU A 352 -1.81 -42.60 -11.13
CA GLU A 352 -2.52 -42.89 -12.37
C GLU A 352 -3.40 -41.72 -12.77
N HIS A 353 -3.74 -41.65 -14.05
CA HIS A 353 -4.59 -40.61 -14.60
C HIS A 353 -5.98 -41.20 -14.84
N VAL A 354 -7.01 -40.53 -14.31
CA VAL A 354 -8.40 -40.94 -14.48
C VAL A 354 -9.13 -39.80 -15.15
N SER A 355 -9.70 -40.06 -16.32
CA SER A 355 -10.33 -39.00 -17.11
C SER A 355 -11.63 -38.53 -16.46
N ILE A 356 -11.90 -37.23 -16.61
CA ILE A 356 -13.14 -36.64 -16.10
C ILE A 356 -13.80 -35.84 -17.21
N ASN A 357 -13.47 -36.16 -18.47
CA ASN A 357 -13.98 -35.40 -19.60
C ASN A 357 -15.39 -35.78 -19.99
N SER A 358 -15.90 -36.91 -19.51
CA SER A 358 -17.26 -37.30 -19.84
C SER A 358 -18.26 -36.43 -19.10
N PRO A 359 -19.49 -36.28 -19.63
CA PRO A 359 -20.48 -35.43 -18.95
C PRO A 359 -21.00 -36.01 -17.65
N ASP A 360 -20.76 -37.28 -17.37
CA ASP A 360 -21.24 -37.92 -16.16
C ASP A 360 -20.22 -37.88 -15.03
N SER A 361 -19.12 -37.16 -15.19
CA SER A 361 -18.10 -37.05 -14.18
C SER A 361 -18.33 -35.89 -13.22
N ILE A 362 -19.48 -35.22 -13.31
CA ILE A 362 -19.75 -34.09 -12.43
C ILE A 362 -19.74 -34.52 -10.97
N ASP A 363 -20.24 -35.73 -10.68
CA ASP A 363 -20.30 -36.20 -9.30
C ASP A 363 -18.91 -36.29 -8.68
N VAL A 364 -17.98 -36.97 -9.36
CA VAL A 364 -16.63 -37.10 -8.83
C VAL A 364 -15.93 -35.75 -8.77
N LEU A 365 -16.24 -34.86 -9.72
CA LEU A 365 -15.70 -33.51 -9.67
C LEU A 365 -16.13 -32.79 -8.40
N GLY A 366 -17.43 -32.86 -8.08
CA GLY A 366 -17.92 -32.25 -6.86
C GLY A 366 -17.32 -32.87 -5.62
N ARG A 367 -17.18 -34.20 -5.63
CA ARG A 367 -16.58 -34.90 -4.49
C ARG A 367 -15.13 -34.45 -4.29
N LEU A 368 -14.38 -34.30 -5.38
CA LEU A 368 -13.01 -33.80 -5.29
C LEU A 368 -12.98 -32.37 -4.76
N ILE A 369 -13.86 -31.51 -5.25
CA ILE A 369 -13.84 -30.11 -4.81
C ILE A 369 -14.20 -30.02 -3.33
N GLU A 370 -15.15 -30.84 -2.88
CA GLU A 370 -15.57 -30.81 -1.49
C GLU A 370 -14.54 -31.45 -0.55
N ALA A 371 -13.71 -32.36 -1.06
CA ALA A 371 -12.69 -33.01 -0.26
C ALA A 371 -13.30 -33.80 0.90
N ASN A 372 -14.43 -34.46 0.66
CA ASN A 372 -15.06 -35.28 1.68
C ASN A 372 -14.35 -36.63 1.75
N VAL A 373 -14.83 -37.49 2.66
CA VAL A 373 -14.24 -38.82 2.83
C VAL A 373 -14.49 -39.73 1.64
N ASP A 374 -15.40 -39.35 0.74
CA ASP A 374 -15.68 -40.12 -0.46
C ASP A 374 -14.85 -39.67 -1.66
N SER A 375 -13.97 -38.67 -1.48
CA SER A 375 -13.13 -38.23 -2.57
C SER A 375 -12.04 -39.26 -2.88
N PRO A 376 -11.71 -39.47 -4.15
CA PRO A 376 -10.69 -40.48 -4.46
C PRO A 376 -9.33 -40.19 -3.82
N ASN A 377 -8.92 -38.92 -3.78
CA ASN A 377 -7.58 -38.55 -3.29
C ASN A 377 -7.70 -37.24 -2.52
N VAL A 378 -7.84 -37.35 -1.21
CA VAL A 378 -7.92 -36.16 -0.37
C VAL A 378 -6.55 -35.61 0.01
N GLN A 379 -5.50 -36.43 -0.09
CA GLN A 379 -4.18 -35.96 0.29
C GLN A 379 -3.67 -34.90 -0.68
N TYR A 380 -3.93 -35.07 -1.97
CA TYR A 380 -3.49 -34.09 -2.97
C TYR A 380 -4.55 -33.01 -3.20
N TYR A 381 -5.82 -33.39 -3.25
CA TYR A 381 -6.92 -32.44 -3.39
C TYR A 381 -7.49 -32.20 -2.00
N LYS A 382 -7.13 -31.06 -1.41
CA LYS A 382 -7.45 -30.76 -0.02
C LYS A 382 -8.59 -29.76 0.05
N ASP A 383 -9.06 -29.50 1.27
CA ASP A 383 -10.26 -28.69 1.49
C ASP A 383 -9.85 -27.23 1.63
N PHE A 384 -9.92 -26.50 0.52
CA PHE A 384 -9.63 -25.07 0.54
C PHE A 384 -10.82 -24.23 0.99
N ILE A 385 -12.04 -24.77 0.89
CA ILE A 385 -13.22 -24.03 1.32
C ILE A 385 -13.20 -23.83 2.83
N SER A 386 -12.75 -24.85 3.58
CA SER A 386 -12.62 -24.70 5.03
C SER A 386 -11.59 -23.62 5.37
N ILE A 387 -10.50 -23.55 4.61
CA ILE A 387 -9.50 -22.52 4.85
C ILE A 387 -10.07 -21.15 4.54
N TRP A 388 -10.87 -21.04 3.47
CA TRP A 388 -11.55 -19.79 3.18
C TRP A 388 -12.45 -19.38 4.35
N LYS A 389 -13.20 -20.34 4.89
CA LYS A 389 -14.09 -20.03 6.01
C LYS A 389 -13.29 -19.56 7.22
N LYS A 390 -12.18 -20.24 7.52
CA LYS A 390 -11.35 -19.83 8.64
C LYS A 390 -10.80 -18.42 8.44
N VAL A 391 -10.34 -18.13 7.23
CA VAL A 391 -9.75 -16.82 6.95
C VAL A 391 -10.80 -15.72 7.08
N LEU A 392 -11.98 -15.92 6.49
CA LEU A 392 -13.00 -14.89 6.48
C LEU A 392 -13.85 -14.87 7.73
N GLY A 393 -13.66 -15.82 8.65
CA GLY A 393 -14.28 -15.73 9.96
C GLY A 393 -13.51 -14.88 10.94
N ASN A 394 -12.22 -14.66 10.69
CA ASN A 394 -11.37 -13.84 11.54
C ASN A 394 -11.42 -14.33 12.99
N SER A 395 -11.43 -15.64 13.17
CA SER A 395 -11.40 -16.25 14.48
C SER A 395 -9.95 -16.32 14.95
N LEU A 396 -9.60 -15.51 15.94
CA LEU A 396 -8.21 -15.43 16.40
C LEU A 396 -7.75 -16.78 16.95
N VAL A 397 -6.78 -17.39 16.28
CA VAL A 397 -6.23 -18.67 16.71
C VAL A 397 -5.24 -18.40 17.83
N HIS A 398 -5.54 -18.90 19.03
CA HIS A 398 -4.69 -18.70 20.19
C HIS A 398 -3.97 -19.96 20.64
N GLU A 399 -4.08 -21.04 19.87
CA GLU A 399 -3.33 -22.28 20.10
C GLU A 399 -3.40 -22.70 21.57
N SER A 400 -4.63 -22.86 22.05
CA SER A 400 -4.88 -23.35 23.40
C SER A 400 -5.44 -24.77 23.33
N VAL A 401 -4.97 -25.63 24.24
CA VAL A 401 -5.31 -27.04 24.21
C VAL A 401 -5.67 -27.49 25.62
N ALA A 402 -6.59 -28.45 25.69
CA ALA A 402 -7.02 -29.05 26.94
C ALA A 402 -6.64 -30.53 26.94
N PHE A 403 -6.39 -31.06 28.14
CA PHE A 403 -5.94 -32.45 28.29
C PHE A 403 -4.60 -32.69 27.60
N ASN A 404 -3.82 -31.63 27.38
CA ASN A 404 -2.66 -31.70 26.49
C ASN A 404 -3.08 -32.17 25.11
N GLY A 405 -4.37 -32.04 24.82
CA GLY A 405 -5.00 -32.63 23.65
C GLY A 405 -5.91 -31.65 22.95
N ILE A 406 -7.19 -32.02 22.87
CA ILE A 406 -8.21 -31.30 22.10
C ILE A 406 -7.99 -29.80 22.16
N PRO A 407 -7.75 -29.13 21.03
CA PRO A 407 -7.71 -27.66 21.04
C PRO A 407 -9.05 -27.07 21.46
N LEU A 408 -8.98 -25.88 22.05
CA LEU A 408 -10.14 -25.07 22.37
C LEU A 408 -10.29 -24.00 21.30
N VAL A 409 -11.44 -23.96 20.65
CA VAL A 409 -11.69 -23.08 19.51
C VAL A 409 -12.98 -22.31 19.73
N VAL A 410 -12.99 -21.05 19.31
CA VAL A 410 -14.20 -20.22 19.31
C VAL A 410 -14.59 -20.00 17.85
N PRO A 411 -15.37 -20.90 17.26
CA PRO A 411 -15.69 -20.77 15.83
C PRO A 411 -16.53 -19.56 15.52
N SER A 412 -16.36 -19.04 14.31
CA SER A 412 -17.16 -17.93 13.82
C SER A 412 -18.45 -18.47 13.21
N VAL A 413 -19.27 -17.58 12.65
CA VAL A 413 -20.54 -17.99 12.06
C VAL A 413 -20.29 -18.86 10.82
N LEU A 414 -19.21 -18.59 10.09
CA LEU A 414 -18.94 -19.35 8.87
C LEU A 414 -18.51 -20.78 9.13
N GLU A 415 -18.04 -21.09 10.33
CA GLU A 415 -17.59 -22.44 10.66
C GLU A 415 -18.72 -23.32 11.20
N GLN A 416 -19.94 -22.81 11.27
CA GLN A 416 -21.11 -23.56 11.70
C GLN A 416 -22.15 -23.53 10.60
N TYR A 417 -22.67 -24.71 10.25
CA TYR A 417 -23.66 -24.78 9.17
C TYR A 417 -24.96 -24.08 9.56
N GLN A 418 -25.26 -24.00 10.85
CA GLN A 418 -26.48 -23.37 11.34
C GLN A 418 -26.37 -21.86 11.41
N THR A 419 -25.21 -21.28 11.11
CA THR A 419 -25.04 -19.83 11.10
C THR A 419 -24.24 -19.32 9.91
N ALA A 420 -23.79 -20.21 9.01
CA ALA A 420 -22.92 -19.78 7.92
C ALA A 420 -23.64 -18.84 6.96
N LEU A 421 -24.91 -19.12 6.65
CA LEU A 421 -25.62 -18.39 5.61
C LEU A 421 -25.85 -16.93 5.97
N ARG A 422 -25.65 -16.54 7.24
CA ARG A 422 -25.84 -15.15 7.62
C ARG A 422 -24.75 -14.23 7.06
N ASP A 423 -23.64 -14.79 6.57
CA ASP A 423 -22.50 -13.98 6.16
C ASP A 423 -22.39 -13.93 4.64
N PRO A 424 -22.32 -12.75 4.02
CA PRO A 424 -22.13 -12.69 2.56
C PRO A 424 -20.86 -13.38 2.07
N ALA A 425 -19.82 -13.46 2.90
CA ALA A 425 -18.59 -14.12 2.49
C ALA A 425 -18.85 -15.55 2.05
N TYR A 426 -19.81 -16.22 2.66
CA TYR A 426 -20.17 -17.57 2.23
C TYR A 426 -20.63 -17.56 0.77
N TYR A 427 -21.50 -16.61 0.43
CA TYR A 427 -21.99 -16.53 -0.95
C TYR A 427 -20.86 -16.18 -1.90
N MET A 428 -19.93 -15.33 -1.48
CA MET A 428 -18.78 -15.01 -2.32
C MET A 428 -17.92 -16.24 -2.60
N ILE A 429 -17.64 -17.02 -1.55
CA ILE A 429 -16.83 -18.22 -1.71
C ILE A 429 -17.54 -19.22 -2.62
N MET A 430 -18.84 -19.41 -2.41
CA MET A 430 -19.59 -20.33 -3.26
C MET A 430 -19.66 -19.82 -4.69
N LYS A 431 -19.66 -18.50 -4.89
CA LYS A 431 -19.59 -17.96 -6.25
C LYS A 431 -18.26 -18.30 -6.91
N ARG A 432 -17.17 -18.24 -6.15
CA ARG A 432 -15.88 -18.67 -6.70
C ARG A 432 -15.90 -20.14 -7.08
N VAL A 433 -16.43 -20.99 -6.20
CA VAL A 433 -16.51 -22.42 -6.51
C VAL A 433 -17.39 -22.65 -7.73
N LEU A 434 -18.47 -21.87 -7.86
CA LEU A 434 -19.33 -21.98 -9.02
C LEU A 434 -18.65 -21.47 -10.27
N LYS A 435 -17.72 -20.52 -10.15
CA LYS A 435 -16.90 -20.15 -11.29
C LYS A 435 -16.06 -21.33 -11.75
N LEU A 436 -15.49 -22.08 -10.80
CA LEU A 436 -14.77 -23.30 -11.17
C LEU A 436 -15.69 -24.29 -11.87
N PHE A 437 -16.89 -24.49 -11.32
CA PHE A 437 -17.84 -25.42 -11.93
C PHE A 437 -18.25 -24.97 -13.33
N ASN A 438 -18.43 -23.66 -13.52
CA ASN A 438 -18.79 -23.14 -14.84
C ASN A 438 -17.64 -23.31 -15.82
N LEU A 439 -16.40 -23.17 -15.35
CA LEU A 439 -15.26 -23.48 -16.20
C LEU A 439 -15.33 -24.93 -16.67
N TRP A 440 -15.61 -25.85 -15.74
CA TRP A 440 -15.69 -27.26 -16.14
C TRP A 440 -16.83 -27.47 -17.14
N HIS A 441 -18.00 -26.89 -16.88
CA HIS A 441 -19.14 -27.09 -17.78
C HIS A 441 -18.89 -26.47 -19.14
N GLU A 442 -18.11 -25.40 -19.20
CA GLU A 442 -17.84 -24.76 -20.49
C GLU A 442 -17.07 -25.69 -21.42
N HIS A 443 -16.14 -26.47 -20.88
CA HIS A 443 -15.37 -27.40 -21.69
C HIS A 443 -16.24 -28.51 -22.28
N LEU A 444 -17.43 -28.74 -21.75
CA LEU A 444 -18.29 -29.79 -22.28
C LEU A 444 -18.93 -29.35 -23.60
N PRO A 445 -19.24 -30.29 -24.48
CA PRO A 445 -19.93 -29.93 -25.72
C PRO A 445 -21.33 -29.42 -25.44
N HIS A 446 -21.77 -28.46 -26.25
CA HIS A 446 -23.10 -27.91 -26.11
C HIS A 446 -24.15 -28.92 -26.57
N TYR A 447 -25.36 -28.79 -26.02
CA TYR A 447 -26.44 -29.68 -26.39
C TYR A 447 -26.81 -29.50 -27.85
N THR A 448 -27.25 -30.59 -28.47
CA THR A 448 -27.65 -30.59 -29.88
C THR A 448 -29.16 -30.39 -29.99
N THR A 449 -29.62 -30.25 -31.24
CA THR A 449 -31.04 -30.14 -31.52
C THR A 449 -31.78 -31.46 -31.40
N LYS A 450 -31.06 -32.56 -31.21
CA LYS A 450 -31.64 -33.87 -30.99
C LYS A 450 -31.81 -34.20 -29.51
N GLU A 451 -30.82 -33.84 -28.69
CA GLU A 451 -30.93 -34.05 -27.25
C GLU A 451 -31.94 -33.10 -26.63
N LEU A 452 -32.12 -31.91 -27.21
CA LEU A 452 -32.89 -30.85 -26.59
C LEU A 452 -34.27 -30.65 -27.23
N SER A 453 -34.69 -31.55 -28.11
CA SER A 453 -35.95 -31.40 -28.83
C SER A 453 -36.84 -32.62 -28.62
N VAL A 454 -38.13 -32.38 -28.57
CA VAL A 454 -39.16 -33.42 -28.49
C VAL A 454 -39.99 -33.35 -29.77
N PRO A 455 -40.14 -34.46 -30.51
CA PRO A 455 -40.86 -34.38 -31.79
C PRO A 455 -42.31 -33.92 -31.62
N SER A 456 -42.69 -32.92 -32.40
CA SER A 456 -44.08 -32.51 -32.54
C SER A 456 -44.73 -32.18 -31.19
N VAL A 457 -44.10 -31.25 -30.46
CA VAL A 457 -44.67 -30.70 -29.23
C VAL A 457 -44.33 -29.21 -29.23
N LYS A 458 -45.31 -28.37 -29.51
CA LYS A 458 -45.12 -26.93 -29.62
C LYS A 458 -45.91 -26.24 -28.52
N ILE A 459 -45.24 -25.36 -27.77
CA ILE A 459 -45.89 -24.58 -26.73
C ILE A 459 -46.45 -23.30 -27.35
N GLU A 460 -47.74 -23.04 -27.07
CA GLU A 460 -48.42 -21.88 -27.66
C GLU A 460 -48.28 -20.65 -26.75
N LYS A 461 -48.79 -20.75 -25.53
CA LYS A 461 -48.80 -19.62 -24.61
C LYS A 461 -48.69 -20.12 -23.17
N VAL A 462 -48.02 -19.32 -22.35
CA VAL A 462 -47.85 -19.58 -20.92
C VAL A 462 -48.28 -18.32 -20.18
N GLU A 463 -49.08 -18.49 -19.12
CA GLU A 463 -49.59 -17.36 -18.36
C GLU A 463 -49.77 -17.73 -16.90
N VAL A 464 -49.28 -16.87 -16.01
CA VAL A 464 -49.48 -17.04 -14.58
C VAL A 464 -50.56 -16.08 -14.12
N ASP A 465 -51.32 -16.50 -13.09
CA ASP A 465 -52.45 -15.69 -12.64
C ASP A 465 -51.99 -14.43 -11.91
N LYS A 466 -50.99 -14.55 -11.06
CA LYS A 466 -50.52 -13.43 -10.25
C LYS A 466 -49.30 -13.88 -9.45
N LEU A 467 -48.45 -12.92 -9.10
CA LEU A 467 -47.28 -13.18 -8.28
C LEU A 467 -47.18 -12.05 -7.26
N LEU A 468 -47.62 -12.31 -6.03
CA LEU A 468 -47.65 -11.33 -4.96
C LEU A 468 -46.94 -11.87 -3.73
N THR A 469 -46.25 -10.98 -3.01
CA THR A 469 -45.53 -11.35 -1.80
C THR A 469 -45.87 -10.37 -0.68
N TYR A 470 -45.82 -10.87 0.55
CA TYR A 470 -46.17 -10.09 1.72
C TYR A 470 -45.38 -10.57 2.92
N PHE A 471 -45.20 -9.67 3.89
CA PHE A 471 -44.54 -10.00 5.15
C PHE A 471 -45.58 -10.37 6.19
N GLU A 472 -45.25 -11.37 7.02
CA GLU A 472 -46.15 -11.86 8.06
C GLU A 472 -45.34 -12.16 9.31
N TYR A 473 -46.06 -12.33 10.41
CA TYR A 473 -45.45 -12.64 11.70
C TYR A 473 -45.50 -14.13 11.98
N THR A 474 -44.48 -14.62 12.67
CA THR A 474 -44.41 -16.02 13.09
C THR A 474 -43.79 -16.07 14.47
N ASN A 475 -44.09 -17.16 15.19
CA ASN A 475 -43.65 -17.33 16.57
C ASN A 475 -42.78 -18.57 16.68
N PHE A 476 -41.64 -18.42 17.35
CA PHE A 476 -40.72 -19.52 17.60
C PHE A 476 -40.61 -19.76 19.10
N ASN A 477 -40.43 -21.01 19.50
CA ASN A 477 -40.39 -21.42 20.92
C ASN A 477 -38.93 -21.55 21.34
N VAL A 478 -38.48 -20.76 22.30
CA VAL A 478 -37.10 -20.74 22.79
C VAL A 478 -37.09 -21.09 24.27
N THR A 479 -38.07 -21.86 24.73
CA THR A 479 -38.14 -22.25 26.12
C THR A 479 -37.04 -23.23 26.51
N ASN A 480 -36.49 -23.96 25.54
CA ASN A 480 -35.50 -24.98 25.87
C ASN A 480 -34.17 -24.40 26.32
N HIS A 481 -33.91 -23.12 26.05
CA HIS A 481 -32.71 -22.46 26.54
C HIS A 481 -32.86 -22.05 28.01
N LEU A 482 -34.07 -21.71 28.44
CA LEU A 482 -34.29 -21.29 29.82
C LEU A 482 -33.91 -22.40 30.79
N HIS A 483 -33.16 -22.04 31.82
CA HIS A 483 -32.78 -22.98 32.88
C HIS A 483 -33.85 -22.97 33.97
N LEU A 484 -34.93 -23.68 33.70
CA LEU A 484 -36.05 -23.73 34.63
C LEU A 484 -35.62 -24.40 35.93
N ASN A 485 -36.07 -23.84 37.05
CA ASN A 485 -35.80 -24.40 38.37
C ASN A 485 -37.09 -24.97 38.94
N GLU A 486 -37.02 -26.21 39.44
CA GLU A 486 -38.19 -26.91 39.95
C GLU A 486 -39.28 -26.98 38.89
N LYS A 496 -42.43 -21.65 32.48
CA LYS A 496 -43.23 -20.95 31.48
C LYS A 496 -42.73 -21.24 30.07
N SER A 497 -43.35 -20.59 29.08
CA SER A 497 -43.03 -20.83 27.67
C SER A 497 -42.85 -19.46 27.00
N VAL A 498 -41.60 -19.04 26.85
CA VAL A 498 -41.28 -17.79 26.19
C VAL A 498 -41.13 -18.03 24.69
N LEU A 499 -41.72 -17.14 23.90
CA LEU A 499 -41.68 -17.23 22.45
C LEU A 499 -41.11 -15.95 21.87
N VAL A 500 -40.68 -16.03 20.62
CA VAL A 500 -40.06 -14.92 19.91
C VAL A 500 -40.84 -14.68 18.63
N GLN A 501 -41.19 -13.43 18.36
CA GLN A 501 -41.94 -13.06 17.16
C GLN A 501 -40.96 -12.54 16.11
N ARG A 502 -41.09 -13.06 14.89
CA ARG A 502 -40.20 -12.73 13.79
C ARG A 502 -41.02 -12.44 12.54
N THR A 503 -40.46 -11.61 11.67
CA THR A 503 -41.09 -11.25 10.41
C THR A 503 -40.50 -12.09 9.28
N ARG A 504 -41.35 -12.67 8.46
CA ARG A 504 -40.93 -13.53 7.36
C ARG A 504 -41.69 -13.19 6.10
N LEU A 505 -41.08 -13.52 4.97
CA LEU A 505 -41.70 -13.32 3.67
C LEU A 505 -42.58 -14.52 3.32
N ASN A 506 -43.62 -14.26 2.53
CA ASN A 506 -44.50 -15.32 2.07
C ASN A 506 -45.17 -14.85 0.79
N HIS A 507 -45.80 -15.79 0.09
CA HIS A 507 -46.44 -15.51 -1.19
C HIS A 507 -47.83 -16.16 -1.23
N LYS A 508 -48.70 -15.56 -2.02
CA LYS A 508 -50.03 -16.13 -2.23
C LYS A 508 -49.97 -17.22 -3.30
N VAL A 509 -50.91 -18.15 -3.20
CA VAL A 509 -50.96 -19.27 -4.14
C VAL A 509 -51.12 -18.73 -5.55
N PHE A 510 -50.33 -19.26 -6.48
CA PHE A 510 -50.36 -18.84 -7.87
C PHE A 510 -50.52 -20.06 -8.76
N THR A 511 -51.16 -19.85 -9.91
CA THR A 511 -51.41 -20.90 -10.89
C THR A 511 -50.78 -20.54 -12.21
N VAL A 512 -50.10 -21.51 -12.82
CA VAL A 512 -49.46 -21.34 -14.13
C VAL A 512 -50.19 -22.24 -15.12
N ARG A 513 -50.72 -21.63 -16.19
CA ARG A 513 -51.46 -22.33 -17.22
C ARG A 513 -50.75 -22.16 -18.55
N VAL A 514 -50.50 -23.29 -19.21
CA VAL A 514 -49.83 -23.30 -20.51
C VAL A 514 -50.61 -24.17 -21.48
N ASN A 515 -50.71 -23.71 -22.72
CA ASN A 515 -51.34 -24.44 -23.81
C ASN A 515 -50.26 -24.95 -24.76
N VAL A 516 -50.36 -26.22 -25.15
CA VAL A 516 -49.32 -26.87 -25.94
C VAL A 516 -49.96 -27.78 -26.98
N LYS A 517 -49.42 -27.76 -28.19
CA LYS A 517 -49.69 -28.81 -29.16
C LYS A 517 -48.87 -30.03 -28.82
N SER A 518 -49.46 -31.22 -28.99
CA SER A 518 -48.89 -32.45 -28.47
C SER A 518 -48.45 -33.44 -29.55
N GLY A 519 -48.84 -33.24 -30.80
CA GLY A 519 -48.59 -34.24 -31.81
C GLY A 519 -49.35 -35.52 -31.49
N VAL A 520 -48.61 -36.56 -31.12
CA VAL A 520 -49.20 -37.83 -30.69
C VAL A 520 -49.14 -37.91 -29.17
N ALA A 521 -49.88 -38.87 -28.61
CA ALA A 521 -49.95 -39.01 -27.17
C ALA A 521 -48.58 -39.39 -26.62
N LYS A 522 -48.26 -38.85 -25.44
CA LYS A 522 -46.96 -39.07 -24.83
C LYS A 522 -47.06 -38.89 -23.32
N HIS A 523 -46.04 -39.37 -22.62
CA HIS A 523 -45.85 -39.11 -21.21
C HIS A 523 -44.62 -38.21 -21.05
N VAL A 524 -44.84 -36.99 -20.58
CA VAL A 524 -43.82 -35.95 -20.64
C VAL A 524 -43.58 -35.40 -19.23
N THR A 525 -42.45 -34.71 -19.09
CA THR A 525 -42.05 -34.01 -17.88
C THR A 525 -41.94 -32.53 -18.19
N VAL A 526 -42.48 -31.70 -17.30
CA VAL A 526 -42.49 -30.25 -17.44
C VAL A 526 -41.70 -29.65 -16.29
N ARG A 527 -40.76 -28.77 -16.62
CA ARG A 527 -39.94 -28.06 -15.64
C ARG A 527 -40.10 -26.55 -15.84
N PHE A 528 -40.25 -25.83 -14.73
CA PHE A 528 -40.35 -24.38 -14.73
C PHE A 528 -39.08 -23.79 -14.12
N PHE A 529 -38.53 -22.76 -14.78
CA PHE A 529 -37.37 -22.04 -14.29
C PHE A 529 -37.69 -20.55 -14.19
N LEU A 530 -37.14 -19.89 -13.19
CA LEU A 530 -37.34 -18.45 -12.98
C LEU A 530 -35.99 -17.76 -12.93
N ALA A 531 -35.88 -16.63 -13.60
CA ALA A 531 -34.65 -15.86 -13.65
C ALA A 531 -34.96 -14.38 -13.66
N PRO A 532 -33.99 -13.54 -13.32
CA PRO A 532 -34.16 -12.09 -13.51
C PRO A 532 -33.99 -11.71 -14.98
N LYS A 533 -34.58 -10.56 -15.32
CA LYS A 533 -34.54 -10.06 -16.69
C LYS A 533 -33.56 -8.91 -16.88
N TYR A 534 -33.33 -8.09 -15.85
CA TYR A 534 -32.39 -6.99 -15.93
C TYR A 534 -31.41 -7.09 -14.78
N ASP A 535 -30.18 -6.64 -15.05
CA ASP A 535 -29.11 -6.68 -14.06
C ASP A 535 -29.21 -5.43 -13.16
N SER A 536 -28.18 -5.20 -12.35
CA SER A 536 -28.19 -4.11 -11.40
C SER A 536 -28.14 -2.74 -12.06
N VAL A 537 -27.73 -2.66 -13.33
CA VAL A 537 -27.55 -1.38 -14.01
C VAL A 537 -28.70 -1.06 -14.96
N GLY A 538 -29.30 -2.06 -15.61
CA GLY A 538 -30.45 -1.85 -16.47
C GLY A 538 -30.41 -2.58 -17.80
N ASN A 539 -29.29 -3.17 -18.19
CA ASN A 539 -29.21 -3.86 -19.47
C ASN A 539 -29.81 -5.26 -19.36
N GLU A 540 -30.54 -5.66 -20.40
CA GLU A 540 -31.13 -6.99 -20.40
C GLU A 540 -30.03 -8.05 -20.45
N ILE A 541 -30.13 -9.04 -19.57
CA ILE A 541 -29.07 -10.02 -19.44
C ILE A 541 -29.20 -11.06 -20.56
N PRO A 542 -28.13 -11.31 -21.32
CA PRO A 542 -28.24 -12.32 -22.39
C PRO A 542 -28.53 -13.70 -21.83
N LEU A 543 -29.18 -14.52 -22.65
CA LEU A 543 -29.64 -15.83 -22.18
C LEU A 543 -28.49 -16.70 -21.70
N ASN A 544 -27.33 -16.60 -22.34
CA ASN A 544 -26.19 -17.42 -21.94
C ASN A 544 -25.78 -17.11 -20.50
N VAL A 545 -25.74 -15.83 -20.14
CA VAL A 545 -25.41 -15.47 -18.77
C VAL A 545 -26.53 -15.87 -17.82
N ASN A 546 -27.79 -15.65 -18.24
CA ASN A 546 -28.92 -16.03 -17.39
C ASN A 546 -28.98 -17.53 -17.15
N THR A 547 -28.31 -18.32 -17.99
CA THR A 547 -28.32 -19.78 -17.79
C THR A 547 -27.83 -20.14 -16.39
N GLN A 548 -26.92 -19.34 -15.83
CA GLN A 548 -26.42 -19.58 -14.48
C GLN A 548 -27.35 -19.04 -13.40
N ASN A 549 -28.36 -18.25 -13.76
CA ASN A 549 -29.25 -17.62 -12.80
C ASN A 549 -30.65 -18.20 -12.81
N PHE A 550 -30.88 -19.29 -13.55
CA PHE A 550 -32.20 -19.89 -13.63
C PHE A 550 -32.46 -20.73 -12.39
N LEU A 551 -33.55 -20.44 -11.69
CA LEU A 551 -33.93 -21.16 -10.48
C LEU A 551 -35.08 -22.10 -10.80
N LEU A 552 -34.88 -23.39 -10.56
CA LEU A 552 -35.93 -24.39 -10.78
C LEU A 552 -36.96 -24.27 -9.67
N ILE A 553 -38.22 -24.02 -10.05
CA ILE A 553 -39.29 -23.84 -9.08
C ILE A 553 -40.31 -24.97 -9.09
N ASP A 554 -40.34 -25.78 -10.15
CA ASP A 554 -41.31 -26.87 -10.19
C ASP A 554 -40.93 -27.85 -11.29
N ILE A 555 -41.21 -29.13 -11.03
CA ILE A 555 -41.01 -30.20 -12.00
C ILE A 555 -42.07 -31.26 -11.75
N PHE A 556 -42.75 -31.69 -12.81
CA PHE A 556 -43.84 -32.64 -12.64
C PHE A 556 -44.08 -33.42 -13.93
N ASN A 557 -44.86 -34.49 -13.80
CA ASN A 557 -45.21 -35.34 -14.92
C ASN A 557 -46.56 -34.97 -15.49
N TYR A 558 -46.81 -35.41 -16.72
CA TYR A 558 -48.12 -35.25 -17.35
C TYR A 558 -48.23 -36.25 -18.49
N GLU A 559 -49.46 -36.50 -18.90
CA GLU A 559 -49.77 -37.36 -20.04
C GLU A 559 -50.44 -36.49 -21.09
N LEU A 560 -49.68 -36.10 -22.10
CA LEU A 560 -50.21 -35.27 -23.17
C LEU A 560 -51.00 -36.12 -24.16
N LYS A 561 -52.22 -35.67 -24.46
CA LYS A 561 -53.11 -36.35 -25.38
C LYS A 561 -52.75 -35.98 -26.82
N GLU A 562 -53.69 -36.14 -27.75
CA GLU A 562 -53.45 -35.76 -29.15
C GLU A 562 -54.25 -34.51 -29.48
N GLY A 563 -53.56 -33.48 -29.93
CA GLY A 563 -54.22 -32.25 -30.34
C GLY A 563 -53.90 -31.10 -29.41
N ASP A 564 -54.92 -30.53 -28.78
CA ASP A 564 -54.77 -29.42 -27.85
C ASP A 564 -54.82 -29.93 -26.43
N ASN A 565 -53.97 -29.38 -25.57
CA ASN A 565 -53.87 -29.77 -24.18
C ASN A 565 -53.91 -28.52 -23.31
N LEU A 566 -53.81 -28.72 -21.99
CA LEU A 566 -53.85 -27.62 -21.04
C LEU A 566 -53.20 -28.08 -19.75
N ILE A 567 -52.11 -27.42 -19.36
CA ILE A 567 -51.50 -27.62 -18.05
C ILE A 567 -51.90 -26.45 -17.18
N THR A 568 -52.34 -26.74 -15.95
CA THR A 568 -52.89 -25.76 -15.03
C THR A 568 -52.29 -25.93 -13.63
N ARG A 569 -50.96 -25.97 -13.57
CA ARG A 569 -50.29 -26.31 -12.33
C ARG A 569 -50.56 -25.25 -11.26
N VAL A 570 -50.81 -25.71 -10.03
CA VAL A 570 -51.04 -24.84 -8.88
C VAL A 570 -49.85 -24.97 -7.94
N SER A 571 -49.39 -23.84 -7.42
CA SER A 571 -48.19 -23.84 -6.58
C SER A 571 -48.36 -24.72 -5.35
N SER A 572 -49.60 -24.88 -4.86
CA SER A 572 -49.84 -25.66 -3.66
C SER A 572 -49.60 -27.15 -3.86
N ASP A 573 -49.43 -27.62 -5.09
CA ASP A 573 -49.26 -29.03 -5.37
C ASP A 573 -47.79 -29.44 -5.49
N ASN A 574 -46.88 -28.49 -5.69
CA ASN A 574 -45.47 -28.83 -5.87
C ASN A 574 -44.93 -29.54 -4.63
N LEU A 575 -44.20 -30.62 -4.85
CA LEU A 575 -43.59 -31.39 -3.76
C LEU A 575 -42.17 -30.97 -3.46
N LEU A 576 -41.53 -30.17 -4.32
CA LEU A 576 -40.17 -29.73 -4.04
C LEU A 576 -40.12 -28.86 -2.79
N VAL A 577 -41.05 -27.93 -2.66
CA VAL A 577 -41.13 -27.06 -1.49
C VAL A 577 -42.20 -27.61 -0.55
N THR A 578 -41.88 -27.61 0.73
CA THR A 578 -42.74 -28.17 1.76
C THR A 578 -43.19 -27.08 2.73
N ASP A 579 -44.19 -27.42 3.55
CA ASP A 579 -44.69 -26.52 4.58
C ASP A 579 -43.83 -26.63 5.83
N GLU A 580 -44.20 -25.87 6.86
CA GLU A 580 -43.44 -25.90 8.10
C GLU A 580 -43.58 -27.25 8.78
N ILE A 581 -42.48 -27.73 9.34
CA ILE A 581 -42.52 -28.96 10.12
C ILE A 581 -43.09 -28.67 11.50
N ASP A 582 -43.80 -29.65 12.05
CA ASP A 582 -44.40 -29.49 13.37
C ASP A 582 -43.31 -29.21 14.40
N SER A 583 -43.57 -28.24 15.27
CA SER A 583 -42.59 -27.86 16.28
C SER A 583 -42.41 -29.01 17.28
N ALA A 584 -41.42 -28.85 18.16
CA ALA A 584 -41.19 -29.86 19.19
C ALA A 584 -42.41 -30.02 20.08
N SER A 585 -43.03 -28.90 20.49
CA SER A 585 -44.21 -28.98 21.33
C SER A 585 -45.37 -29.68 20.62
N VAL A 586 -45.59 -29.32 19.35
CA VAL A 586 -46.70 -29.92 18.61
C VAL A 586 -46.48 -31.42 18.44
N LEU A 587 -45.26 -31.81 18.05
CA LEU A 587 -44.97 -33.23 17.89
C LEU A 587 -45.11 -33.98 19.20
N PHE A 588 -44.62 -33.39 20.30
CA PHE A 588 -44.74 -34.02 21.60
C PHE A 588 -46.21 -34.21 21.97
N ASN A 589 -47.05 -33.20 21.70
CA ASN A 589 -48.46 -33.32 22.00
C ASN A 589 -49.10 -34.44 21.18
N LYS A 590 -48.86 -34.45 19.86
CA LYS A 590 -49.48 -35.46 19.01
C LYS A 590 -49.02 -36.86 19.37
N VAL A 591 -47.80 -37.00 19.87
CA VAL A 591 -47.29 -38.32 20.24
C VAL A 591 -47.84 -38.75 21.59
N ASP A 592 -47.65 -37.93 22.62
CA ASP A 592 -48.07 -38.31 23.96
C ASP A 592 -49.59 -38.46 24.05
N SER A 593 -50.34 -37.72 23.24
CA SER A 593 -51.79 -37.86 23.27
C SER A 593 -52.22 -39.27 22.89
N ALA A 594 -51.58 -39.83 21.86
CA ALA A 594 -51.88 -41.18 21.41
C ALA A 594 -51.25 -42.22 22.33
N LEU A 603 -46.58 -40.00 10.00
CA LEU A 603 -47.89 -39.96 9.37
C LEU A 603 -47.84 -39.14 8.08
N ASN A 604 -47.80 -37.82 8.21
CA ASN A 604 -47.74 -36.97 7.03
C ASN A 604 -46.42 -37.16 6.29
N MET A 605 -46.50 -37.16 4.95
CA MET A 605 -45.34 -37.33 4.11
C MET A 605 -45.00 -36.08 3.30
N LYS A 606 -45.63 -34.94 3.62
CA LYS A 606 -45.35 -33.68 2.96
C LYS A 606 -44.37 -32.81 3.74
N GLN A 607 -43.62 -33.41 4.67
CA GLN A 607 -42.66 -32.68 5.51
C GLN A 607 -41.40 -33.53 5.63
N ASN A 608 -40.43 -33.26 4.78
CA ASN A 608 -39.12 -33.89 4.83
C ASN A 608 -38.07 -32.84 5.15
N ILE A 609 -37.06 -33.21 5.94
CA ILE A 609 -36.07 -32.25 6.40
C ILE A 609 -35.18 -31.73 5.28
N LEU A 610 -35.21 -32.35 4.11
CA LEU A 610 -34.33 -31.98 3.00
C LEU A 610 -35.08 -31.29 1.87
N LYS A 611 -36.04 -30.43 2.21
CA LYS A 611 -36.79 -29.67 1.21
C LYS A 611 -36.84 -28.21 1.58
N THR A 612 -36.82 -27.36 0.56
CA THR A 612 -36.85 -25.92 0.77
C THR A 612 -38.21 -25.51 1.35
N PRO A 613 -38.22 -24.57 2.31
CA PRO A 613 -39.51 -24.05 2.79
C PRO A 613 -40.28 -23.35 1.68
N ARG A 614 -41.60 -23.48 1.73
CA ARG A 614 -42.44 -22.93 0.66
C ARG A 614 -42.37 -21.41 0.61
N HIS A 615 -42.36 -20.75 1.77
CA HIS A 615 -42.43 -19.31 1.81
C HIS A 615 -41.18 -18.63 1.27
N LEU A 616 -40.09 -19.35 1.06
CA LEU A 616 -38.87 -18.81 0.49
C LEU A 616 -38.73 -19.09 -1.00
N LEU A 617 -39.77 -19.66 -1.63
CA LEU A 617 -39.66 -20.03 -3.04
C LEU A 617 -39.61 -18.83 -3.96
N LEU A 618 -40.43 -17.81 -3.70
CA LEU A 618 -40.63 -16.74 -4.65
C LEU A 618 -39.90 -15.47 -4.20
N PRO A 619 -39.22 -14.77 -5.09
CA PRO A 619 -38.57 -13.51 -4.71
C PRO A 619 -39.59 -12.46 -4.30
N LYS A 620 -39.15 -11.54 -3.45
CA LYS A 620 -40.04 -10.50 -2.94
C LYS A 620 -40.56 -9.62 -4.07
N GLY A 621 -39.67 -9.14 -4.93
CA GLY A 621 -40.06 -8.21 -5.98
C GLY A 621 -40.04 -6.77 -5.51
N ARG A 622 -40.86 -5.93 -6.13
CA ARG A 622 -40.95 -4.52 -5.76
C ARG A 622 -42.41 -4.09 -5.76
N VAL A 623 -42.70 -3.02 -5.03
CA VAL A 623 -44.01 -2.41 -5.08
C VAL A 623 -44.16 -1.70 -6.42
N GLY A 624 -45.16 -2.10 -7.20
CA GLY A 624 -45.34 -1.62 -8.55
C GLY A 624 -44.92 -2.61 -9.61
N GLY A 625 -44.23 -3.67 -9.24
CA GLY A 625 -43.88 -4.73 -10.17
C GLY A 625 -42.38 -4.78 -10.46
N MET A 626 -41.82 -5.98 -10.46
CA MET A 626 -40.44 -6.22 -10.83
C MET A 626 -40.43 -7.28 -11.93
N PRO A 627 -39.78 -7.03 -13.07
CA PRO A 627 -39.83 -7.99 -14.18
C PRO A 627 -38.95 -9.20 -13.91
N PHE A 628 -39.46 -10.37 -14.29
CA PHE A 628 -38.74 -11.64 -14.23
C PHE A 628 -39.07 -12.44 -15.48
N VAL A 629 -38.32 -13.52 -15.70
CA VAL A 629 -38.46 -14.37 -16.88
C VAL A 629 -38.76 -15.78 -16.41
N LEU A 630 -39.87 -16.34 -16.90
CA LEU A 630 -40.24 -17.72 -16.68
C LEU A 630 -39.89 -18.54 -17.94
N MET A 631 -39.46 -19.78 -17.71
CA MET A 631 -39.09 -20.68 -18.79
C MET A 631 -39.75 -22.03 -18.55
N VAL A 632 -40.57 -22.46 -19.50
CA VAL A 632 -41.27 -23.73 -19.44
C VAL A 632 -40.58 -24.67 -20.42
N TYR A 633 -40.11 -25.81 -19.93
CA TYR A 633 -39.43 -26.81 -20.76
C TYR A 633 -40.12 -28.16 -20.60
N ILE A 634 -40.42 -28.80 -21.73
CA ILE A 634 -41.09 -30.09 -21.76
C ILE A 634 -40.16 -31.09 -22.43
N SER A 635 -40.00 -32.25 -21.80
CA SER A 635 -39.13 -33.30 -22.32
C SER A 635 -39.82 -34.65 -22.12
N GLU A 636 -39.19 -35.70 -22.67
CA GLU A 636 -39.73 -37.04 -22.50
C GLU A 636 -39.54 -37.51 -21.06
N TYR A 637 -40.41 -38.43 -20.65
CA TYR A 637 -40.30 -39.06 -19.33
C TYR A 637 -39.35 -40.26 -19.47
N HIS A 638 -38.08 -40.02 -19.20
CA HIS A 638 -37.08 -41.10 -19.15
C HIS A 638 -37.13 -41.72 -17.77
N ALA A 639 -37.74 -42.90 -17.68
CA ALA A 639 -37.97 -43.53 -16.39
C ALA A 639 -36.64 -43.77 -15.69
N PRO A 640 -36.51 -43.38 -14.41
CA PRO A 640 -35.28 -43.61 -13.64
C PRO A 640 -34.82 -45.06 -13.68
N ILE A 653 -37.19 -42.64 3.73
CA ILE A 653 -38.00 -41.42 3.72
C ILE A 653 -37.19 -40.27 4.29
N ASP A 654 -36.27 -40.57 5.22
CA ASP A 654 -35.47 -39.54 5.84
C ASP A 654 -34.62 -38.81 4.79
N ASN A 655 -33.94 -39.57 3.93
CA ASN A 655 -33.11 -39.02 2.86
C ASN A 655 -33.47 -39.76 1.57
N THR A 656 -34.48 -39.25 0.86
CA THR A 656 -34.99 -39.90 -0.33
C THR A 656 -35.45 -38.84 -1.33
N ILE A 657 -34.74 -38.73 -2.45
CA ILE A 657 -35.11 -37.82 -3.52
C ILE A 657 -34.62 -38.39 -4.84
N ARG A 658 -35.53 -38.58 -5.79
CA ARG A 658 -35.18 -39.11 -7.10
C ARG A 658 -36.19 -38.63 -8.12
N LEU A 659 -35.68 -38.27 -9.29
CA LEU A 659 -36.51 -37.83 -10.41
C LEU A 659 -35.99 -38.54 -11.67
N THR A 660 -36.55 -38.15 -12.82
CA THR A 660 -36.13 -38.73 -14.08
C THR A 660 -34.62 -38.68 -14.22
N SER A 661 -34.03 -39.77 -14.70
CA SER A 661 -32.57 -39.91 -14.77
C SER A 661 -32.03 -38.91 -15.79
N ASP A 662 -31.43 -37.83 -15.28
CA ASP A 662 -30.86 -36.78 -16.11
C ASP A 662 -30.18 -35.76 -15.19
N THR A 663 -29.29 -34.94 -15.73
CA THR A 663 -28.62 -33.93 -14.93
C THR A 663 -29.66 -33.01 -14.29
N LEU A 664 -29.47 -32.75 -12.99
CA LEU A 664 -30.47 -32.01 -12.22
C LEU A 664 -30.76 -30.65 -12.84
N GLY A 665 -29.73 -29.98 -13.35
CA GLY A 665 -29.90 -28.66 -13.90
C GLY A 665 -30.19 -28.65 -15.39
N PHE A 666 -30.64 -29.79 -15.92
CA PHE A 666 -30.95 -29.87 -17.33
C PHE A 666 -32.15 -28.97 -17.65
N PRO A 667 -32.11 -28.20 -18.75
CA PRO A 667 -31.01 -28.00 -19.71
C PRO A 667 -30.22 -26.73 -19.44
N VAL A 668 -30.16 -26.25 -18.20
CA VAL A 668 -29.49 -25.00 -17.87
C VAL A 668 -28.13 -25.25 -17.21
N ASP A 669 -27.70 -26.50 -17.11
CA ASP A 669 -26.38 -26.78 -16.56
C ASP A 669 -25.28 -26.32 -17.50
N ARG A 670 -25.47 -26.54 -18.81
CA ARG A 670 -24.52 -26.08 -19.81
C ARG A 670 -24.98 -24.75 -20.41
N PRO A 671 -24.06 -23.93 -20.91
CA PRO A 671 -24.46 -22.66 -21.51
C PRO A 671 -25.40 -22.88 -22.69
N LEU A 672 -26.37 -21.99 -22.83
CA LEU A 672 -27.39 -22.06 -23.86
C LEU A 672 -27.43 -20.76 -24.64
N PHE A 673 -27.61 -20.85 -25.95
CA PHE A 673 -27.62 -19.68 -26.82
C PHE A 673 -28.90 -19.62 -27.63
N PRO A 674 -29.36 -18.42 -27.99
CA PRO A 674 -30.60 -18.32 -28.78
C PRO A 674 -30.54 -19.04 -30.11
N TRP A 675 -29.38 -19.02 -30.78
CA TRP A 675 -29.30 -19.57 -32.13
C TRP A 675 -29.45 -21.08 -32.17
N MET A 676 -29.21 -21.77 -31.05
CA MET A 676 -29.36 -23.21 -30.99
C MET A 676 -30.74 -23.64 -30.46
N LEU A 677 -31.62 -22.67 -30.19
CA LEU A 677 -32.98 -22.96 -29.78
C LEU A 677 -33.97 -22.88 -30.94
N THR A 678 -33.48 -22.70 -32.16
CA THR A 678 -34.33 -22.73 -33.34
C THR A 678 -34.49 -24.17 -33.78
N GLY A 679 -35.74 -24.62 -33.90
CA GLY A 679 -36.05 -26.01 -34.11
C GLY A 679 -36.47 -26.75 -32.85
N VAL A 680 -36.25 -26.14 -31.68
CA VAL A 680 -36.69 -26.68 -30.41
C VAL A 680 -37.91 -25.89 -29.98
N GLU A 681 -39.10 -26.45 -30.20
CA GLU A 681 -40.35 -25.76 -29.94
C GLU A 681 -40.94 -26.08 -28.56
N ASN A 682 -40.44 -27.10 -27.88
CA ASN A 682 -40.96 -27.49 -26.58
C ASN A 682 -40.38 -26.67 -25.43
N ILE A 683 -39.71 -25.56 -25.73
CA ILE A 683 -39.19 -24.65 -24.72
C ILE A 683 -39.74 -23.26 -24.99
N PHE A 684 -40.28 -22.61 -23.96
CA PHE A 684 -40.93 -21.32 -24.10
C PHE A 684 -40.44 -20.38 -23.01
N LEU A 685 -40.16 -19.14 -23.40
CA LEU A 685 -39.68 -18.10 -22.49
C LEU A 685 -40.72 -16.98 -22.44
N GLN A 686 -41.37 -16.82 -21.29
CA GLN A 686 -42.34 -15.76 -21.07
C GLN A 686 -41.79 -14.77 -20.04
N ASP A 687 -42.40 -13.59 -20.01
CA ASP A 687 -42.05 -12.55 -19.04
C ASP A 687 -43.20 -12.35 -18.07
N VAL A 688 -42.85 -12.12 -16.80
CA VAL A 688 -43.82 -11.95 -15.73
C VAL A 688 -43.36 -10.79 -14.85
N GLN A 689 -44.25 -10.37 -13.94
CA GLN A 689 -43.94 -9.33 -12.98
C GLN A 689 -44.31 -9.81 -11.58
N ILE A 690 -43.39 -9.64 -10.64
CA ILE A 690 -43.60 -10.00 -9.25
C ILE A 690 -43.88 -8.72 -8.46
N TYR A 691 -44.94 -8.74 -7.65
CA TYR A 691 -45.36 -7.59 -6.88
C TYR A 691 -45.18 -7.87 -5.39
N HIS A 692 -44.99 -6.80 -4.63
CA HIS A 692 -44.89 -6.86 -3.18
C HIS A 692 -46.01 -6.05 -2.58
N LYS A 693 -46.74 -6.65 -1.63
CA LYS A 693 -47.82 -5.95 -0.93
C LYS A 693 -47.23 -5.23 0.28
N PRO A 694 -47.24 -3.90 0.33
CA PRO A 694 -46.62 -3.20 1.45
C PRO A 694 -47.54 -3.15 2.66
N THR A 695 -46.94 -3.26 3.84
CA THR A 695 -47.70 -3.24 5.09
C THR A 695 -46.86 -2.63 6.20
N THR B 31 -6.12 -12.28 -68.62
CA THR B 31 -7.29 -11.88 -67.85
C THR B 31 -6.89 -11.42 -66.45
N VAL B 32 -5.58 -11.31 -66.21
CA VAL B 32 -5.09 -10.89 -64.91
C VAL B 32 -5.53 -9.46 -64.60
N LEU B 33 -5.45 -8.58 -65.61
CA LEU B 33 -5.69 -7.16 -65.36
C LEU B 33 -7.15 -6.91 -64.95
N ASP B 34 -8.09 -7.51 -65.66
CA ASP B 34 -9.50 -7.28 -65.34
C ASP B 34 -9.87 -7.85 -63.97
N ARG B 35 -9.37 -9.05 -63.66
CA ARG B 35 -9.63 -9.63 -62.34
C ARG B 35 -9.06 -8.75 -61.24
N GLN B 36 -7.83 -8.27 -61.43
CA GLN B 36 -7.22 -7.39 -60.45
C GLN B 36 -8.02 -6.10 -60.31
N TYR B 37 -8.52 -5.57 -61.42
CA TYR B 37 -9.33 -4.35 -61.38
C TYR B 37 -10.60 -4.57 -60.56
N LYS B 38 -11.28 -5.70 -60.79
CA LYS B 38 -12.50 -5.99 -60.03
C LYS B 38 -12.18 -6.16 -58.54
N LEU B 39 -11.11 -6.88 -58.22
CA LEU B 39 -10.78 -7.08 -56.81
C LEU B 39 -10.38 -5.77 -56.15
N LEU B 40 -9.75 -4.87 -56.91
CA LEU B 40 -9.48 -3.53 -56.39
C LEU B 40 -10.78 -2.76 -56.14
N THR B 41 -11.72 -2.84 -57.09
CA THR B 41 -13.01 -2.18 -56.88
C THR B 41 -13.68 -2.69 -55.62
N LEU B 42 -13.42 -3.95 -55.26
CA LEU B 42 -13.90 -4.46 -53.99
C LEU B 42 -13.29 -3.76 -52.79
N PHE B 43 -12.21 -2.98 -52.98
CA PHE B 43 -11.54 -2.26 -51.92
C PHE B 43 -11.52 -0.76 -52.18
N PHE B 44 -12.63 -0.20 -52.66
CA PHE B 44 -12.68 1.24 -52.95
C PHE B 44 -13.29 2.05 -51.82
N HIS B 45 -14.37 1.57 -51.20
CA HIS B 45 -15.03 2.29 -50.12
C HIS B 45 -15.70 1.29 -49.20
N PRO B 46 -14.96 0.77 -48.21
CA PRO B 46 -15.55 -0.23 -47.31
C PRO B 46 -16.74 0.29 -46.52
N HIS B 47 -16.57 1.43 -45.86
CA HIS B 47 -17.63 1.94 -44.99
C HIS B 47 -18.89 2.26 -45.79
N GLU B 48 -18.73 2.87 -46.96
CA GLU B 48 -19.87 3.23 -47.80
C GLU B 48 -20.41 2.00 -48.53
N PRO B 49 -21.68 2.02 -48.92
CA PRO B 49 -22.26 0.83 -49.56
C PRO B 49 -21.82 0.66 -51.01
N ILE B 50 -22.36 -0.37 -51.68
CA ILE B 50 -21.96 -0.65 -53.06
C ILE B 50 -22.55 0.42 -53.97
N HIS B 51 -21.69 1.02 -54.80
CA HIS B 51 -22.12 2.04 -55.75
C HIS B 51 -22.19 1.53 -57.18
N ILE B 52 -21.45 0.46 -57.51
CA ILE B 52 -21.42 -0.07 -58.86
C ILE B 52 -22.65 -0.97 -59.06
N LYS B 53 -23.34 -0.76 -60.18
CA LYS B 53 -24.68 -1.35 -60.35
C LYS B 53 -24.63 -2.87 -60.48
N GLU B 54 -23.75 -3.39 -61.33
CA GLU B 54 -23.75 -4.83 -61.56
C GLU B 54 -23.38 -5.61 -60.30
N GLN B 55 -22.57 -5.02 -59.43
CA GLN B 55 -22.29 -5.67 -58.14
C GLN B 55 -23.54 -5.71 -57.28
N GLN B 56 -24.37 -4.66 -57.33
CA GLN B 56 -25.65 -4.70 -56.65
C GLN B 56 -26.54 -5.79 -57.23
N GLU B 57 -26.53 -5.94 -58.55
CA GLU B 57 -27.32 -6.99 -59.18
C GLU B 57 -26.86 -8.37 -58.71
N ILE B 58 -25.54 -8.58 -58.63
CA ILE B 58 -25.03 -9.86 -58.16
C ILE B 58 -25.44 -10.09 -56.71
N ALA B 59 -25.31 -9.06 -55.87
CA ALA B 59 -25.66 -9.21 -54.46
C ALA B 59 -27.14 -9.54 -54.29
N ALA B 60 -28.00 -8.98 -55.14
CA ALA B 60 -29.43 -9.24 -55.05
C ALA B 60 -29.83 -10.56 -55.70
N SER B 61 -29.04 -11.06 -56.65
CA SER B 61 -29.40 -12.26 -57.39
C SER B 61 -28.84 -13.53 -56.76
N TRP B 62 -27.57 -13.52 -56.36
CA TRP B 62 -26.95 -14.72 -55.82
C TRP B 62 -27.66 -15.19 -54.57
N ASP B 63 -27.81 -16.50 -54.42
CA ASP B 63 -28.45 -17.11 -53.26
C ASP B 63 -27.66 -18.36 -52.92
N LEU B 64 -27.10 -18.41 -51.70
CA LEU B 64 -26.26 -19.54 -51.32
C LEU B 64 -27.05 -20.84 -51.25
N GLU B 65 -28.34 -20.77 -50.90
CA GLU B 65 -29.12 -21.99 -50.70
C GLU B 65 -29.13 -22.86 -51.95
N LYS B 66 -29.47 -22.27 -53.09
CA LYS B 66 -29.55 -23.02 -54.33
C LYS B 66 -28.20 -23.32 -54.95
N ASN B 67 -27.17 -22.52 -54.65
CA ASN B 67 -25.84 -22.68 -55.23
C ASN B 67 -24.89 -23.39 -54.27
N ILE B 68 -25.40 -24.31 -53.45
CA ILE B 68 -24.52 -25.06 -52.54
C ILE B 68 -23.63 -26.01 -53.32
N GLY B 69 -24.05 -26.44 -54.51
CA GLY B 69 -23.29 -27.41 -55.26
C GLY B 69 -21.94 -26.92 -55.75
N LEU B 70 -21.73 -25.60 -55.77
CA LEU B 70 -20.47 -25.03 -56.23
C LEU B 70 -19.47 -24.80 -55.11
N TYR B 71 -19.79 -25.22 -53.88
CA TYR B 71 -18.88 -25.09 -52.74
C TYR B 71 -18.51 -26.48 -52.24
N GLU B 72 -17.22 -26.70 -51.99
CA GLU B 72 -16.77 -28.00 -51.51
C GLU B 72 -17.20 -28.23 -50.06
N ASN B 73 -17.04 -27.22 -49.19
CA ASN B 73 -17.32 -27.38 -47.77
C ASN B 73 -18.78 -27.00 -47.53
N ALA B 74 -19.65 -28.00 -47.58
CA ALA B 74 -21.08 -27.76 -47.40
C ALA B 74 -21.41 -27.30 -45.98
N THR B 75 -20.67 -27.81 -44.99
CA THR B 75 -20.92 -27.40 -43.61
C THR B 75 -20.72 -25.90 -43.44
N ALA B 76 -19.67 -25.35 -44.06
CA ALA B 76 -19.46 -23.91 -44.02
C ALA B 76 -20.61 -23.17 -44.67
N VAL B 77 -21.14 -23.70 -45.77
CA VAL B 77 -22.28 -23.07 -46.44
C VAL B 77 -23.48 -23.03 -45.50
N HIS B 78 -23.77 -24.15 -44.84
CA HIS B 78 -24.90 -24.19 -43.92
C HIS B 78 -24.71 -23.22 -42.76
N LEU B 79 -23.50 -23.17 -42.19
CA LEU B 79 -23.25 -22.25 -41.10
C LEU B 79 -23.41 -20.81 -41.53
N THR B 80 -22.88 -20.46 -42.71
CA THR B 80 -23.01 -19.09 -43.20
C THR B 80 -24.47 -18.73 -43.44
N ILE B 81 -25.24 -19.66 -44.02
CA ILE B 81 -26.65 -19.39 -44.25
C ILE B 81 -27.37 -19.17 -42.93
N GLN B 82 -27.09 -20.01 -41.94
CA GLN B 82 -27.75 -19.87 -40.64
C GLN B 82 -27.40 -18.53 -40.00
N MET B 83 -26.11 -18.15 -40.04
CA MET B 83 -25.70 -16.89 -39.44
C MET B 83 -26.34 -15.70 -40.14
N LEU B 84 -26.38 -15.72 -41.47
CA LEU B 84 -26.96 -14.60 -42.20
C LEU B 84 -28.48 -14.54 -42.06
N HIS B 85 -29.13 -15.68 -41.80
CA HIS B 85 -30.58 -15.67 -41.61
C HIS B 85 -30.94 -15.19 -40.21
N ASN B 86 -30.24 -15.69 -39.19
CA ASN B 86 -30.51 -15.27 -37.82
C ASN B 86 -29.96 -13.90 -37.48
N ASN B 87 -29.25 -13.26 -38.41
CA ASN B 87 -28.58 -11.97 -38.15
C ASN B 87 -27.54 -12.08 -37.05
N TYR B 88 -27.08 -13.30 -36.76
CA TYR B 88 -26.07 -13.52 -35.73
C TYR B 88 -24.68 -13.24 -36.32
N GLN B 89 -24.41 -11.95 -36.52
CA GLN B 89 -23.17 -11.51 -37.11
C GLN B 89 -22.76 -10.19 -36.48
N VAL B 90 -21.48 -9.86 -36.59
CA VAL B 90 -20.99 -8.59 -36.05
C VAL B 90 -21.67 -7.44 -36.78
N PRO B 91 -22.27 -6.47 -36.09
CA PRO B 91 -22.92 -5.36 -36.79
C PRO B 91 -21.92 -4.54 -37.58
N ARG B 92 -22.38 -3.98 -38.70
CA ARG B 92 -21.54 -3.16 -39.54
C ARG B 92 -21.23 -1.83 -38.86
N GLY B 93 -20.11 -1.24 -39.24
CA GLY B 93 -19.67 0.01 -38.65
C GLY B 93 -19.29 -0.12 -37.18
N VAL B 94 -18.65 -1.23 -36.82
CA VAL B 94 -18.24 -1.47 -35.43
C VAL B 94 -16.80 -1.97 -35.45
N PRO B 95 -15.97 -1.64 -34.45
CA PRO B 95 -14.60 -2.17 -34.43
C PRO B 95 -14.59 -3.69 -34.41
N PHE B 96 -13.60 -4.25 -35.09
CA PHE B 96 -13.44 -5.70 -35.19
C PHE B 96 -12.08 -6.11 -34.62
N THR B 97 -12.09 -7.13 -33.77
CA THR B 97 -10.87 -7.66 -33.18
C THR B 97 -10.90 -9.18 -33.26
N VAL B 98 -9.76 -9.77 -33.62
CA VAL B 98 -9.67 -11.22 -33.72
C VAL B 98 -9.49 -11.90 -32.38
N LEU B 99 -9.22 -11.14 -31.32
CA LEU B 99 -9.00 -11.75 -30.01
C LEU B 99 -10.30 -12.23 -29.37
N GLU B 100 -11.45 -11.80 -29.88
CA GLU B 100 -12.73 -12.26 -29.36
C GLU B 100 -13.15 -13.55 -30.05
N SER B 101 -13.77 -14.44 -29.27
CA SER B 101 -14.04 -15.80 -29.76
C SER B 101 -15.05 -15.79 -30.90
N VAL B 102 -16.17 -15.08 -30.74
CA VAL B 102 -17.20 -15.08 -31.77
C VAL B 102 -16.67 -14.48 -33.06
N HIS B 103 -15.84 -13.44 -32.96
CA HIS B 103 -15.24 -12.87 -34.16
C HIS B 103 -14.37 -13.91 -34.87
N ARG B 104 -13.59 -14.68 -34.10
CA ARG B 104 -12.79 -15.74 -34.69
C ARG B 104 -13.67 -16.76 -35.41
N PHE B 105 -14.77 -17.16 -34.75
CA PHE B 105 -15.66 -18.14 -35.37
C PHE B 105 -16.22 -17.62 -36.68
N GLU B 106 -16.69 -16.37 -36.68
CA GLU B 106 -17.31 -15.81 -37.87
C GLU B 106 -16.28 -15.69 -39.00
N ILE B 107 -15.09 -15.18 -38.70
CA ILE B 107 -14.09 -14.99 -39.75
C ILE B 107 -13.62 -16.34 -40.27
N SER B 108 -13.48 -17.33 -39.40
CA SER B 108 -13.09 -18.67 -39.86
C SER B 108 -14.16 -19.28 -40.75
N VAL B 109 -15.43 -19.12 -40.39
CA VAL B 109 -16.51 -19.66 -41.23
C VAL B 109 -16.50 -18.99 -42.60
N TYR B 110 -16.36 -17.67 -42.62
CA TYR B 110 -16.34 -16.98 -43.91
C TYR B 110 -15.12 -17.36 -44.73
N TYR B 111 -13.96 -17.54 -44.10
CA TYR B 111 -12.79 -18.00 -44.83
C TYR B 111 -13.01 -19.38 -45.41
N SER B 112 -13.62 -20.28 -44.63
CA SER B 112 -13.89 -21.62 -45.13
C SER B 112 -14.83 -21.56 -46.33
N LEU B 113 -15.86 -20.71 -46.25
CA LEU B 113 -16.79 -20.58 -47.37
C LEU B 113 -16.09 -20.06 -48.61
N LEU B 114 -15.30 -18.99 -48.46
CA LEU B 114 -14.64 -18.38 -49.61
C LEU B 114 -13.61 -19.33 -50.23
N TYR B 115 -12.83 -20.02 -49.39
CA TYR B 115 -11.78 -20.90 -49.89
C TYR B 115 -12.32 -22.14 -50.56
N SER B 116 -13.57 -22.53 -50.26
CA SER B 116 -14.19 -23.71 -50.85
C SER B 116 -14.85 -23.41 -52.20
N ALA B 117 -14.55 -22.27 -52.81
CA ALA B 117 -15.13 -21.92 -54.10
C ALA B 117 -14.39 -22.68 -55.20
N LYS B 118 -15.13 -23.52 -55.93
CA LYS B 118 -14.50 -24.32 -56.98
C LYS B 118 -14.00 -23.44 -58.11
N THR B 119 -14.78 -22.45 -58.53
CA THR B 119 -14.43 -21.58 -59.64
C THR B 119 -14.15 -20.17 -59.13
N TYR B 120 -13.33 -19.44 -59.90
CA TYR B 120 -13.06 -18.04 -59.60
C TYR B 120 -14.32 -17.19 -59.67
N ASP B 121 -15.24 -17.52 -60.58
CA ASP B 121 -16.50 -16.79 -60.66
C ASP B 121 -17.30 -16.94 -59.38
N THR B 122 -17.38 -18.16 -58.85
CA THR B 122 -18.11 -18.39 -57.60
C THR B 122 -17.44 -17.63 -56.46
N PHE B 123 -16.12 -17.63 -56.43
CA PHE B 123 -15.36 -16.88 -55.42
C PHE B 123 -15.69 -15.40 -55.46
N TYR B 124 -15.67 -14.81 -56.66
CA TYR B 124 -15.97 -13.38 -56.79
C TYR B 124 -17.42 -13.09 -56.39
N LYS B 125 -18.34 -13.97 -56.79
CA LYS B 125 -19.74 -13.74 -56.49
C LYS B 125 -20.03 -13.86 -55.00
N THR B 126 -19.33 -14.77 -54.31
CA THR B 126 -19.44 -14.83 -52.86
C THR B 126 -18.80 -13.61 -52.20
N ALA B 127 -17.68 -13.13 -52.75
CA ALA B 127 -17.03 -11.95 -52.20
C ALA B 127 -17.94 -10.73 -52.28
N VAL B 128 -18.63 -10.57 -53.41
CA VAL B 128 -19.54 -9.44 -53.55
C VAL B 128 -20.68 -9.55 -52.54
N PHE B 129 -21.26 -10.74 -52.42
CA PHE B 129 -22.37 -10.93 -51.49
C PHE B 129 -21.95 -10.63 -50.05
N LEU B 130 -20.76 -11.12 -49.65
CA LEU B 130 -20.30 -10.83 -48.29
C LEU B 130 -19.99 -9.36 -48.11
N ARG B 131 -19.35 -8.73 -49.10
CA ARG B 131 -19.14 -7.28 -49.05
C ARG B 131 -20.46 -6.56 -48.80
N GLN B 132 -21.54 -7.06 -49.40
CA GLN B 132 -22.85 -6.47 -49.16
C GLN B 132 -23.35 -6.76 -47.75
N HIS B 133 -23.06 -7.95 -47.22
CA HIS B 133 -23.67 -8.43 -45.97
C HIS B 133 -22.63 -8.79 -44.91
N VAL B 134 -21.52 -8.05 -44.81
CA VAL B 134 -20.51 -8.33 -43.80
C VAL B 134 -19.82 -7.03 -43.40
N ASN B 135 -19.32 -7.01 -42.15
CA ASN B 135 -18.59 -5.86 -41.64
C ASN B 135 -17.37 -5.57 -42.51
N GLU B 136 -16.97 -4.29 -42.53
CA GLU B 136 -15.92 -3.85 -43.44
C GLU B 136 -14.57 -4.47 -43.08
N ASN B 137 -14.16 -4.34 -41.81
CA ASN B 137 -12.85 -4.82 -41.42
C ASN B 137 -12.73 -6.34 -41.58
N LEU B 138 -13.75 -7.07 -41.14
CA LEU B 138 -13.72 -8.52 -41.26
C LEU B 138 -13.65 -8.94 -42.73
N PHE B 139 -14.47 -8.30 -43.58
CA PHE B 139 -14.46 -8.65 -44.99
C PHE B 139 -13.09 -8.37 -45.62
N VAL B 140 -12.50 -7.21 -45.32
CA VAL B 140 -11.21 -6.89 -45.89
C VAL B 140 -10.17 -7.91 -45.47
N ASN B 141 -10.14 -8.23 -44.16
CA ASN B 141 -9.15 -9.18 -43.66
C ASN B 141 -9.32 -10.55 -44.29
N VAL B 142 -10.56 -11.05 -44.32
CA VAL B 142 -10.79 -12.41 -44.82
C VAL B 142 -10.50 -12.47 -46.32
N LEU B 143 -10.90 -11.44 -47.08
CA LEU B 143 -10.64 -11.45 -48.52
C LEU B 143 -9.15 -11.38 -48.80
N SER B 144 -8.41 -10.57 -48.04
CA SER B 144 -6.96 -10.53 -48.22
C SER B 144 -6.34 -11.89 -47.94
N VAL B 145 -6.75 -12.53 -46.85
CA VAL B 145 -6.20 -13.84 -46.51
C VAL B 145 -6.52 -14.85 -47.61
N VAL B 146 -7.75 -14.84 -48.11
CA VAL B 146 -8.13 -15.77 -49.16
C VAL B 146 -7.30 -15.53 -50.43
N ILE B 147 -7.12 -14.27 -50.80
CA ILE B 147 -6.34 -13.95 -52.00
C ILE B 147 -4.90 -14.41 -51.83
N LEU B 148 -4.34 -14.25 -50.64
CA LEU B 148 -2.96 -14.65 -50.42
C LEU B 148 -2.78 -16.16 -50.48
N HIS B 149 -3.79 -16.93 -50.06
CA HIS B 149 -3.68 -18.38 -49.91
C HIS B 149 -4.49 -19.15 -50.95
N ARG B 150 -4.79 -18.54 -52.09
CA ARG B 150 -5.55 -19.20 -53.14
C ARG B 150 -4.73 -19.26 -54.42
N SER B 151 -4.72 -20.42 -55.06
CA SER B 151 -3.93 -20.60 -56.26
C SER B 151 -4.42 -19.71 -57.40
N ASP B 152 -5.73 -19.56 -57.54
CA ASP B 152 -6.28 -18.75 -58.64
C ASP B 152 -5.93 -17.28 -58.49
N THR B 153 -5.44 -16.84 -57.32
CA THR B 153 -5.13 -15.44 -57.06
C THR B 153 -3.72 -15.29 -56.52
N GLN B 154 -2.76 -15.99 -57.13
CA GLN B 154 -1.36 -15.84 -56.75
C GLN B 154 -0.67 -14.69 -57.47
N ASP B 155 -1.35 -14.04 -58.41
CA ASP B 155 -0.81 -12.88 -59.11
C ASP B 155 -1.45 -11.57 -58.67
N ILE B 156 -2.69 -11.61 -58.17
CA ILE B 156 -3.37 -10.41 -57.72
C ILE B 156 -2.56 -9.75 -56.61
N ARG B 157 -2.43 -8.43 -56.68
CA ARG B 157 -1.74 -7.64 -55.67
C ARG B 157 -2.77 -6.89 -54.85
N ILE B 158 -2.71 -7.03 -53.52
CA ILE B 158 -3.68 -6.42 -52.63
C ILE B 158 -3.17 -5.04 -52.20
N PRO B 159 -4.05 -4.06 -51.99
CA PRO B 159 -3.57 -2.71 -51.63
C PRO B 159 -3.02 -2.68 -50.22
N PRO B 160 -2.17 -1.71 -49.91
CA PRO B 160 -1.67 -1.58 -48.54
C PRO B 160 -2.82 -1.32 -47.56
N ILE B 161 -2.64 -1.81 -46.33
CA ILE B 161 -3.68 -1.64 -45.32
C ILE B 161 -3.81 -0.16 -44.94
N TYR B 162 -2.70 0.58 -44.92
CA TYR B 162 -2.76 1.98 -44.50
C TYR B 162 -3.45 2.87 -45.53
N ASP B 163 -3.77 2.35 -46.70
CA ASP B 163 -4.58 3.08 -47.68
C ASP B 163 -6.06 2.76 -47.58
N VAL B 164 -6.41 1.51 -47.25
CA VAL B 164 -7.82 1.14 -47.13
C VAL B 164 -8.44 1.79 -45.90
N PHE B 165 -7.73 1.78 -44.78
CA PHE B 165 -8.23 2.33 -43.51
C PHE B 165 -7.18 3.28 -42.96
N PRO B 166 -7.11 4.51 -43.48
CA PRO B 166 -6.11 5.46 -42.98
C PRO B 166 -6.32 5.86 -41.53
N SER B 167 -7.52 5.65 -40.97
CA SER B 167 -7.84 6.11 -39.63
C SER B 167 -7.03 5.40 -38.55
N TYR B 168 -6.39 4.28 -38.88
CA TYR B 168 -5.59 3.54 -37.91
C TYR B 168 -4.13 3.95 -37.89
N PHE B 169 -3.73 4.93 -38.70
CA PHE B 169 -2.33 5.33 -38.81
C PHE B 169 -2.11 6.83 -38.70
N HIS B 170 -3.17 7.62 -38.55
CA HIS B 170 -3.05 9.06 -38.42
C HIS B 170 -3.94 9.54 -37.29
N ASN B 171 -3.56 10.67 -36.70
CA ASN B 171 -4.31 11.21 -35.57
C ASN B 171 -5.68 11.69 -36.00
N GLY B 172 -6.61 11.75 -35.04
CA GLY B 172 -7.96 12.17 -35.34
C GLY B 172 -8.04 13.60 -35.84
N GLU B 173 -7.18 14.47 -35.35
CA GLU B 173 -7.18 15.86 -35.81
C GLU B 173 -6.87 15.93 -37.30
N ILE B 174 -5.92 15.11 -37.77
CA ILE B 174 -5.57 15.09 -39.19
C ILE B 174 -6.78 14.68 -40.02
N MET B 175 -7.50 13.64 -39.57
CA MET B 175 -8.64 13.16 -40.34
C MET B 175 -9.79 14.17 -40.35
N THR B 176 -10.04 14.83 -39.21
CA THR B 176 -11.08 15.85 -39.18
C THR B 176 -10.71 17.02 -40.09
N THR B 177 -9.45 17.45 -40.05
CA THR B 177 -9.01 18.51 -40.95
C THR B 177 -9.14 18.11 -42.40
N ALA B 178 -8.84 16.84 -42.72
CA ALA B 178 -9.00 16.35 -44.08
C ALA B 178 -10.46 16.45 -44.51
N GLN B 179 -11.37 15.96 -43.66
CA GLN B 179 -12.79 16.03 -43.98
C GLN B 179 -13.21 17.48 -44.23
N ARG B 180 -12.76 18.40 -43.36
CA ARG B 180 -13.15 19.80 -43.50
C ARG B 180 -12.60 20.40 -44.80
N ILE B 181 -11.32 20.19 -45.08
CA ILE B 181 -10.72 20.77 -46.27
C ILE B 181 -11.38 20.21 -47.53
N THR B 182 -11.78 18.93 -47.49
CA THR B 182 -12.42 18.34 -48.65
C THR B 182 -13.82 18.90 -48.85
N THR B 183 -14.64 18.89 -47.80
CA THR B 183 -16.02 19.33 -47.94
C THR B 183 -16.11 20.83 -48.18
N HIS B 184 -15.09 21.58 -47.78
CA HIS B 184 -15.09 23.03 -47.96
C HIS B 184 -14.91 23.42 -49.42
N GLY B 185 -14.58 22.46 -50.28
CA GLY B 185 -14.29 22.77 -51.65
C GLY B 185 -12.98 23.49 -51.85
N GLN B 186 -12.07 23.38 -50.87
CA GLN B 186 -10.76 24.02 -50.94
C GLN B 186 -10.87 25.53 -51.07
N ARG B 187 -11.91 26.12 -50.48
CA ARG B 187 -12.02 27.57 -50.36
C ARG B 187 -11.56 28.09 -49.02
N MET B 188 -11.96 27.44 -47.92
CA MET B 188 -11.38 27.74 -46.62
C MET B 188 -10.08 26.99 -46.39
N LEU B 189 -9.70 26.09 -47.30
CA LEU B 189 -8.40 25.43 -47.21
C LEU B 189 -7.27 26.45 -47.31
N GLU B 190 -7.38 27.39 -48.24
CA GLU B 190 -6.36 28.43 -48.37
C GLU B 190 -6.31 29.34 -47.16
N HIS B 191 -7.35 29.35 -46.33
CA HIS B 191 -7.26 30.03 -45.03
C HIS B 191 -6.37 29.25 -44.07
N TYR B 192 -6.43 27.92 -44.13
CA TYR B 192 -5.52 27.09 -43.35
C TYR B 192 -4.10 27.32 -43.82
N PRO B 193 -3.16 27.69 -42.92
CA PRO B 193 -1.77 27.78 -43.35
C PRO B 193 -1.07 26.43 -43.42
N SER B 194 -1.51 25.47 -42.60
CA SER B 194 -0.87 24.16 -42.58
C SER B 194 -0.94 23.47 -43.94
N THR B 195 -2.14 23.43 -44.53
CA THR B 195 -2.32 22.75 -45.80
C THR B 195 -1.73 23.55 -46.95
N TYR B 196 -1.34 22.84 -48.01
CA TYR B 196 -0.76 23.45 -49.18
C TYR B 196 -0.96 22.54 -50.38
N VAL B 197 -0.81 23.11 -51.57
CA VAL B 197 -1.03 22.39 -52.82
C VAL B 197 0.35 22.12 -53.43
N TRP B 198 0.82 20.88 -53.28
CA TRP B 198 2.11 20.51 -53.86
C TRP B 198 2.01 20.34 -55.37
N GLU B 199 0.92 19.75 -55.85
CA GLU B 199 0.69 19.56 -57.28
C GLU B 199 -0.80 19.64 -57.55
N ASN B 200 -1.15 19.65 -58.84
CA ASN B 200 -2.55 19.66 -59.22
C ASN B 200 -3.26 18.41 -58.70
N ASN B 201 -4.49 18.58 -58.24
CA ASN B 201 -5.36 17.51 -57.78
C ASN B 201 -4.90 16.89 -56.47
N VAL B 202 -3.93 17.48 -55.79
CA VAL B 202 -3.44 16.97 -54.50
C VAL B 202 -3.23 18.13 -53.56
N VAL B 203 -3.68 17.97 -52.31
CA VAL B 203 -3.46 18.95 -51.25
C VAL B 203 -2.82 18.23 -50.08
N ILE B 204 -1.75 18.83 -49.54
CA ILE B 204 -0.90 18.18 -48.54
C ILE B 204 -0.89 19.02 -47.27
N ARG B 205 -0.75 18.33 -46.14
CA ARG B 205 -0.73 18.95 -44.83
C ARG B 205 0.62 18.74 -44.16
N HIS B 206 0.73 19.24 -42.93
CA HIS B 206 1.90 19.03 -42.09
C HIS B 206 1.45 18.39 -40.78
N ASN B 207 2.08 17.27 -40.42
CA ASN B 207 1.94 16.69 -39.09
C ASN B 207 3.08 17.10 -38.17
N GLU B 208 4.00 17.94 -38.64
CA GLU B 208 5.11 18.37 -37.82
C GLU B 208 4.63 19.13 -36.59
N THR B 209 3.65 20.02 -36.77
CA THR B 209 3.11 20.85 -35.69
C THR B 209 1.70 20.37 -35.38
N ALA B 210 1.59 19.46 -34.41
CA ALA B 210 0.30 18.93 -33.97
C ALA B 210 0.57 18.00 -32.79
N TRP B 211 -0.50 17.65 -32.09
CA TRP B 211 -0.45 16.74 -30.95
C TRP B 211 0.56 17.20 -29.91
N PRO B 212 0.51 18.47 -29.49
CA PRO B 212 1.40 18.91 -28.40
C PRO B 212 1.16 18.16 -27.11
N TYR B 213 -0.07 17.73 -26.86
CA TYR B 213 -0.37 16.83 -25.75
C TYR B 213 -0.03 15.40 -26.16
N TYR B 214 0.85 14.76 -25.40
CA TYR B 214 1.35 13.44 -25.75
C TYR B 214 1.84 12.75 -24.49
N CYS B 215 2.10 11.45 -24.61
CA CYS B 215 2.46 10.63 -23.45
C CYS B 215 3.77 11.08 -22.82
N ASN B 216 4.75 11.41 -23.64
CA ASN B 216 6.11 11.77 -23.19
C ASN B 216 6.73 10.53 -22.55
N THR B 217 7.31 10.64 -21.35
CA THR B 217 8.02 9.53 -20.72
C THR B 217 8.95 8.87 -21.73
N GLU B 218 8.77 7.59 -22.03
CA GLU B 218 9.61 6.87 -22.97
C GLU B 218 9.01 6.80 -24.37
N SER B 219 7.89 7.49 -24.61
CA SER B 219 7.16 7.34 -25.85
C SER B 219 7.56 8.33 -26.93
N MET B 220 7.98 9.54 -26.56
CA MET B 220 8.26 10.56 -27.57
C MET B 220 9.60 10.34 -28.26
N PRO B 221 10.70 10.07 -27.55
CA PRO B 221 12.00 9.96 -28.24
C PRO B 221 12.04 8.88 -29.30
N VAL B 222 11.23 7.83 -29.16
CA VAL B 222 11.21 6.73 -30.13
C VAL B 222 9.94 6.79 -30.98
N SER B 223 9.24 7.93 -30.97
CA SER B 223 8.01 8.05 -31.74
C SER B 223 8.23 7.96 -33.23
N TYR B 224 9.44 8.25 -33.70
CA TYR B 224 9.73 8.15 -35.13
C TYR B 224 9.85 6.70 -35.59
N PHE B 225 10.02 5.76 -34.66
CA PHE B 225 10.13 4.34 -34.98
C PHE B 225 8.87 3.55 -34.61
N THR B 226 8.29 3.84 -33.44
CA THR B 226 7.15 3.06 -32.99
C THR B 226 5.87 3.44 -33.74
N HIS B 227 5.76 4.69 -34.18
CA HIS B 227 4.58 5.16 -34.88
C HIS B 227 4.73 5.08 -36.40
N ASP B 228 5.81 4.48 -36.89
CA ASP B 228 6.01 4.35 -38.33
C ASP B 228 4.88 3.54 -38.94
N VAL B 229 4.34 4.04 -40.06
CA VAL B 229 3.24 3.35 -40.73
C VAL B 229 3.70 1.99 -41.24
N THR B 230 4.90 1.93 -41.81
CA THR B 230 5.36 0.70 -42.45
C THR B 230 5.50 -0.43 -41.44
N LEU B 231 5.92 -0.12 -40.21
CA LEU B 231 6.10 -1.16 -39.20
C LEU B 231 4.78 -1.80 -38.81
N ASN B 232 3.76 -0.98 -38.55
CA ASN B 232 2.44 -1.51 -38.23
C ASN B 232 1.85 -2.27 -39.41
N ALA B 233 2.03 -1.75 -40.62
CA ALA B 233 1.57 -2.47 -41.80
C ALA B 233 2.28 -3.82 -41.93
N LEU B 234 3.57 -3.87 -41.58
CA LEU B 234 4.31 -5.13 -41.62
C LEU B 234 3.75 -6.12 -40.62
N TYR B 235 3.45 -5.67 -39.40
CA TYR B 235 2.84 -6.56 -38.41
C TYR B 235 1.50 -7.09 -38.93
N TYR B 236 0.69 -6.21 -39.49
CA TYR B 236 -0.62 -6.62 -40.02
C TYR B 236 -0.47 -7.64 -41.14
N ASN B 237 0.49 -7.42 -42.05
CA ASN B 237 0.68 -8.36 -43.15
C ASN B 237 1.23 -9.69 -42.65
N ILE B 238 2.11 -9.64 -41.64
CA ILE B 238 2.63 -10.86 -41.05
C ILE B 238 1.50 -11.69 -40.47
N LYS B 239 0.59 -11.06 -39.74
CA LYS B 239 -0.54 -11.81 -39.19
C LYS B 239 -1.56 -12.18 -40.25
N LEU B 240 -1.55 -11.50 -41.40
CA LEU B 240 -2.31 -11.98 -42.55
C LEU B 240 -1.72 -13.27 -43.08
N ALA B 241 -0.39 -13.37 -43.11
CA ALA B 241 0.25 -14.57 -43.65
C ALA B 241 0.08 -15.76 -42.70
N TYR B 242 0.10 -15.51 -41.39
CA TYR B 242 -0.02 -16.56 -40.38
C TYR B 242 -1.12 -16.18 -39.39
N PRO B 243 -2.38 -16.27 -39.79
CA PRO B 243 -3.47 -16.00 -38.85
C PRO B 243 -3.50 -17.03 -37.73
N ILE B 244 -3.89 -16.58 -36.54
CA ILE B 244 -3.98 -17.49 -35.41
C ILE B 244 -5.15 -18.46 -35.56
N TRP B 245 -6.12 -18.14 -36.41
CA TRP B 245 -7.32 -18.95 -36.58
C TRP B 245 -7.27 -19.86 -37.79
N LEU B 246 -6.15 -19.91 -38.50
CA LEU B 246 -6.00 -20.71 -39.72
C LEU B 246 -5.03 -21.85 -39.48
N ARG B 247 -5.46 -23.06 -39.79
CA ARG B 247 -4.61 -24.24 -39.64
C ARG B 247 -3.69 -24.37 -40.84
N SER B 248 -2.44 -24.74 -40.58
CA SER B 248 -1.42 -24.78 -41.62
C SER B 248 -1.64 -25.95 -42.58
N ASP B 249 -1.23 -25.74 -43.82
CA ASP B 249 -1.21 -26.75 -44.86
C ASP B 249 0.24 -27.18 -45.09
N ALA B 250 0.45 -28.01 -46.12
CA ALA B 250 1.81 -28.48 -46.41
C ALA B 250 2.78 -27.31 -46.54
N CYS B 251 2.37 -26.26 -47.26
CA CYS B 251 3.24 -25.09 -47.40
C CYS B 251 3.48 -24.41 -46.06
N ALA B 252 2.41 -24.16 -45.30
CA ALA B 252 2.54 -23.50 -44.00
C ALA B 252 3.15 -24.41 -42.94
N ILE B 253 3.18 -25.72 -43.17
CA ILE B 253 3.80 -26.64 -42.22
C ILE B 253 5.32 -26.65 -42.34
N LYS B 254 5.86 -26.26 -43.49
CA LYS B 254 7.30 -26.10 -43.68
C LYS B 254 7.76 -24.70 -43.33
N GLU B 255 6.85 -23.81 -42.89
CA GLU B 255 7.20 -22.45 -42.55
C GLU B 255 7.81 -22.33 -41.17
N LYS B 256 7.69 -23.35 -40.33
CA LYS B 256 8.22 -23.32 -38.97
C LYS B 256 7.67 -22.11 -38.22
N ARG B 257 6.36 -22.14 -38.03
CA ARG B 257 5.62 -21.00 -37.48
C ARG B 257 6.23 -20.51 -36.16
N GLY B 258 6.50 -21.43 -35.23
CA GLY B 258 7.00 -21.03 -33.93
C GLY B 258 8.38 -20.39 -34.01
N GLU B 259 9.27 -20.96 -34.84
CA GLU B 259 10.60 -20.38 -34.98
C GLU B 259 10.53 -18.99 -35.59
N LEU B 260 9.64 -18.80 -36.58
CA LEU B 260 9.44 -17.47 -37.14
C LEU B 260 8.95 -16.49 -36.08
N PHE B 261 7.99 -16.92 -35.27
CA PHE B 261 7.50 -16.08 -34.18
C PHE B 261 8.64 -15.64 -33.28
N PHE B 262 9.43 -16.61 -32.80
CA PHE B 262 10.53 -16.29 -31.90
C PHE B 262 11.54 -15.36 -32.54
N PHE B 263 11.96 -15.67 -33.77
CA PHE B 263 12.99 -14.88 -34.44
C PHE B 263 12.52 -13.46 -34.70
N TRP B 264 11.29 -13.30 -35.18
CA TRP B 264 10.78 -11.97 -35.47
C TRP B 264 10.62 -11.15 -34.20
N ASN B 265 10.12 -11.75 -33.12
CA ASN B 265 10.02 -11.02 -31.87
C ASN B 265 11.39 -10.60 -31.37
N LYS B 266 12.37 -11.50 -31.44
CA LYS B 266 13.72 -11.15 -31.01
C LYS B 266 14.29 -10.00 -31.84
N GLN B 267 14.11 -10.05 -33.15
CA GLN B 267 14.62 -8.98 -34.01
C GLN B 267 13.97 -7.65 -33.69
N LEU B 268 12.64 -7.65 -33.49
CA LEU B 268 11.93 -6.42 -33.17
C LEU B 268 12.42 -5.85 -31.85
N LEU B 269 12.57 -6.70 -30.83
CA LEU B 269 13.02 -6.22 -29.53
C LEU B 269 14.45 -5.71 -29.56
N ALA B 270 15.33 -6.37 -30.32
CA ALA B 270 16.70 -5.88 -30.45
C ALA B 270 16.74 -4.53 -31.15
N ARG B 271 15.95 -4.36 -32.21
CA ARG B 271 15.90 -3.06 -32.89
C ARG B 271 15.33 -1.98 -31.97
N TYR B 272 14.30 -2.30 -31.20
CA TYR B 272 13.71 -1.32 -30.29
C TYR B 272 14.71 -0.92 -29.21
N TYR B 273 15.47 -1.88 -28.68
CA TYR B 273 16.49 -1.56 -27.68
C TYR B 273 17.59 -0.68 -28.28
N MET B 274 17.99 -0.97 -29.52
CA MET B 274 18.97 -0.12 -30.19
C MET B 274 18.44 1.31 -30.32
N GLU B 275 17.17 1.46 -30.71
CA GLU B 275 16.59 2.79 -30.81
C GLU B 275 16.59 3.49 -29.46
N ARG B 276 16.19 2.78 -28.40
CA ARG B 276 16.16 3.39 -27.08
C ARG B 276 17.54 3.86 -26.65
N LEU B 277 18.56 3.02 -26.87
CA LEU B 277 19.92 3.43 -26.54
C LEU B 277 20.35 4.64 -27.38
N SER B 278 19.95 4.67 -28.64
CA SER B 278 20.29 5.80 -29.50
C SER B 278 19.69 7.09 -28.95
N VAL B 279 18.44 7.05 -28.50
CA VAL B 279 17.79 8.24 -27.95
C VAL B 279 17.97 8.37 -26.46
N GLY B 280 18.80 7.54 -25.84
CA GLY B 280 19.09 7.67 -24.42
C GLY B 280 17.91 7.45 -23.51
N LEU B 281 17.11 6.43 -23.76
CA LEU B 281 15.99 6.09 -22.90
C LEU B 281 16.27 4.90 -21.99
N GLY B 282 17.32 4.13 -22.26
CA GLY B 282 17.71 3.04 -21.40
C GLY B 282 17.12 1.70 -21.82
N GLU B 283 17.30 0.73 -20.93
CA GLU B 283 16.85 -0.62 -21.19
C GLU B 283 15.33 -0.71 -21.16
N ILE B 284 14.81 -1.73 -21.83
CA ILE B 284 13.35 -1.92 -21.86
C ILE B 284 12.87 -2.23 -20.44
N PRO B 285 11.88 -1.52 -19.91
CA PRO B 285 11.42 -1.79 -18.54
C PRO B 285 10.92 -3.23 -18.41
N GLU B 286 11.18 -3.82 -17.24
CA GLU B 286 10.74 -5.17 -16.95
C GLU B 286 9.32 -5.12 -16.40
N LEU B 287 8.46 -6.00 -16.92
CA LEU B 287 7.06 -6.02 -16.54
C LEU B 287 6.85 -6.92 -15.33
N GLY B 288 6.21 -6.38 -14.29
CA GLY B 288 5.90 -7.12 -13.09
C GLY B 288 4.47 -7.61 -13.05
N LEU B 289 3.99 -7.85 -11.84
CA LEU B 289 2.62 -8.34 -11.63
C LEU B 289 1.88 -7.51 -10.59
N ASN B 290 2.38 -6.32 -10.26
CA ASN B 290 1.77 -5.46 -9.26
C ASN B 290 1.38 -4.09 -9.79
N GLU B 291 2.22 -3.47 -10.62
CA GLU B 291 1.95 -2.12 -11.08
C GLU B 291 2.74 -1.86 -12.35
N VAL B 292 2.14 -1.09 -13.27
CA VAL B 292 2.79 -0.63 -14.49
C VAL B 292 2.89 0.89 -14.42
N GLU B 293 4.11 1.41 -14.50
CA GLU B 293 4.32 2.84 -14.33
C GLU B 293 3.96 3.63 -15.58
N GLU B 294 4.36 3.14 -16.75
CA GLU B 294 4.19 3.90 -17.99
C GLU B 294 2.81 3.66 -18.59
N GLY B 295 2.10 4.74 -18.90
CA GLY B 295 0.82 4.70 -19.55
C GLY B 295 0.95 5.05 -21.03
N TYR B 296 -0.20 5.11 -21.69
CA TYR B 296 -0.24 5.41 -23.11
C TYR B 296 -1.54 6.12 -23.47
N VAL B 297 -1.42 7.20 -24.23
CA VAL B 297 -2.56 7.89 -24.83
C VAL B 297 -2.35 7.85 -26.35
N SER B 298 -3.26 7.19 -27.05
CA SER B 298 -3.07 6.95 -28.48
C SER B 298 -3.24 8.23 -29.29
N GLY B 299 -4.30 9.00 -29.02
CA GLY B 299 -4.64 10.11 -29.86
C GLY B 299 -5.34 9.74 -31.14
N LEU B 300 -5.74 8.48 -31.29
CA LEU B 300 -6.42 7.98 -32.48
C LEU B 300 -7.92 7.94 -32.26
N LEU B 301 -8.66 7.94 -33.37
CA LEU B 301 -10.11 7.88 -33.35
C LEU B 301 -10.59 6.83 -34.33
N TYR B 302 -11.64 6.11 -33.93
CA TYR B 302 -12.27 5.14 -34.82
C TYR B 302 -13.05 5.85 -35.92
N HIS B 303 -13.45 5.07 -36.93
CA HIS B 303 -14.17 5.65 -38.07
C HIS B 303 -15.41 6.39 -37.60
N ASN B 304 -16.20 5.78 -36.71
CA ASN B 304 -17.41 6.45 -36.23
C ASN B 304 -17.09 7.68 -35.40
N GLY B 305 -16.01 7.63 -34.62
CA GLY B 305 -15.59 8.78 -33.83
C GLY B 305 -15.50 8.49 -32.35
N ILE B 306 -15.31 7.22 -31.98
CA ILE B 306 -15.19 6.82 -30.59
C ILE B 306 -13.72 6.87 -30.19
N PRO B 307 -13.34 7.60 -29.15
CA PRO B 307 -11.93 7.63 -28.73
C PRO B 307 -11.46 6.28 -28.24
N TYR B 308 -10.16 6.06 -28.38
CA TYR B 308 -9.53 4.81 -27.94
C TYR B 308 -9.41 4.79 -26.41
N PRO B 309 -9.35 3.59 -25.82
CA PRO B 309 -9.09 3.50 -24.37
C PRO B 309 -7.70 4.04 -24.03
N VAL B 310 -7.57 4.53 -22.80
CA VAL B 310 -6.34 5.13 -22.31
C VAL B 310 -5.89 4.37 -21.07
N ARG B 311 -4.61 3.99 -21.03
CA ARG B 311 -4.03 3.40 -19.83
C ARG B 311 -3.37 4.49 -19.00
N PRO B 312 -3.77 4.70 -17.76
CA PRO B 312 -3.14 5.75 -16.95
C PRO B 312 -1.75 5.34 -16.48
N ASN B 313 -0.98 6.34 -16.08
CA ASN B 313 0.31 6.10 -15.46
C ASN B 313 0.12 5.52 -14.05
N HIS B 314 1.08 4.67 -13.66
CA HIS B 314 1.04 4.02 -12.35
C HIS B 314 -0.25 3.22 -12.18
N LEU B 315 -0.54 2.38 -13.16
CA LEU B 315 -1.73 1.53 -13.08
C LEU B 315 -1.52 0.45 -12.03
N VAL B 316 -2.51 0.26 -11.17
CA VAL B 316 -2.44 -0.69 -10.06
C VAL B 316 -3.12 -1.98 -10.48
N LEU B 317 -2.45 -3.10 -10.23
CA LEU B 317 -2.93 -4.42 -10.61
C LEU B 317 -3.24 -5.32 -9.42
N ASN B 318 -3.05 -4.85 -8.20
CA ASN B 318 -3.27 -5.65 -7.00
C ASN B 318 -4.36 -5.03 -6.12
N HIS B 319 -5.43 -4.56 -6.76
CA HIS B 319 -6.59 -4.01 -6.06
C HIS B 319 -7.83 -4.82 -6.42
N GLN B 320 -8.98 -4.39 -5.91
CA GLN B 320 -10.24 -5.08 -6.15
C GLN B 320 -10.78 -4.72 -7.54
N THR B 321 -10.15 -5.32 -8.55
CA THR B 321 -10.52 -5.11 -9.94
C THR B 321 -10.36 -6.41 -10.71
N TRP B 322 -11.00 -6.47 -11.88
CA TRP B 322 -10.84 -7.62 -12.76
C TRP B 322 -9.39 -7.81 -13.19
N HIS B 323 -8.59 -6.74 -13.13
CA HIS B 323 -7.18 -6.86 -13.44
C HIS B 323 -6.52 -7.94 -12.59
N ALA B 324 -6.88 -8.02 -11.32
CA ALA B 324 -6.26 -9.01 -10.43
C ALA B 324 -6.58 -10.43 -10.90
N GLU B 325 -7.84 -10.70 -11.23
CA GLU B 325 -8.20 -12.04 -11.69
C GLU B 325 -7.50 -12.37 -13.01
N ALA B 326 -7.44 -11.41 -13.93
CA ALA B 326 -6.73 -11.64 -15.19
C ALA B 326 -5.27 -11.95 -14.94
N ILE B 327 -4.64 -11.22 -14.02
CA ILE B 327 -3.23 -11.44 -13.72
C ILE B 327 -3.03 -12.80 -13.06
N GLU B 328 -3.98 -13.24 -12.23
CA GLU B 328 -3.88 -14.55 -11.63
C GLU B 328 -3.94 -15.65 -12.69
N GLU B 329 -4.86 -15.52 -13.64
CA GLU B 329 -4.93 -16.49 -14.73
C GLU B 329 -3.63 -16.47 -15.55
N ILE B 330 -3.11 -15.27 -15.82
CA ILE B 330 -1.86 -15.14 -16.57
C ILE B 330 -0.73 -15.85 -15.83
N GLU B 331 -0.66 -15.65 -14.52
CA GLU B 331 0.38 -16.29 -13.72
C GLU B 331 0.25 -17.81 -13.77
N VAL B 332 -0.98 -18.32 -13.67
CA VAL B 332 -1.18 -19.77 -13.74
C VAL B 332 -0.69 -20.31 -15.08
N TYR B 333 -1.07 -19.64 -16.18
CA TYR B 333 -0.67 -20.14 -17.50
C TYR B 333 0.83 -20.06 -17.69
N GLU B 334 1.46 -18.97 -17.26
CA GLU B 334 2.90 -18.84 -17.40
C GLU B 334 3.65 -19.85 -16.53
N ASN B 335 3.10 -20.16 -15.35
CA ASN B 335 3.70 -21.21 -14.53
C ASN B 335 3.57 -22.57 -15.20
N ARG B 336 2.45 -22.82 -15.87
CA ARG B 336 2.32 -24.06 -16.65
C ARG B 336 3.39 -24.12 -17.73
N ILE B 337 3.62 -23.02 -18.43
CA ILE B 337 4.65 -22.99 -19.47
C ILE B 337 6.03 -23.23 -18.86
N ARG B 338 6.30 -22.60 -17.71
CA ARG B 338 7.59 -22.79 -17.05
C ARG B 338 7.79 -24.24 -16.63
N ASP B 339 6.75 -24.87 -16.08
CA ASP B 339 6.86 -26.26 -15.69
C ASP B 339 7.10 -27.15 -16.90
N MET B 340 6.40 -26.89 -18.00
CA MET B 340 6.62 -27.67 -19.21
C MET B 340 8.05 -27.52 -19.71
N ILE B 341 8.59 -26.31 -19.67
CA ILE B 341 9.95 -26.07 -20.12
C ILE B 341 10.95 -26.81 -19.23
N ASP B 342 10.78 -26.70 -17.92
CA ASP B 342 11.76 -27.27 -17.00
C ASP B 342 11.72 -28.79 -16.99
N GLN B 343 10.52 -29.37 -16.97
CA GLN B 343 10.42 -30.83 -16.89
C GLN B 343 10.91 -31.52 -18.15
N GLY B 344 10.98 -30.80 -19.28
CA GLY B 344 11.50 -31.37 -20.51
C GLY B 344 10.47 -32.01 -21.41
N PHE B 345 9.19 -31.95 -21.05
CA PHE B 345 8.15 -32.57 -21.86
C PHE B 345 6.84 -31.81 -21.68
N TYR B 346 5.95 -31.99 -22.64
CA TYR B 346 4.63 -31.40 -22.60
C TYR B 346 3.57 -32.50 -22.57
N ILE B 347 2.41 -32.14 -22.05
CA ILE B 347 1.31 -33.08 -21.84
C ILE B 347 0.36 -33.01 -23.02
N THR B 348 -0.01 -34.17 -23.56
CA THR B 348 -0.96 -34.23 -24.66
C THR B 348 -2.38 -34.09 -24.12
N ASN B 349 -3.34 -34.05 -25.04
CA ASN B 349 -4.74 -33.93 -24.65
C ASN B 349 -5.26 -35.19 -23.95
N THR B 350 -4.52 -36.30 -24.01
CA THR B 350 -4.90 -37.54 -23.35
C THR B 350 -4.13 -37.80 -22.07
N GLY B 351 -2.99 -37.15 -21.88
CA GLY B 351 -2.16 -37.34 -20.71
C GLY B 351 -0.78 -37.91 -20.98
N GLU B 352 -0.38 -38.05 -22.23
CA GLU B 352 0.93 -38.58 -22.59
C GLU B 352 1.99 -37.49 -22.48
N HIS B 353 3.24 -37.91 -22.33
CA HIS B 353 4.38 -37.01 -22.25
C HIS B 353 5.12 -37.02 -23.58
N VAL B 354 5.35 -35.84 -24.15
CA VAL B 354 6.07 -35.70 -25.40
C VAL B 354 7.29 -34.82 -25.13
N SER B 355 8.48 -35.35 -25.38
CA SER B 355 9.71 -34.64 -25.04
C SER B 355 9.93 -33.45 -25.95
N ILE B 356 10.50 -32.38 -25.40
CA ILE B 356 10.85 -31.18 -26.16
C ILE B 356 12.30 -30.82 -25.89
N ASN B 357 13.10 -31.79 -25.46
CA ASN B 357 14.48 -31.52 -25.09
C ASN B 357 15.42 -31.45 -26.29
N SER B 358 14.99 -31.91 -27.45
CA SER B 358 15.84 -31.83 -28.63
C SER B 358 15.93 -30.39 -29.13
N PRO B 359 17.02 -30.04 -29.82
CA PRO B 359 17.16 -28.65 -30.31
C PRO B 359 16.20 -28.29 -31.42
N ASP B 360 15.52 -29.26 -32.03
CA ASP B 360 14.59 -28.99 -33.12
C ASP B 360 13.15 -28.84 -32.64
N SER B 361 12.93 -28.78 -31.33
CA SER B 361 11.60 -28.63 -30.78
C SER B 361 11.20 -27.17 -30.58
N ILE B 362 12.01 -26.23 -31.06
CA ILE B 362 11.70 -24.81 -30.89
C ILE B 362 10.37 -24.47 -31.56
N ASP B 363 10.08 -25.08 -32.71
CA ASP B 363 8.85 -24.78 -33.42
C ASP B 363 7.61 -25.11 -32.59
N VAL B 364 7.56 -26.34 -32.04
CA VAL B 364 6.40 -26.73 -31.24
C VAL B 364 6.35 -25.91 -29.95
N LEU B 365 7.51 -25.55 -29.41
CA LEU B 365 7.54 -24.68 -28.24
C LEU B 365 6.87 -23.33 -28.54
N GLY B 366 7.23 -22.72 -29.67
CA GLY B 366 6.62 -21.47 -30.07
C GLY B 366 5.13 -21.62 -30.31
N ARG B 367 4.74 -22.72 -30.96
CA ARG B 367 3.32 -22.97 -31.21
C ARG B 367 2.55 -23.10 -29.91
N LEU B 368 3.11 -23.80 -28.92
CA LEU B 368 2.48 -23.91 -27.61
C LEU B 368 2.38 -22.55 -26.92
N ILE B 369 3.44 -21.74 -26.98
CA ILE B 369 3.41 -20.45 -26.30
C ILE B 369 2.38 -19.53 -26.96
N GLU B 370 2.27 -19.59 -28.29
CA GLU B 370 1.32 -18.74 -29.00
C GLU B 370 -0.11 -19.21 -28.84
N ALA B 371 -0.33 -20.50 -28.57
CA ALA B 371 -1.67 -21.05 -28.38
C ALA B 371 -2.52 -20.87 -29.63
N ASN B 372 -1.93 -21.05 -30.81
CA ASN B 372 -2.66 -20.97 -32.05
C ASN B 372 -3.42 -22.28 -32.29
N VAL B 373 -4.15 -22.34 -33.41
CA VAL B 373 -4.90 -23.54 -33.75
C VAL B 373 -4.02 -24.71 -34.12
N ASP B 374 -2.73 -24.48 -34.34
CA ASP B 374 -1.78 -25.55 -34.64
C ASP B 374 -1.09 -26.08 -33.40
N SER B 375 -1.41 -25.56 -32.22
CA SER B 375 -0.81 -26.06 -31.00
C SER B 375 -1.36 -27.45 -30.65
N PRO B 376 -0.52 -28.35 -30.15
CA PRO B 376 -1.02 -29.70 -29.83
C PRO B 376 -2.14 -29.71 -28.82
N ASN B 377 -2.07 -28.85 -27.78
CA ASN B 377 -3.05 -28.87 -26.69
C ASN B 377 -3.30 -27.43 -26.26
N VAL B 378 -4.36 -26.83 -26.81
CA VAL B 378 -4.72 -25.47 -26.45
C VAL B 378 -5.57 -25.41 -25.19
N GLN B 379 -6.22 -26.52 -24.81
CA GLN B 379 -7.07 -26.50 -23.63
C GLN B 379 -6.25 -26.32 -22.35
N TYR B 380 -5.09 -26.96 -22.28
CA TYR B 380 -4.23 -26.84 -21.10
C TYR B 380 -3.25 -25.68 -21.23
N TYR B 381 -2.67 -25.49 -22.42
CA TYR B 381 -1.78 -24.37 -22.69
C TYR B 381 -2.60 -23.30 -23.40
N LYS B 382 -2.98 -22.26 -22.65
CA LYS B 382 -3.91 -21.25 -23.12
C LYS B 382 -3.15 -19.97 -23.46
N ASP B 383 -3.87 -19.00 -24.04
CA ASP B 383 -3.26 -17.78 -24.58
C ASP B 383 -3.22 -16.73 -23.48
N PHE B 384 -2.08 -16.66 -22.79
CA PHE B 384 -1.88 -15.64 -21.76
C PHE B 384 -1.46 -14.29 -22.34
N ILE B 385 -0.91 -14.27 -23.55
CA ILE B 385 -0.50 -13.02 -24.17
C ILE B 385 -1.72 -12.16 -24.48
N SER B 386 -2.81 -12.78 -24.93
CA SER B 386 -4.03 -12.04 -25.16
C SER B 386 -4.57 -11.43 -23.87
N ILE B 387 -4.47 -12.18 -22.77
CA ILE B 387 -4.91 -11.65 -21.48
C ILE B 387 -4.02 -10.49 -21.05
N TRP B 388 -2.71 -10.59 -21.30
CA TRP B 388 -1.82 -9.47 -21.03
C TRP B 388 -2.24 -8.24 -21.83
N LYS B 389 -2.55 -8.44 -23.11
CA LYS B 389 -2.98 -7.31 -23.95
C LYS B 389 -4.26 -6.69 -23.43
N LYS B 390 -5.23 -7.53 -23.04
CA LYS B 390 -6.48 -7.01 -22.49
C LYS B 390 -6.22 -6.21 -21.21
N VAL B 391 -5.37 -6.74 -20.33
CA VAL B 391 -5.11 -6.07 -19.06
C VAL B 391 -4.42 -4.73 -19.29
N LEU B 392 -3.41 -4.70 -20.14
CA LEU B 392 -2.63 -3.48 -20.34
C LEU B 392 -3.26 -2.54 -21.35
N GLY B 393 -4.35 -2.93 -22.01
CA GLY B 393 -5.10 -1.99 -22.81
C GLY B 393 -6.10 -1.17 -22.03
N ASN B 394 -6.47 -1.63 -20.83
CA ASN B 394 -7.40 -0.92 -19.97
C ASN B 394 -8.70 -0.60 -20.71
N SER B 395 -9.16 -1.55 -21.50
CA SER B 395 -10.43 -1.42 -22.21
C SER B 395 -11.55 -1.84 -21.26
N LEU B 396 -12.35 -0.87 -20.82
CA LEU B 396 -13.39 -1.14 -19.84
C LEU B 396 -14.41 -2.12 -20.41
N VAL B 397 -14.49 -3.31 -19.80
CA VAL B 397 -15.44 -4.34 -20.24
C VAL B 397 -16.80 -3.99 -19.64
N HIS B 398 -17.77 -3.69 -20.51
CA HIS B 398 -19.11 -3.33 -20.08
C HIS B 398 -20.16 -4.40 -20.36
N GLU B 399 -19.73 -5.57 -20.84
CA GLU B 399 -20.60 -6.73 -21.02
C GLU B 399 -21.89 -6.34 -21.74
N SER B 400 -21.72 -5.75 -22.92
CA SER B 400 -22.84 -5.40 -23.79
C SER B 400 -22.85 -6.33 -24.99
N VAL B 401 -24.05 -6.76 -25.38
CA VAL B 401 -24.22 -7.75 -26.44
C VAL B 401 -25.33 -7.30 -27.38
N ALA B 402 -25.17 -7.65 -28.65
CA ALA B 402 -26.15 -7.36 -29.69
C ALA B 402 -26.70 -8.68 -30.23
N PHE B 403 -27.95 -8.63 -30.69
CA PHE B 403 -28.65 -9.83 -31.18
C PHE B 403 -28.78 -10.88 -30.08
N ASN B 404 -28.74 -10.46 -28.81
CA ASN B 404 -28.58 -11.40 -27.70
C ASN B 404 -27.34 -12.26 -27.88
N GLY B 405 -26.43 -11.78 -28.72
CA GLY B 405 -25.29 -12.54 -29.19
C GLY B 405 -24.00 -11.74 -29.14
N ILE B 406 -23.40 -11.56 -30.30
CA ILE B 406 -22.07 -10.95 -30.47
C ILE B 406 -21.86 -9.83 -29.46
N PRO B 407 -20.87 -9.92 -28.58
CA PRO B 407 -20.53 -8.78 -27.72
C PRO B 407 -20.08 -7.58 -28.54
N LEU B 408 -20.31 -6.39 -27.98
CA LEU B 408 -19.80 -5.14 -28.52
C LEU B 408 -18.57 -4.75 -27.72
N VAL B 409 -17.44 -4.56 -28.39
CA VAL B 409 -16.16 -4.31 -27.75
C VAL B 409 -15.52 -3.08 -28.38
N VAL B 410 -14.85 -2.29 -27.55
CA VAL B 410 -14.04 -1.16 -28.01
C VAL B 410 -12.58 -1.51 -27.77
N PRO B 411 -11.92 -2.19 -28.71
CA PRO B 411 -10.55 -2.64 -28.46
C PRO B 411 -9.57 -1.48 -28.34
N SER B 412 -8.51 -1.72 -27.57
CA SER B 412 -7.44 -0.76 -27.41
C SER B 412 -6.42 -0.95 -28.54
N VAL B 413 -5.33 -0.19 -28.49
CA VAL B 413 -4.32 -0.30 -29.54
C VAL B 413 -3.62 -1.65 -29.48
N LEU B 414 -3.48 -2.22 -28.28
CA LEU B 414 -2.78 -3.50 -28.13
C LEU B 414 -3.57 -4.67 -28.70
N GLU B 415 -4.89 -4.54 -28.86
CA GLU B 415 -5.71 -5.63 -29.37
C GLU B 415 -5.82 -5.62 -30.89
N GLN B 416 -5.15 -4.69 -31.57
CA GLN B 416 -5.12 -4.62 -33.02
C GLN B 416 -3.67 -4.69 -33.49
N TYR B 417 -3.41 -5.58 -34.45
CA TYR B 417 -2.05 -5.75 -34.94
C TYR B 417 -1.55 -4.51 -35.65
N GLN B 418 -2.45 -3.72 -36.22
CA GLN B 418 -2.09 -2.51 -36.95
C GLN B 418 -1.83 -1.31 -36.04
N THR B 419 -2.02 -1.46 -34.72
CA THR B 419 -1.74 -0.39 -33.78
C THR B 419 -1.02 -0.88 -32.52
N ALA B 420 -0.71 -2.17 -32.42
CA ALA B 420 -0.13 -2.70 -31.18
C ALA B 420 1.26 -2.13 -30.92
N LEU B 421 2.08 -1.99 -31.97
CA LEU B 421 3.47 -1.62 -31.80
C LEU B 421 3.65 -0.20 -31.27
N ARG B 422 2.59 0.62 -31.25
CA ARG B 422 2.71 1.97 -30.73
C ARG B 422 2.87 1.99 -29.21
N ASP B 423 2.59 0.87 -28.52
CA ASP B 423 2.56 0.87 -27.06
C ASP B 423 3.79 0.15 -26.51
N PRO B 424 4.56 0.76 -25.60
CA PRO B 424 5.70 0.04 -25.00
C PRO B 424 5.30 -1.24 -24.27
N ALA B 425 4.08 -1.32 -23.75
CA ALA B 425 3.65 -2.53 -23.06
C ALA B 425 3.79 -3.76 -23.94
N TYR B 426 3.59 -3.62 -25.24
CA TYR B 426 3.80 -4.74 -26.15
C TYR B 426 5.24 -5.23 -26.08
N TYR B 427 6.20 -4.30 -26.11
CA TYR B 427 7.60 -4.69 -26.05
C TYR B 427 7.93 -5.32 -24.70
N MET B 428 7.31 -4.82 -23.62
CA MET B 428 7.53 -5.42 -22.30
C MET B 428 7.03 -6.86 -22.26
N ILE B 429 5.83 -7.09 -22.79
CA ILE B 429 5.26 -8.44 -22.80
C ILE B 429 6.12 -9.37 -23.64
N MET B 430 6.54 -8.90 -24.82
CA MET B 430 7.39 -9.73 -25.67
C MET B 430 8.74 -9.98 -25.02
N LYS B 431 9.24 -9.03 -24.21
CA LYS B 431 10.47 -9.27 -23.47
C LYS B 431 10.28 -10.38 -22.43
N ARG B 432 9.12 -10.41 -21.78
CA ARG B 432 8.83 -11.52 -20.86
C ARG B 432 8.79 -12.85 -21.60
N VAL B 433 8.11 -12.89 -22.75
CA VAL B 433 8.05 -14.13 -23.52
C VAL B 433 9.44 -14.53 -23.97
N LEU B 434 10.28 -13.56 -24.33
CA LEU B 434 11.65 -13.84 -24.72
C LEU B 434 12.49 -14.31 -23.53
N LYS B 435 12.16 -13.86 -22.32
CA LYS B 435 12.79 -14.44 -21.14
C LYS B 435 12.47 -15.92 -21.03
N LEU B 436 11.21 -16.29 -21.29
CA LEU B 436 10.85 -17.71 -21.32
C LEU B 436 11.65 -18.46 -22.38
N PHE B 437 11.74 -17.87 -23.58
CA PHE B 437 12.48 -18.51 -24.67
C PHE B 437 13.96 -18.66 -24.32
N ASN B 438 14.54 -17.65 -23.66
CA ASN B 438 15.94 -17.71 -23.26
C ASN B 438 16.14 -18.77 -22.19
N LEU B 439 15.17 -18.93 -21.29
CA LEU B 439 15.24 -20.03 -20.34
C LEU B 439 15.30 -21.37 -21.06
N TRP B 440 14.44 -21.54 -22.07
CA TRP B 440 14.47 -22.80 -22.83
C TRP B 440 15.81 -22.99 -23.53
N HIS B 441 16.31 -21.94 -24.18
CA HIS B 441 17.58 -22.07 -24.91
C HIS B 441 18.75 -22.33 -23.97
N GLU B 442 18.68 -21.82 -22.74
CA GLU B 442 19.77 -22.03 -21.80
C GLU B 442 19.93 -23.50 -21.46
N HIS B 443 18.83 -24.23 -21.34
CA HIS B 443 18.90 -25.66 -21.04
C HIS B 443 19.54 -26.47 -22.16
N LEU B 444 19.64 -25.92 -23.36
CA LEU B 444 20.24 -26.65 -24.46
C LEU B 444 21.76 -26.67 -24.33
N PRO B 445 22.42 -27.71 -24.84
CA PRO B 445 23.89 -27.73 -24.81
C PRO B 445 24.47 -26.64 -25.68
N HIS B 446 25.60 -26.09 -25.24
CA HIS B 446 26.29 -25.06 -26.00
C HIS B 446 26.94 -25.65 -27.25
N TYR B 447 27.11 -24.81 -28.27
CA TYR B 447 27.73 -25.25 -29.50
C TYR B 447 29.18 -25.66 -29.25
N THR B 448 29.64 -26.63 -30.03
CA THR B 448 31.00 -27.13 -29.94
C THR B 448 31.90 -26.43 -30.95
N THR B 449 33.20 -26.73 -30.86
CA THR B 449 34.17 -26.20 -31.81
C THR B 449 34.11 -26.89 -33.17
N LYS B 450 33.32 -27.96 -33.28
CA LYS B 450 33.10 -28.66 -34.54
C LYS B 450 31.87 -28.15 -35.28
N GLU B 451 30.78 -27.88 -34.55
CA GLU B 451 29.59 -27.31 -35.19
C GLU B 451 29.80 -25.87 -35.61
N LEU B 452 30.67 -25.14 -34.91
CA LEU B 452 30.81 -23.70 -35.07
C LEU B 452 32.07 -23.30 -35.84
N SER B 453 32.79 -24.25 -36.42
CA SER B 453 34.05 -23.97 -37.10
C SER B 453 34.01 -24.48 -38.53
N VAL B 454 34.67 -23.75 -39.41
CA VAL B 454 34.86 -24.13 -40.81
C VAL B 454 36.34 -24.34 -41.04
N PRO B 455 36.76 -25.50 -41.58
CA PRO B 455 38.21 -25.76 -41.72
C PRO B 455 38.89 -24.74 -42.62
N SER B 456 39.98 -24.16 -42.11
CA SER B 456 40.89 -23.35 -42.93
C SER B 456 40.16 -22.21 -43.62
N VAL B 457 39.48 -21.38 -42.83
CA VAL B 457 38.88 -20.14 -43.31
C VAL B 457 39.07 -19.10 -42.21
N LYS B 458 40.00 -18.18 -42.41
CA LYS B 458 40.35 -17.17 -41.43
C LYS B 458 39.99 -15.79 -41.96
N ILE B 459 39.26 -15.02 -41.16
CA ILE B 459 38.91 -13.66 -41.52
C ILE B 459 40.02 -12.72 -41.06
N GLU B 460 40.49 -11.87 -41.98
CA GLU B 460 41.61 -10.96 -41.68
C GLU B 460 41.10 -9.62 -41.15
N LYS B 461 40.30 -8.92 -41.96
CA LYS B 461 39.81 -7.60 -41.59
C LYS B 461 38.44 -7.36 -42.20
N VAL B 462 37.62 -6.60 -41.48
CA VAL B 462 36.28 -6.20 -41.91
C VAL B 462 36.19 -4.69 -41.74
N GLU B 463 35.67 -4.01 -42.76
CA GLU B 463 35.57 -2.55 -42.75
C GLU B 463 34.35 -2.09 -43.51
N VAL B 464 33.58 -1.19 -42.91
CA VAL B 464 32.44 -0.56 -43.58
C VAL B 464 32.83 0.84 -44.01
N ASP B 465 32.25 1.30 -45.12
CA ASP B 465 32.64 2.59 -45.67
C ASP B 465 32.12 3.74 -44.81
N LYS B 466 30.87 3.65 -44.36
CA LYS B 466 30.25 4.74 -43.60
C LYS B 466 28.87 4.27 -43.15
N LEU B 467 28.39 4.84 -42.05
CA LEU B 467 27.06 4.56 -41.52
C LEU B 467 26.44 5.89 -41.11
N LEU B 468 25.57 6.45 -41.96
CA LEU B 468 24.95 7.73 -41.74
C LEU B 468 23.44 7.60 -41.85
N THR B 469 22.71 8.37 -41.03
CA THR B 469 21.26 8.35 -41.03
C THR B 469 20.74 9.79 -41.07
N TYR B 470 19.56 9.96 -41.67
CA TYR B 470 18.96 11.27 -41.84
C TYR B 470 17.44 11.14 -41.86
N PHE B 471 16.77 12.23 -41.49
CA PHE B 471 15.31 12.30 -41.54
C PHE B 471 14.87 12.92 -42.86
N GLU B 472 13.77 12.39 -43.40
CA GLU B 472 13.23 12.85 -44.67
C GLU B 472 11.71 12.89 -44.59
N TYR B 473 11.11 13.56 -45.56
CA TYR B 473 9.66 13.68 -45.63
C TYR B 473 9.09 12.65 -46.60
N THR B 474 7.88 12.18 -46.29
CA THR B 474 7.16 11.26 -47.15
C THR B 474 5.68 11.62 -47.10
N ASN B 475 4.97 11.22 -48.15
CA ASN B 475 3.56 11.56 -48.32
C ASN B 475 2.73 10.29 -48.37
N PHE B 476 1.63 10.27 -47.61
CA PHE B 476 0.70 9.16 -47.59
C PHE B 476 -0.66 9.63 -48.08
N ASN B 477 -1.40 8.76 -48.77
CA ASN B 477 -2.71 9.09 -49.37
C ASN B 477 -3.80 8.61 -48.44
N VAL B 478 -4.64 9.50 -47.93
CA VAL B 478 -5.71 9.20 -47.00
C VAL B 478 -7.04 9.62 -47.61
N THR B 479 -7.12 9.62 -48.94
CA THR B 479 -8.35 10.00 -49.62
C THR B 479 -9.46 8.97 -49.44
N ASN B 480 -9.11 7.72 -49.15
CA ASN B 480 -10.13 6.67 -49.06
C ASN B 480 -11.01 6.82 -47.84
N HIS B 481 -10.60 7.60 -46.84
CA HIS B 481 -11.44 7.87 -45.68
C HIS B 481 -12.49 8.93 -45.98
N LEU B 482 -12.16 9.89 -46.85
CA LEU B 482 -13.10 10.96 -47.19
C LEU B 482 -14.37 10.39 -47.81
N HIS B 483 -15.52 10.86 -47.33
CA HIS B 483 -16.82 10.47 -47.87
C HIS B 483 -17.19 11.42 -49.01
N LEU B 484 -16.60 11.17 -50.17
CA LEU B 484 -16.83 12.01 -51.33
C LEU B 484 -18.29 11.92 -51.75
N ASN B 485 -18.87 13.07 -52.11
CA ASN B 485 -20.23 13.14 -52.60
C ASN B 485 -20.22 13.47 -54.09
N GLU B 486 -20.97 12.71 -54.87
CA GLU B 486 -21.00 12.86 -56.33
C GLU B 486 -19.58 12.75 -56.91
N LYS B 496 -11.37 15.17 -54.45
CA LYS B 496 -9.96 15.57 -54.37
C LYS B 496 -9.11 14.48 -53.74
N SER B 497 -7.82 14.77 -53.57
CA SER B 497 -6.87 13.79 -53.04
C SER B 497 -6.06 14.49 -51.95
N VAL B 498 -6.45 14.24 -50.70
CA VAL B 498 -5.75 14.79 -49.54
C VAL B 498 -4.63 13.84 -49.14
N LEU B 499 -3.46 14.40 -48.85
CA LEU B 499 -2.29 13.63 -48.45
C LEU B 499 -1.78 14.13 -47.12
N VAL B 500 -0.97 13.31 -46.47
CA VAL B 500 -0.41 13.61 -45.16
C VAL B 500 1.11 13.49 -45.24
N GLN B 501 1.81 14.49 -44.73
CA GLN B 501 3.27 14.52 -44.75
C GLN B 501 3.80 14.04 -43.41
N ARG B 502 4.73 13.11 -43.43
CA ARG B 502 5.30 12.50 -42.24
C ARG B 502 6.82 12.47 -42.35
N THR B 503 7.46 12.48 -41.19
CA THR B 503 8.92 12.42 -41.11
C THR B 503 9.35 11.00 -40.80
N ARG B 504 10.32 10.49 -41.55
CA ARG B 504 10.80 9.13 -41.38
C ARG B 504 12.32 9.11 -41.42
N LEU B 505 12.88 8.07 -40.80
CA LEU B 505 14.32 7.86 -40.79
C LEU B 505 14.75 7.10 -42.03
N ASN B 506 15.99 7.35 -42.47
CA ASN B 506 16.55 6.65 -43.62
C ASN B 506 18.06 6.69 -43.49
N HIS B 507 18.72 5.86 -44.30
CA HIS B 507 20.16 5.74 -44.27
C HIS B 507 20.72 5.76 -45.69
N LYS B 508 21.97 6.21 -45.80
CA LYS B 508 22.67 6.19 -47.08
C LYS B 508 23.25 4.81 -47.34
N VAL B 509 23.40 4.49 -48.63
CA VAL B 509 23.93 3.19 -49.02
C VAL B 509 25.32 3.02 -48.44
N PHE B 510 25.57 1.84 -47.85
CA PHE B 510 26.85 1.53 -47.23
C PHE B 510 27.37 0.21 -47.78
N THR B 511 28.69 0.09 -47.82
CA THR B 511 29.37 -1.09 -48.32
C THR B 511 30.26 -1.69 -47.24
N VAL B 512 30.18 -3.01 -47.09
CA VAL B 512 30.99 -3.75 -46.13
C VAL B 512 31.97 -4.63 -46.91
N ARG B 513 33.25 -4.44 -46.65
CA ARG B 513 34.31 -5.19 -47.32
C ARG B 513 35.11 -5.96 -46.30
N VAL B 514 35.26 -7.26 -46.54
CA VAL B 514 36.00 -8.15 -45.65
C VAL B 514 36.98 -8.98 -46.47
N ASN B 515 38.18 -9.16 -45.92
CA ASN B 515 39.22 -10.00 -46.51
C ASN B 515 39.35 -11.27 -45.69
N VAL B 516 39.41 -12.42 -46.37
CA VAL B 516 39.39 -13.72 -45.70
C VAL B 516 40.34 -14.67 -46.41
N LYS B 517 41.10 -15.44 -45.63
CA LYS B 517 41.77 -16.62 -46.14
C LYS B 517 40.77 -17.75 -46.30
N SER B 518 40.92 -18.52 -47.38
CA SER B 518 39.90 -19.48 -47.78
C SER B 518 40.33 -20.94 -47.69
N GLY B 519 41.62 -21.21 -47.51
CA GLY B 519 42.09 -22.58 -47.59
C GLY B 519 41.88 -23.13 -48.99
N VAL B 520 40.95 -24.07 -49.13
CA VAL B 520 40.58 -24.63 -50.42
C VAL B 520 39.25 -24.00 -50.86
N ALA B 521 38.93 -24.20 -52.13
CA ALA B 521 37.71 -23.60 -52.68
C ALA B 521 36.48 -24.19 -52.00
N LYS B 522 35.48 -23.33 -51.80
CA LYS B 522 34.27 -23.73 -51.09
C LYS B 522 33.11 -22.84 -51.52
N HIS B 523 31.91 -23.30 -51.19
CA HIS B 523 30.69 -22.50 -51.32
C HIS B 523 30.18 -22.21 -49.91
N VAL B 524 30.21 -20.94 -49.52
CA VAL B 524 30.00 -20.55 -48.13
C VAL B 524 28.85 -19.56 -48.04
N THR B 525 28.35 -19.40 -46.82
CA THR B 525 27.31 -18.43 -46.47
C THR B 525 27.88 -17.46 -45.46
N VAL B 526 27.61 -16.17 -45.67
CA VAL B 526 28.10 -15.09 -44.81
C VAL B 526 26.89 -14.39 -44.20
N ARG B 527 26.91 -14.23 -42.88
CA ARG B 527 25.87 -13.54 -42.12
C ARG B 527 26.49 -12.38 -41.35
N PHE B 528 25.81 -11.23 -41.38
CA PHE B 528 26.22 -10.05 -40.63
C PHE B 528 25.24 -9.80 -39.50
N PHE B 529 25.76 -9.53 -38.30
CA PHE B 529 24.96 -9.19 -37.13
C PHE B 529 25.42 -7.85 -36.57
N LEU B 530 24.46 -7.07 -36.06
CA LEU B 530 24.75 -5.76 -35.47
C LEU B 530 24.21 -5.73 -34.05
N ALA B 531 24.99 -5.20 -33.13
CA ALA B 531 24.61 -5.12 -31.73
C ALA B 531 25.14 -3.82 -31.13
N PRO B 532 24.58 -3.39 -30.00
CA PRO B 532 25.19 -2.27 -29.26
C PRO B 532 26.42 -2.73 -28.49
N LYS B 533 27.28 -1.75 -28.19
CA LYS B 533 28.52 -2.02 -27.48
C LYS B 533 28.48 -1.59 -26.02
N TYR B 534 27.71 -0.55 -25.69
CA TYR B 534 27.59 -0.10 -24.32
C TYR B 534 26.12 -0.03 -23.94
N ASP B 535 25.84 -0.29 -22.67
CA ASP B 535 24.48 -0.28 -22.16
C ASP B 535 24.10 1.16 -21.78
N SER B 536 22.96 1.31 -21.10
CA SER B 536 22.45 2.63 -20.77
C SER B 536 23.32 3.37 -19.75
N VAL B 537 24.19 2.67 -19.02
CA VAL B 537 24.98 3.29 -17.97
C VAL B 537 26.42 3.55 -18.39
N GLY B 538 27.01 2.70 -19.24
CA GLY B 538 28.34 2.91 -19.76
C GLY B 538 29.25 1.70 -19.75
N ASN B 539 28.88 0.60 -19.10
CA ASN B 539 29.74 -0.58 -19.06
C ASN B 539 29.59 -1.38 -20.35
N GLU B 540 30.72 -1.90 -20.83
CA GLU B 540 30.69 -2.72 -22.05
C GLU B 540 29.93 -4.01 -21.77
N ILE B 541 29.00 -4.33 -22.66
CA ILE B 541 28.10 -5.47 -22.44
C ILE B 541 28.85 -6.76 -22.79
N PRO B 542 28.90 -7.74 -21.90
CA PRO B 542 29.58 -9.00 -22.24
C PRO B 542 28.92 -9.71 -23.40
N LEU B 543 29.72 -10.47 -24.14
CA LEU B 543 29.24 -11.10 -25.37
C LEU B 543 28.05 -12.02 -25.11
N ASN B 544 28.04 -12.70 -23.97
CA ASN B 544 26.93 -13.61 -23.68
C ASN B 544 25.61 -12.86 -23.60
N VAL B 545 25.60 -11.69 -22.94
CA VAL B 545 24.39 -10.89 -22.89
C VAL B 545 24.06 -10.32 -24.26
N ASN B 546 25.08 -9.84 -24.98
CA ASN B 546 24.85 -9.29 -26.31
C ASN B 546 24.31 -10.33 -27.28
N THR B 547 24.47 -11.61 -26.98
CA THR B 547 23.95 -12.66 -27.86
C THR B 547 22.45 -12.48 -28.09
N GLN B 548 21.73 -11.95 -27.10
CA GLN B 548 20.30 -11.71 -27.25
C GLN B 548 20.00 -10.40 -27.96
N ASN B 549 20.99 -9.55 -28.20
CA ASN B 549 20.79 -8.24 -28.80
C ASN B 549 21.36 -8.15 -30.22
N PHE B 550 21.81 -9.26 -30.79
CA PHE B 550 22.39 -9.24 -32.13
C PHE B 550 21.27 -9.22 -33.17
N LEU B 551 21.30 -8.23 -34.05
CA LEU B 551 20.30 -8.07 -35.10
C LEU B 551 20.91 -8.50 -36.43
N LEU B 552 20.28 -9.49 -37.07
CA LEU B 552 20.74 -9.96 -38.38
C LEU B 552 20.36 -8.94 -39.43
N ILE B 553 21.36 -8.41 -40.15
CA ILE B 553 21.13 -7.38 -41.16
C ILE B 553 21.36 -7.88 -42.57
N ASP B 554 22.05 -8.99 -42.77
CA ASP B 554 22.31 -9.49 -44.11
C ASP B 554 22.78 -10.93 -44.05
N ILE B 555 22.40 -11.70 -45.06
CA ILE B 555 22.83 -13.09 -45.22
C ILE B 555 22.89 -13.38 -46.72
N PHE B 556 24.01 -13.94 -47.17
CA PHE B 556 24.17 -14.17 -48.61
C PHE B 556 25.16 -15.30 -48.85
N ASN B 557 25.19 -15.77 -50.10
CA ASN B 557 26.08 -16.83 -50.52
C ASN B 557 27.32 -16.27 -51.20
N TYR B 558 28.35 -17.10 -51.27
CA TYR B 558 29.56 -16.74 -52.00
C TYR B 558 30.32 -18.02 -52.33
N GLU B 559 31.21 -17.92 -53.31
CA GLU B 559 32.10 -19.01 -53.69
C GLU B 559 33.53 -18.55 -53.42
N LEU B 560 34.09 -19.03 -52.31
CA LEU B 560 35.45 -18.67 -51.94
C LEU B 560 36.45 -19.48 -52.75
N LYS B 561 37.41 -18.79 -53.34
CA LYS B 561 38.45 -19.40 -54.16
C LYS B 561 39.57 -19.93 -53.25
N GLU B 562 40.77 -20.13 -53.78
CA GLU B 562 41.91 -20.58 -52.98
C GLU B 562 42.89 -19.43 -52.80
N GLY B 563 43.19 -19.11 -51.54
CA GLY B 563 44.15 -18.08 -51.24
C GLY B 563 43.50 -16.85 -50.61
N ASP B 564 43.63 -15.71 -51.27
CA ASP B 564 43.05 -14.46 -50.79
C ASP B 564 41.75 -14.17 -51.53
N ASN B 565 40.76 -13.67 -50.82
CA ASN B 565 39.46 -13.35 -51.37
C ASN B 565 39.06 -11.95 -50.94
N LEU B 566 37.87 -11.53 -51.36
CA LEU B 566 37.37 -10.19 -51.05
C LEU B 566 35.85 -10.21 -51.18
N ILE B 567 35.15 -9.94 -50.09
CA ILE B 567 33.71 -9.73 -50.10
C ILE B 567 33.48 -8.22 -50.02
N THR B 568 32.60 -7.71 -50.86
CA THR B 568 32.35 -6.28 -51.01
C THR B 568 30.85 -6.00 -51.05
N ARG B 569 30.12 -6.52 -50.06
CA ARG B 569 28.67 -6.48 -50.10
C ARG B 569 28.18 -5.03 -50.02
N VAL B 570 27.17 -4.71 -50.83
CA VAL B 570 26.55 -3.40 -50.85
C VAL B 570 25.13 -3.53 -50.28
N SER B 571 24.75 -2.58 -49.43
CA SER B 571 23.46 -2.66 -48.75
C SER B 571 22.31 -2.70 -49.75
N SER B 572 22.47 -2.11 -50.94
CA SER B 572 21.39 -2.06 -51.91
C SER B 572 21.07 -3.42 -52.51
N ASP B 573 21.91 -4.44 -52.28
CA ASP B 573 21.70 -5.75 -52.86
C ASP B 573 20.97 -6.72 -51.93
N ASN B 574 20.91 -6.42 -50.63
CA ASN B 574 20.29 -7.33 -49.69
C ASN B 574 18.81 -7.52 -50.03
N LEU B 575 18.36 -8.78 -50.01
CA LEU B 575 16.97 -9.11 -50.29
C LEU B 575 16.11 -9.20 -49.04
N LEU B 576 16.71 -9.23 -47.86
CA LEU B 576 15.91 -9.30 -46.63
C LEU B 576 15.05 -8.04 -46.47
N VAL B 577 15.65 -6.88 -46.70
CA VAL B 577 14.94 -5.60 -46.61
C VAL B 577 14.54 -5.17 -48.01
N THR B 578 13.31 -4.69 -48.15
CA THR B 578 12.74 -4.31 -49.43
C THR B 578 12.43 -2.81 -49.44
N ASP B 579 12.15 -2.30 -50.64
CA ASP B 579 11.77 -0.91 -50.82
C ASP B 579 10.28 -0.75 -50.57
N GLU B 580 9.80 0.48 -50.73
CA GLU B 580 8.37 0.75 -50.53
C GLU B 580 7.54 0.06 -51.60
N ILE B 581 6.41 -0.50 -51.18
CA ILE B 581 5.48 -1.08 -52.14
C ILE B 581 4.70 0.03 -52.82
N ASP B 582 4.34 -0.21 -54.08
CA ASP B 582 3.58 0.78 -54.83
C ASP B 582 2.24 1.05 -54.14
N SER B 583 1.89 2.33 -54.03
CA SER B 583 0.65 2.71 -53.37
C SER B 583 -0.55 2.21 -54.17
N ALA B 584 -1.73 2.36 -53.58
CA ALA B 584 -2.95 1.96 -54.27
C ALA B 584 -3.13 2.74 -55.56
N SER B 585 -2.89 4.05 -55.52
CA SER B 585 -3.02 4.86 -56.72
C SER B 585 -2.02 4.43 -57.79
N VAL B 586 -0.77 4.21 -57.40
CA VAL B 586 0.25 3.83 -58.38
C VAL B 586 -0.10 2.48 -59.00
N LEU B 587 -0.47 1.51 -58.18
CA LEU B 587 -0.83 0.20 -58.70
C LEU B 587 -2.04 0.28 -59.62
N PHE B 588 -3.05 1.06 -59.22
CA PHE B 588 -4.23 1.23 -60.06
C PHE B 588 -3.85 1.84 -61.40
N ASN B 589 -2.97 2.84 -61.40
CA ASN B 589 -2.55 3.46 -62.65
C ASN B 589 -1.82 2.44 -63.54
N LYS B 590 -0.86 1.72 -62.97
CA LYS B 590 -0.08 0.77 -63.78
C LYS B 590 -0.96 -0.35 -64.31
N VAL B 591 -2.02 -0.71 -63.59
CA VAL B 591 -2.90 -1.78 -64.05
C VAL B 591 -3.86 -1.26 -65.12
N ASP B 592 -4.61 -0.20 -64.81
CA ASP B 592 -5.60 0.30 -65.74
C ASP B 592 -4.97 0.82 -67.02
N SER B 593 -3.74 1.33 -66.95
CA SER B 593 -3.07 1.81 -68.16
C SER B 593 -2.90 0.68 -69.17
N ALA B 594 -2.50 -0.50 -68.70
CA ALA B 594 -2.31 -1.65 -69.56
C ALA B 594 -3.64 -2.29 -69.92
N LEU B 603 4.86 -8.21 -61.48
CA LEU B 603 6.05 -7.95 -62.28
C LEU B 603 7.30 -7.93 -61.41
N ASN B 604 7.49 -6.85 -60.66
CA ASN B 604 8.66 -6.76 -59.78
C ASN B 604 8.58 -7.79 -58.67
N MET B 605 9.72 -8.38 -58.34
CA MET B 605 9.81 -9.38 -57.28
C MET B 605 10.63 -8.91 -56.09
N LYS B 606 10.94 -7.61 -56.02
CA LYS B 606 11.68 -7.04 -54.91
C LYS B 606 10.75 -6.38 -53.89
N GLN B 607 9.46 -6.71 -53.91
CA GLN B 607 8.47 -6.13 -53.01
C GLN B 607 7.53 -7.24 -52.55
N ASN B 608 7.84 -7.82 -51.40
CA ASN B 608 6.97 -8.81 -50.76
C ASN B 608 6.45 -8.24 -49.44
N ILE B 609 5.21 -8.57 -49.11
CA ILE B 609 4.57 -7.99 -47.93
C ILE B 609 5.18 -8.46 -46.63
N LEU B 610 6.02 -9.49 -46.66
CA LEU B 610 6.60 -10.08 -45.46
C LEU B 610 8.09 -9.76 -45.30
N LYS B 611 8.50 -8.55 -45.66
CA LYS B 611 9.88 -8.12 -45.52
C LYS B 611 9.96 -6.77 -44.84
N THR B 612 11.02 -6.60 -44.04
CA THR B 612 11.21 -5.35 -43.32
C THR B 612 11.50 -4.21 -44.30
N PRO B 613 10.95 -3.02 -44.07
CA PRO B 613 11.30 -1.87 -44.91
C PRO B 613 12.79 -1.54 -44.78
N ARG B 614 13.38 -1.09 -45.89
CA ARG B 614 14.81 -0.83 -45.92
C ARG B 614 15.19 0.32 -44.98
N HIS B 615 14.38 1.38 -44.95
CA HIS B 615 14.75 2.57 -44.19
C HIS B 615 14.74 2.35 -42.68
N LEU B 616 14.19 1.24 -42.20
CA LEU B 616 14.20 0.92 -40.77
C LEU B 616 15.31 -0.07 -40.39
N LEU B 617 16.20 -0.39 -41.33
CA LEU B 617 17.23 -1.39 -41.05
C LEU B 617 18.26 -0.90 -40.06
N LEU B 618 18.71 0.35 -40.20
CA LEU B 618 19.87 0.82 -39.47
C LEU B 618 19.44 1.74 -38.33
N PRO B 619 20.02 1.60 -37.13
CA PRO B 619 19.70 2.52 -36.04
C PRO B 619 20.13 3.94 -36.35
N LYS B 620 19.42 4.90 -35.74
CA LYS B 620 19.70 6.31 -35.98
C LYS B 620 21.11 6.68 -35.57
N GLY B 621 21.51 6.29 -34.35
CA GLY B 621 22.80 6.68 -33.82
C GLY B 621 22.76 8.02 -33.12
N ARG B 622 23.89 8.73 -33.11
CA ARG B 622 23.97 10.04 -32.49
C ARG B 622 24.81 10.96 -33.37
N VAL B 623 24.60 12.26 -33.19
CA VAL B 623 25.45 13.25 -33.85
C VAL B 623 26.81 13.22 -33.17
N GLY B 624 27.85 12.95 -33.95
CA GLY B 624 29.19 12.76 -33.42
C GLY B 624 29.62 11.31 -33.35
N GLY B 625 28.71 10.38 -33.52
CA GLY B 625 29.04 8.96 -33.58
C GLY B 625 28.54 8.20 -32.37
N MET B 626 27.96 7.02 -32.62
CA MET B 626 27.52 6.11 -31.57
C MET B 626 28.17 4.76 -31.85
N PRO B 627 28.86 4.16 -30.87
CA PRO B 627 29.57 2.90 -31.13
C PRO B 627 28.61 1.72 -31.21
N PHE B 628 28.89 0.82 -32.16
CA PHE B 628 28.17 -0.43 -32.33
C PHE B 628 29.18 -1.52 -32.68
N VAL B 629 28.72 -2.77 -32.64
CA VAL B 629 29.56 -3.94 -32.89
C VAL B 629 28.97 -4.71 -34.06
N LEU B 630 29.78 -4.94 -35.09
CA LEU B 630 29.44 -5.78 -36.21
C LEU B 630 30.11 -7.14 -36.05
N MET B 631 29.41 -8.19 -36.48
CA MET B 631 29.90 -9.56 -36.38
C MET B 631 29.69 -10.24 -37.72
N VAL B 632 30.78 -10.70 -38.32
CA VAL B 632 30.76 -11.40 -39.60
C VAL B 632 31.01 -12.87 -39.32
N TYR B 633 30.08 -13.73 -39.74
CA TYR B 633 30.19 -15.17 -39.54
C TYR B 633 30.07 -15.88 -40.88
N ILE B 634 31.00 -16.80 -41.15
CA ILE B 634 31.04 -17.56 -42.39
C ILE B 634 30.88 -19.03 -42.04
N SER B 635 29.99 -19.72 -42.76
CA SER B 635 29.74 -21.13 -42.53
C SER B 635 29.57 -21.83 -43.88
N GLU B 636 29.46 -23.16 -43.83
CA GLU B 636 29.25 -23.93 -45.04
C GLU B 636 27.84 -23.69 -45.59
N TYR B 637 27.69 -23.87 -46.91
CA TYR B 637 26.39 -23.79 -47.55
C TYR B 637 25.75 -25.18 -47.46
N HIS B 638 24.95 -25.37 -46.42
CA HIS B 638 24.15 -26.59 -46.26
C HIS B 638 22.87 -26.41 -47.07
N ALA B 639 22.81 -27.06 -48.23
CA ALA B 639 21.69 -26.85 -49.14
C ALA B 639 20.38 -27.24 -48.45
N PRO B 640 19.34 -26.38 -48.51
CA PRO B 640 18.04 -26.69 -47.90
C PRO B 640 17.49 -28.04 -48.36
N ILE B 653 4.77 -16.98 -53.90
CA ILE B 653 5.47 -15.70 -53.83
C ILE B 653 4.88 -14.85 -52.71
N ASP B 654 3.58 -15.01 -52.46
CA ASP B 654 2.92 -14.23 -51.42
C ASP B 654 3.56 -14.49 -50.06
N ASN B 655 3.75 -15.77 -49.71
CA ASN B 655 4.37 -16.16 -48.45
C ASN B 655 5.44 -17.21 -48.77
N THR B 656 6.66 -16.74 -49.06
CA THR B 656 7.74 -17.62 -49.46
C THR B 656 9.06 -17.07 -48.93
N ILE B 657 9.66 -17.80 -47.99
CA ILE B 657 10.97 -17.43 -47.45
C ILE B 657 11.68 -18.70 -47.01
N ARG B 658 12.88 -18.93 -47.55
CA ARG B 658 13.66 -20.11 -47.19
C ARG B 658 15.13 -19.81 -47.40
N LEU B 659 15.95 -20.28 -46.46
CA LEU B 659 17.40 -20.13 -46.53
C LEU B 659 18.02 -21.48 -46.17
N THR B 660 19.33 -21.50 -46.04
CA THR B 660 20.05 -22.73 -45.68
C THR B 660 19.42 -23.35 -44.43
N SER B 661 19.26 -24.67 -44.47
CA SER B 661 18.56 -25.39 -43.40
C SER B 661 19.38 -25.29 -42.11
N ASP B 662 18.93 -24.45 -41.20
CA ASP B 662 19.59 -24.24 -39.91
C ASP B 662 18.76 -23.27 -39.08
N THR B 663 18.96 -23.24 -37.77
CA THR B 663 18.22 -22.34 -36.92
C THR B 663 18.42 -20.89 -37.39
N LEU B 664 17.31 -20.16 -37.48
CA LEU B 664 17.35 -18.81 -38.05
C LEU B 664 18.35 -17.91 -37.33
N GLY B 665 18.43 -18.04 -36.01
CA GLY B 665 19.30 -17.19 -35.22
C GLY B 665 20.69 -17.76 -35.02
N PHE B 666 21.06 -18.74 -35.85
CA PHE B 666 22.38 -19.34 -35.72
C PHE B 666 23.45 -18.31 -36.05
N PRO B 667 24.54 -18.24 -35.27
CA PRO B 667 24.84 -18.97 -34.02
C PRO B 667 24.55 -18.15 -32.76
N VAL B 668 23.61 -17.22 -32.82
CA VAL B 668 23.30 -16.35 -31.68
C VAL B 668 22.03 -16.76 -30.98
N ASP B 669 21.41 -17.88 -31.38
CA ASP B 669 20.24 -18.36 -30.68
C ASP B 669 20.59 -18.89 -29.30
N ARG B 670 21.72 -19.60 -29.18
CA ARG B 670 22.20 -20.09 -27.90
C ARG B 670 23.25 -19.14 -27.33
N PRO B 671 23.41 -19.10 -26.01
CA PRO B 671 24.42 -18.22 -25.43
C PRO B 671 25.82 -18.57 -25.93
N LEU B 672 26.63 -17.55 -26.14
CA LEU B 672 27.98 -17.70 -26.67
C LEU B 672 28.97 -17.01 -25.73
N PHE B 673 30.13 -17.64 -25.54
CA PHE B 673 31.14 -17.13 -24.62
C PHE B 673 32.47 -16.94 -25.35
N PRO B 674 33.29 -15.98 -24.92
CA PRO B 674 34.59 -15.78 -25.59
C PRO B 674 35.49 -17.00 -25.56
N TRP B 675 35.47 -17.77 -24.46
CA TRP B 675 36.43 -18.86 -24.32
C TRP B 675 36.16 -20.02 -25.28
N MET B 676 34.94 -20.12 -25.81
CA MET B 676 34.61 -21.17 -26.76
C MET B 676 34.75 -20.71 -28.20
N LEU B 677 35.19 -19.47 -28.42
CA LEU B 677 35.45 -18.96 -29.76
C LEU B 677 36.93 -19.05 -30.14
N THR B 678 37.75 -19.68 -29.30
CA THR B 678 39.15 -19.92 -29.63
C THR B 678 39.24 -21.20 -30.45
N GLY B 679 39.85 -21.11 -31.63
CA GLY B 679 39.82 -22.17 -32.60
C GLY B 679 38.80 -22.00 -33.70
N VAL B 680 37.88 -21.06 -33.53
CA VAL B 680 36.89 -20.71 -34.54
C VAL B 680 37.34 -19.40 -35.16
N GLU B 681 37.97 -19.47 -36.33
CA GLU B 681 38.54 -18.30 -36.98
C GLU B 681 37.61 -17.67 -38.02
N ASN B 682 36.55 -18.35 -38.41
CA ASN B 682 35.63 -17.84 -39.42
C ASN B 682 34.59 -16.88 -38.84
N ILE B 683 34.77 -16.42 -37.60
CA ILE B 683 33.90 -15.43 -36.98
C ILE B 683 34.74 -14.25 -36.54
N PHE B 684 34.31 -13.04 -36.89
CA PHE B 684 35.07 -11.83 -36.62
C PHE B 684 34.16 -10.77 -36.03
N LEU B 685 34.65 -10.09 -35.00
CA LEU B 685 33.91 -9.03 -34.30
C LEU B 685 34.66 -7.71 -34.49
N GLN B 686 34.07 -6.79 -35.23
CA GLN B 686 34.62 -5.46 -35.45
C GLN B 686 33.75 -4.41 -34.77
N ASP B 687 34.31 -3.23 -34.58
CA ASP B 687 33.59 -2.10 -34.01
C ASP B 687 33.40 -1.02 -35.07
N VAL B 688 32.22 -0.38 -35.03
CA VAL B 688 31.86 0.65 -36.00
C VAL B 688 31.19 1.79 -35.24
N GLN B 689 30.96 2.90 -35.96
CA GLN B 689 30.27 4.05 -35.41
C GLN B 689 29.18 4.48 -36.37
N ILE B 690 27.98 4.68 -35.84
CA ILE B 690 26.83 5.14 -36.62
C ILE B 690 26.63 6.63 -36.34
N TYR B 691 26.49 7.42 -37.40
CA TYR B 691 26.33 8.86 -37.30
C TYR B 691 24.94 9.27 -37.75
N HIS B 692 24.48 10.39 -37.22
CA HIS B 692 23.20 10.99 -37.60
C HIS B 692 23.46 12.36 -38.19
N LYS B 693 22.87 12.62 -39.35
CA LYS B 693 23.01 13.93 -40.00
C LYS B 693 21.88 14.84 -39.50
N PRO B 694 22.18 15.91 -38.76
CA PRO B 694 21.10 16.74 -38.23
C PRO B 694 20.58 17.72 -39.26
N THR B 695 19.27 17.94 -39.21
CA THR B 695 18.60 18.85 -40.14
C THR B 695 17.42 19.53 -39.46
N THR C 31 57.12 -39.56 8.33
CA THR C 31 57.15 -38.42 7.42
C THR C 31 55.90 -37.55 7.58
N VAL C 32 55.09 -37.87 8.59
CA VAL C 32 53.86 -37.12 8.82
C VAL C 32 54.18 -35.68 9.20
N LEU C 33 55.18 -35.49 10.06
CA LEU C 33 55.46 -34.16 10.60
C LEU C 33 55.90 -33.20 9.50
N ASP C 34 56.81 -33.62 8.63
CA ASP C 34 57.30 -32.73 7.58
C ASP C 34 56.20 -32.39 6.58
N ARG C 35 55.39 -33.39 6.20
CA ARG C 35 54.29 -33.12 5.28
C ARG C 35 53.30 -32.14 5.90
N GLN C 36 52.97 -32.33 7.17
CA GLN C 36 52.06 -31.42 7.86
C GLN C 36 52.66 -30.02 7.93
N TYR C 37 53.97 -29.93 8.16
CA TYR C 37 54.63 -28.63 8.22
C TYR C 37 54.53 -27.91 6.87
N LYS C 38 54.78 -28.63 5.78
CA LYS C 38 54.68 -28.02 4.45
C LYS C 38 53.25 -27.58 4.17
N LEU C 39 52.27 -28.42 4.48
CA LEU C 39 50.88 -28.05 4.22
C LEU C 39 50.47 -26.87 5.08
N LEU C 40 51.00 -26.76 6.30
CA LEU C 40 50.76 -25.57 7.11
C LEU C 40 51.39 -24.34 6.47
N THR C 41 52.63 -24.47 5.98
CA THR C 41 53.26 -23.33 5.30
C THR C 41 52.41 -22.88 4.12
N LEU C 42 51.67 -23.81 3.51
CA LEU C 42 50.73 -23.42 2.47
C LEU C 42 49.60 -22.54 3.00
N PHE C 43 49.42 -22.44 4.32
CA PHE C 43 48.37 -21.64 4.94
C PHE C 43 48.95 -20.60 5.88
N PHE C 44 50.05 -19.94 5.48
CA PHE C 44 50.67 -18.93 6.34
C PHE C 44 50.23 -17.51 5.99
N HIS C 45 50.14 -17.17 4.71
CA HIS C 45 49.73 -15.83 4.29
C HIS C 45 49.05 -15.92 2.94
N PRO C 46 47.74 -16.15 2.92
CA PRO C 46 47.03 -16.28 1.65
C PRO C 46 47.09 -15.03 0.80
N HIS C 47 46.73 -13.88 1.37
CA HIS C 47 46.67 -12.65 0.60
C HIS C 47 48.03 -12.27 0.04
N GLU C 48 49.09 -12.40 0.84
CA GLU C 48 50.44 -12.07 0.42
C GLU C 48 51.00 -13.16 -0.48
N PRO C 49 51.97 -12.82 -1.35
CA PRO C 49 52.49 -13.83 -2.27
C PRO C 49 53.45 -14.82 -1.62
N ILE C 50 54.00 -15.74 -2.41
CA ILE C 50 54.89 -16.76 -1.86
C ILE C 50 56.20 -16.12 -1.45
N HIS C 51 56.62 -16.38 -0.21
CA HIS C 51 57.87 -15.86 0.32
C HIS C 51 58.97 -16.90 0.40
N ILE C 52 58.62 -18.19 0.45
CA ILE C 52 59.60 -19.26 0.57
C ILE C 52 60.15 -19.57 -0.82
N LYS C 53 61.48 -19.66 -0.92
CA LYS C 53 62.14 -19.67 -2.23
C LYS C 53 61.84 -20.94 -3.01
N GLU C 54 61.98 -22.11 -2.38
CA GLU C 54 61.82 -23.35 -3.13
C GLU C 54 60.40 -23.51 -3.66
N GLN C 55 59.41 -22.96 -2.94
CA GLN C 55 58.05 -22.98 -3.47
C GLN C 55 57.93 -22.10 -4.72
N GLN C 56 58.64 -20.98 -4.74
CA GLN C 56 58.71 -20.17 -5.95
C GLN C 56 59.35 -20.95 -7.09
N GLU C 57 60.42 -21.69 -6.78
CA GLU C 57 61.08 -22.50 -7.80
C GLU C 57 60.11 -23.56 -8.36
N ILE C 58 59.34 -24.20 -7.49
CA ILE C 58 58.38 -25.19 -7.95
C ILE C 58 57.31 -24.53 -8.82
N ALA C 59 56.81 -23.37 -8.38
CA ALA C 59 55.78 -22.69 -9.15
C ALA C 59 56.28 -22.27 -10.52
N ALA C 60 57.55 -21.90 -10.62
CA ALA C 60 58.12 -21.49 -11.91
C ALA C 60 58.52 -22.67 -12.77
N SER C 61 58.81 -23.83 -12.16
CA SER C 61 59.31 -24.98 -12.90
C SER C 61 58.19 -25.90 -13.38
N TRP C 62 57.23 -26.21 -12.51
CA TRP C 62 56.18 -27.16 -12.86
C TRP C 62 55.36 -26.64 -14.04
N ASP C 63 54.99 -27.56 -14.93
CA ASP C 63 54.19 -27.23 -16.10
C ASP C 63 53.21 -28.36 -16.33
N LEU C 64 51.91 -28.06 -16.26
CA LEU C 64 50.89 -29.10 -16.37
C LEU C 64 50.91 -29.77 -17.73
N GLU C 65 51.27 -29.04 -18.79
CA GLU C 65 51.19 -29.59 -20.13
C GLU C 65 52.02 -30.86 -20.27
N LYS C 66 53.29 -30.80 -19.86
CA LYS C 66 54.17 -31.95 -20.00
C LYS C 66 53.95 -33.01 -18.94
N ASN C 67 53.38 -32.65 -17.78
CA ASN C 67 53.16 -33.58 -16.68
C ASN C 67 51.71 -34.07 -16.62
N ILE C 68 51.05 -34.20 -17.77
CA ILE C 68 49.69 -34.71 -17.78
C ILE C 68 49.65 -36.18 -17.40
N GLY C 69 50.74 -36.91 -17.63
CA GLY C 69 50.76 -38.33 -17.37
C GLY C 69 50.61 -38.71 -15.91
N LEU C 70 50.85 -37.77 -14.99
CA LEU C 70 50.76 -38.04 -13.57
C LEU C 70 49.38 -37.72 -12.99
N TYR C 71 48.42 -37.36 -13.83
CA TYR C 71 47.05 -37.07 -13.39
C TYR C 71 46.11 -38.08 -14.03
N GLU C 72 45.21 -38.65 -13.24
CA GLU C 72 44.25 -39.62 -13.77
C GLU C 72 43.21 -38.95 -14.65
N ASN C 73 42.66 -37.81 -14.20
CA ASN C 73 41.57 -37.15 -14.93
C ASN C 73 42.19 -36.16 -15.91
N ALA C 74 42.41 -36.63 -17.14
CA ALA C 74 43.03 -35.78 -18.16
C ALA C 74 42.12 -34.62 -18.56
N THR C 75 40.81 -34.85 -18.57
CA THR C 75 39.88 -33.77 -18.93
C THR C 75 40.01 -32.60 -17.97
N ALA C 76 40.14 -32.87 -16.68
CA ALA C 76 40.36 -31.81 -15.71
C ALA C 76 41.66 -31.07 -16.00
N VAL C 77 42.71 -31.80 -16.38
CA VAL C 77 43.98 -31.16 -16.71
C VAL C 77 43.80 -30.21 -17.89
N HIS C 78 43.12 -30.67 -18.94
CA HIS C 78 42.91 -29.81 -20.10
C HIS C 78 42.09 -28.58 -19.74
N LEU C 79 41.03 -28.76 -18.94
CA LEU C 79 40.21 -27.62 -18.55
C LEU C 79 41.02 -26.62 -17.73
N THR C 80 41.82 -27.11 -16.78
CA THR C 80 42.63 -26.21 -15.97
C THR C 80 43.64 -25.46 -16.82
N ILE C 81 44.28 -26.16 -17.77
CA ILE C 81 45.25 -25.49 -18.64
C ILE C 81 44.55 -24.40 -19.45
N GLN C 82 43.38 -24.72 -20.01
CA GLN C 82 42.66 -23.73 -20.81
C GLN C 82 42.28 -22.52 -19.97
N MET C 83 41.78 -22.75 -18.75
CA MET C 83 41.39 -21.64 -17.89
C MET C 83 42.58 -20.78 -17.51
N LEU C 84 43.71 -21.40 -17.16
CA LEU C 84 44.88 -20.63 -16.77
C LEU C 84 45.52 -19.91 -17.95
N HIS C 85 45.36 -20.43 -19.17
CA HIS C 85 45.91 -19.76 -20.34
C HIS C 85 45.04 -18.57 -20.75
N ASN C 86 43.73 -18.76 -20.80
CA ASN C 86 42.82 -17.68 -21.17
C ASN C 86 42.61 -16.66 -20.06
N ASN C 87 43.18 -16.88 -18.88
CA ASN C 87 42.96 -16.01 -17.71
C ASN C 87 41.49 -15.99 -17.29
N TYR C 88 40.72 -17.00 -17.71
CA TYR C 88 39.31 -17.09 -17.36
C TYR C 88 39.18 -17.69 -15.96
N GLN C 89 39.54 -16.89 -14.97
CA GLN C 89 39.52 -17.31 -13.58
C GLN C 89 39.12 -16.13 -12.70
N VAL C 90 38.66 -16.45 -11.49
CA VAL C 90 38.27 -15.39 -10.55
C VAL C 90 39.52 -14.56 -10.21
N PRO C 91 39.47 -13.23 -10.34
CA PRO C 91 40.65 -12.43 -10.00
C PRO C 91 41.02 -12.55 -8.54
N ARG C 92 42.31 -12.45 -8.26
CA ARG C 92 42.80 -12.54 -6.89
C ARG C 92 42.41 -11.29 -6.11
N GLY C 93 42.33 -11.46 -4.79
CA GLY C 93 41.92 -10.37 -3.92
C GLY C 93 40.49 -9.93 -4.13
N VAL C 94 39.58 -10.89 -4.36
CA VAL C 94 38.17 -10.59 -4.58
C VAL C 94 37.34 -11.56 -3.75
N PRO C 95 36.18 -11.17 -3.22
CA PRO C 95 35.36 -12.11 -2.47
C PRO C 95 34.95 -13.30 -3.32
N PHE C 96 34.89 -14.46 -2.68
CA PHE C 96 34.54 -15.72 -3.34
C PHE C 96 33.29 -16.31 -2.69
N THR C 97 32.34 -16.71 -3.53
CA THR C 97 31.10 -17.33 -3.06
C THR C 97 30.81 -18.55 -3.92
N VAL C 98 30.40 -19.64 -3.26
CA VAL C 98 30.08 -20.87 -3.98
C VAL C 98 28.70 -20.85 -4.62
N LEU C 99 27.87 -19.85 -4.29
CA LEU C 99 26.53 -19.80 -4.84
C LEU C 99 26.52 -19.36 -6.31
N GLU C 100 27.62 -18.81 -6.81
CA GLU C 100 27.71 -18.41 -8.20
C GLU C 100 28.17 -19.58 -9.06
N SER C 101 27.61 -19.67 -10.27
CA SER C 101 27.82 -20.86 -11.10
C SER C 101 29.28 -20.98 -11.54
N VAL C 102 29.87 -19.91 -12.05
CA VAL C 102 31.24 -19.99 -12.54
C VAL C 102 32.20 -20.33 -11.42
N HIS C 103 31.96 -19.80 -10.23
CA HIS C 103 32.79 -20.16 -9.08
C HIS C 103 32.70 -21.65 -8.79
N ARG C 104 31.49 -22.21 -8.85
CA ARG C 104 31.32 -23.64 -8.66
C ARG C 104 32.10 -24.43 -9.71
N PHE C 105 32.00 -24.00 -10.97
CA PHE C 105 32.71 -24.70 -12.04
C PHE C 105 34.21 -24.68 -11.80
N GLU C 106 34.75 -23.51 -11.46
CA GLU C 106 36.18 -23.39 -11.26
C GLU C 106 36.65 -24.24 -10.07
N ILE C 107 35.93 -24.17 -8.95
CA ILE C 107 36.36 -24.91 -7.77
C ILE C 107 36.23 -26.41 -8.01
N SER C 108 35.18 -26.83 -8.73
CA SER C 108 35.04 -28.26 -9.05
C SER C 108 36.17 -28.73 -9.95
N VAL C 109 36.54 -27.93 -10.95
CA VAL C 109 37.63 -28.33 -11.85
C VAL C 109 38.93 -28.45 -11.07
N TYR C 110 39.20 -27.47 -10.20
CA TYR C 110 40.45 -27.54 -9.42
C TYR C 110 40.43 -28.72 -8.46
N TYR C 111 39.28 -29.02 -7.85
CA TYR C 111 39.20 -30.19 -6.98
C TYR C 111 39.44 -31.47 -7.77
N SER C 112 38.87 -31.57 -8.97
CA SER C 112 39.09 -32.75 -9.80
C SER C 112 40.58 -32.89 -10.14
N LEU C 113 41.23 -31.78 -10.48
CA LEU C 113 42.66 -31.82 -10.80
C LEU C 113 43.47 -32.28 -9.59
N LEU C 114 43.21 -31.69 -8.43
CA LEU C 114 44.00 -32.01 -7.24
C LEU C 114 43.76 -33.45 -6.80
N TYR C 115 42.52 -33.91 -6.83
CA TYR C 115 42.19 -35.27 -6.37
C TYR C 115 42.72 -36.34 -7.30
N SER C 116 42.99 -36.01 -8.56
CA SER C 116 43.49 -36.97 -9.53
C SER C 116 45.01 -37.10 -9.49
N ALA C 117 45.65 -36.62 -8.43
CA ALA C 117 47.10 -36.72 -8.30
C ALA C 117 47.47 -38.13 -7.85
N LYS C 118 48.22 -38.84 -8.68
CA LYS C 118 48.59 -40.20 -8.35
C LYS C 118 49.50 -40.25 -7.12
N THR C 119 50.49 -39.36 -7.05
CA THR C 119 51.45 -39.33 -5.97
C THR C 119 51.23 -38.10 -5.09
N TYR C 120 51.65 -38.22 -3.83
CA TYR C 120 51.61 -37.07 -2.92
C TYR C 120 52.51 -35.94 -3.39
N ASP C 121 53.64 -36.26 -4.02
CA ASP C 121 54.52 -35.23 -4.56
C ASP C 121 53.81 -34.41 -5.63
N THR C 122 53.11 -35.10 -6.54
CA THR C 122 52.37 -34.41 -7.58
C THR C 122 51.28 -33.53 -6.98
N PHE C 123 50.60 -34.04 -5.96
CA PHE C 123 49.57 -33.28 -5.26
C PHE C 123 50.14 -32.00 -4.66
N TYR C 124 51.26 -32.11 -3.95
CA TYR C 124 51.87 -30.92 -3.35
C TYR C 124 52.34 -29.94 -4.42
N LYS C 125 52.91 -30.45 -5.51
CA LYS C 125 53.41 -29.57 -6.56
C LYS C 125 52.27 -28.84 -7.28
N THR C 126 51.13 -29.51 -7.45
CA THR C 126 49.96 -28.84 -7.98
C THR C 126 49.40 -27.82 -7.00
N ALA C 127 49.42 -28.15 -5.70
CA ALA C 127 48.93 -27.22 -4.70
C ALA C 127 49.74 -25.93 -4.69
N VAL C 128 51.07 -26.06 -4.79
CA VAL C 128 51.92 -24.88 -4.82
C VAL C 128 51.62 -24.03 -6.06
N PHE C 129 51.51 -24.68 -7.21
CA PHE C 129 51.24 -23.96 -8.44
C PHE C 129 49.90 -23.21 -8.37
N LEU C 130 48.87 -23.87 -7.85
CA LEU C 130 47.58 -23.20 -7.72
C LEU C 130 47.63 -22.07 -6.70
N ARG C 131 48.30 -22.30 -5.56
CA ARG C 131 48.51 -21.21 -4.60
C ARG C 131 49.13 -20.01 -5.29
N GLN C 132 50.04 -20.26 -6.22
CA GLN C 132 50.64 -19.15 -6.97
C GLN C 132 49.64 -18.52 -7.94
N HIS C 133 48.77 -19.32 -8.54
CA HIS C 133 47.91 -18.87 -9.64
C HIS C 133 46.41 -19.07 -9.36
N VAL C 134 45.97 -18.88 -8.11
CA VAL C 134 44.56 -19.02 -7.78
C VAL C 134 44.20 -18.09 -6.64
N ASN C 135 42.93 -17.68 -6.59
CA ASN C 135 42.42 -16.83 -5.53
C ASN C 135 42.61 -17.49 -4.17
N GLU C 136 42.75 -16.66 -3.14
CA GLU C 136 43.10 -17.16 -1.81
C GLU C 136 41.97 -18.01 -1.23
N ASN C 137 40.74 -17.48 -1.21
CA ASN C 137 39.65 -18.19 -0.58
C ASN C 137 39.35 -19.51 -1.29
N LEU C 138 39.30 -19.47 -2.63
CA LEU C 138 39.04 -20.68 -3.38
C LEU C 138 40.12 -21.73 -3.15
N PHE C 139 41.39 -21.30 -3.17
CA PHE C 139 42.48 -22.25 -2.94
C PHE C 139 42.39 -22.86 -1.55
N VAL C 140 42.14 -22.05 -0.53
CA VAL C 140 42.05 -22.58 0.83
C VAL C 140 40.92 -23.60 0.91
N ASN C 141 39.75 -23.25 0.39
CA ASN C 141 38.60 -24.15 0.47
C ASN C 141 38.88 -25.46 -0.25
N VAL C 142 39.39 -25.38 -1.48
CA VAL C 142 39.59 -26.59 -2.28
C VAL C 142 40.67 -27.46 -1.66
N LEU C 143 41.75 -26.85 -1.17
CA LEU C 143 42.82 -27.63 -0.56
C LEU C 143 42.33 -28.31 0.72
N SER C 144 41.54 -27.61 1.53
CA SER C 144 40.98 -28.23 2.72
C SER C 144 40.10 -29.42 2.35
N VAL C 145 39.25 -29.25 1.34
CA VAL C 145 38.36 -30.33 0.94
C VAL C 145 39.18 -31.52 0.45
N VAL C 146 40.21 -31.26 -0.35
CA VAL C 146 41.05 -32.34 -0.87
C VAL C 146 41.74 -33.07 0.27
N ILE C 147 42.28 -32.33 1.24
CA ILE C 147 42.98 -32.96 2.36
C ILE C 147 42.01 -33.81 3.17
N LEU C 148 40.78 -33.34 3.34
CA LEU C 148 39.81 -34.11 4.12
C LEU C 148 39.40 -35.40 3.42
N HIS C 149 39.36 -35.40 2.08
CA HIS C 149 38.82 -36.52 1.32
C HIS C 149 39.89 -37.29 0.55
N ARG C 150 41.14 -37.22 1.00
CA ARG C 150 42.24 -37.93 0.34
C ARG C 150 42.87 -38.91 1.32
N SER C 151 43.11 -40.14 0.85
CA SER C 151 43.69 -41.16 1.71
C SER C 151 45.08 -40.80 2.17
N ASP C 152 45.90 -40.22 1.28
CA ASP C 152 47.27 -39.89 1.64
C ASP C 152 47.34 -38.80 2.70
N THR C 153 46.25 -38.11 2.98
CA THR C 153 46.22 -36.99 3.93
C THR C 153 45.11 -37.18 4.95
N GLN C 154 44.97 -38.40 5.48
CA GLN C 154 43.99 -38.67 6.53
C GLN C 154 44.53 -38.37 7.91
N ASP C 155 45.81 -38.04 8.04
CA ASP C 155 46.42 -37.66 9.32
C ASP C 155 46.69 -36.17 9.43
N ILE C 156 46.88 -35.48 8.31
CA ILE C 156 47.14 -34.05 8.33
C ILE C 156 45.97 -33.33 9.00
N ARG C 157 46.30 -32.38 9.88
CA ARG C 157 45.31 -31.55 10.55
C ARG C 157 45.33 -30.16 9.94
N ILE C 158 44.16 -29.67 9.53
CA ILE C 158 44.04 -28.39 8.86
C ILE C 158 43.77 -27.30 9.91
N PRO C 159 44.28 -26.09 9.73
CA PRO C 159 44.08 -25.04 10.75
C PRO C 159 42.64 -24.57 10.79
N PRO C 160 42.20 -24.00 11.90
CA PRO C 160 40.84 -23.45 11.95
C PRO C 160 40.66 -22.33 10.94
N ILE C 161 39.43 -22.20 10.42
CA ILE C 161 39.14 -21.18 9.44
C ILE C 161 39.25 -19.79 10.05
N TYR C 162 38.88 -19.63 11.32
CA TYR C 162 38.90 -18.31 11.95
C TYR C 162 40.32 -17.82 12.22
N ASP C 163 41.33 -18.65 12.02
CA ASP C 163 42.72 -18.21 12.09
C ASP C 163 43.29 -17.83 10.74
N VAL C 164 42.88 -18.52 9.67
CA VAL C 164 43.40 -18.20 8.34
C VAL C 164 42.84 -16.86 7.87
N PHE C 165 41.54 -16.62 8.08
CA PHE C 165 40.88 -15.40 7.64
C PHE C 165 40.13 -14.80 8.83
N PRO C 166 40.84 -14.11 9.73
CA PRO C 166 40.16 -13.52 10.89
C PRO C 166 39.15 -12.44 10.53
N SER C 167 39.23 -11.86 9.32
CA SER C 167 38.38 -10.74 8.94
C SER C 167 36.91 -11.12 8.85
N TYR C 168 36.58 -12.41 8.82
CA TYR C 168 35.19 -12.85 8.72
C TYR C 168 34.56 -13.10 10.08
N PHE C 169 35.28 -12.87 11.18
CA PHE C 169 34.78 -13.17 12.51
C PHE C 169 34.95 -12.02 13.50
N HIS C 170 35.55 -10.91 13.09
CA HIS C 170 35.73 -9.76 13.96
C HIS C 170 35.36 -8.49 13.21
N ASN C 171 34.95 -7.47 13.96
CA ASN C 171 34.51 -6.22 13.37
C ASN C 171 35.69 -5.49 12.71
N GLY C 172 35.35 -4.63 11.75
CA GLY C 172 36.38 -3.90 11.02
C GLY C 172 37.19 -2.98 11.91
N GLU C 173 36.56 -2.40 12.93
CA GLU C 173 37.29 -1.54 13.86
C GLU C 173 38.39 -2.31 14.56
N ILE C 174 38.11 -3.54 14.97
CA ILE C 174 39.12 -4.37 15.63
C ILE C 174 40.31 -4.60 14.71
N MET C 175 40.03 -4.92 13.44
CA MET C 175 41.12 -5.21 12.51
C MET C 175 41.94 -3.97 12.20
N THR C 176 41.29 -2.81 12.05
CA THR C 176 42.03 -1.57 11.82
C THR C 176 42.90 -1.23 13.02
N THR C 177 42.35 -1.38 14.23
CA THR C 177 43.13 -1.14 15.43
C THR C 177 44.31 -2.09 15.53
N ALA C 178 44.11 -3.36 15.14
CA ALA C 178 45.20 -4.32 15.13
C ALA C 178 46.30 -3.86 14.19
N GLN C 179 45.94 -3.49 12.96
CA GLN C 179 46.92 -3.01 12.00
C GLN C 179 47.69 -1.82 12.57
N ARG C 180 46.98 -0.87 13.17
CA ARG C 180 47.63 0.33 13.71
C ARG C 180 48.58 -0.03 14.84
N ILE C 181 48.13 -0.84 15.81
CA ILE C 181 48.98 -1.19 16.94
C ILE C 181 50.21 -1.96 16.48
N THR C 182 50.06 -2.79 15.44
CA THR C 182 51.20 -3.55 14.95
C THR C 182 52.20 -2.64 14.24
N THR C 183 51.73 -1.83 13.30
CA THR C 183 52.63 -0.99 12.52
C THR C 183 53.24 0.11 13.37
N HIS C 184 52.60 0.47 14.47
CA HIS C 184 53.11 1.53 15.34
C HIS C 184 54.33 1.09 16.13
N GLY C 185 54.64 -0.20 16.08
CA GLY C 185 55.73 -0.73 16.88
C GLY C 185 55.40 -0.78 18.36
N GLN C 186 54.12 -0.77 18.72
CA GLN C 186 53.68 -0.81 20.10
C GLN C 186 54.22 0.36 20.92
N ARG C 187 54.39 1.51 20.27
CA ARG C 187 54.71 2.75 20.97
C ARG C 187 53.49 3.61 21.23
N MET C 188 52.61 3.78 20.24
CA MET C 188 51.32 4.39 20.48
C MET C 188 50.29 3.39 20.98
N LEU C 189 50.64 2.11 21.03
CA LEU C 189 49.76 1.11 21.63
C LEU C 189 49.53 1.41 23.11
N GLU C 190 50.60 1.77 23.83
CA GLU C 190 50.45 2.11 25.24
C GLU C 190 49.65 3.38 25.45
N HIS C 191 49.47 4.19 24.40
CA HIS C 191 48.52 5.30 24.49
C HIS C 191 47.08 4.79 24.44
N TYR C 192 46.83 3.74 23.67
CA TYR C 192 45.53 3.09 23.67
C TYR C 192 45.26 2.48 25.04
N PRO C 193 44.15 2.83 25.71
CA PRO C 193 43.84 2.13 26.96
C PRO C 193 43.22 0.76 26.76
N SER C 194 42.52 0.57 25.64
CA SER C 194 41.86 -0.71 25.38
C SER C 194 42.86 -1.86 25.33
N THR C 195 43.93 -1.69 24.57
CA THR C 195 44.90 -2.76 24.40
C THR C 195 45.78 -2.90 25.64
N TYR C 196 46.28 -4.11 25.85
CA TYR C 196 47.12 -4.42 27.00
C TYR C 196 47.99 -5.62 26.67
N VAL C 197 49.05 -5.79 27.45
CA VAL C 197 50.02 -6.86 27.24
C VAL C 197 49.79 -7.90 28.32
N TRP C 198 49.12 -9.00 27.96
CA TRP C 198 48.87 -10.08 28.90
C TRP C 198 50.13 -10.88 29.18
N GLU C 199 50.93 -11.14 28.13
CA GLU C 199 52.18 -11.88 28.27
C GLU C 199 53.16 -11.34 27.25
N ASN C 200 54.41 -11.80 27.35
CA ASN C 200 55.43 -11.42 26.39
C ASN C 200 55.03 -11.88 24.99
N ASN C 201 55.31 -11.03 24.00
CA ASN C 201 55.09 -11.31 22.59
C ASN C 201 53.61 -11.37 22.21
N VAL C 202 52.71 -10.97 23.09
CA VAL C 202 51.27 -10.96 22.80
C VAL C 202 50.66 -9.69 23.36
N VAL C 203 49.82 -9.04 22.55
CA VAL C 203 49.07 -7.86 22.97
C VAL C 203 47.59 -8.13 22.72
N ILE C 204 46.76 -7.83 23.72
CA ILE C 204 45.36 -8.21 23.72
C ILE C 204 44.50 -6.96 23.83
N ARG C 205 43.33 -7.02 23.22
CA ARG C 205 42.37 -5.92 23.19
C ARG C 205 41.09 -6.31 23.93
N HIS C 206 40.13 -5.38 23.94
CA HIS C 206 38.80 -5.62 24.47
C HIS C 206 37.77 -5.32 23.39
N ASN C 207 36.89 -6.29 23.13
CA ASN C 207 35.71 -6.06 22.31
C ASN C 207 34.48 -5.76 23.15
N GLU C 208 34.63 -5.69 24.47
CA GLU C 208 33.50 -5.40 25.35
C GLU C 208 32.91 -4.03 25.04
N THR C 209 33.76 -3.03 24.84
CA THR C 209 33.32 -1.65 24.59
C THR C 209 33.65 -1.32 23.13
N ALA C 210 32.67 -1.54 22.25
CA ALA C 210 32.81 -1.24 20.83
C ALA C 210 31.47 -1.51 20.17
N TRP C 211 31.33 -1.04 18.93
CA TRP C 211 30.14 -1.24 18.13
C TRP C 211 28.88 -0.78 18.86
N PRO C 212 28.86 0.44 19.42
CA PRO C 212 27.63 0.94 20.04
C PRO C 212 26.49 1.06 19.06
N TYR C 213 26.79 1.32 17.78
CA TYR C 213 25.79 1.25 16.73
C TYR C 213 25.60 -0.19 16.30
N TYR C 214 24.37 -0.69 16.39
CA TYR C 214 24.09 -2.09 16.13
C TYR C 214 22.62 -2.24 15.76
N CYS C 215 22.28 -3.42 15.26
CA CYS C 215 20.94 -3.67 14.73
C CYS C 215 19.87 -3.54 15.82
N ASN C 216 20.15 -4.06 17.00
CA ASN C 216 19.19 -4.10 18.13
C ASN C 216 18.04 -5.02 17.71
N THR C 217 16.78 -4.60 17.87
CA THR C 217 15.63 -5.46 17.61
C THR C 217 15.84 -6.83 18.25
N GLU C 218 15.88 -7.90 17.46
CA GLU C 218 16.06 -9.25 17.99
C GLU C 218 17.50 -9.72 17.90
N SER C 219 18.42 -8.85 17.49
CA SER C 219 19.79 -9.26 17.20
C SER C 219 20.73 -9.15 18.39
N MET C 220 20.51 -8.18 19.29
CA MET C 220 21.47 -7.97 20.38
C MET C 220 21.33 -9.01 21.48
N PRO C 221 20.13 -9.32 21.98
CA PRO C 221 20.03 -10.25 23.11
C PRO C 221 20.62 -11.61 22.84
N VAL C 222 20.65 -12.06 21.59
CA VAL C 222 21.19 -13.36 21.23
C VAL C 222 22.55 -13.22 20.53
N SER C 223 23.17 -12.03 20.63
CA SER C 223 24.45 -11.81 19.96
C SER C 223 25.56 -12.67 20.53
N TYR C 224 25.43 -13.15 21.77
CA TYR C 224 26.44 -14.02 22.34
C TYR C 224 26.41 -15.42 21.76
N PHE C 225 25.31 -15.79 21.08
CA PHE C 225 25.17 -17.10 20.46
C PHE C 225 25.29 -17.05 18.94
N THR C 226 24.67 -16.04 18.31
CA THR C 226 24.67 -15.98 16.85
C THR C 226 26.02 -15.53 16.31
N HIS C 227 26.75 -14.71 17.04
CA HIS C 227 28.05 -14.20 16.61
C HIS C 227 29.21 -15.04 17.13
N ASP C 228 28.93 -16.17 17.76
CA ASP C 228 30.00 -17.03 18.26
C ASP C 228 30.88 -17.51 17.11
N VAL C 229 32.20 -17.43 17.30
CA VAL C 229 33.12 -17.85 16.25
C VAL C 229 32.99 -19.34 15.98
N THR C 230 32.86 -20.14 17.05
CA THR C 230 32.85 -21.59 16.89
C THR C 230 31.66 -22.05 16.07
N LEU C 231 30.50 -21.40 16.21
CA LEU C 231 29.32 -21.82 15.47
C LEU C 231 29.49 -21.61 13.98
N ASN C 232 29.99 -20.43 13.58
CA ASN C 232 30.23 -20.17 12.16
C ASN C 232 31.32 -21.10 11.62
N ALA C 233 32.38 -21.32 12.41
CA ALA C 233 33.40 -22.27 11.99
C ALA C 233 32.83 -23.67 11.81
N LEU C 234 31.89 -24.06 12.67
CA LEU C 234 31.24 -25.36 12.55
C LEU C 234 30.43 -25.46 11.27
N TYR C 235 29.68 -24.41 10.94
CA TYR C 235 28.94 -24.40 9.68
C TYR C 235 29.90 -24.52 8.49
N TYR C 236 31.00 -23.77 8.52
CA TYR C 236 31.98 -23.82 7.44
C TYR C 236 32.58 -25.21 7.30
N ASN C 237 32.93 -25.85 8.42
CA ASN C 237 33.52 -27.19 8.37
C ASN C 237 32.49 -28.21 7.90
N ILE C 238 31.23 -28.05 8.31
CA ILE C 238 30.18 -28.94 7.85
C ILE C 238 30.05 -28.87 6.34
N LYS C 239 30.05 -27.66 5.78
CA LYS C 239 29.96 -27.55 4.33
C LYS C 239 31.27 -27.93 3.64
N LEU C 240 32.39 -27.94 4.36
CA LEU C 240 33.60 -28.56 3.85
C LEU C 240 33.43 -30.06 3.72
N ALA C 241 32.77 -30.68 4.69
CA ALA C 241 32.60 -32.13 4.67
C ALA C 241 31.60 -32.55 3.60
N TYR C 242 30.57 -31.75 3.37
CA TYR C 242 29.53 -32.05 2.38
C TYR C 242 29.33 -30.85 1.47
N PRO C 243 30.27 -30.60 0.56
CA PRO C 243 30.09 -29.51 -0.41
C PRO C 243 28.93 -29.79 -1.34
N ILE C 244 28.24 -28.72 -1.73
CA ILE C 244 27.11 -28.86 -2.64
C ILE C 244 27.58 -29.24 -4.05
N TRP C 245 28.85 -28.99 -4.38
CA TRP C 245 29.38 -29.23 -5.71
C TRP C 245 30.14 -30.54 -5.83
N LEU C 246 30.17 -31.36 -4.78
CA LEU C 246 30.91 -32.62 -4.77
C LEU C 246 29.94 -33.79 -4.74
N ARG C 247 30.12 -34.72 -5.66
CA ARG C 247 29.28 -35.92 -5.71
C ARG C 247 29.79 -36.96 -4.72
N SER C 248 28.86 -37.62 -4.05
CA SER C 248 29.21 -38.54 -2.98
C SER C 248 29.83 -39.83 -3.53
N ASP C 249 30.71 -40.41 -2.73
CA ASP C 249 31.32 -41.71 -2.98
C ASP C 249 30.68 -42.73 -2.04
N ALA C 250 31.23 -43.95 -2.04
CA ALA C 250 30.68 -45.00 -1.18
C ALA C 250 30.60 -44.53 0.27
N CYS C 251 31.65 -43.88 0.76
CA CYS C 251 31.64 -43.37 2.13
C CYS C 251 30.57 -42.30 2.31
N ALA C 252 30.53 -41.32 1.40
CA ALA C 252 29.55 -40.24 1.49
C ALA C 252 28.14 -40.69 1.13
N ILE C 253 27.99 -41.85 0.50
CA ILE C 253 26.66 -42.37 0.17
C ILE C 253 26.01 -43.04 1.38
N LYS C 254 26.80 -43.49 2.35
CA LYS C 254 26.28 -44.02 3.60
C LYS C 254 26.10 -42.95 4.66
N GLU C 255 26.41 -41.68 4.33
CA GLU C 255 26.28 -40.59 5.27
C GLU C 255 24.86 -40.08 5.40
N LYS C 256 23.97 -40.44 4.48
CA LYS C 256 22.59 -39.99 4.52
C LYS C 256 22.53 -38.46 4.55
N ARG C 257 23.02 -37.87 3.46
CA ARG C 257 23.21 -36.43 3.38
C ARG C 257 21.94 -35.67 3.75
N GLY C 258 20.81 -36.06 3.16
CA GLY C 258 19.56 -35.33 3.41
C GLY C 258 19.10 -35.41 4.85
N GLU C 259 19.21 -36.60 5.45
CA GLU C 259 18.81 -36.74 6.85
C GLU C 259 19.71 -35.91 7.76
N LEU C 260 21.01 -35.87 7.47
CA LEU C 260 21.91 -35.01 8.23
C LEU C 260 21.51 -33.54 8.09
N PHE C 261 21.20 -33.11 6.87
CA PHE C 261 20.75 -31.74 6.65
C PHE C 261 19.54 -31.43 7.52
N PHE C 262 18.52 -32.28 7.45
CA PHE C 262 17.29 -32.05 8.21
C PHE C 262 17.57 -32.02 9.71
N PHE C 263 18.30 -33.01 10.21
CA PHE C 263 18.55 -33.12 11.64
C PHE C 263 19.34 -31.93 12.16
N TRP C 264 20.39 -31.53 11.44
CA TRP C 264 21.22 -30.42 11.88
C TRP C 264 20.44 -29.12 11.85
N ASN C 265 19.64 -28.89 10.82
CA ASN C 265 18.83 -27.68 10.78
C ASN C 265 17.83 -27.65 11.94
N LYS C 266 17.19 -28.79 12.22
CA LYS C 266 16.24 -28.85 13.32
C LYS C 266 16.93 -28.56 14.65
N GLN C 267 18.12 -29.15 14.86
CA GLN C 267 18.83 -28.92 16.11
C GLN C 267 19.22 -27.46 16.27
N LEU C 268 19.73 -26.84 15.19
CA LEU C 268 20.10 -25.44 15.24
C LEU C 268 18.90 -24.55 15.55
N LEU C 269 17.76 -24.81 14.89
CA LEU C 269 16.58 -23.99 15.12
C LEU C 269 16.03 -24.18 16.53
N ALA C 270 16.06 -25.40 17.07
CA ALA C 270 15.61 -25.62 18.43
C ALA C 270 16.51 -24.90 19.43
N ARG C 271 17.82 -24.96 19.23
CA ARG C 271 18.74 -24.24 20.11
C ARG C 271 18.52 -22.73 20.04
N TYR C 272 18.32 -22.21 18.82
CA TYR C 272 18.08 -20.78 18.66
C TYR C 272 16.80 -20.35 19.34
N TYR C 273 15.74 -21.16 19.23
CA TYR C 273 14.49 -20.84 19.90
C TYR C 273 14.65 -20.87 21.43
N MET C 274 15.41 -21.84 21.93
CA MET C 274 15.69 -21.87 23.36
C MET C 274 16.42 -20.60 23.80
N GLU C 275 17.42 -20.17 23.02
CA GLU C 275 18.11 -18.93 23.35
C GLU C 275 17.16 -17.75 23.36
N ARG C 276 16.30 -17.65 22.35
CA ARG C 276 15.37 -16.53 22.27
C ARG C 276 14.44 -16.51 23.48
N LEU C 277 13.92 -17.68 23.86
CA LEU C 277 13.07 -17.74 25.04
C LEU C 277 13.85 -17.35 26.30
N SER C 278 15.12 -17.76 26.37
CA SER C 278 15.93 -17.42 27.53
C SER C 278 16.10 -15.91 27.64
N VAL C 279 16.32 -15.22 26.51
CA VAL C 279 16.49 -13.77 26.53
C VAL C 279 15.18 -13.03 26.31
N GLY C 280 14.05 -13.73 26.29
CA GLY C 280 12.76 -13.08 26.19
C GLY C 280 12.53 -12.35 24.89
N LEU C 281 12.89 -12.96 23.76
CA LEU C 281 12.64 -12.36 22.45
C LEU C 281 11.45 -12.99 21.73
N GLY C 282 10.97 -14.14 22.19
CA GLY C 282 9.78 -14.74 21.61
C GLY C 282 10.09 -15.76 20.53
N GLU C 283 9.03 -16.18 19.86
CA GLU C 283 9.13 -17.19 18.82
C GLU C 283 9.83 -16.63 17.59
N ILE C 284 10.41 -17.54 16.80
CA ILE C 284 11.10 -17.13 15.57
C ILE C 284 10.08 -16.51 14.62
N PRO C 285 10.31 -15.31 14.10
CA PRO C 285 9.33 -14.70 13.20
C PRO C 285 9.11 -15.56 11.96
N GLU C 286 7.86 -15.59 11.49
CA GLU C 286 7.50 -16.33 10.30
C GLU C 286 7.76 -15.47 9.07
N LEU C 287 8.39 -16.06 8.06
CA LEU C 287 8.78 -15.34 6.86
C LEU C 287 7.65 -15.40 5.84
N GLY C 288 7.24 -14.23 5.35
CA GLY C 288 6.20 -14.12 4.34
C GLY C 288 6.77 -13.92 2.95
N LEU C 289 5.93 -13.35 2.08
CA LEU C 289 6.31 -13.09 0.70
C LEU C 289 6.03 -11.65 0.29
N ASN C 290 5.79 -10.76 1.26
CA ASN C 290 5.47 -9.36 0.98
C ASN C 290 6.45 -8.37 1.61
N GLU C 291 6.87 -8.62 2.85
CA GLU C 291 7.73 -7.66 3.54
C GLU C 291 8.46 -8.38 4.66
N VAL C 292 9.71 -7.96 4.90
CA VAL C 292 10.52 -8.43 6.02
C VAL C 292 10.79 -7.24 6.93
N GLU C 293 10.38 -7.36 8.19
CA GLU C 293 10.49 -6.24 9.11
C GLU C 293 11.91 -6.07 9.65
N GLU C 294 12.56 -7.16 10.02
CA GLU C 294 13.85 -7.08 10.67
C GLU C 294 14.98 -7.00 9.65
N GLY C 295 15.85 -6.01 9.80
CA GLY C 295 17.03 -5.85 8.99
C GLY C 295 18.28 -6.31 9.70
N TYR C 296 19.42 -6.12 9.04
CA TYR C 296 20.69 -6.54 9.60
C TYR C 296 21.81 -5.63 9.11
N VAL C 297 22.66 -5.18 10.03
CA VAL C 297 23.89 -4.48 9.72
C VAL C 297 25.04 -5.30 10.29
N SER C 298 25.91 -5.79 9.42
CA SER C 298 26.94 -6.73 9.85
C SER C 298 28.03 -6.03 10.68
N GLY C 299 28.51 -4.88 10.22
CA GLY C 299 29.66 -4.26 10.83
C GLY C 299 30.98 -4.88 10.44
N LEU C 300 30.99 -5.78 9.47
CA LEU C 300 32.18 -6.47 9.02
C LEU C 300 32.74 -5.79 7.77
N LEU C 301 34.03 -6.02 7.52
CA LEU C 301 34.72 -5.48 6.37
C LEU C 301 35.52 -6.59 5.68
N TYR C 302 35.53 -6.55 4.35
CA TYR C 302 36.34 -7.47 3.58
C TYR C 302 37.81 -7.13 3.71
N HIS C 303 38.66 -8.05 3.24
CA HIS C 303 40.10 -7.85 3.35
C HIS C 303 40.52 -6.55 2.67
N ASN C 304 40.02 -6.30 1.46
CA ASN C 304 40.38 -5.06 0.76
C ASN C 304 39.84 -3.84 1.47
N GLY C 305 38.64 -3.93 2.04
CA GLY C 305 38.06 -2.82 2.78
C GLY C 305 36.71 -2.39 2.26
N ILE C 306 36.00 -3.29 1.58
CA ILE C 306 34.67 -3.00 1.04
C ILE C 306 33.63 -3.36 2.10
N PRO C 307 32.75 -2.44 2.49
CA PRO C 307 31.71 -2.78 3.47
C PRO C 307 30.73 -3.80 2.92
N TYR C 308 30.15 -4.56 3.85
CA TYR C 308 29.17 -5.58 3.49
C TYR C 308 27.83 -4.93 3.14
N PRO C 309 27.01 -5.61 2.33
CA PRO C 309 25.67 -5.11 2.07
C PRO C 309 24.82 -5.08 3.33
N VAL C 310 23.85 -4.16 3.36
CA VAL C 310 22.98 -3.95 4.50
C VAL C 310 21.54 -4.14 4.05
N ARG C 311 20.78 -4.93 4.82
CA ARG C 311 19.35 -5.06 4.58
C ARG C 311 18.59 -4.08 5.47
N PRO C 312 17.81 -3.17 4.91
CA PRO C 312 17.08 -2.21 5.76
C PRO C 312 15.90 -2.87 6.47
N ASN C 313 15.43 -2.18 7.51
CA ASN C 313 14.22 -2.60 8.19
C ASN C 313 13.00 -2.33 7.31
N HIS C 314 11.99 -3.19 7.45
CA HIS C 314 10.76 -3.07 6.67
C HIS C 314 11.05 -3.11 5.18
N LEU C 315 11.81 -4.11 4.76
CA LEU C 315 12.12 -4.27 3.34
C LEU C 315 10.87 -4.71 2.58
N VAL C 316 10.60 -4.05 1.45
CA VAL C 316 9.41 -4.31 0.66
C VAL C 316 9.77 -5.26 -0.47
N LEU C 317 8.95 -6.29 -0.66
CA LEU C 317 9.20 -7.30 -1.67
C LEU C 317 8.13 -7.34 -2.76
N ASN C 318 7.14 -6.47 -2.71
CA ASN C 318 6.05 -6.44 -3.68
C ASN C 318 6.01 -5.11 -4.42
N HIS C 319 7.18 -4.61 -4.80
CA HIS C 319 7.31 -3.39 -5.59
C HIS C 319 8.03 -3.70 -6.89
N GLN C 320 8.28 -2.67 -7.69
CA GLN C 320 8.94 -2.82 -8.99
C GLN C 320 10.44 -2.97 -8.79
N THR C 321 10.83 -4.17 -8.35
CA THR C 321 12.22 -4.51 -8.11
C THR C 321 12.46 -5.96 -8.50
N TRP C 322 13.74 -6.30 -8.69
CA TRP C 322 14.10 -7.69 -8.96
C TRP C 322 13.69 -8.62 -7.83
N HIS C 323 13.52 -8.07 -6.62
CA HIS C 323 13.04 -8.87 -5.50
C HIS C 323 11.74 -9.59 -5.85
N ALA C 324 10.83 -8.90 -6.55
CA ALA C 324 9.56 -9.51 -6.90
C ALA C 324 9.74 -10.72 -7.80
N GLU C 325 10.59 -10.59 -8.83
CA GLU C 325 10.81 -11.72 -9.73
C GLU C 325 11.48 -12.88 -8.99
N ALA C 326 12.46 -12.57 -8.14
CA ALA C 326 13.10 -13.63 -7.36
C ALA C 326 12.09 -14.35 -6.47
N ILE C 327 11.19 -13.58 -5.85
CA ILE C 327 10.18 -14.18 -4.97
C ILE C 327 9.20 -15.02 -5.77
N GLU C 328 8.87 -14.58 -6.99
CA GLU C 328 7.99 -15.39 -7.83
C GLU C 328 8.64 -16.73 -8.19
N GLU C 329 9.92 -16.70 -8.55
CA GLU C 329 10.62 -17.95 -8.82
C GLU C 329 10.68 -18.84 -7.59
N ILE C 330 10.92 -18.23 -6.42
CA ILE C 330 10.96 -18.98 -5.17
C ILE C 330 9.61 -19.64 -4.92
N GLU C 331 8.53 -18.90 -5.13
CA GLU C 331 7.19 -19.44 -4.92
C GLU C 331 6.92 -20.60 -5.86
N VAL C 332 7.32 -20.47 -7.13
CA VAL C 332 7.12 -21.55 -8.09
C VAL C 332 7.86 -22.81 -7.62
N TYR C 333 9.12 -22.65 -7.22
CA TYR C 333 9.91 -23.82 -6.81
C TYR C 333 9.35 -24.46 -5.54
N GLU C 334 8.95 -23.64 -4.56
CA GLU C 334 8.38 -24.18 -3.33
C GLU C 334 7.04 -24.86 -3.60
N ASN C 335 6.24 -24.33 -4.53
CA ASN C 335 5.00 -25.01 -4.91
C ASN C 335 5.29 -26.34 -5.58
N ARG C 336 6.34 -26.41 -6.39
CA ARG C 336 6.74 -27.70 -6.96
C ARG C 336 7.09 -28.68 -5.86
N ILE C 337 7.85 -28.23 -4.85
CA ILE C 337 8.20 -29.12 -3.74
C ILE C 337 6.95 -29.57 -2.99
N ARG C 338 6.02 -28.64 -2.75
CA ARG C 338 4.78 -28.99 -2.06
C ARG C 338 3.98 -30.02 -2.84
N ASP C 339 3.87 -29.84 -4.16
CA ASP C 339 3.14 -30.79 -4.98
C ASP C 339 3.82 -32.15 -4.95
N MET C 340 5.15 -32.19 -5.02
CA MET C 340 5.85 -33.47 -4.93
C MET C 340 5.60 -34.15 -3.60
N ILE C 341 5.59 -33.39 -2.50
CA ILE C 341 5.35 -33.97 -1.19
C ILE C 341 3.94 -34.52 -1.10
N ASP C 342 2.95 -33.75 -1.55
CA ASP C 342 1.57 -34.14 -1.39
C ASP C 342 1.20 -35.33 -2.28
N GLN C 343 1.64 -35.30 -3.54
CA GLN C 343 1.26 -36.36 -4.47
C GLN C 343 1.89 -37.70 -4.11
N GLY C 344 2.97 -37.70 -3.32
CA GLY C 344 3.60 -38.93 -2.88
C GLY C 344 4.70 -39.44 -3.78
N PHE C 345 5.05 -38.72 -4.84
CA PHE C 345 6.09 -39.18 -5.76
C PHE C 345 6.78 -37.97 -6.37
N TYR C 346 7.98 -38.21 -6.89
CA TYR C 346 8.74 -37.20 -7.61
C TYR C 346 8.96 -37.63 -9.05
N ILE C 347 9.20 -36.64 -9.89
CA ILE C 347 9.33 -36.84 -11.33
C ILE C 347 10.81 -36.97 -11.68
N THR C 348 11.15 -37.99 -12.46
CA THR C 348 12.52 -38.17 -12.90
C THR C 348 12.82 -37.25 -14.08
N ASN C 349 14.07 -37.25 -14.53
CA ASN C 349 14.46 -36.43 -15.67
C ASN C 349 13.83 -36.89 -16.97
N THR C 350 13.24 -38.09 -17.01
CA THR C 350 12.57 -38.59 -18.20
C THR C 350 11.05 -38.50 -18.12
N GLY C 351 10.49 -38.35 -16.94
CA GLY C 351 9.06 -38.28 -16.74
C GLY C 351 8.46 -39.41 -15.92
N GLU C 352 9.27 -40.27 -15.33
CA GLU C 352 8.78 -41.37 -14.51
C GLU C 352 8.45 -40.88 -13.11
N HIS C 353 7.59 -41.64 -12.42
CA HIS C 353 7.18 -41.35 -11.06
C HIS C 353 7.92 -42.28 -10.11
N VAL C 354 8.57 -41.72 -9.10
CA VAL C 354 9.29 -42.48 -8.09
C VAL C 354 8.68 -42.14 -6.74
N SER C 355 8.17 -43.15 -6.05
CA SER C 355 7.45 -42.92 -4.80
C SER C 355 8.41 -42.50 -3.68
N ILE C 356 7.92 -41.63 -2.80
CA ILE C 356 8.67 -41.18 -1.64
C ILE C 356 7.83 -41.35 -0.38
N ASN C 357 6.82 -42.23 -0.44
CA ASN C 357 5.90 -42.39 0.67
C ASN C 357 6.44 -43.27 1.78
N SER C 358 7.52 -44.02 1.53
CA SER C 358 8.10 -44.85 2.58
C SER C 358 8.82 -43.99 3.61
N PRO C 359 8.95 -44.47 4.85
CA PRO C 359 9.62 -43.67 5.88
C PRO C 359 11.13 -43.51 5.66
N ASP C 360 11.73 -44.30 4.78
CA ASP C 360 13.16 -44.23 4.53
C ASP C 360 13.52 -43.31 3.36
N SER C 361 12.54 -42.57 2.84
CA SER C 361 12.78 -41.65 1.74
C SER C 361 13.17 -40.25 2.20
N ILE C 362 13.40 -40.06 3.50
CA ILE C 362 13.78 -38.74 4.00
C ILE C 362 15.06 -38.25 3.37
N ASP C 363 16.02 -39.16 3.13
CA ASP C 363 17.30 -38.77 2.56
C ASP C 363 17.13 -38.15 1.17
N VAL C 364 16.41 -38.83 0.27
CA VAL C 364 16.22 -38.30 -1.07
C VAL C 364 15.37 -37.03 -1.02
N LEU C 365 14.43 -36.95 -0.08
CA LEU C 365 13.66 -35.73 0.10
C LEU C 365 14.58 -34.54 0.43
N GLY C 366 15.49 -34.75 1.39
CA GLY C 366 16.43 -33.69 1.72
C GLY C 366 17.34 -33.34 0.57
N ARG C 367 17.79 -34.35 -0.17
CA ARG C 367 18.64 -34.10 -1.33
C ARG C 367 17.90 -33.28 -2.38
N LEU C 368 16.63 -33.59 -2.62
CA LEU C 368 15.82 -32.81 -3.55
C LEU C 368 15.64 -31.38 -3.06
N ILE C 369 15.37 -31.19 -1.77
CA ILE C 369 15.14 -29.85 -1.26
C ILE C 369 16.43 -29.02 -1.35
N GLU C 370 17.57 -29.65 -1.08
CA GLU C 370 18.83 -28.94 -1.12
C GLU C 370 19.30 -28.67 -2.54
N ALA C 371 18.87 -29.46 -3.52
CA ALA C 371 19.24 -29.27 -4.91
C ALA C 371 20.75 -29.38 -5.12
N ASN C 372 21.38 -30.32 -4.41
CA ASN C 372 22.81 -30.55 -4.58
C ASN C 372 23.06 -31.39 -5.82
N VAL C 373 24.33 -31.67 -6.09
CA VAL C 373 24.70 -32.48 -7.26
C VAL C 373 24.28 -33.92 -7.13
N ASP C 374 23.87 -34.36 -5.94
CA ASP C 374 23.39 -35.72 -5.72
C ASP C 374 21.88 -35.83 -5.85
N SER C 375 21.19 -34.73 -6.16
CA SER C 375 19.74 -34.79 -6.33
C SER C 375 19.39 -35.51 -7.64
N PRO C 376 18.32 -36.31 -7.64
CA PRO C 376 17.97 -37.02 -8.88
C PRO C 376 17.69 -36.10 -10.05
N ASN C 377 17.01 -34.97 -9.82
CA ASN C 377 16.57 -34.08 -10.90
C ASN C 377 16.70 -32.64 -10.40
N VAL C 378 17.83 -32.01 -10.73
CA VAL C 378 18.04 -30.62 -10.33
C VAL C 378 17.44 -29.64 -11.32
N GLN C 379 17.17 -30.08 -12.56
CA GLN C 379 16.61 -29.17 -13.56
C GLN C 379 15.19 -28.75 -13.20
N TYR C 380 14.39 -29.68 -12.69
CA TYR C 380 13.02 -29.37 -12.29
C TYR C 380 12.93 -28.92 -10.84
N TYR C 381 13.68 -29.56 -9.94
CA TYR C 381 13.74 -29.16 -8.54
C TYR C 381 15.00 -28.33 -8.36
N LYS C 382 14.82 -27.01 -8.28
CA LYS C 382 15.92 -26.07 -8.29
C LYS C 382 16.14 -25.52 -6.88
N ASP C 383 17.22 -24.74 -6.72
CA ASP C 383 17.66 -24.27 -5.41
C ASP C 383 16.99 -22.95 -5.10
N PHE C 384 15.86 -23.02 -4.38
CA PHE C 384 15.17 -21.81 -3.95
C PHE C 384 15.78 -21.19 -2.70
N ILE C 385 16.51 -21.97 -1.91
CA ILE C 385 17.14 -21.43 -0.71
C ILE C 385 18.21 -20.42 -1.07
N SER C 386 18.98 -20.69 -2.14
CA SER C 386 19.96 -19.71 -2.58
C SER C 386 19.30 -18.43 -3.04
N ILE C 387 18.15 -18.53 -3.70
CA ILE C 387 17.42 -17.33 -4.12
C ILE C 387 16.92 -16.57 -2.90
N TRP C 388 16.45 -17.29 -1.87
CA TRP C 388 16.06 -16.64 -0.63
C TRP C 388 17.23 -15.88 -0.03
N LYS C 389 18.41 -16.51 -0.01
CA LYS C 389 19.59 -15.86 0.54
C LYS C 389 19.95 -14.61 -0.26
N LYS C 390 19.90 -14.70 -1.59
CA LYS C 390 20.20 -13.53 -2.41
C LYS C 390 19.20 -12.40 -2.14
N VAL C 391 17.91 -12.75 -2.03
CA VAL C 391 16.90 -11.72 -1.83
C VAL C 391 17.07 -11.05 -0.48
N LEU C 392 17.28 -11.83 0.58
CA LEU C 392 17.36 -11.27 1.92
C LEU C 392 18.75 -10.75 2.27
N GLY C 393 19.75 -10.94 1.40
CA GLY C 393 21.02 -10.29 1.58
C GLY C 393 21.06 -8.87 1.06
N ASN C 394 20.14 -8.52 0.15
CA ASN C 394 20.06 -7.18 -0.42
C ASN C 394 21.40 -6.77 -1.02
N SER C 395 22.05 -7.70 -1.68
CA SER C 395 23.30 -7.43 -2.39
C SER C 395 22.96 -6.87 -3.76
N LEU C 396 23.24 -5.57 -3.96
CA LEU C 396 22.87 -4.91 -5.21
C LEU C 396 23.60 -5.54 -6.39
N VAL C 397 22.84 -6.16 -7.29
CA VAL C 397 23.42 -6.80 -8.48
C VAL C 397 23.69 -5.70 -9.50
N HIS C 398 24.96 -5.49 -9.84
CA HIS C 398 25.36 -4.47 -10.78
C HIS C 398 25.85 -5.03 -12.11
N GLU C 399 25.74 -6.34 -12.31
CA GLU C 399 26.03 -7.00 -13.58
C GLU C 399 27.37 -6.51 -14.16
N SER C 400 28.42 -6.67 -13.35
CA SER C 400 29.78 -6.36 -13.75
C SER C 400 30.56 -7.66 -13.93
N VAL C 401 31.37 -7.70 -14.99
CA VAL C 401 32.09 -8.91 -15.37
C VAL C 401 33.54 -8.56 -15.69
N ALA C 402 34.43 -9.49 -15.40
CA ALA C 402 35.84 -9.37 -15.70
C ALA C 402 36.25 -10.44 -16.70
N PHE C 403 37.25 -10.12 -17.52
CA PHE C 403 37.70 -11.01 -18.58
C PHE C 403 36.60 -11.27 -19.61
N ASN C 404 35.64 -10.36 -19.70
CA ASN C 404 34.39 -10.63 -20.44
C ASN C 404 33.72 -11.89 -19.91
N GLY C 405 34.08 -12.27 -18.69
CA GLY C 405 33.72 -13.54 -18.11
C GLY C 405 33.24 -13.40 -16.68
N ILE C 406 33.95 -14.05 -15.76
CA ILE C 406 33.59 -14.18 -14.35
C ILE C 406 32.93 -12.91 -13.85
N PRO C 407 31.67 -12.96 -13.40
CA PRO C 407 31.07 -11.79 -12.74
C PRO C 407 31.83 -11.41 -11.47
N LEU C 408 31.77 -10.12 -11.14
CA LEU C 408 32.28 -9.60 -9.88
C LEU C 408 31.09 -9.40 -8.95
N VAL C 409 31.15 -10.02 -7.77
CA VAL C 409 30.03 -10.03 -6.83
C VAL C 409 30.55 -9.62 -5.45
N VAL C 410 29.72 -8.87 -4.72
CA VAL C 410 29.98 -8.52 -3.33
C VAL C 410 28.98 -9.26 -2.48
N PRO C 411 29.27 -10.50 -2.07
CA PRO C 411 28.27 -11.28 -1.35
C PRO C 411 27.97 -10.71 0.03
N SER C 412 26.73 -10.96 0.48
CA SER C 412 26.31 -10.55 1.81
C SER C 412 26.69 -11.64 2.82
N VAL C 413 26.30 -11.45 4.08
CA VAL C 413 26.65 -12.43 5.10
C VAL C 413 25.92 -13.75 4.86
N LEU C 414 24.71 -13.69 4.30
CA LEU C 414 23.93 -14.91 4.07
C LEU C 414 24.50 -15.77 2.96
N GLU C 415 25.32 -15.23 2.07
CA GLU C 415 25.88 -15.99 0.97
C GLU C 415 27.20 -16.66 1.33
N GLN C 416 27.66 -16.51 2.57
CA GLN C 416 28.88 -17.16 3.05
C GLN C 416 28.53 -18.01 4.26
N TYR C 417 28.99 -19.27 4.25
CA TYR C 417 28.67 -20.17 5.35
C TYR C 417 29.34 -19.73 6.65
N GLN C 418 30.45 -19.01 6.56
CA GLN C 418 31.17 -18.55 7.73
C GLN C 418 30.58 -17.28 8.34
N THR C 419 29.54 -16.71 7.73
CA THR C 419 28.88 -15.53 8.28
C THR C 419 27.36 -15.61 8.19
N ALA C 420 26.80 -16.71 7.67
CA ALA C 420 25.35 -16.77 7.45
C ALA C 420 24.59 -16.75 8.78
N LEU C 421 25.09 -17.45 9.79
CA LEU C 421 24.34 -17.64 11.02
C LEU C 421 24.17 -16.35 11.81
N ARG C 422 24.87 -15.28 11.45
CA ARG C 422 24.72 -14.01 12.15
C ARG C 422 23.39 -13.34 11.85
N ASP C 423 22.67 -13.77 10.79
CA ASP C 423 21.46 -13.09 10.35
C ASP C 423 20.23 -13.89 10.74
N PRO C 424 19.23 -13.28 11.40
CA PRO C 424 17.99 -14.02 11.70
C PRO C 424 17.27 -14.52 10.46
N ALA C 425 17.43 -13.86 9.32
CA ALA C 425 16.76 -14.31 8.11
C ALA C 425 17.11 -15.75 7.77
N TYR C 426 18.34 -16.17 8.08
CA TYR C 426 18.71 -17.56 7.86
C TYR C 426 17.82 -18.49 8.68
N TYR C 427 17.61 -18.16 9.96
CA TYR C 427 16.75 -18.99 10.80
C TYR C 427 15.31 -18.98 10.30
N MET C 428 14.85 -17.83 9.80
CA MET C 428 13.49 -17.78 9.25
C MET C 428 13.35 -18.69 8.03
N ILE C 429 14.33 -18.64 7.12
CA ILE C 429 14.28 -19.48 5.92
C ILE C 429 14.32 -20.95 6.32
N MET C 430 15.21 -21.31 7.25
CA MET C 430 15.28 -22.69 7.67
C MET C 430 14.01 -23.12 8.39
N LYS C 431 13.33 -22.19 9.07
CA LYS C 431 12.04 -22.52 9.68
C LYS C 431 11.00 -22.83 8.60
N ARG C 432 11.03 -22.08 7.49
CA ARG C 432 10.13 -22.41 6.38
C ARG C 432 10.44 -23.79 5.81
N VAL C 433 11.72 -24.09 5.59
CA VAL C 433 12.09 -25.41 5.08
C VAL C 433 11.68 -26.50 6.06
N LEU C 434 11.80 -26.22 7.35
CA LEU C 434 11.37 -27.18 8.36
C LEU C 434 9.86 -27.32 8.40
N LYS C 435 9.13 -26.27 8.04
CA LYS C 435 7.68 -26.42 7.87
C LYS C 435 7.38 -27.41 6.75
N LEU C 436 8.13 -27.31 5.64
CA LEU C 436 7.98 -28.31 4.57
C LEU C 436 8.29 -29.72 5.08
N PHE C 437 9.38 -29.85 5.82
CA PHE C 437 9.76 -31.17 6.35
C PHE C 437 8.70 -31.70 7.31
N ASN C 438 8.12 -30.83 8.14
CA ASN C 438 7.07 -31.25 9.06
C ASN C 438 5.82 -31.65 8.31
N LEU C 439 5.51 -30.97 7.21
CA LEU C 439 4.40 -31.42 6.36
C LEU C 439 4.66 -32.83 5.86
N TRP C 440 5.88 -33.11 5.40
CA TRP C 440 6.18 -34.46 4.92
C TRP C 440 6.05 -35.47 6.06
N HIS C 441 6.61 -35.16 7.23
CA HIS C 441 6.56 -36.11 8.35
C HIS C 441 5.13 -36.33 8.83
N GLU C 442 4.26 -35.33 8.71
CA GLU C 442 2.89 -35.48 9.15
C GLU C 442 2.16 -36.55 8.36
N HIS C 443 2.43 -36.63 7.05
CA HIS C 443 1.79 -37.63 6.21
C HIS C 443 2.20 -39.05 6.58
N LEU C 444 3.29 -39.23 7.31
CA LEU C 444 3.73 -40.56 7.69
C LEU C 444 2.86 -41.12 8.80
N PRO C 445 2.71 -42.44 8.88
CA PRO C 445 1.94 -43.03 9.99
C PRO C 445 2.65 -42.81 11.32
N HIS C 446 1.85 -42.62 12.37
CA HIS C 446 2.41 -42.44 13.69
C HIS C 446 2.98 -43.76 14.22
N TYR C 447 3.95 -43.64 15.13
CA TYR C 447 4.56 -44.82 15.72
C TYR C 447 3.53 -45.60 16.54
N THR C 448 3.71 -46.92 16.57
CA THR C 448 2.84 -47.81 17.32
C THR C 448 3.40 -48.09 18.70
N THR C 449 2.62 -48.80 19.50
CA THR C 449 3.05 -49.22 20.83
C THR C 449 4.05 -50.37 20.78
N LYS C 450 4.27 -50.96 19.61
CA LYS C 450 5.25 -52.01 19.41
C LYS C 450 6.60 -51.47 18.97
N GLU C 451 6.60 -50.48 18.07
CA GLU C 451 7.86 -49.86 17.65
C GLU C 451 8.46 -49.01 18.75
N LEU C 452 7.63 -48.45 19.63
CA LEU C 452 8.07 -47.45 20.60
C LEU C 452 8.16 -48.00 22.02
N SER C 453 8.06 -49.31 22.21
CA SER C 453 8.06 -49.91 23.53
C SER C 453 9.16 -50.96 23.63
N VAL C 454 9.74 -51.07 24.81
CA VAL C 454 10.72 -52.10 25.15
C VAL C 454 10.12 -52.97 26.25
N PRO C 455 10.08 -54.30 26.07
CA PRO C 455 9.41 -55.15 27.08
C PRO C 455 10.07 -55.04 28.45
N SER C 456 9.26 -54.79 29.47
CA SER C 456 9.68 -54.89 30.87
C SER C 456 10.91 -54.03 31.16
N VAL C 457 10.80 -52.73 30.86
CA VAL C 457 11.80 -51.75 31.24
C VAL C 457 11.04 -50.49 31.66
N LYS C 458 10.98 -50.22 32.95
CA LYS C 458 10.24 -49.11 33.50
C LYS C 458 11.20 -48.13 34.16
N ILE C 459 11.09 -46.86 33.80
CA ILE C 459 11.90 -45.81 34.40
C ILE C 459 11.20 -45.30 35.66
N GLU C 460 11.93 -45.25 36.77
CA GLU C 460 11.36 -44.84 38.05
C GLU C 460 11.51 -43.33 38.27
N LYS C 461 12.74 -42.85 38.29
CA LYS C 461 13.00 -41.43 38.55
C LYS C 461 14.26 -40.99 37.81
N VAL C 462 14.24 -39.73 37.38
CA VAL C 462 15.36 -39.07 36.70
C VAL C 462 15.65 -37.78 37.43
N GLU C 463 16.93 -37.51 37.71
CA GLU C 463 17.31 -36.32 38.46
C GLU C 463 18.68 -35.83 38.00
N VAL C 464 18.78 -34.53 37.74
CA VAL C 464 20.06 -33.90 37.41
C VAL C 464 20.57 -33.16 38.63
N ASP C 465 21.90 -33.09 38.77
CA ASP C 465 22.48 -32.49 39.96
C ASP C 465 22.32 -30.96 39.96
N LYS C 466 22.53 -30.33 38.81
CA LYS C 466 22.47 -28.87 38.72
C LYS C 466 22.66 -28.48 37.26
N LEU C 467 22.13 -27.31 36.90
CA LEU C 467 22.29 -26.75 35.56
C LEU C 467 22.57 -25.27 35.72
N LEU C 468 23.85 -24.89 35.60
CA LEU C 468 24.30 -23.52 35.78
C LEU C 468 25.11 -23.07 34.58
N THR C 469 24.97 -21.80 34.21
CA THR C 469 25.68 -21.23 33.08
C THR C 469 26.33 -19.91 33.50
N TYR C 470 27.46 -19.59 32.87
CA TYR C 470 28.22 -18.40 33.19
C TYR C 470 28.95 -17.90 31.95
N PHE C 471 29.25 -16.61 31.94
CA PHE C 471 30.03 -15.99 30.87
C PHE C 471 31.50 -15.95 31.26
N GLU C 472 32.37 -16.18 30.27
CA GLU C 472 33.81 -16.21 30.49
C GLU C 472 34.50 -15.53 29.30
N TYR C 473 35.78 -15.22 29.50
CA TYR C 473 36.59 -14.59 28.48
C TYR C 473 37.42 -15.62 27.73
N THR C 474 37.64 -15.36 26.45
CA THR C 474 38.49 -16.21 25.62
C THR C 474 39.28 -15.32 24.67
N ASN C 475 40.41 -15.84 24.20
CA ASN C 475 41.32 -15.09 23.35
C ASN C 475 41.46 -15.78 22.01
N PHE C 476 41.37 -15.01 20.93
CA PHE C 476 41.54 -15.50 19.57
C PHE C 476 42.74 -14.81 18.93
N ASN C 477 43.46 -15.53 18.09
CA ASN C 477 44.70 -15.03 17.43
C ASN C 477 44.34 -14.54 16.04
N VAL C 478 44.55 -13.26 15.75
CA VAL C 478 44.24 -12.63 14.48
C VAL C 478 45.50 -12.06 13.86
N THR C 479 46.65 -12.66 14.20
CA THR C 479 47.92 -12.19 13.66
C THR C 479 48.06 -12.47 12.17
N ASN C 480 47.33 -13.46 11.64
CA ASN C 480 47.50 -13.83 10.25
C ASN C 480 46.97 -12.79 9.29
N HIS C 481 46.12 -11.87 9.75
CA HIS C 481 45.64 -10.77 8.92
C HIS C 481 46.68 -9.66 8.80
N LEU C 482 47.48 -9.45 9.85
CA LEU C 482 48.49 -8.39 9.83
C LEU C 482 49.49 -8.63 8.71
N HIS C 483 49.77 -7.57 7.95
CA HIS C 483 50.77 -7.62 6.88
C HIS C 483 52.14 -7.25 7.45
N LEU C 484 52.75 -8.24 8.12
CA LEU C 484 54.04 -8.03 8.75
C LEU C 484 55.10 -7.72 7.70
N ASN C 485 55.97 -6.75 8.00
CA ASN C 485 57.07 -6.38 7.13
C ASN C 485 58.38 -6.83 7.77
N GLU C 486 59.22 -7.50 6.98
CA GLU C 486 60.47 -8.06 7.48
C GLU C 486 60.23 -8.98 8.66
N LYS C 496 54.72 -9.19 15.67
CA LYS C 496 54.06 -9.40 16.95
C LYS C 496 52.83 -10.30 16.81
N SER C 497 52.13 -10.50 17.91
CA SER C 497 50.97 -11.41 17.94
C SER C 497 49.83 -10.66 18.64
N VAL C 498 48.92 -10.12 17.85
CA VAL C 498 47.75 -9.42 18.35
C VAL C 498 46.63 -10.42 18.56
N LEU C 499 45.94 -10.31 19.69
CA LEU C 499 44.84 -11.20 20.05
C LEU C 499 43.60 -10.37 20.34
N VAL C 500 42.45 -11.03 20.30
CA VAL C 500 41.16 -10.41 20.53
C VAL C 500 40.45 -11.14 21.66
N GLN C 501 39.93 -10.39 22.62
CA GLN C 501 39.23 -10.96 23.76
C GLN C 501 37.72 -10.91 23.50
N ARG C 502 37.06 -12.04 23.72
CA ARG C 502 35.63 -12.18 23.45
C ARG C 502 34.96 -12.86 24.64
N THR C 503 33.68 -12.56 24.82
CA THR C 503 32.87 -13.14 25.88
C THR C 503 32.05 -14.30 25.32
N ARG C 504 32.07 -15.43 26.00
CA ARG C 504 31.36 -16.62 25.54
C ARG C 504 30.62 -17.25 26.72
N LEU C 505 29.57 -18.00 26.39
CA LEU C 505 28.80 -18.74 27.37
C LEU C 505 29.43 -20.09 27.64
N ASN C 506 29.25 -20.59 28.86
CA ASN C 506 29.75 -21.91 29.23
C ASN C 506 28.91 -22.42 30.38
N HIS C 507 29.05 -23.72 30.66
CA HIS C 507 28.28 -24.38 31.71
C HIS C 507 29.20 -25.25 32.56
N LYS C 508 28.78 -25.45 33.80
CA LYS C 508 29.49 -26.34 34.70
C LYS C 508 29.08 -27.79 34.45
N VAL C 509 30.00 -28.70 34.77
CA VAL C 509 29.74 -30.12 34.55
C VAL C 509 28.52 -30.54 35.36
N PHE C 510 27.61 -31.28 34.71
CA PHE C 510 26.39 -31.75 35.34
C PHE C 510 26.26 -33.25 35.17
N THR C 511 25.60 -33.89 36.12
CA THR C 511 25.41 -35.33 36.13
C THR C 511 23.92 -35.64 36.15
N VAL C 512 23.49 -36.58 35.31
CA VAL C 512 22.11 -37.03 35.24
C VAL C 512 22.06 -38.48 35.71
N ARG C 513 21.25 -38.73 36.75
CA ARG C 513 21.11 -40.05 37.33
C ARG C 513 19.66 -40.50 37.22
N VAL C 514 19.47 -41.69 36.67
CA VAL C 514 18.14 -42.27 36.48
C VAL C 514 18.14 -43.70 37.00
N ASN C 515 17.04 -44.06 37.67
CA ASN C 515 16.81 -45.41 38.17
C ASN C 515 15.73 -46.08 37.31
N VAL C 516 15.98 -47.32 36.90
CA VAL C 516 15.12 -48.02 35.96
C VAL C 516 15.01 -49.48 36.36
N LYS C 517 13.79 -50.02 36.28
CA LYS C 517 13.59 -51.46 36.30
C LYS C 517 13.94 -52.03 34.93
N SER C 518 14.57 -53.20 34.91
CA SER C 518 15.18 -53.74 33.70
C SER C 518 14.52 -55.01 33.19
N GLY C 519 13.66 -55.66 33.97
CA GLY C 519 13.17 -56.96 33.58
C GLY C 519 14.30 -57.97 33.52
N VAL C 520 14.64 -58.40 32.31
CA VAL C 520 15.76 -59.30 32.09
C VAL C 520 16.93 -58.49 31.54
N ALA C 521 18.11 -59.11 31.56
CA ALA C 521 19.31 -58.42 31.12
C ALA C 521 19.23 -58.07 29.63
N LYS C 522 19.76 -56.90 29.28
CA LYS C 522 19.67 -56.40 27.92
C LYS C 522 20.81 -55.44 27.65
N HIS C 523 21.03 -55.17 26.37
CA HIS C 523 21.94 -54.11 25.92
C HIS C 523 21.09 -53.02 25.28
N VAL C 524 21.07 -51.85 25.90
CA VAL C 524 20.12 -50.80 25.56
C VAL C 524 20.85 -49.52 25.20
N THR C 525 20.12 -48.62 24.55
CA THR C 525 20.58 -47.28 24.20
C THR C 525 19.70 -46.26 24.89
N VAL C 526 20.33 -45.24 25.47
CA VAL C 526 19.64 -44.18 26.20
C VAL C 526 19.90 -42.86 25.49
N ARG C 527 18.84 -42.13 25.21
CA ARG C 527 18.89 -40.81 24.59
C ARG C 527 18.23 -39.78 25.49
N PHE C 528 18.87 -38.62 25.63
CA PHE C 528 18.34 -37.50 26.39
C PHE C 528 17.95 -36.38 25.44
N PHE C 529 16.76 -35.81 25.66
CA PHE C 529 16.27 -34.67 24.88
C PHE C 529 15.90 -33.53 25.84
N LEU C 530 16.15 -32.30 25.39
CA LEU C 530 15.84 -31.11 26.18
C LEU C 530 14.93 -30.19 25.36
N ALA C 531 13.91 -29.66 26.01
CA ALA C 531 12.95 -28.78 25.35
C ALA C 531 12.51 -27.69 26.31
N PRO C 532 11.95 -26.60 25.80
CA PRO C 532 11.31 -25.61 26.67
C PRO C 532 9.95 -26.10 27.14
N LYS C 533 9.52 -25.53 28.27
CA LYS C 533 8.25 -25.90 28.88
C LYS C 533 7.15 -24.86 28.66
N TYR C 534 7.51 -23.58 28.56
CA TYR C 534 6.54 -22.53 28.32
C TYR C 534 6.97 -21.71 27.11
N ASP C 535 5.99 -21.20 26.38
CA ASP C 535 6.24 -20.41 25.19
C ASP C 535 6.47 -18.95 25.60
N SER C 536 6.51 -18.06 24.61
CA SER C 536 6.80 -16.66 24.86
C SER C 536 5.72 -15.94 25.65
N VAL C 537 4.51 -16.49 25.72
CA VAL C 537 3.39 -15.83 26.37
C VAL C 537 3.09 -16.40 27.76
N GLY C 538 3.29 -17.70 27.97
CA GLY C 538 3.13 -18.31 29.28
C GLY C 538 2.35 -19.62 29.29
N ASN C 539 1.73 -20.03 28.19
CA ASN C 539 0.99 -21.28 28.17
C ASN C 539 1.93 -22.47 27.99
N GLU C 540 1.65 -23.55 28.70
CA GLU C 540 2.47 -24.74 28.57
C GLU C 540 2.30 -25.34 27.18
N ILE C 541 3.42 -25.64 26.53
CA ILE C 541 3.40 -26.07 25.13
C ILE C 541 3.00 -27.55 25.08
N PRO C 542 1.98 -27.92 24.30
CA PRO C 542 1.61 -29.34 24.22
C PRO C 542 2.74 -30.19 23.65
N LEU C 543 2.77 -31.46 24.05
CA LEU C 543 3.88 -32.33 23.68
C LEU C 543 4.02 -32.46 22.17
N ASN C 544 2.90 -32.46 21.43
CA ASN C 544 2.98 -32.59 19.99
C ASN C 544 3.76 -31.44 19.37
N VAL C 545 3.51 -30.21 19.83
CA VAL C 545 4.26 -29.07 19.33
C VAL C 545 5.71 -29.13 19.80
N ASN C 546 5.93 -29.50 21.07
CA ASN C 546 7.29 -29.61 21.59
C ASN C 546 8.10 -30.66 20.87
N THR C 547 7.44 -31.60 20.18
CA THR C 547 8.18 -32.63 19.44
C THR C 547 9.16 -32.00 18.45
N GLN C 548 8.83 -30.83 17.91
CA GLN C 548 9.72 -30.14 16.99
C GLN C 548 10.80 -29.33 17.70
N ASN C 549 10.70 -29.16 19.02
CA ASN C 549 11.63 -28.34 19.77
C ASN C 549 12.55 -29.16 20.68
N PHE C 550 12.53 -30.49 20.56
CA PHE C 550 13.36 -31.33 21.41
C PHE C 550 14.78 -31.36 20.87
N LEU C 551 15.74 -31.01 21.70
CA LEU C 551 17.16 -30.98 21.33
C LEU C 551 17.86 -32.19 21.94
N LEU C 552 18.45 -33.02 21.09
CA LEU C 552 19.19 -34.18 21.55
C LEU C 552 20.52 -33.72 22.15
N ILE C 553 20.75 -34.05 23.42
CA ILE C 553 21.96 -33.62 24.12
C ILE C 553 22.90 -34.77 24.44
N ASP C 554 22.43 -36.01 24.39
CA ASP C 554 23.31 -37.13 24.70
C ASP C 554 22.66 -38.43 24.23
N ILE C 555 23.51 -39.36 23.80
CA ILE C 555 23.09 -40.70 23.40
C ILE C 555 24.23 -41.66 23.72
N PHE C 556 23.92 -42.76 24.40
CA PHE C 556 24.97 -43.68 24.80
C PHE C 556 24.40 -45.09 25.01
N ASN C 557 25.31 -46.05 25.12
CA ASN C 557 24.95 -47.44 25.33
C ASN C 557 25.05 -47.81 26.80
N TYR C 558 24.40 -48.91 27.16
CA TYR C 558 24.49 -49.46 28.51
C TYR C 558 24.08 -50.92 28.45
N GLU C 559 24.46 -51.66 29.49
CA GLU C 559 24.08 -53.05 29.67
C GLU C 559 23.25 -53.12 30.94
N LEU C 560 21.94 -53.21 30.79
CA LEU C 560 21.04 -53.29 31.93
C LEU C 560 21.02 -54.71 32.48
N LYS C 561 21.21 -54.83 33.80
CA LYS C 561 21.21 -56.11 34.49
C LYS C 561 19.78 -56.54 34.78
N GLU C 562 19.58 -57.42 35.75
CA GLU C 562 18.24 -57.85 36.14
C GLU C 562 17.88 -57.25 37.50
N GLY C 563 16.77 -56.53 37.54
CA GLY C 563 16.30 -55.96 38.79
C GLY C 563 16.40 -54.44 38.79
N ASP C 564 17.16 -53.90 39.73
CA ASP C 564 17.36 -52.45 39.84
C ASP C 564 18.70 -52.07 39.24
N ASN C 565 18.70 -50.94 38.53
CA ASN C 565 19.89 -50.43 37.87
C ASN C 565 20.08 -48.97 38.23
N LEU C 566 21.13 -48.36 37.67
CA LEU C 566 21.45 -46.96 37.95
C LEU C 566 22.31 -46.43 36.82
N ILE C 567 21.81 -45.43 36.10
CA ILE C 567 22.59 -44.69 35.11
C ILE C 567 23.00 -43.38 35.76
N THR C 568 24.28 -43.02 35.62
CA THR C 568 24.87 -41.87 36.28
C THR C 568 25.71 -41.06 35.29
N ARG C 569 25.12 -40.73 34.15
CA ARG C 569 25.89 -40.12 33.06
C ARG C 569 26.42 -38.76 33.47
N VAL C 570 27.68 -38.48 33.11
CA VAL C 570 28.33 -37.21 33.37
C VAL C 570 28.52 -36.48 32.05
N SER C 571 28.24 -35.18 32.04
CA SER C 571 28.30 -34.41 30.80
C SER C 571 29.69 -34.45 30.17
N SER C 572 30.74 -34.61 30.99
CA SER C 572 32.10 -34.60 30.47
C SER C 572 32.42 -35.83 29.62
N ASP C 573 31.56 -36.85 29.63
CA ASP C 573 31.82 -38.08 28.90
C ASP C 573 31.18 -38.11 27.52
N ASN C 574 30.19 -37.25 27.26
CA ASN C 574 29.49 -37.27 25.98
C ASN C 574 30.46 -36.99 24.84
N LEU C 575 30.36 -37.80 23.78
CA LEU C 575 31.20 -37.63 22.59
C LEU C 575 30.56 -36.77 21.52
N LEU C 576 29.27 -36.47 21.61
CA LEU C 576 28.63 -35.63 20.60
C LEU C 576 29.22 -34.22 20.61
N VAL C 577 29.41 -33.65 21.79
CA VAL C 577 30.01 -32.32 21.93
C VAL C 577 31.48 -32.49 22.29
N THR C 578 32.32 -31.68 21.65
CA THR C 578 33.76 -31.76 21.80
C THR C 578 34.30 -30.46 22.40
N ASP C 579 35.56 -30.51 22.83
CA ASP C 579 36.24 -29.36 23.38
C ASP C 579 36.83 -28.52 22.24
N GLU C 580 37.50 -27.43 22.61
CA GLU C 580 38.09 -26.56 21.60
C GLU C 580 39.23 -27.27 20.88
N ILE C 581 39.31 -27.06 19.57
CA ILE C 581 40.41 -27.60 18.80
C ILE C 581 41.66 -26.73 19.02
N ASP C 582 42.82 -27.37 18.98
CA ASP C 582 44.06 -26.65 19.18
C ASP C 582 44.22 -25.58 18.10
N SER C 583 44.62 -24.38 18.52
CA SER C 583 44.77 -23.27 17.59
C SER C 583 45.91 -23.57 16.61
N ALA C 584 46.04 -22.70 15.60
CA ALA C 584 47.12 -22.85 14.63
C ALA C 584 48.48 -22.78 15.31
N SER C 585 48.64 -21.82 16.24
CA SER C 585 49.92 -21.70 16.94
C SER C 585 50.21 -22.94 17.78
N VAL C 586 49.20 -23.43 18.51
CA VAL C 586 49.42 -24.59 19.36
C VAL C 586 49.78 -25.82 18.52
N LEU C 587 49.04 -26.04 17.43
CA LEU C 587 49.32 -27.17 16.56
C LEU C 587 50.71 -27.06 15.95
N PHE C 588 51.07 -25.85 15.50
CA PHE C 588 52.39 -25.64 14.93
C PHE C 588 53.49 -25.95 15.95
N ASN C 589 53.28 -25.51 17.20
CA ASN C 589 54.27 -25.79 18.24
C ASN C 589 54.40 -27.29 18.49
N LYS C 590 53.26 -27.98 18.65
CA LYS C 590 53.32 -29.41 18.95
C LYS C 590 53.92 -30.20 17.80
N VAL C 591 53.76 -29.72 16.57
CA VAL C 591 54.31 -30.43 15.42
C VAL C 591 55.81 -30.14 15.28
N ASP C 592 56.18 -28.86 15.21
CA ASP C 592 57.57 -28.51 14.99
C ASP C 592 58.46 -28.96 16.15
N SER C 593 57.92 -29.01 17.37
CA SER C 593 58.71 -29.47 18.51
C SER C 593 59.18 -30.90 18.30
N ALA C 594 58.30 -31.77 17.80
CA ALA C 594 58.64 -33.16 17.55
C ALA C 594 59.45 -33.29 16.26
N LEU C 603 46.73 -37.36 17.01
CA LEU C 603 46.88 -38.01 18.31
C LEU C 603 45.53 -38.08 19.03
N ASN C 604 45.08 -36.96 19.58
CA ASN C 604 43.81 -36.94 20.28
C ASN C 604 42.66 -37.19 19.31
N MET C 605 41.66 -37.96 19.76
CA MET C 605 40.50 -38.28 18.95
C MET C 605 39.22 -37.67 19.50
N LYS C 606 39.32 -36.75 20.47
CA LYS C 606 38.16 -36.07 21.02
C LYS C 606 37.95 -34.70 20.40
N GLN C 607 38.52 -34.46 19.22
CA GLN C 607 38.41 -33.18 18.52
C GLN C 607 38.22 -33.46 17.03
N ASN C 608 36.96 -33.49 16.59
CA ASN C 608 36.62 -33.63 15.19
C ASN C 608 35.92 -32.36 14.73
N ILE C 609 36.17 -31.96 13.48
CA ILE C 609 35.66 -30.69 12.96
C ILE C 609 34.15 -30.69 12.80
N LEU C 610 33.50 -31.85 12.87
CA LEU C 610 32.07 -31.98 12.63
C LEU C 610 31.29 -32.25 13.92
N LYS C 611 31.68 -31.62 15.02
CA LYS C 611 30.98 -31.78 16.29
C LYS C 611 30.72 -30.43 16.92
N THR C 612 29.57 -30.33 17.60
CA THR C 612 29.18 -29.08 18.24
C THR C 612 30.14 -28.77 19.39
N PRO C 613 30.51 -27.50 19.57
CA PRO C 613 31.32 -27.14 20.75
C PRO C 613 30.56 -27.40 22.04
N ARG C 614 31.29 -27.81 23.07
CA ARG C 614 30.67 -28.19 24.34
C ARG C 614 30.00 -27.00 25.00
N HIS C 615 30.63 -25.82 24.97
CA HIS C 615 30.12 -24.68 25.70
C HIS C 615 28.80 -24.14 25.14
N LEU C 616 28.40 -24.56 23.95
CA LEU C 616 27.13 -24.15 23.36
C LEU C 616 26.02 -25.18 23.54
N LEU C 617 26.27 -26.24 24.32
CA LEU C 617 25.29 -27.30 24.47
C LEU C 617 24.07 -26.86 25.26
N LEU C 618 24.27 -26.12 26.35
CA LEU C 618 23.21 -25.87 27.30
C LEU C 618 22.70 -24.44 27.15
N PRO C 619 21.38 -24.22 27.18
CA PRO C 619 20.86 -22.85 27.12
C PRO C 619 21.26 -22.04 28.35
N LYS C 620 21.33 -20.72 28.16
CA LYS C 620 21.75 -19.84 29.25
C LYS C 620 20.80 -19.92 30.43
N GLY C 621 19.50 -19.81 30.16
CA GLY C 621 18.50 -19.77 31.22
C GLY C 621 18.28 -18.36 31.74
N ARG C 622 17.88 -18.25 33.01
CA ARG C 622 17.65 -16.96 33.64
C ARG C 622 18.19 -16.98 35.06
N VAL C 623 18.48 -15.79 35.58
CA VAL C 623 18.84 -15.67 36.99
C VAL C 623 17.60 -15.91 37.83
N GLY C 624 17.66 -16.90 38.71
CA GLY C 624 16.51 -17.34 39.48
C GLY C 624 15.88 -18.61 38.97
N GLY C 625 16.24 -19.06 37.78
CA GLY C 625 15.77 -20.34 37.26
C GLY C 625 14.83 -20.17 36.08
N MET C 626 15.04 -20.98 35.05
CA MET C 626 14.15 -21.03 33.90
C MET C 626 13.72 -22.48 33.70
N PRO C 627 12.42 -22.77 33.62
CA PRO C 627 11.98 -24.16 33.52
C PRO C 627 12.22 -24.75 32.15
N PHE C 628 12.65 -26.02 32.13
CA PHE C 628 12.84 -26.80 30.91
C PHE C 628 12.36 -28.21 31.17
N VAL C 629 12.26 -29.00 30.11
CA VAL C 629 11.76 -30.37 30.17
C VAL C 629 12.82 -31.30 29.62
N LEU C 630 13.21 -32.29 30.41
CA LEU C 630 14.12 -33.34 30.01
C LEU C 630 13.31 -34.61 29.70
N MET C 631 13.77 -35.35 28.69
CA MET C 631 13.10 -36.58 28.27
C MET C 631 14.15 -37.66 28.11
N VAL C 632 13.99 -38.74 28.87
CA VAL C 632 14.90 -39.88 28.83
C VAL C 632 14.17 -41.00 28.10
N TYR C 633 14.78 -41.51 27.03
CA TYR C 633 14.20 -42.60 26.24
C TYR C 633 15.20 -43.74 26.14
N ILE C 634 14.73 -44.96 26.42
CA ILE C 634 15.55 -46.15 26.37
C ILE C 634 14.97 -47.09 25.32
N SER C 635 15.84 -47.61 24.46
CA SER C 635 15.43 -48.51 23.40
C SER C 635 16.45 -49.63 23.27
N GLU C 636 16.14 -50.62 22.42
CA GLU C 636 17.08 -51.70 22.17
C GLU C 636 18.28 -51.22 21.38
N TYR C 637 19.40 -51.92 21.54
CA TYR C 637 20.61 -51.64 20.77
C TYR C 637 20.51 -52.43 19.47
N HIS C 638 20.00 -51.77 18.43
CA HIS C 638 19.96 -52.35 17.09
C HIS C 638 21.31 -52.07 16.44
N ALA C 639 22.14 -53.11 16.36
CA ALA C 639 23.50 -52.93 15.88
C ALA C 639 23.49 -52.38 14.45
N PRO C 640 24.26 -51.32 14.15
CA PRO C 640 24.33 -50.76 12.79
C PRO C 640 24.64 -51.82 11.73
N ILE C 653 38.30 -40.66 9.79
CA ILE C 653 38.20 -39.90 11.03
C ILE C 653 37.79 -38.47 10.73
N ASP C 654 38.17 -37.96 9.56
CA ASP C 654 37.83 -36.59 9.19
C ASP C 654 36.32 -36.41 9.14
N ASN C 655 35.61 -37.32 8.46
CA ASN C 655 34.15 -37.29 8.35
C ASN C 655 33.65 -38.69 8.68
N THR C 656 33.39 -38.94 9.96
CA THR C 656 32.97 -40.26 10.43
C THR C 656 32.01 -40.09 11.59
N ILE C 657 30.75 -40.47 11.38
CA ILE C 657 29.75 -40.45 12.44
C ILE C 657 28.71 -41.52 12.14
N ARG C 658 28.51 -42.43 13.09
CA ARG C 658 27.54 -43.50 12.92
C ARG C 658 27.06 -43.95 14.29
N LEU C 659 25.75 -44.20 14.38
CA LEU C 659 25.12 -44.70 15.60
C LEU C 659 24.19 -45.84 15.21
N THR C 660 23.42 -46.32 16.19
CA THR C 660 22.46 -47.39 15.93
C THR C 660 21.58 -47.05 14.73
N SER C 661 21.35 -48.03 13.87
CA SER C 661 20.63 -47.82 12.62
C SER C 661 19.19 -47.47 12.94
N ASP C 662 18.85 -46.19 12.79
CA ASP C 662 17.51 -45.68 13.05
C ASP C 662 17.48 -44.20 12.71
N THR C 663 16.29 -43.65 12.51
CA THR C 663 16.18 -42.23 12.19
C THR C 663 16.82 -41.40 13.29
N LEU C 664 17.62 -40.42 12.89
CA LEU C 664 18.42 -39.65 13.85
C LEU C 664 17.54 -38.99 14.91
N GLY C 665 16.37 -38.50 14.52
CA GLY C 665 15.50 -37.82 15.44
C GLY C 665 14.49 -38.72 16.12
N PHE C 666 14.76 -40.03 16.11
CA PHE C 666 13.85 -40.96 16.75
C PHE C 666 13.85 -40.74 18.26
N PRO C 667 12.67 -40.75 18.91
CA PRO C 667 11.31 -40.85 18.36
C PRO C 667 10.61 -39.50 18.23
N VAL C 668 11.36 -38.42 18.05
CA VAL C 668 10.78 -37.08 17.98
C VAL C 668 10.72 -36.56 16.55
N ASP C 669 11.08 -37.39 15.56
CA ASP C 669 10.97 -36.97 14.18
C ASP C 669 9.50 -36.87 13.75
N ARG C 670 8.67 -37.83 14.18
CA ARG C 670 7.25 -37.80 13.90
C ARG C 670 6.49 -37.19 15.08
N PRO C 671 5.32 -36.60 14.84
CA PRO C 671 4.54 -36.05 15.96
C PRO C 671 4.19 -37.12 16.98
N LEU C 672 4.20 -36.73 18.25
CA LEU C 672 3.94 -37.63 19.37
C LEU C 672 2.84 -37.05 20.24
N PHE C 673 1.95 -37.91 20.72
CA PHE C 673 0.82 -37.48 21.52
C PHE C 673 0.81 -38.21 22.87
N PRO C 674 0.28 -37.58 23.92
CA PRO C 674 0.26 -38.25 25.23
C PRO C 674 -0.52 -39.56 25.22
N TRP C 675 -1.62 -39.64 24.46
CA TRP C 675 -2.48 -40.81 24.54
C TRP C 675 -1.83 -42.06 23.95
N MET C 676 -0.82 -41.91 23.10
CA MET C 676 -0.12 -43.05 22.54
C MET C 676 1.13 -43.43 23.32
N LEU C 677 1.39 -42.74 24.44
CA LEU C 677 2.50 -43.07 25.32
C LEU C 677 2.07 -43.90 26.52
N THR C 678 0.81 -44.33 26.55
CA THR C 678 0.32 -45.24 27.59
C THR C 678 0.64 -46.66 27.17
N GLY C 679 1.34 -47.39 28.04
CA GLY C 679 1.90 -48.67 27.69
C GLY C 679 3.36 -48.64 27.33
N VAL C 680 3.92 -47.46 27.10
CA VAL C 680 5.34 -47.27 26.83
C VAL C 680 5.95 -46.71 28.10
N GLU C 681 6.60 -47.57 28.89
CA GLU C 681 7.15 -47.18 30.17
C GLU C 681 8.62 -46.81 30.12
N ASN C 682 9.31 -47.10 29.02
CA ASN C 682 10.74 -46.80 28.90
C ASN C 682 11.00 -45.36 28.47
N ILE C 683 10.00 -44.49 28.51
CA ILE C 683 10.15 -43.08 28.21
C ILE C 683 9.66 -42.27 29.41
N PHE C 684 10.48 -41.31 29.86
CA PHE C 684 10.16 -40.53 31.04
C PHE C 684 10.39 -39.06 30.77
N LEU C 685 9.46 -38.23 31.23
CA LEU C 685 9.52 -36.78 31.05
C LEU C 685 9.62 -36.13 32.44
N GLN C 686 10.76 -35.52 32.72
CA GLN C 686 11.00 -34.79 33.97
C GLN C 686 11.13 -33.30 33.67
N ASP C 687 10.97 -32.50 34.72
CA ASP C 687 11.14 -31.05 34.64
C ASP C 687 12.38 -30.63 35.41
N VAL C 688 13.10 -29.64 34.86
CA VAL C 688 14.34 -29.14 35.43
C VAL C 688 14.32 -27.62 35.34
N GLN C 689 15.30 -27.00 36.01
CA GLN C 689 15.48 -25.56 35.97
C GLN C 689 16.93 -25.23 35.64
N ILE C 690 17.13 -24.35 34.68
CA ILE C 690 18.46 -23.89 34.28
C ILE C 690 18.69 -22.51 34.88
N TYR C 691 19.84 -22.34 35.53
CA TYR C 691 20.20 -21.10 36.19
C TYR C 691 21.37 -20.43 35.49
N HIS C 692 21.42 -19.11 35.60
CA HIS C 692 22.52 -18.32 35.07
C HIS C 692 23.22 -17.61 36.20
N LYS C 693 24.56 -17.72 36.25
CA LYS C 693 25.35 -17.05 37.27
C LYS C 693 25.71 -15.65 36.78
N PRO C 694 25.20 -14.58 37.40
CA PRO C 694 25.50 -13.25 36.89
C PRO C 694 26.87 -12.75 37.33
N THR C 695 27.52 -12.03 36.43
CA THR C 695 28.85 -11.49 36.70
C THR C 695 29.06 -10.17 35.97
N THR D 31 -34.38 50.99 -33.39
CA THR D 31 -33.12 50.49 -33.92
C THR D 31 -32.67 49.22 -33.20
N VAL D 32 -33.55 48.71 -32.34
CA VAL D 32 -33.21 47.49 -31.58
C VAL D 32 -33.02 46.32 -32.53
N LEU D 33 -33.91 46.18 -33.52
CA LEU D 33 -33.89 44.99 -34.36
C LEU D 33 -32.61 44.90 -35.18
N ASP D 34 -32.18 46.01 -35.78
CA ASP D 34 -30.97 45.97 -36.61
C ASP D 34 -29.73 45.70 -35.77
N ARG D 35 -29.63 46.33 -34.60
CA ARG D 35 -28.50 46.07 -33.71
C ARG D 35 -28.47 44.62 -33.27
N GLN D 36 -29.62 44.07 -32.91
CA GLN D 36 -29.69 42.66 -32.53
C GLN D 36 -29.29 41.77 -33.69
N TYR D 37 -29.72 42.12 -34.91
CA TYR D 37 -29.36 41.33 -36.08
C TYR D 37 -27.85 41.32 -36.29
N LYS D 38 -27.22 42.49 -36.17
CA LYS D 38 -25.76 42.55 -36.34
C LYS D 38 -25.05 41.74 -35.25
N LEU D 39 -25.50 41.88 -34.00
CA LEU D 39 -24.84 41.13 -32.92
C LEU D 39 -25.05 39.63 -33.10
N LEU D 40 -26.19 39.23 -33.65
CA LEU D 40 -26.40 37.81 -33.98
C LEU D 40 -25.44 37.38 -35.09
N THR D 41 -25.29 38.20 -36.12
CA THR D 41 -24.33 37.86 -37.19
C THR D 41 -22.93 37.70 -36.62
N LEU D 42 -22.63 38.40 -35.52
CA LEU D 42 -21.36 38.18 -34.85
C LEU D 42 -21.26 36.77 -34.24
N PHE D 43 -22.37 36.04 -34.14
CA PHE D 43 -22.39 34.69 -33.58
C PHE D 43 -22.92 33.67 -34.58
N PHE D 44 -22.50 33.78 -35.84
CA PHE D 44 -22.97 32.85 -36.86
C PHE D 44 -22.01 31.70 -37.11
N HIS D 45 -20.71 31.95 -37.16
CA HIS D 45 -19.71 30.91 -37.39
C HIS D 45 -18.42 31.31 -36.72
N PRO D 46 -18.24 30.97 -35.44
CA PRO D 46 -17.02 31.37 -34.73
C PRO D 46 -15.76 30.77 -35.35
N HIS D 47 -15.75 29.45 -35.54
CA HIS D 47 -14.53 28.80 -36.03
C HIS D 47 -14.14 29.31 -37.41
N GLU D 48 -15.11 29.47 -38.30
CA GLU D 48 -14.85 29.94 -39.65
C GLU D 48 -14.60 31.45 -39.65
N PRO D 49 -13.87 31.97 -40.64
CA PRO D 49 -13.56 33.41 -40.66
C PRO D 49 -14.72 34.28 -41.06
N ILE D 50 -14.50 35.59 -41.15
CA ILE D 50 -15.57 36.51 -41.49
C ILE D 50 -15.93 36.35 -42.96
N HIS D 51 -17.22 36.18 -43.23
CA HIS D 51 -17.72 36.03 -44.59
C HIS D 51 -18.43 37.29 -45.10
N ILE D 52 -18.93 38.13 -44.21
CA ILE D 52 -19.65 39.34 -44.61
C ILE D 52 -18.65 40.43 -44.94
N LYS D 53 -18.84 41.09 -46.09
CA LYS D 53 -17.80 41.94 -46.65
C LYS D 53 -17.57 43.19 -45.80
N GLU D 54 -18.63 43.89 -45.42
CA GLU D 54 -18.44 45.15 -44.69
C GLU D 54 -17.77 44.93 -43.35
N GLN D 55 -17.98 43.78 -42.72
CA GLN D 55 -17.26 43.47 -41.49
C GLN D 55 -15.77 43.29 -41.76
N GLN D 56 -15.43 42.69 -42.90
CA GLN D 56 -14.03 42.62 -43.30
C GLN D 56 -13.45 44.02 -43.51
N GLU D 57 -14.23 44.90 -44.14
CA GLU D 57 -13.78 46.26 -44.34
C GLU D 57 -13.52 46.97 -43.01
N ILE D 58 -14.42 46.77 -42.04
CA ILE D 58 -14.23 47.37 -40.72
C ILE D 58 -12.98 46.80 -40.06
N ALA D 59 -12.80 45.48 -40.14
CA ALA D 59 -11.64 44.86 -39.50
C ALA D 59 -10.34 45.36 -40.12
N ALA D 60 -10.34 45.62 -41.43
CA ALA D 60 -9.14 46.10 -42.10
C ALA D 60 -8.93 47.60 -41.91
N SER D 61 -9.99 48.36 -41.66
CA SER D 61 -9.89 49.81 -41.58
C SER D 61 -9.64 50.31 -40.15
N TRP D 62 -10.36 49.77 -39.17
CA TRP D 62 -10.23 50.25 -37.80
C TRP D 62 -8.81 50.04 -37.30
N ASP D 63 -8.31 51.02 -36.55
CA ASP D 63 -6.97 50.96 -35.95
C ASP D 63 -7.06 51.56 -34.56
N LEU D 64 -6.75 50.76 -33.54
CA LEU D 64 -6.87 51.21 -32.16
C LEU D 64 -5.94 52.37 -31.85
N GLU D 65 -4.77 52.41 -32.49
CA GLU D 65 -3.77 53.42 -32.14
C GLU D 65 -4.32 54.83 -32.32
N LYS D 66 -4.90 55.11 -33.48
CA LYS D 66 -5.41 56.45 -33.76
C LYS D 66 -6.76 56.72 -33.09
N ASN D 67 -7.53 55.68 -32.77
CA ASN D 67 -8.85 55.84 -32.17
C ASN D 67 -8.83 55.61 -30.66
N ILE D 68 -7.73 55.98 -30.00
CA ILE D 68 -7.67 55.82 -28.55
C ILE D 68 -8.60 56.80 -27.85
N GLY D 69 -8.91 57.93 -28.51
CA GLY D 69 -9.73 58.96 -27.88
C GLY D 69 -11.15 58.54 -27.60
N LEU D 70 -11.63 57.48 -28.25
CA LEU D 70 -12.99 57.01 -28.06
C LEU D 70 -13.12 55.95 -26.98
N TYR D 71 -12.04 55.63 -26.28
CA TYR D 71 -12.06 54.66 -25.19
C TYR D 71 -11.71 55.37 -23.88
N GLU D 72 -12.49 55.09 -22.83
CA GLU D 72 -12.22 55.71 -21.54
C GLU D 72 -10.96 55.15 -20.89
N ASN D 73 -10.79 53.83 -20.92
CA ASN D 73 -9.67 53.18 -20.24
C ASN D 73 -8.51 53.08 -21.22
N ALA D 74 -7.64 54.09 -21.19
CA ALA D 74 -6.51 54.13 -22.11
C ALA D 74 -5.51 53.03 -21.81
N THR D 75 -5.34 52.67 -20.54
CA THR D 75 -4.40 51.60 -20.18
C THR D 75 -4.80 50.28 -20.84
N ALA D 76 -6.10 49.99 -20.85
CA ALA D 76 -6.57 48.79 -21.54
C ALA D 76 -6.27 48.86 -23.04
N VAL D 77 -6.42 50.04 -23.63
CA VAL D 77 -6.10 50.20 -25.06
C VAL D 77 -4.63 49.89 -25.31
N HIS D 78 -3.75 50.45 -24.47
CA HIS D 78 -2.32 50.21 -24.64
C HIS D 78 -1.99 48.73 -24.48
N LEU D 79 -2.57 48.09 -23.46
CA LEU D 79 -2.30 46.67 -23.25
C LEU D 79 -2.78 45.83 -24.43
N THR D 80 -3.97 46.13 -24.94
CA THR D 80 -4.49 45.38 -26.08
C THR D 80 -3.62 45.58 -27.31
N ILE D 81 -3.18 46.81 -27.56
CA ILE D 81 -2.31 47.07 -28.70
C ILE D 81 -1.00 46.29 -28.56
N GLN D 82 -0.41 46.31 -27.36
CA GLN D 82 0.84 45.58 -27.14
C GLN D 82 0.65 44.09 -27.37
N MET D 83 -0.43 43.53 -26.83
CA MET D 83 -0.68 42.10 -26.99
C MET D 83 -0.89 41.72 -28.45
N LEU D 84 -1.67 42.52 -29.18
CA LEU D 84 -1.93 42.22 -30.58
C LEU D 84 -0.70 42.44 -31.46
N HIS D 85 0.20 43.32 -31.06
CA HIS D 85 1.42 43.54 -31.83
C HIS D 85 2.44 42.44 -31.59
N ASN D 86 2.64 42.06 -30.32
CA ASN D 86 3.59 41.01 -30.00
C ASN D 86 3.06 39.61 -30.28
N ASN D 87 1.81 39.48 -30.72
CA ASN D 87 1.16 38.19 -30.92
C ASN D 87 1.06 37.38 -29.64
N TYR D 88 1.18 38.05 -28.48
CA TYR D 88 1.10 37.39 -27.18
C TYR D 88 -0.38 37.20 -26.82
N GLN D 89 -1.00 36.25 -27.52
CA GLN D 89 -2.41 35.96 -27.33
C GLN D 89 -2.64 34.46 -27.51
N VAL D 90 -3.76 33.99 -26.98
CA VAL D 90 -4.09 32.56 -27.14
C VAL D 90 -4.29 32.25 -28.61
N PRO D 91 -3.64 31.24 -29.17
CA PRO D 91 -3.83 30.94 -30.59
C PRO D 91 -5.26 30.52 -30.89
N ARG D 92 -5.71 30.85 -32.10
CA ARG D 92 -7.07 30.49 -32.51
C ARG D 92 -7.19 28.99 -32.74
N GLY D 93 -8.42 28.50 -32.60
CA GLY D 93 -8.67 27.07 -32.74
C GLY D 93 -8.04 26.24 -31.65
N VAL D 94 -8.05 26.73 -30.42
CA VAL D 94 -7.46 26.02 -29.28
C VAL D 94 -8.44 26.09 -28.11
N PRO D 95 -8.53 25.06 -27.27
CA PRO D 95 -9.43 25.14 -26.12
C PRO D 95 -9.08 26.30 -25.21
N PHE D 96 -10.12 26.92 -24.64
CA PHE D 96 -9.97 28.06 -23.75
C PHE D 96 -10.55 27.73 -22.38
N THR D 97 -9.78 28.05 -21.33
CA THR D 97 -10.22 27.83 -19.97
C THR D 97 -9.90 29.06 -19.14
N VAL D 98 -10.85 29.47 -18.29
CA VAL D 98 -10.65 30.64 -17.45
C VAL D 98 -9.81 30.34 -16.22
N LEU D 99 -9.54 29.07 -15.93
CA LEU D 99 -8.76 28.72 -14.74
C LEU D 99 -7.27 29.03 -14.91
N GLU D 100 -6.81 29.26 -16.13
CA GLU D 100 -5.42 29.61 -16.37
C GLU D 100 -5.22 31.12 -16.23
N SER D 101 -4.08 31.50 -15.68
CA SER D 101 -3.85 32.91 -15.32
C SER D 101 -3.79 33.79 -16.56
N VAL D 102 -3.01 33.40 -17.56
CA VAL D 102 -2.85 34.25 -18.74
C VAL D 102 -4.18 34.40 -19.47
N HIS D 103 -4.99 33.35 -19.52
CA HIS D 103 -6.31 33.46 -20.12
C HIS D 103 -7.16 34.48 -19.37
N ARG D 104 -7.11 34.45 -18.03
CA ARG D 104 -7.82 35.45 -17.23
C ARG D 104 -7.35 36.85 -17.57
N PHE D 105 -6.03 37.05 -17.65
CA PHE D 105 -5.51 38.37 -17.95
C PHE D 105 -6.00 38.85 -19.30
N GLU D 106 -5.93 37.99 -20.31
CA GLU D 106 -6.33 38.39 -21.66
C GLU D 106 -7.82 38.72 -21.71
N ILE D 107 -8.66 37.87 -21.12
CA ILE D 107 -10.10 38.11 -21.18
C ILE D 107 -10.47 39.35 -20.38
N SER D 108 -9.80 39.59 -19.25
CA SER D 108 -10.06 40.80 -18.48
C SER D 108 -9.67 42.04 -19.26
N VAL D 109 -8.52 42.02 -19.94
CA VAL D 109 -8.09 43.17 -20.72
C VAL D 109 -9.08 43.45 -21.84
N TYR D 110 -9.52 42.40 -22.54
CA TYR D 110 -10.47 42.60 -23.63
C TYR D 110 -11.81 43.10 -23.11
N TYR D 111 -12.26 42.60 -21.95
CA TYR D 111 -13.49 43.11 -21.36
C TYR D 111 -13.36 44.58 -21.00
N SER D 112 -12.21 44.96 -20.42
CA SER D 112 -12.00 46.37 -20.08
C SER D 112 -12.03 47.24 -21.33
N LEU D 113 -11.40 46.77 -22.41
CA LEU D 113 -11.40 47.53 -23.66
C LEU D 113 -12.82 47.68 -24.21
N LEU D 114 -13.56 46.58 -24.26
CA LEU D 114 -14.92 46.63 -24.83
C LEU D 114 -15.85 47.49 -23.97
N TYR D 115 -15.77 47.36 -22.65
CA TYR D 115 -16.67 48.08 -21.77
C TYR D 115 -16.38 49.58 -21.74
N SER D 116 -15.16 49.98 -22.11
CA SER D 116 -14.79 51.39 -22.12
C SER D 116 -15.17 52.10 -23.42
N ALA D 117 -16.04 51.49 -24.22
CA ALA D 117 -16.47 52.11 -25.47
C ALA D 117 -17.51 53.17 -25.17
N LYS D 118 -17.21 54.42 -25.52
CA LYS D 118 -18.13 55.51 -25.23
C LYS D 118 -19.42 55.38 -26.04
N THR D 119 -19.30 55.04 -27.32
CA THR D 119 -20.44 54.91 -28.22
C THR D 119 -20.68 53.45 -28.60
N TYR D 120 -21.94 53.14 -28.93
CA TYR D 120 -22.27 51.81 -29.43
C TYR D 120 -21.58 51.48 -30.73
N ASP D 121 -21.35 52.49 -31.58
CA ASP D 121 -20.62 52.27 -32.82
C ASP D 121 -19.19 51.82 -32.54
N THR D 122 -18.52 52.48 -31.59
CA THR D 122 -17.16 52.10 -31.23
C THR D 122 -17.14 50.69 -30.66
N PHE D 123 -18.13 50.36 -29.83
CA PHE D 123 -18.25 49.02 -29.27
C PHE D 123 -18.38 47.95 -30.36
N TYR D 124 -19.27 48.18 -31.32
CA TYR D 124 -19.43 47.22 -32.41
C TYR D 124 -18.17 47.11 -33.25
N LYS D 125 -17.51 48.24 -33.51
CA LYS D 125 -16.32 48.21 -34.34
C LYS D 125 -15.16 47.50 -33.64
N THR D 126 -15.06 47.63 -32.32
CA THR D 126 -14.08 46.86 -31.57
C THR D 126 -14.44 45.39 -31.53
N ALA D 127 -15.74 45.07 -31.43
CA ALA D 127 -16.17 43.68 -31.42
C ALA D 127 -15.81 42.99 -32.73
N VAL D 128 -16.02 43.67 -33.86
CA VAL D 128 -15.67 43.09 -35.15
C VAL D 128 -14.16 42.85 -35.23
N PHE D 129 -13.38 43.84 -34.83
CA PHE D 129 -11.93 43.70 -34.90
C PHE D 129 -11.44 42.54 -34.04
N LEU D 130 -11.98 42.41 -32.83
CA LEU D 130 -11.57 41.29 -31.98
C LEU D 130 -12.04 39.96 -32.55
N ARG D 131 -13.27 39.90 -33.06
CA ARG D 131 -13.73 38.70 -33.74
C ARG D 131 -12.75 38.30 -34.83
N GLN D 132 -12.18 39.28 -35.52
CA GLN D 132 -11.18 38.99 -36.54
C GLN D 132 -9.86 38.51 -35.92
N HIS D 133 -9.48 39.07 -34.76
CA HIS D 133 -8.16 38.84 -34.19
C HIS D 133 -8.21 38.26 -32.78
N VAL D 134 -9.16 37.38 -32.47
CA VAL D 134 -9.25 36.77 -31.15
C VAL D 134 -9.83 35.36 -31.27
N ASN D 135 -9.46 34.51 -30.31
CA ASN D 135 -9.96 33.15 -30.26
C ASN D 135 -11.48 33.13 -30.15
N GLU D 136 -12.09 32.06 -30.66
CA GLU D 136 -13.54 32.01 -30.78
C GLU D 136 -14.20 31.97 -29.40
N ASN D 137 -13.77 31.04 -28.54
CA ASN D 137 -14.41 30.87 -27.24
C ASN D 137 -14.25 32.12 -26.38
N LEU D 138 -13.04 32.67 -26.34
CA LEU D 138 -12.80 33.87 -25.54
C LEU D 138 -13.64 35.03 -26.04
N PHE D 139 -13.70 35.22 -27.37
CA PHE D 139 -14.49 36.31 -27.92
C PHE D 139 -15.97 36.15 -27.58
N VAL D 140 -16.50 34.93 -27.74
CA VAL D 140 -17.91 34.71 -27.44
C VAL D 140 -18.19 35.03 -25.98
N ASN D 141 -17.35 34.51 -25.07
CA ASN D 141 -17.57 34.72 -23.65
C ASN D 141 -17.52 36.20 -23.29
N VAL D 142 -16.48 36.90 -23.77
CA VAL D 142 -16.29 38.29 -23.40
C VAL D 142 -17.41 39.15 -23.99
N LEU D 143 -17.81 38.89 -25.23
CA LEU D 143 -18.88 39.66 -25.84
C LEU D 143 -20.20 39.43 -25.13
N SER D 144 -20.48 38.18 -24.74
CA SER D 144 -21.70 37.93 -23.98
C SER D 144 -21.69 38.67 -22.65
N VAL D 145 -20.56 38.64 -21.95
CA VAL D 145 -20.47 39.33 -20.66
C VAL D 145 -20.67 40.83 -20.86
N VAL D 146 -20.04 41.40 -21.89
CA VAL D 146 -20.19 42.83 -22.14
C VAL D 146 -21.63 43.18 -22.44
N ILE D 147 -22.28 42.37 -23.28
CA ILE D 147 -23.68 42.65 -23.63
C ILE D 147 -24.56 42.58 -22.39
N LEU D 148 -24.30 41.61 -21.50
CA LEU D 148 -25.13 41.48 -20.31
C LEU D 148 -24.94 42.67 -19.35
N HIS D 149 -23.74 43.24 -19.30
CA HIS D 149 -23.41 44.26 -18.31
C HIS D 149 -23.24 45.65 -18.90
N ARG D 150 -23.85 45.92 -20.06
CA ARG D 150 -23.77 47.22 -20.70
C ARG D 150 -25.15 47.81 -20.85
N SER D 151 -25.28 49.09 -20.51
CA SER D 151 -26.57 49.76 -20.57
C SER D 151 -27.11 49.84 -22.00
N ASP D 152 -26.23 50.11 -22.97
CA ASP D 152 -26.67 50.24 -24.36
C ASP D 152 -27.19 48.92 -24.93
N THR D 153 -26.95 47.80 -24.25
CA THR D 153 -27.33 46.49 -24.74
C THR D 153 -28.12 45.72 -23.68
N GLN D 154 -29.05 46.39 -23.01
CA GLN D 154 -29.92 45.74 -22.03
C GLN D 154 -31.14 45.10 -22.68
N ASP D 155 -31.36 45.30 -23.97
CA ASP D 155 -32.46 44.68 -24.69
C ASP D 155 -32.01 43.55 -25.62
N ILE D 156 -30.75 43.58 -26.07
CA ILE D 156 -30.24 42.53 -26.95
C ILE D 156 -30.34 41.18 -26.24
N ARG D 157 -30.79 40.18 -26.97
CA ARG D 157 -30.87 38.81 -26.48
C ARG D 157 -29.76 37.98 -27.10
N ILE D 158 -28.97 37.31 -26.27
CA ILE D 158 -27.83 36.53 -26.73
C ILE D 158 -28.27 35.10 -27.00
N PRO D 159 -27.71 34.41 -27.99
CA PRO D 159 -28.17 33.05 -28.30
C PRO D 159 -27.73 32.07 -27.22
N PRO D 160 -28.41 30.92 -27.10
CA PRO D 160 -27.97 29.91 -26.14
C PRO D 160 -26.57 29.40 -26.46
N ILE D 161 -25.84 29.04 -25.41
CA ILE D 161 -24.48 28.54 -25.60
C ILE D 161 -24.49 27.21 -26.34
N TYR D 162 -25.49 26.36 -26.08
CA TYR D 162 -25.51 25.04 -26.71
C TYR D 162 -25.82 25.10 -28.20
N ASP D 163 -26.18 26.27 -28.73
CA ASP D 163 -26.33 26.45 -30.17
C ASP D 163 -25.07 26.99 -30.83
N VAL D 164 -24.31 27.85 -30.14
CA VAL D 164 -23.09 28.39 -30.72
C VAL D 164 -22.01 27.32 -30.82
N PHE D 165 -21.86 26.51 -29.77
CA PHE D 165 -20.84 25.46 -29.71
C PHE D 165 -21.52 24.15 -29.34
N PRO D 166 -22.18 23.49 -30.29
CA PRO D 166 -22.85 22.21 -29.97
C PRO D 166 -21.89 21.11 -29.55
N SER D 167 -20.60 21.23 -29.86
CA SER D 167 -19.65 20.15 -29.60
C SER D 167 -19.44 19.89 -28.12
N TYR D 168 -19.86 20.80 -27.25
CA TYR D 168 -19.70 20.64 -25.80
C TYR D 168 -20.89 19.96 -25.15
N PHE D 169 -21.92 19.59 -25.91
CA PHE D 169 -23.13 19.02 -25.34
C PHE D 169 -23.58 17.73 -26.03
N HIS D 170 -22.87 17.27 -27.06
CA HIS D 170 -23.22 16.03 -27.75
C HIS D 170 -21.96 15.22 -27.97
N ASN D 171 -22.15 13.90 -28.08
CA ASN D 171 -21.02 13.00 -28.25
C ASN D 171 -20.36 13.19 -29.60
N GLY D 172 -19.08 12.81 -29.67
CA GLY D 172 -18.34 12.96 -30.91
C GLY D 172 -18.91 12.17 -32.07
N GLU D 173 -19.46 10.99 -31.78
CA GLU D 173 -20.08 10.19 -32.83
C GLU D 173 -21.23 10.94 -33.48
N ILE D 174 -22.05 11.61 -32.68
CA ILE D 174 -23.16 12.38 -33.22
C ILE D 174 -22.66 13.46 -34.16
N MET D 175 -21.61 14.18 -33.76
CA MET D 175 -21.10 15.27 -34.58
C MET D 175 -20.48 14.75 -35.87
N THR D 176 -19.74 13.64 -35.80
CA THR D 176 -19.17 13.06 -37.01
C THR D 176 -20.28 12.60 -37.96
N THR D 177 -21.30 11.95 -37.42
CA THR D 177 -22.43 11.53 -38.25
C THR D 177 -23.13 12.74 -38.88
N ALA D 178 -23.26 13.83 -38.12
CA ALA D 178 -23.85 15.05 -38.66
C ALA D 178 -23.03 15.56 -39.85
N GLN D 179 -21.71 15.65 -39.67
CA GLN D 179 -20.85 16.11 -40.75
C GLN D 179 -21.01 15.22 -41.98
N ARG D 180 -21.03 13.91 -41.78
CA ARG D 180 -21.15 12.99 -42.90
C ARG D 180 -22.49 13.14 -43.61
N ILE D 181 -23.59 13.17 -42.86
CA ILE D 181 -24.91 13.28 -43.48
C ILE D 181 -25.04 14.60 -44.22
N THR D 182 -24.43 15.66 -43.70
CA THR D 182 -24.52 16.96 -44.37
C THR D 182 -23.70 16.97 -45.66
N THR D 183 -22.44 16.55 -45.58
CA THR D 183 -21.57 16.61 -46.76
C THR D 183 -22.00 15.60 -47.82
N HIS D 184 -22.71 14.54 -47.42
CA HIS D 184 -23.15 13.52 -48.36
C HIS D 184 -24.26 14.03 -49.27
N GLY D 185 -24.81 15.20 -48.96
CA GLY D 185 -25.95 15.68 -49.71
C GLY D 185 -27.23 14.93 -49.43
N GLN D 186 -27.30 14.25 -48.29
CA GLN D 186 -28.48 13.48 -47.89
C GLN D 186 -28.83 12.40 -48.92
N ARG D 187 -27.81 11.84 -49.58
CA ARG D 187 -27.99 10.67 -50.43
C ARG D 187 -27.63 9.37 -49.73
N MET D 188 -26.52 9.33 -49.01
CA MET D 188 -26.24 8.21 -48.12
C MET D 188 -26.89 8.36 -46.77
N LEU D 189 -27.54 9.50 -46.50
CA LEU D 189 -28.31 9.66 -45.28
C LEU D 189 -29.47 8.67 -45.23
N GLU D 190 -30.17 8.49 -46.36
CA GLU D 190 -31.27 7.53 -46.40
C GLU D 190 -30.77 6.10 -46.26
N HIS D 191 -29.48 5.85 -46.45
CA HIS D 191 -28.92 4.55 -46.10
C HIS D 191 -28.83 4.39 -44.58
N TYR D 192 -28.50 5.47 -43.88
CA TYR D 192 -28.53 5.45 -42.42
C TYR D 192 -29.95 5.21 -41.92
N PRO D 193 -30.19 4.19 -41.10
CA PRO D 193 -31.53 4.05 -40.53
C PRO D 193 -31.79 4.98 -39.36
N SER D 194 -30.73 5.36 -38.62
CA SER D 194 -30.90 6.22 -37.46
C SER D 194 -31.52 7.55 -37.84
N THR D 195 -30.97 8.21 -38.86
CA THR D 195 -31.43 9.53 -39.24
C THR D 195 -32.78 9.43 -39.98
N TYR D 196 -33.55 10.51 -39.88
CA TYR D 196 -34.86 10.58 -40.52
C TYR D 196 -35.22 12.04 -40.75
N VAL D 197 -36.18 12.26 -41.64
CA VAL D 197 -36.62 13.59 -42.02
C VAL D 197 -37.97 13.85 -41.35
N TRP D 198 -37.95 14.61 -40.26
CA TRP D 198 -39.20 14.94 -39.57
C TRP D 198 -40.00 15.98 -40.34
N GLU D 199 -39.33 16.96 -40.92
CA GLU D 199 -39.99 18.00 -41.71
C GLU D 199 -39.05 18.44 -42.81
N ASN D 200 -39.56 19.26 -43.72
CA ASN D 200 -38.74 19.81 -44.79
C ASN D 200 -37.60 20.64 -44.21
N ASN D 201 -36.43 20.53 -44.82
CA ASN D 201 -35.23 21.29 -44.47
C ASN D 201 -34.64 20.91 -43.13
N VAL D 202 -35.10 19.82 -42.51
CA VAL D 202 -34.56 19.36 -41.23
C VAL D 202 -34.42 17.84 -41.27
N VAL D 203 -33.28 17.35 -40.79
CA VAL D 203 -33.03 15.92 -40.66
C VAL D 203 -32.63 15.64 -39.22
N ILE D 204 -33.25 14.62 -38.62
CA ILE D 204 -33.14 14.35 -37.19
C ILE D 204 -32.57 12.96 -36.99
N ARG D 205 -31.82 12.79 -35.90
CA ARG D 205 -31.17 11.54 -35.54
C ARG D 205 -31.74 11.00 -34.24
N HIS D 206 -31.20 9.88 -33.80
CA HIS D 206 -31.52 9.27 -32.51
C HIS D 206 -30.23 9.11 -31.70
N ASN D 207 -30.22 9.64 -30.48
CA ASN D 207 -29.17 9.34 -29.53
C ASN D 207 -29.57 8.22 -28.57
N GLU D 208 -30.75 7.63 -28.75
CA GLU D 208 -31.19 6.55 -27.88
C GLU D 208 -30.26 5.35 -27.96
N THR D 209 -29.83 5.00 -29.17
CA THR D 209 -28.96 3.85 -29.40
C THR D 209 -27.58 4.36 -29.81
N ALA D 210 -26.70 4.54 -28.83
CA ALA D 210 -25.33 4.99 -29.08
C ALA D 210 -24.60 4.96 -27.74
N TRP D 211 -23.27 5.08 -27.82
CA TRP D 211 -22.41 5.12 -26.64
C TRP D 211 -22.64 3.91 -25.73
N PRO D 212 -22.65 2.69 -26.28
CA PRO D 212 -22.76 1.50 -25.40
C PRO D 212 -21.62 1.38 -24.42
N TYR D 213 -20.44 1.88 -24.79
CA TYR D 213 -19.33 1.99 -23.85
C TYR D 213 -19.50 3.26 -23.03
N TYR D 214 -19.55 3.11 -21.71
CA TYR D 214 -19.84 4.24 -20.82
C TYR D 214 -19.29 3.92 -19.44
N CYS D 215 -19.25 4.95 -18.60
CA CYS D 215 -18.62 4.82 -17.28
C CYS D 215 -19.34 3.80 -16.40
N ASN D 216 -20.67 3.80 -16.43
CA ASN D 216 -21.50 2.94 -15.58
C ASN D 216 -21.28 3.38 -14.13
N THR D 217 -21.02 2.46 -13.19
CA THR D 217 -20.92 2.81 -11.78
C THR D 217 -22.09 3.69 -11.37
N GLU D 218 -21.83 4.90 -10.89
CA GLU D 218 -22.89 5.82 -10.46
C GLU D 218 -23.27 6.82 -11.55
N SER D 219 -22.72 6.69 -12.75
CA SER D 219 -22.88 7.70 -13.78
C SER D 219 -24.09 7.47 -14.69
N MET D 220 -24.46 6.21 -14.94
CA MET D 220 -25.52 5.94 -15.90
C MET D 220 -26.90 6.21 -15.33
N PRO D 221 -27.25 5.75 -14.12
CA PRO D 221 -28.62 5.93 -13.64
C PRO D 221 -29.04 7.38 -13.54
N VAL D 222 -28.11 8.31 -13.35
CA VAL D 222 -28.43 9.73 -13.25
C VAL D 222 -28.00 10.47 -14.51
N SER D 223 -27.73 9.74 -15.60
CA SER D 223 -27.28 10.38 -16.83
C SER D 223 -28.35 11.27 -17.45
N TYR D 224 -29.62 11.04 -17.13
CA TYR D 224 -30.68 11.88 -17.66
C TYR D 224 -30.72 13.25 -16.99
N PHE D 225 -30.06 13.40 -15.84
CA PHE D 225 -30.01 14.66 -15.11
C PHE D 225 -28.66 15.35 -15.23
N THR D 226 -27.57 14.59 -15.10
CA THR D 226 -26.24 15.19 -15.12
C THR D 226 -25.83 15.63 -16.51
N HIS D 227 -26.29 14.94 -17.56
CA HIS D 227 -25.95 15.26 -18.93
C HIS D 227 -26.96 16.17 -19.61
N ASP D 228 -27.93 16.68 -18.86
CA ASP D 228 -28.93 17.56 -19.44
C ASP D 228 -28.27 18.82 -19.98
N VAL D 229 -28.66 19.20 -21.20
CA VAL D 229 -28.07 20.39 -21.82
C VAL D 229 -28.42 21.64 -21.02
N THR D 230 -29.66 21.74 -20.57
CA THR D 230 -30.11 22.96 -19.91
C THR D 230 -29.34 23.22 -18.62
N LEU D 231 -28.99 22.16 -17.89
CA LEU D 231 -28.27 22.34 -16.63
C LEU D 231 -26.88 22.92 -16.85
N ASN D 232 -26.14 22.37 -17.81
CA ASN D 232 -24.82 22.90 -18.13
C ASN D 232 -24.92 24.31 -18.69
N ALA D 233 -25.91 24.57 -19.53
CA ALA D 233 -26.12 25.93 -20.03
C ALA D 233 -26.41 26.88 -18.87
N LEU D 234 -27.17 26.42 -17.87
CA LEU D 234 -27.46 27.26 -16.72
C LEU D 234 -26.21 27.58 -15.94
N TYR D 235 -25.34 26.59 -15.73
CA TYR D 235 -24.07 26.85 -15.05
C TYR D 235 -23.24 27.87 -15.83
N TYR D 236 -23.18 27.71 -17.15
CA TYR D 236 -22.41 28.63 -17.99
C TYR D 236 -22.97 30.04 -17.90
N ASN D 237 -24.30 30.18 -17.94
CA ASN D 237 -24.90 31.51 -17.87
C ASN D 237 -24.71 32.12 -16.48
N ILE D 238 -24.76 31.29 -15.43
CA ILE D 238 -24.52 31.79 -14.08
C ILE D 238 -23.12 32.36 -13.98
N LYS D 239 -22.13 31.64 -14.51
CA LYS D 239 -20.77 32.17 -14.47
C LYS D 239 -20.55 33.31 -15.45
N LEU D 240 -21.42 33.44 -16.45
CA LEU D 240 -21.43 34.66 -17.25
C LEU D 240 -21.90 35.86 -16.42
N ALA D 241 -22.91 35.64 -15.58
CA ALA D 241 -23.44 36.73 -14.77
C ALA D 241 -22.46 37.15 -13.68
N TYR D 242 -21.73 36.19 -13.11
CA TYR D 242 -20.78 36.45 -12.02
C TYR D 242 -19.44 35.83 -12.38
N PRO D 243 -18.71 36.42 -13.31
CA PRO D 243 -17.37 35.90 -13.62
C PRO D 243 -16.42 36.07 -12.45
N ILE D 244 -15.50 35.11 -12.31
CA ILE D 244 -14.53 35.19 -11.23
C ILE D 244 -13.51 36.30 -11.45
N TRP D 245 -13.37 36.77 -12.69
CA TRP D 245 -12.38 37.77 -13.05
C TRP D 245 -12.94 39.19 -13.13
N LEU D 246 -14.22 39.37 -12.80
CA LEU D 246 -14.88 40.67 -12.90
C LEU D 246 -15.21 41.19 -11.50
N ARG D 247 -14.79 42.43 -11.22
CA ARG D 247 -15.08 43.05 -9.95
C ARG D 247 -16.48 43.65 -9.95
N SER D 248 -17.18 43.49 -8.83
CA SER D 248 -18.58 43.88 -8.75
C SER D 248 -18.71 45.41 -8.72
N ASP D 249 -19.84 45.87 -9.26
CA ASP D 249 -20.26 47.27 -9.21
C ASP D 249 -21.39 47.40 -8.19
N ALA D 250 -22.00 48.59 -8.14
CA ALA D 250 -23.09 48.81 -7.19
C ALA D 250 -24.18 47.77 -7.35
N CYS D 251 -24.54 47.45 -8.59
CA CYS D 251 -25.56 46.42 -8.83
C CYS D 251 -25.08 45.06 -8.35
N ALA D 252 -23.87 44.67 -8.75
CA ALA D 252 -23.33 43.37 -8.35
C ALA D 252 -22.93 43.31 -6.89
N ILE D 253 -22.80 44.47 -6.22
CA ILE D 253 -22.46 44.47 -4.80
C ILE D 253 -23.68 44.21 -3.94
N LYS D 254 -24.89 44.45 -4.45
CA LYS D 254 -26.13 44.10 -3.77
C LYS D 254 -26.60 42.69 -4.11
N GLU D 255 -25.85 41.97 -4.94
CA GLU D 255 -26.22 40.62 -5.35
C GLU D 255 -25.86 39.57 -4.30
N LYS D 256 -25.02 39.91 -3.33
CA LYS D 256 -24.60 38.97 -2.29
C LYS D 256 -24.00 37.72 -2.94
N ARG D 257 -22.89 37.94 -3.62
CA ARG D 257 -22.26 36.90 -4.44
C ARG D 257 -22.04 35.62 -3.64
N GLY D 258 -21.46 35.74 -2.44
CA GLY D 258 -21.14 34.54 -1.66
C GLY D 258 -22.38 33.77 -1.24
N GLU D 259 -23.42 34.48 -0.82
CA GLU D 259 -24.65 33.81 -0.41
C GLU D 259 -25.30 33.11 -1.60
N LEU D 260 -25.26 33.74 -2.78
CA LEU D 260 -25.77 33.07 -3.98
C LEU D 260 -24.97 31.81 -4.27
N PHE D 261 -23.65 31.89 -4.18
CA PHE D 261 -22.80 30.72 -4.38
C PHE D 261 -23.22 29.57 -3.46
N PHE D 262 -23.31 29.87 -2.16
CA PHE D 262 -23.66 28.84 -1.19
C PHE D 262 -25.04 28.26 -1.47
N PHE D 263 -26.03 29.13 -1.69
CA PHE D 263 -27.41 28.66 -1.87
C PHE D 263 -27.53 27.81 -3.12
N TRP D 264 -26.93 28.25 -4.23
CA TRP D 264 -27.03 27.50 -5.48
C TRP D 264 -26.33 26.15 -5.37
N ASN D 265 -25.15 26.12 -4.73
CA ASN D 265 -24.47 24.84 -4.56
C ASN D 265 -25.31 23.90 -3.70
N LYS D 266 -25.90 24.41 -2.61
CA LYS D 266 -26.73 23.58 -1.76
C LYS D 266 -27.93 23.03 -2.53
N GLN D 267 -28.58 23.88 -3.32
CA GLN D 267 -29.74 23.44 -4.08
C GLN D 267 -29.36 22.36 -5.09
N LEU D 268 -28.24 22.57 -5.79
CA LEU D 268 -27.79 21.57 -6.77
C LEU D 268 -27.48 20.24 -6.10
N LEU D 269 -26.78 20.28 -4.95
CA LEU D 269 -26.43 19.04 -4.27
C LEU D 269 -27.65 18.33 -3.72
N ALA D 270 -28.64 19.08 -3.20
CA ALA D 270 -29.86 18.46 -2.72
C ALA D 270 -30.63 17.81 -3.86
N ARG D 271 -30.72 18.48 -5.01
CA ARG D 271 -31.39 17.88 -6.15
C ARG D 271 -30.67 16.63 -6.64
N TYR D 272 -29.33 16.67 -6.67
CA TYR D 272 -28.56 15.52 -7.11
C TYR D 272 -28.75 14.34 -6.16
N TYR D 273 -28.78 14.61 -4.85
CA TYR D 273 -29.01 13.54 -3.88
C TYR D 273 -30.42 12.96 -4.04
N MET D 274 -31.42 13.81 -4.29
CA MET D 274 -32.76 13.29 -4.55
C MET D 274 -32.77 12.39 -5.77
N GLU D 275 -32.08 12.80 -6.84
CA GLU D 275 -32.02 11.94 -8.03
C GLU D 275 -31.35 10.62 -7.72
N ARG D 276 -30.24 10.64 -6.97
CA ARG D 276 -29.54 9.40 -6.64
C ARG D 276 -30.44 8.48 -5.84
N LEU D 277 -31.15 9.01 -4.85
CA LEU D 277 -32.07 8.18 -4.09
C LEU D 277 -33.19 7.64 -4.97
N SER D 278 -33.67 8.45 -5.92
CA SER D 278 -34.71 7.98 -6.83
C SER D 278 -34.22 6.79 -7.66
N VAL D 279 -32.98 6.85 -8.15
CA VAL D 279 -32.43 5.77 -8.95
C VAL D 279 -31.69 4.74 -8.11
N GLY D 280 -31.75 4.85 -6.78
CA GLY D 280 -31.14 3.85 -5.92
C GLY D 280 -29.63 3.75 -6.02
N LEU D 281 -28.94 4.89 -6.05
CA LEU D 281 -27.49 4.91 -6.07
C LEU D 281 -26.87 5.23 -4.72
N GLY D 282 -27.66 5.75 -3.78
CA GLY D 282 -27.17 6.00 -2.45
C GLY D 282 -26.67 7.42 -2.25
N GLU D 283 -26.04 7.63 -1.09
CA GLU D 283 -25.54 8.93 -0.72
C GLU D 283 -24.35 9.34 -1.58
N ILE D 284 -24.13 10.64 -1.67
CA ILE D 284 -22.99 11.15 -2.45
C ILE D 284 -21.70 10.67 -1.81
N PRO D 285 -20.78 10.04 -2.55
CA PRO D 285 -19.55 9.57 -1.93
C PRO D 285 -18.75 10.71 -1.33
N GLU D 286 -18.11 10.43 -0.20
CA GLU D 286 -17.27 11.42 0.48
C GLU D 286 -15.88 11.39 -0.12
N LEU D 287 -15.33 12.57 -0.41
CA LEU D 287 -14.04 12.69 -1.06
C LEU D 287 -12.93 12.74 -0.01
N GLY D 288 -11.94 11.87 -0.16
CA GLY D 288 -10.81 11.81 0.73
C GLY D 288 -9.59 12.50 0.16
N LEU D 289 -8.42 12.09 0.66
CA LEU D 289 -7.14 12.67 0.23
C LEU D 289 -6.15 11.58 -0.16
N ASN D 290 -6.60 10.36 -0.37
CA ASN D 290 -5.72 9.24 -0.70
C ASN D 290 -6.07 8.57 -2.02
N GLU D 291 -7.36 8.37 -2.31
CA GLU D 291 -7.75 7.66 -3.51
C GLU D 291 -9.19 8.01 -3.87
N VAL D 292 -9.46 8.10 -5.17
CA VAL D 292 -10.80 8.29 -5.70
C VAL D 292 -11.18 7.05 -6.49
N GLU D 293 -12.28 6.40 -6.09
CA GLU D 293 -12.66 5.14 -6.71
C GLU D 293 -13.35 5.34 -8.06
N GLU D 294 -14.25 6.32 -8.15
CA GLU D 294 -15.05 6.48 -9.36
C GLU D 294 -14.31 7.34 -10.38
N GLY D 295 -14.21 6.83 -11.61
CA GLY D 295 -13.64 7.55 -12.72
C GLY D 295 -14.72 8.11 -13.64
N TYR D 296 -14.25 8.71 -14.74
CA TYR D 296 -15.17 9.31 -15.70
C TYR D 296 -14.56 9.26 -17.10
N VAL D 297 -15.36 8.84 -18.07
CA VAL D 297 -15.04 8.92 -19.48
C VAL D 297 -16.10 9.78 -20.14
N SER D 298 -15.69 10.92 -20.69
CA SER D 298 -16.65 11.90 -21.20
C SER D 298 -17.31 11.42 -22.48
N GLY D 299 -16.52 10.91 -23.43
CA GLY D 299 -17.03 10.61 -24.74
C GLY D 299 -17.19 11.81 -25.63
N LEU D 300 -16.69 12.97 -25.23
CA LEU D 300 -16.79 14.20 -25.99
C LEU D 300 -15.51 14.46 -26.77
N LEU D 301 -15.63 15.28 -27.81
CA LEU D 301 -14.50 15.64 -28.65
C LEU D 301 -14.49 17.15 -28.86
N TYR D 302 -13.29 17.72 -28.87
CA TYR D 302 -13.14 19.13 -29.15
C TYR D 302 -13.38 19.41 -30.64
N HIS D 303 -13.51 20.69 -30.97
CA HIS D 303 -13.79 21.07 -32.36
C HIS D 303 -12.73 20.51 -33.31
N ASN D 304 -11.45 20.65 -32.95
CA ASN D 304 -10.40 20.14 -33.81
C ASN D 304 -10.42 18.61 -33.89
N GLY D 305 -10.76 17.94 -32.79
CA GLY D 305 -10.85 16.50 -32.78
C GLY D 305 -9.95 15.83 -31.75
N ILE D 306 -9.58 16.57 -30.71
CA ILE D 306 -8.73 16.03 -29.65
C ILE D 306 -9.62 15.42 -28.56
N PRO D 307 -9.42 14.16 -28.21
CA PRO D 307 -10.25 13.57 -27.14
C PRO D 307 -9.99 14.23 -25.79
N TYR D 308 -11.02 14.18 -24.94
CA TYR D 308 -10.93 14.74 -23.61
C TYR D 308 -10.09 13.85 -22.69
N PRO D 309 -9.49 14.41 -21.65
CA PRO D 309 -8.79 13.59 -20.67
C PRO D 309 -9.75 12.66 -19.94
N VAL D 310 -9.22 11.51 -19.49
CA VAL D 310 -9.99 10.47 -18.82
C VAL D 310 -9.39 10.23 -17.44
N ARG D 311 -10.25 10.22 -16.42
CA ARG D 311 -9.82 9.85 -15.08
C ARG D 311 -10.08 8.36 -14.86
N PRO D 312 -9.06 7.56 -14.56
CA PRO D 312 -9.28 6.14 -14.35
C PRO D 312 -9.96 5.85 -13.02
N ASN D 313 -10.52 4.65 -12.92
CA ASN D 313 -11.07 4.19 -11.65
C ASN D 313 -9.94 3.87 -10.68
N HIS D 314 -10.22 4.07 -9.39
CA HIS D 314 -9.25 3.82 -8.33
C HIS D 314 -7.98 4.64 -8.55
N LEU D 315 -8.16 5.95 -8.78
CA LEU D 315 -7.02 6.84 -8.95
C LEU D 315 -6.29 7.02 -7.64
N VAL D 316 -4.96 6.89 -7.68
CA VAL D 316 -4.13 6.96 -6.49
C VAL D 316 -3.57 8.37 -6.36
N LEU D 317 -3.67 8.94 -5.17
CA LEU D 317 -3.23 10.31 -4.91
C LEU D 317 -2.06 10.39 -3.93
N ASN D 318 -1.56 9.26 -3.43
CA ASN D 318 -0.48 9.24 -2.45
C ASN D 318 0.74 8.50 -3.01
N HIS D 319 1.06 8.74 -4.27
CA HIS D 319 2.22 8.18 -4.93
C HIS D 319 3.13 9.31 -5.39
N GLN D 320 4.22 8.94 -6.08
CA GLN D 320 5.19 9.92 -6.58
C GLN D 320 4.66 10.56 -7.86
N THR D 321 3.71 11.48 -7.67
CA THR D 321 3.10 12.20 -8.77
C THR D 321 2.80 13.62 -8.33
N TRP D 322 2.60 14.51 -9.31
CA TRP D 322 2.21 15.89 -9.01
C TRP D 322 0.88 15.95 -8.25
N HIS D 323 0.06 14.90 -8.35
CA HIS D 323 -1.17 14.84 -7.58
C HIS D 323 -0.90 15.04 -6.09
N ALA D 324 0.18 14.43 -5.59
CA ALA D 324 0.47 14.55 -4.17
C ALA D 324 0.76 15.99 -3.78
N GLU D 325 1.57 16.70 -4.57
CA GLU D 325 1.87 18.10 -4.26
C GLU D 325 0.61 18.95 -4.34
N ALA D 326 -0.21 18.72 -5.36
CA ALA D 326 -1.46 19.48 -5.47
C ALA D 326 -2.35 19.23 -4.26
N ILE D 327 -2.43 17.98 -3.81
CA ILE D 327 -3.27 17.66 -2.65
C ILE D 327 -2.70 18.29 -1.39
N GLU D 328 -1.37 18.36 -1.27
CA GLU D 328 -0.78 19.01 -0.11
C GLU D 328 -1.13 20.49 -0.08
N GLU D 329 -1.04 21.17 -1.23
CA GLU D 329 -1.43 22.57 -1.30
C GLU D 329 -2.91 22.73 -0.96
N ILE D 330 -3.76 21.83 -1.48
CA ILE D 330 -5.19 21.88 -1.19
C ILE D 330 -5.43 21.75 0.31
N GLU D 331 -4.73 20.80 0.94
CA GLU D 331 -4.88 20.60 2.37
C GLU D 331 -4.46 21.84 3.15
N VAL D 332 -3.35 22.46 2.75
CA VAL D 332 -2.91 23.67 3.43
C VAL D 332 -3.97 24.76 3.34
N TYR D 333 -4.51 24.98 2.13
CA TYR D 333 -5.49 26.04 1.95
C TYR D 333 -6.78 25.75 2.72
N GLU D 334 -7.25 24.50 2.68
CA GLU D 334 -8.45 24.15 3.43
C GLU D 334 -8.25 24.24 4.93
N ASN D 335 -7.05 23.93 5.42
CA ASN D 335 -6.75 24.13 6.83
C ASN D 335 -6.74 25.61 7.19
N ARG D 336 -6.24 26.46 6.28
CA ARG D 336 -6.34 27.90 6.52
C ARG D 336 -7.79 28.34 6.63
N ILE D 337 -8.65 27.83 5.74
CA ILE D 337 -10.07 28.17 5.80
C ILE D 337 -10.68 27.69 7.11
N ARG D 338 -10.34 26.47 7.52
CA ARG D 338 -10.88 25.92 8.77
C ARG D 338 -10.44 26.77 9.97
N ASP D 339 -9.17 27.17 9.99
CA ASP D 339 -8.68 28.01 11.09
C ASP D 339 -9.40 29.36 11.10
N MET D 340 -9.60 29.96 9.93
CA MET D 340 -10.33 31.21 9.87
C MET D 340 -11.75 31.06 10.39
N ILE D 341 -12.42 29.96 10.02
CA ILE D 341 -13.78 29.74 10.48
C ILE D 341 -13.82 29.55 11.99
N ASP D 342 -12.91 28.75 12.54
CA ASP D 342 -12.96 28.42 13.96
C ASP D 342 -12.57 29.62 14.82
N GLN D 343 -11.52 30.34 14.44
CA GLN D 343 -11.05 31.45 15.27
C GLN D 343 -12.05 32.60 15.29
N GLY D 344 -12.94 32.69 14.32
CA GLY D 344 -13.95 33.72 14.30
C GLY D 344 -13.58 34.99 13.57
N PHE D 345 -12.40 35.04 12.95
CA PHE D 345 -11.96 36.23 12.25
C PHE D 345 -11.05 35.83 11.10
N TYR D 346 -10.92 36.74 10.14
CA TYR D 346 -10.01 36.56 9.01
C TYR D 346 -8.94 37.65 9.03
N ILE D 347 -7.82 37.34 8.38
CA ILE D 347 -6.65 38.19 8.38
C ILE D 347 -6.68 39.05 7.11
N THR D 348 -6.46 40.35 7.29
CA THR D 348 -6.39 41.26 6.15
C THR D 348 -5.02 41.16 5.48
N ASN D 349 -4.85 41.89 4.37
CA ASN D 349 -3.58 41.90 3.68
C ASN D 349 -2.47 42.59 4.46
N THR D 350 -2.82 43.31 5.52
CA THR D 350 -1.84 43.98 6.37
C THR D 350 -1.57 43.25 7.68
N GLY D 351 -2.48 42.38 8.10
CA GLY D 351 -2.34 41.65 9.34
C GLY D 351 -3.43 41.94 10.37
N GLU D 352 -4.46 42.69 10.02
CA GLU D 352 -5.55 43.00 10.94
C GLU D 352 -6.54 41.84 11.01
N HIS D 353 -7.30 41.78 12.10
CA HIS D 353 -8.32 40.78 12.31
C HIS D 353 -9.69 41.39 12.06
N VAL D 354 -10.49 40.75 11.21
CA VAL D 354 -11.84 41.21 10.89
C VAL D 354 -12.79 40.07 11.26
N SER D 355 -13.72 40.36 12.17
CA SER D 355 -14.61 39.33 12.68
C SER D 355 -15.62 38.88 11.63
N ILE D 356 -15.95 37.59 11.66
CA ILE D 356 -16.96 37.03 10.76
C ILE D 356 -17.98 36.24 11.58
N ASN D 357 -18.09 36.56 12.87
CA ASN D 357 -18.98 35.81 13.76
C ASN D 357 -20.44 36.25 13.65
N SER D 358 -20.71 37.38 13.01
CA SER D 358 -22.10 37.81 12.87
C SER D 358 -22.80 36.97 11.81
N PRO D 359 -24.14 36.83 11.89
CA PRO D 359 -24.86 36.01 10.92
C PRO D 359 -24.89 36.59 9.52
N ASP D 360 -24.53 37.86 9.34
CA ASP D 360 -24.55 38.51 8.04
C ASP D 360 -23.21 38.45 7.32
N SER D 361 -22.24 37.69 7.87
CA SER D 361 -20.94 37.55 7.26
C SER D 361 -20.85 36.39 6.27
N ILE D 362 -21.98 35.74 5.96
CA ILE D 362 -21.96 34.62 5.02
C ILE D 362 -21.44 35.05 3.66
N ASP D 363 -21.77 36.26 3.22
CA ASP D 363 -21.35 36.73 1.91
C ASP D 363 -19.83 36.80 1.80
N VAL D 364 -19.17 37.44 2.77
CA VAL D 364 -17.72 37.54 2.73
C VAL D 364 -17.08 36.17 2.91
N LEU D 365 -17.72 35.30 3.70
CA LEU D 365 -17.23 33.93 3.84
C LEU D 365 -17.21 33.22 2.48
N GLY D 366 -18.32 33.32 1.74
CA GLY D 366 -18.38 32.71 0.42
C GLY D 366 -17.37 33.33 -0.53
N ARG D 367 -17.21 34.65 -0.47
CA ARG D 367 -16.24 35.31 -1.33
C ARG D 367 -14.81 34.83 -1.02
N LEU D 368 -14.50 34.67 0.27
CA LEU D 368 -13.19 34.13 0.64
C LEU D 368 -13.01 32.71 0.16
N ILE D 369 -14.03 31.87 0.31
CA ILE D 369 -13.90 30.47 -0.10
C ILE D 369 -13.73 30.37 -1.62
N GLU D 370 -14.44 31.23 -2.37
CA GLU D 370 -14.35 31.20 -3.82
C GLU D 370 -13.06 31.81 -4.33
N ALA D 371 -12.43 32.69 -3.57
CA ALA D 371 -11.17 33.32 -3.97
C ALA D 371 -11.33 34.12 -5.27
N ASN D 372 -12.46 34.80 -5.42
CA ASN D 372 -12.68 35.64 -6.59
C ASN D 372 -11.95 36.97 -6.42
N VAL D 373 -12.06 37.84 -7.43
CA VAL D 373 -11.43 39.14 -7.38
C VAL D 373 -12.04 40.07 -6.35
N ASP D 374 -13.22 39.71 -5.81
CA ASP D 374 -13.87 40.50 -4.77
C ASP D 374 -13.52 40.03 -3.38
N SER D 375 -12.66 39.02 -3.24
CA SER D 375 -12.26 38.55 -1.93
C SER D 375 -11.31 39.56 -1.27
N PRO D 376 -11.43 39.77 0.04
CA PRO D 376 -10.55 40.75 0.70
C PRO D 376 -9.07 40.43 0.55
N ASN D 377 -8.70 39.15 0.65
CA ASN D 377 -7.28 38.75 0.67
C ASN D 377 -7.16 37.43 -0.11
N VAL D 378 -6.84 37.53 -1.40
CA VAL D 378 -6.66 36.34 -2.22
C VAL D 378 -5.26 35.76 -2.10
N GLN D 379 -4.28 36.55 -1.65
CA GLN D 379 -2.92 36.05 -1.54
C GLN D 379 -2.80 34.97 -0.47
N TYR D 380 -3.49 35.16 0.66
CA TYR D 380 -3.45 34.18 1.74
C TYR D 380 -4.54 33.12 1.60
N TYR D 381 -5.75 33.54 1.20
CA TYR D 381 -6.85 32.62 0.95
C TYR D 381 -6.91 32.38 -0.56
N LYS D 382 -6.41 31.24 -0.98
CA LYS D 382 -6.23 30.93 -2.39
C LYS D 382 -7.31 29.95 -2.86
N ASP D 383 -7.33 29.71 -4.17
CA ASP D 383 -8.40 28.93 -4.80
C ASP D 383 -8.00 27.46 -4.80
N PHE D 384 -8.47 26.74 -3.78
CA PHE D 384 -8.22 25.29 -3.71
C PHE D 384 -9.21 24.49 -4.54
N ILE D 385 -10.38 25.06 -4.86
CA ILE D 385 -11.35 24.34 -5.68
C ILE D 385 -10.82 24.13 -7.10
N SER D 386 -10.12 25.13 -7.63
CA SER D 386 -9.50 24.98 -8.94
C SER D 386 -8.44 23.89 -8.93
N ILE D 387 -7.68 23.79 -7.84
CA ILE D 387 -6.68 22.74 -7.72
C ILE D 387 -7.37 21.37 -7.63
N TRP D 388 -8.48 21.30 -6.90
CA TRP D 388 -9.25 20.05 -6.87
C TRP D 388 -9.71 19.66 -8.27
N LYS D 389 -10.20 20.63 -9.03
CA LYS D 389 -10.66 20.35 -10.40
C LYS D 389 -9.50 19.86 -11.26
N LYS D 390 -8.34 20.51 -11.16
CA LYS D 390 -7.19 20.06 -11.93
C LYS D 390 -6.77 18.65 -11.55
N VAL D 391 -6.77 18.34 -10.25
CA VAL D 391 -6.34 17.02 -9.80
C VAL D 391 -7.31 15.95 -10.29
N LEU D 392 -8.61 16.19 -10.14
CA LEU D 392 -9.60 15.18 -10.48
C LEU D 392 -9.97 15.17 -11.96
N GLY D 393 -9.45 16.11 -12.75
CA GLY D 393 -9.58 16.03 -14.19
C GLY D 393 -8.54 15.15 -14.85
N ASN D 394 -7.42 14.91 -14.17
CA ASN D 394 -6.36 14.06 -14.69
C ASN D 394 -5.90 14.55 -16.06
N SER D 395 -5.81 15.87 -16.22
CA SER D 395 -5.31 16.47 -17.45
C SER D 395 -3.79 16.49 -17.37
N LEU D 396 -3.14 15.68 -18.20
CA LEU D 396 -1.68 15.56 -18.15
C LEU D 396 -1.02 16.88 -18.50
N VAL D 397 -0.33 17.47 -17.53
CA VAL D 397 0.37 18.74 -17.75
C VAL D 397 1.68 18.45 -18.45
N HIS D 398 1.82 18.95 -19.68
CA HIS D 398 3.01 18.72 -20.49
C HIS D 398 3.87 19.96 -20.64
N GLU D 399 3.53 21.05 -19.96
CA GLU D 399 4.34 22.26 -19.91
C GLU D 399 4.80 22.68 -21.32
N SER D 400 3.81 22.87 -22.19
CA SER D 400 4.06 23.36 -23.54
C SER D 400 3.54 24.79 -23.66
N VAL D 401 4.31 25.63 -24.34
CA VAL D 401 4.02 27.05 -24.44
C VAL D 401 4.18 27.51 -25.88
N ALA D 402 3.37 28.48 -26.27
CA ALA D 402 3.41 29.10 -27.58
C ALA D 402 3.80 30.56 -27.45
N PHE D 403 4.46 31.09 -28.48
CA PHE D 403 4.97 32.46 -28.47
C PHE D 403 5.99 32.68 -27.35
N ASN D 404 6.63 31.60 -26.88
CA ASN D 404 7.41 31.63 -25.65
C ASN D 404 6.55 32.13 -24.48
N GLY D 405 5.24 32.03 -24.67
CA GLY D 405 4.26 32.63 -23.78
C GLY D 405 3.14 31.68 -23.43
N ILE D 406 1.92 32.08 -23.79
CA ILE D 406 0.68 31.40 -23.42
C ILE D 406 0.87 29.89 -23.41
N PRO D 407 0.69 29.22 -22.27
CA PRO D 407 0.69 27.75 -22.27
C PRO D 407 -0.44 27.18 -23.13
N LEU D 408 -0.19 26.00 -23.67
CA LEU D 408 -1.19 25.22 -24.38
C LEU D 408 -1.73 24.15 -23.43
N VAL D 409 -3.04 24.14 -23.21
CA VAL D 409 -3.68 23.27 -22.24
C VAL D 409 -4.83 22.54 -22.89
N VAL D 410 -5.02 21.28 -22.50
CA VAL D 410 -6.18 20.49 -22.92
C VAL D 410 -7.06 20.28 -21.70
N PRO D 411 -7.97 21.20 -21.41
CA PRO D 411 -8.76 21.10 -20.17
C PRO D 411 -9.69 19.90 -20.17
N SER D 412 -9.96 19.39 -18.97
CA SER D 412 -10.91 18.29 -18.80
C SER D 412 -12.31 18.87 -18.67
N VAL D 413 -13.29 17.99 -18.43
CA VAL D 413 -14.68 18.45 -18.30
C VAL D 413 -14.85 19.31 -17.06
N LEU D 414 -14.10 19.03 -16.00
CA LEU D 414 -14.25 19.77 -14.75
C LEU D 414 -13.72 21.20 -14.84
N GLU D 415 -12.85 21.49 -15.81
CA GLU D 415 -12.29 22.82 -15.96
C GLU D 415 -13.13 23.73 -16.85
N GLN D 416 -14.27 23.24 -17.35
CA GLN D 416 -15.20 24.04 -18.14
C GLN D 416 -16.55 24.03 -17.47
N TYR D 417 -17.14 25.22 -17.31
CA TYR D 417 -18.43 25.31 -16.64
C TYR D 417 -19.54 24.66 -17.45
N GLN D 418 -19.38 24.58 -18.76
CA GLN D 418 -20.37 23.98 -19.64
C GLN D 418 -20.28 22.46 -19.69
N THR D 419 -19.31 21.85 -19.01
CA THR D 419 -19.19 20.40 -18.95
C THR D 419 -18.86 19.88 -17.55
N ALA D 420 -18.73 20.75 -16.56
CA ALA D 420 -18.30 20.31 -15.23
C ALA D 420 -19.32 19.40 -14.58
N LEU D 421 -20.61 19.71 -14.73
CA LEU D 421 -21.65 19.00 -14.00
C LEU D 421 -21.79 17.55 -14.43
N ARG D 422 -21.17 17.14 -15.53
CA ARG D 422 -21.25 15.75 -15.98
C ARG D 422 -20.45 14.81 -15.08
N ASP D 423 -19.56 15.34 -14.24
CA ASP D 423 -18.65 14.50 -13.45
C ASP D 423 -19.07 14.46 -11.99
N PRO D 424 -19.24 13.28 -11.39
CA PRO D 424 -19.57 13.22 -9.96
C PRO D 424 -18.53 13.89 -9.06
N ALA D 425 -17.27 13.93 -9.49
CA ALA D 425 -16.24 14.56 -8.67
C ALA D 425 -16.60 16.00 -8.33
N TYR D 426 -17.28 16.70 -9.24
CA TYR D 426 -17.73 18.05 -8.94
C TYR D 426 -18.66 18.06 -7.75
N TYR D 427 -19.62 17.14 -7.72
CA TYR D 427 -20.55 17.08 -6.60
C TYR D 427 -19.83 16.70 -5.32
N MET D 428 -18.83 15.82 -5.40
CA MET D 428 -18.05 15.47 -4.21
C MET D 428 -17.31 16.70 -3.65
N ILE D 429 -16.67 17.46 -4.54
CA ILE D 429 -15.93 18.64 -4.10
C ILE D 429 -16.89 19.66 -3.48
N MET D 430 -18.03 19.88 -4.14
CA MET D 430 -19.00 20.82 -3.58
C MET D 430 -19.57 20.32 -2.26
N LYS D 431 -19.68 19.00 -2.08
CA LYS D 431 -20.09 18.47 -0.79
C LYS D 431 -19.06 18.78 0.29
N ARG D 432 -17.77 18.69 -0.05
CA ARG D 432 -16.74 19.08 0.91
C ARG D 432 -16.86 20.56 1.27
N VAL D 433 -17.03 21.42 0.26
CA VAL D 433 -17.17 22.85 0.53
C VAL D 433 -18.42 23.12 1.38
N LEU D 434 -19.49 22.36 1.12
CA LEU D 434 -20.69 22.50 1.91
C LEU D 434 -20.51 21.97 3.33
N LYS D 435 -19.61 21.00 3.52
CA LYS D 435 -19.25 20.62 4.89
C LYS D 435 -18.59 21.78 5.61
N LEU D 436 -17.70 22.50 4.92
CA LEU D 436 -17.12 23.71 5.51
C LEU D 436 -18.21 24.72 5.86
N PHE D 437 -19.14 24.95 4.94
CA PHE D 437 -20.21 25.91 5.18
C PHE D 437 -21.09 25.47 6.35
N ASN D 438 -21.36 24.17 6.46
CA ASN D 438 -22.16 23.66 7.57
C ASN D 438 -21.42 23.82 8.89
N LEU D 439 -20.10 23.65 8.87
CA LEU D 439 -19.31 23.93 10.08
C LEU D 439 -19.50 25.38 10.49
N TRP D 440 -19.42 26.30 9.54
CA TRP D 440 -19.60 27.71 9.87
C TRP D 440 -21.01 27.97 10.43
N HIS D 441 -22.03 27.41 9.78
CA HIS D 441 -23.40 27.64 10.23
C HIS D 441 -23.65 27.03 11.60
N GLU D 442 -22.97 25.93 11.92
CA GLU D 442 -23.17 25.28 13.21
C GLU D 442 -22.75 26.21 14.36
N HIS D 443 -21.67 26.96 14.17
CA HIS D 443 -21.21 27.88 15.20
C HIS D 443 -22.19 29.01 15.47
N LEU D 444 -23.13 29.25 14.57
CA LEU D 444 -24.09 30.33 14.77
C LEU D 444 -25.15 29.91 15.77
N PRO D 445 -25.72 30.87 16.50
CA PRO D 445 -26.81 30.53 17.43
C PRO D 445 -28.04 30.05 16.68
N HIS D 446 -28.75 29.11 17.30
CA HIS D 446 -29.97 28.59 16.70
C HIS D 446 -31.09 29.62 16.77
N TYR D 447 -32.03 29.53 15.84
CA TYR D 447 -33.15 30.45 15.82
C TYR D 447 -34.01 30.28 17.07
N THR D 448 -34.61 31.38 17.50
CA THR D 448 -35.47 31.41 18.68
C THR D 448 -36.93 31.24 18.27
N THR D 449 -37.79 31.12 19.28
CA THR D 449 -39.23 31.03 19.06
C THR D 449 -39.85 32.38 18.69
N LYS D 450 -39.08 33.46 18.78
CA LYS D 450 -39.51 34.79 18.37
C LYS D 450 -39.15 35.11 16.93
N GLU D 451 -37.95 34.72 16.50
CA GLU D 451 -37.56 34.94 15.11
C GLU D 451 -38.31 34.00 14.16
N LEU D 452 -38.72 32.83 14.64
CA LEU D 452 -39.25 31.77 13.79
C LEU D 452 -40.77 31.61 13.93
N SER D 453 -41.44 32.54 14.60
CA SER D 453 -42.88 32.42 14.85
C SER D 453 -43.61 33.66 14.35
N VAL D 454 -44.81 33.44 13.86
CA VAL D 454 -45.72 34.52 13.43
C VAL D 454 -46.94 34.48 14.35
N PRO D 455 -47.31 35.58 14.99
CA PRO D 455 -48.43 35.54 15.95
C PRO D 455 -49.74 35.11 15.29
N SER D 456 -50.40 34.12 15.88
CA SER D 456 -51.76 33.75 15.54
C SER D 456 -51.91 33.42 14.05
N VAL D 457 -51.09 32.48 13.58
CA VAL D 457 -51.22 31.93 12.22
C VAL D 457 -50.93 30.45 12.33
N LYS D 458 -51.97 29.62 12.24
CA LYS D 458 -51.87 28.18 12.41
C LYS D 458 -52.24 27.50 11.10
N ILE D 459 -51.38 26.60 10.63
CA ILE D 459 -51.65 25.83 9.42
C ILE D 459 -52.43 24.58 9.80
N GLU D 460 -53.54 24.34 9.10
CA GLU D 460 -54.42 23.20 9.42
C GLU D 460 -54.01 21.97 8.61
N LYS D 461 -54.06 22.07 7.28
CA LYS D 461 -53.78 20.94 6.40
C LYS D 461 -53.17 21.44 5.11
N VAL D 462 -52.28 20.61 4.55
CA VAL D 462 -51.62 20.86 3.28
C VAL D 462 -51.80 19.61 2.42
N GLU D 463 -52.18 19.79 1.15
CA GLU D 463 -52.44 18.67 0.27
C GLU D 463 -52.08 19.05 -1.17
N VAL D 464 -51.35 18.17 -1.85
CA VAL D 464 -51.03 18.34 -3.26
C VAL D 464 -51.92 17.41 -4.07
N ASP D 465 -52.26 17.83 -5.28
CA ASP D 465 -53.19 17.05 -6.09
C ASP D 465 -52.54 15.78 -6.63
N LYS D 466 -51.30 15.87 -7.09
CA LYS D 466 -50.61 14.74 -7.70
C LYS D 466 -49.18 15.15 -8.02
N LEU D 467 -48.28 14.16 -8.06
CA LEU D 467 -46.89 14.39 -8.44
C LEU D 467 -46.48 13.25 -9.37
N LEU D 468 -46.47 13.53 -10.67
CA LEU D 468 -46.15 12.53 -11.68
C LEU D 468 -45.05 13.06 -12.59
N THR D 469 -44.18 12.15 -13.03
CA THR D 469 -43.07 12.49 -13.91
C THR D 469 -43.03 11.51 -15.08
N TYR D 470 -42.55 12.01 -16.23
CA TYR D 470 -42.49 11.22 -17.44
C TYR D 470 -41.33 11.69 -18.31
N PHE D 471 -40.84 10.78 -19.16
CA PHE D 471 -39.79 11.09 -20.11
C PHE D 471 -40.40 11.48 -21.45
N GLU D 472 -39.77 12.47 -22.09
CA GLU D 472 -40.25 12.97 -23.38
C GLU D 472 -39.05 13.25 -24.28
N TYR D 473 -39.35 13.43 -25.57
CA TYR D 473 -38.32 13.71 -26.56
C TYR D 473 -38.23 15.21 -26.84
N THR D 474 -37.03 15.67 -27.13
CA THR D 474 -36.79 17.07 -27.48
C THR D 474 -35.73 17.11 -28.58
N ASN D 475 -35.73 18.18 -29.35
CA ASN D 475 -34.84 18.34 -30.49
C ASN D 475 -33.95 19.56 -30.28
N PHE D 476 -32.66 19.38 -30.54
CA PHE D 476 -31.68 20.45 -30.45
C PHE D 476 -31.05 20.69 -31.82
N ASN D 477 -30.72 21.93 -32.12
CA ASN D 477 -30.18 22.32 -33.44
C ASN D 477 -28.66 22.42 -33.33
N VAL D 478 -27.93 21.63 -34.09
CA VAL D 478 -26.47 21.56 -34.06
C VAL D 478 -25.93 21.89 -35.45
N THR D 479 -26.68 22.69 -36.21
CA THR D 479 -26.26 23.08 -37.55
C THR D 479 -25.07 24.02 -37.52
N ASN D 480 -24.86 24.75 -36.43
CA ASN D 480 -23.80 25.75 -36.38
C ASN D 480 -22.41 25.13 -36.35
N HIS D 481 -22.29 23.85 -36.02
CA HIS D 481 -21.01 23.15 -36.08
C HIS D 481 -20.65 22.74 -37.50
N LEU D 482 -21.65 22.43 -38.32
CA LEU D 482 -21.39 22.01 -39.69
C LEU D 482 -20.68 23.11 -40.47
N HIS D 483 -19.62 22.73 -41.19
CA HIS D 483 -18.88 23.64 -42.05
C HIS D 483 -19.51 23.66 -43.44
N LEU D 484 -20.61 24.39 -43.55
CA LEU D 484 -21.34 24.46 -44.81
C LEU D 484 -20.47 25.12 -45.87
N ASN D 485 -20.51 24.57 -47.08
CA ASN D 485 -19.80 25.11 -48.23
C ASN D 485 -20.79 25.72 -49.21
N GLU D 486 -20.53 26.94 -49.64
CA GLU D 486 -21.43 27.68 -50.52
C GLU D 486 -22.82 27.78 -49.91
N LYS D 496 -28.11 22.56 -44.99
CA LYS D 496 -29.23 21.88 -44.32
C LYS D 496 -29.23 22.17 -42.84
N SER D 497 -30.17 21.54 -42.13
CA SER D 497 -30.35 21.77 -40.69
C SER D 497 -30.45 20.40 -40.01
N VAL D 498 -29.34 19.96 -39.43
CA VAL D 498 -29.29 18.70 -38.70
C VAL D 498 -29.66 18.95 -37.26
N LEU D 499 -30.51 18.07 -36.71
CA LEU D 499 -30.97 18.17 -35.33
C LEU D 499 -30.67 16.87 -34.61
N VAL D 500 -30.69 16.95 -33.29
CA VAL D 500 -30.38 15.82 -32.40
C VAL D 500 -31.56 15.62 -31.46
N GLN D 501 -32.01 14.37 -31.35
CA GLN D 501 -33.13 14.02 -30.48
C GLN D 501 -32.59 13.48 -29.15
N ARG D 502 -33.12 14.03 -28.06
CA ARG D 502 -32.67 13.66 -26.72
C ARG D 502 -33.88 13.40 -25.83
N THR D 503 -33.67 12.57 -24.81
CA THR D 503 -34.71 12.22 -23.85
C THR D 503 -34.52 13.05 -22.59
N ARG D 504 -35.59 13.67 -22.11
CA ARG D 504 -35.54 14.51 -20.94
C ARG D 504 -36.71 14.20 -20.01
N LEU D 505 -36.51 14.52 -18.73
CA LEU D 505 -37.55 14.34 -17.72
C LEU D 505 -38.46 15.56 -17.69
N ASN D 506 -39.72 15.33 -17.32
CA ASN D 506 -40.67 16.42 -17.18
C ASN D 506 -41.76 15.97 -16.21
N HIS D 507 -42.56 16.93 -15.77
CA HIS D 507 -43.61 16.66 -14.80
C HIS D 507 -44.91 17.35 -15.23
N LYS D 508 -46.02 16.78 -14.79
CA LYS D 508 -47.33 17.38 -15.04
C LYS D 508 -47.61 18.47 -14.02
N VAL D 509 -48.44 19.44 -14.43
CA VAL D 509 -48.77 20.56 -13.56
C VAL D 509 -49.43 20.03 -12.29
N PHE D 510 -48.99 20.53 -11.14
CA PHE D 510 -49.51 20.12 -9.84
C PHE D 510 -49.93 21.36 -9.06
N THR D 511 -50.93 21.16 -8.20
CA THR D 511 -51.48 22.23 -7.37
C THR D 511 -51.35 21.85 -5.90
N VAL D 512 -50.90 22.81 -5.09
CA VAL D 512 -50.75 22.64 -3.65
C VAL D 512 -51.76 23.55 -2.97
N ARG D 513 -52.63 22.96 -2.16
CA ARG D 513 -53.66 23.69 -1.44
C ARG D 513 -53.46 23.51 0.06
N VAL D 514 -53.43 24.63 0.78
CA VAL D 514 -53.24 24.63 2.22
C VAL D 514 -54.29 25.52 2.87
N ASN D 515 -54.82 25.07 4.00
CA ASN D 515 -55.77 25.83 4.80
C ASN D 515 -55.07 26.30 6.08
N VAL D 516 -55.27 27.58 6.41
CA VAL D 516 -54.54 28.20 7.51
C VAL D 516 -55.48 29.14 8.26
N LYS D 517 -55.39 29.11 9.59
CA LYS D 517 -55.96 30.17 10.42
C LYS D 517 -55.03 31.38 10.38
N SER D 518 -55.62 32.57 10.34
CA SER D 518 -54.87 33.79 10.07
C SER D 518 -54.80 34.77 11.23
N GLY D 519 -55.61 34.58 12.28
CA GLY D 519 -55.70 35.59 13.31
C GLY D 519 -56.26 36.89 12.75
N VAL D 520 -55.42 37.90 12.65
CA VAL D 520 -55.80 39.17 12.07
C VAL D 520 -55.21 39.26 10.66
N ALA D 521 -55.69 40.22 9.89
CA ALA D 521 -55.25 40.37 8.50
C ALA D 521 -53.77 40.71 8.45
N LYS D 522 -53.08 40.16 7.45
CA LYS D 522 -51.64 40.34 7.33
C LYS D 522 -51.23 40.16 5.88
N HIS D 523 -50.01 40.61 5.59
CA HIS D 523 -49.35 40.34 4.31
C HIS D 523 -48.17 39.42 4.59
N VAL D 524 -48.25 38.19 4.06
CA VAL D 524 -47.33 37.12 4.46
C VAL D 524 -46.64 36.57 3.23
N THR D 525 -45.54 35.84 3.49
CA THR D 525 -44.77 35.13 2.48
C THR D 525 -44.81 33.64 2.79
N VAL D 526 -45.03 32.83 1.77
CA VAL D 526 -45.13 31.38 1.90
C VAL D 526 -44.01 30.76 1.09
N ARG D 527 -43.26 29.86 1.72
CA ARG D 527 -42.17 29.12 1.09
C ARG D 527 -42.43 27.62 1.20
N PHE D 528 -42.20 26.90 0.10
CA PHE D 528 -42.33 25.44 0.06
C PHE D 528 -40.94 24.81 -0.08
N PHE D 529 -40.68 23.78 0.72
CA PHE D 529 -39.44 23.03 0.66
C PHE D 529 -39.75 21.55 0.46
N LEU D 530 -38.90 20.86 -0.30
CA LEU D 530 -39.05 19.44 -0.58
C LEU D 530 -37.78 18.71 -0.16
N ALA D 531 -37.95 17.57 0.50
CA ALA D 531 -36.82 16.79 0.98
C ALA D 531 -37.16 15.30 0.87
N PRO D 532 -36.14 14.44 0.88
CA PRO D 532 -36.41 13.01 1.00
C PRO D 532 -36.77 12.62 2.42
N LYS D 533 -37.46 11.49 2.54
CA LYS D 533 -37.91 10.99 3.83
C LYS D 533 -37.08 9.83 4.35
N TYR D 534 -36.54 9.00 3.45
CA TYR D 534 -35.71 7.86 3.85
C TYR D 534 -34.39 7.93 3.11
N ASP D 535 -33.34 7.47 3.78
CA ASP D 535 -32.00 7.46 3.21
C ASP D 535 -31.81 6.22 2.34
N SER D 536 -30.57 5.97 1.92
CA SER D 536 -30.28 4.85 1.03
C SER D 536 -30.49 3.49 1.67
N VAL D 537 -30.55 3.41 3.00
CA VAL D 537 -30.65 2.14 3.68
C VAL D 537 -32.06 1.84 4.19
N GLY D 538 -32.82 2.85 4.58
CA GLY D 538 -34.20 2.68 4.99
C GLY D 538 -34.60 3.42 6.27
N ASN D 539 -33.67 3.99 7.03
CA ASN D 539 -34.02 4.68 8.25
C ASN D 539 -34.51 6.09 7.94
N GLU D 540 -35.54 6.52 8.67
CA GLU D 540 -36.07 7.86 8.48
C GLU D 540 -35.02 8.88 8.92
N ILE D 541 -34.79 9.87 8.06
CA ILE D 541 -33.72 10.84 8.30
C ILE D 541 -34.20 11.87 9.32
N PRO D 542 -33.46 12.11 10.40
CA PRO D 542 -33.90 13.12 11.37
C PRO D 542 -33.94 14.51 10.75
N LEU D 543 -34.82 15.36 11.29
CA LEU D 543 -35.06 16.67 10.70
C LEU D 543 -33.79 17.50 10.65
N ASN D 544 -32.92 17.37 11.66
CA ASN D 544 -31.69 18.16 11.67
C ASN D 544 -30.82 17.84 10.47
N VAL D 545 -30.69 16.55 10.14
CA VAL D 545 -29.92 16.17 8.96
C VAL D 545 -30.64 16.60 7.68
N ASN D 546 -31.96 16.42 7.63
CA ASN D 546 -32.73 16.82 6.46
C ASN D 546 -32.66 18.32 6.22
N THR D 547 -32.31 19.11 7.24
CA THR D 547 -32.20 20.55 7.05
C THR D 547 -31.26 20.91 5.91
N GLN D 548 -30.23 20.08 5.69
CA GLN D 548 -29.29 20.31 4.59
C GLN D 548 -29.80 19.78 3.26
N ASN D 549 -30.90 19.02 3.25
CA ASN D 549 -31.41 18.39 2.04
C ASN D 549 -32.73 19.01 1.58
N PHE D 550 -33.17 20.11 2.19
CA PHE D 550 -34.42 20.74 1.81
C PHE D 550 -34.21 21.60 0.56
N LEU D 551 -35.00 21.33 -0.47
CA LEU D 551 -34.92 22.05 -1.74
C LEU D 551 -36.09 23.02 -1.83
N LEU D 552 -35.79 24.31 -1.97
CA LEU D 552 -36.82 25.33 -2.13
C LEU D 552 -37.41 25.23 -3.53
N ILE D 553 -38.73 25.01 -3.60
CA ILE D 553 -39.40 24.85 -4.89
C ILE D 553 -40.34 26.01 -5.21
N ASP D 554 -40.71 26.83 -4.23
CA ASP D 554 -41.61 27.94 -4.52
C ASP D 554 -41.60 28.92 -3.36
N ILE D 555 -41.74 30.20 -3.69
CA ILE D 555 -41.86 31.27 -2.71
C ILE D 555 -42.75 32.35 -3.30
N PHE D 556 -43.74 32.80 -2.53
CA PHE D 556 -44.68 33.77 -3.07
C PHE D 556 -45.33 34.57 -1.94
N ASN D 557 -45.99 35.65 -2.31
CA ASN D 557 -46.68 36.53 -1.37
C ASN D 557 -48.16 36.19 -1.32
N TYR D 558 -48.80 36.65 -0.24
CA TYR D 558 -50.25 36.51 -0.10
C TYR D 558 -50.72 37.52 0.92
N GLU D 559 -52.02 37.81 0.89
CA GLU D 559 -52.67 38.68 1.87
C GLU D 559 -53.69 37.84 2.62
N LEU D 560 -53.33 37.42 3.83
CA LEU D 560 -54.22 36.62 4.65
C LEU D 560 -55.28 37.49 5.30
N LYS D 561 -56.54 37.08 5.16
CA LYS D 561 -57.68 37.78 5.73
C LYS D 561 -57.84 37.41 7.19
N GLU D 562 -59.04 37.60 7.76
CA GLU D 562 -59.31 37.22 9.14
C GLU D 562 -60.20 35.99 9.17
N GLY D 563 -59.73 34.93 9.84
CA GLY D 563 -60.53 33.72 9.98
C GLY D 563 -59.93 32.57 9.22
N ASP D 564 -60.69 32.02 8.27
CA ASP D 564 -60.26 30.90 7.45
C ASP D 564 -59.79 31.42 6.09
N ASN D 565 -58.72 30.83 5.58
CA ASN D 565 -58.14 31.21 4.30
C ASN D 565 -57.91 29.96 3.46
N LEU D 566 -57.36 30.16 2.27
CA LEU D 566 -57.10 29.05 1.36
C LEU D 566 -56.03 29.48 0.36
N ILE D 567 -54.88 28.80 0.38
CA ILE D 567 -53.86 28.98 -0.65
C ILE D 567 -53.97 27.82 -1.61
N THR D 568 -53.94 28.12 -2.91
CA THR D 568 -54.17 27.14 -3.97
C THR D 568 -53.13 27.28 -5.07
N ARG D 569 -51.85 27.30 -4.67
CA ARG D 569 -50.79 27.61 -5.61
C ARG D 569 -50.70 26.56 -6.71
N VAL D 570 -50.50 27.02 -7.94
CA VAL D 570 -50.34 26.14 -9.10
C VAL D 570 -48.89 26.25 -9.58
N SER D 571 -48.31 25.10 -9.92
CA SER D 571 -46.90 25.07 -10.30
C SER D 571 -46.62 25.94 -11.51
N SER D 572 -47.61 26.13 -12.38
CA SER D 572 -47.40 26.92 -13.60
C SER D 572 -47.21 28.40 -13.32
N ASP D 573 -47.46 28.86 -12.09
CA ASP D 573 -47.36 30.27 -11.76
C ASP D 573 -46.01 30.65 -11.15
N ASN D 574 -45.25 29.68 -10.66
CA ASN D 574 -43.98 29.99 -10.00
C ASN D 574 -43.02 30.66 -10.97
N LEU D 575 -42.39 31.75 -10.51
CA LEU D 575 -41.42 32.49 -11.32
C LEU D 575 -39.99 32.03 -11.12
N LEU D 576 -39.71 31.22 -10.10
CA LEU D 576 -38.35 30.74 -9.89
C LEU D 576 -37.89 29.87 -11.05
N VAL D 577 -38.75 28.97 -11.50
CA VAL D 577 -38.45 28.09 -12.62
C VAL D 577 -39.11 28.65 -13.87
N THR D 578 -38.37 28.64 -14.98
CA THR D 578 -38.81 29.22 -16.23
C THR D 578 -38.93 28.14 -17.30
N ASP D 579 -39.57 28.51 -18.41
CA ASP D 579 -39.71 27.61 -19.54
C ASP D 579 -38.47 27.69 -20.43
N GLU D 580 -38.48 26.94 -21.53
CA GLU D 580 -37.34 26.93 -22.44
C GLU D 580 -37.20 28.29 -23.12
N ILE D 581 -35.96 28.75 -23.26
CA ILE D 581 -35.70 29.97 -24.00
C ILE D 581 -35.78 29.69 -25.49
N ASP D 582 -36.23 30.68 -26.25
CA ASP D 582 -36.34 30.52 -27.69
C ASP D 582 -34.97 30.23 -28.29
N SER D 583 -34.93 29.24 -29.19
CA SER D 583 -33.68 28.85 -29.81
C SER D 583 -33.14 29.99 -30.68
N ALA D 584 -31.91 29.80 -31.17
CA ALA D 584 -31.32 30.80 -32.05
C ALA D 584 -32.15 30.98 -33.32
N SER D 585 -32.62 29.88 -33.90
CA SER D 585 -33.44 29.97 -35.11
C SER D 585 -34.75 30.70 -34.83
N VAL D 586 -35.41 30.37 -33.72
CA VAL D 586 -36.68 31.00 -33.40
C VAL D 586 -36.49 32.49 -33.16
N LEU D 587 -35.48 32.85 -32.38
CA LEU D 587 -35.23 34.26 -32.11
C LEU D 587 -34.89 35.01 -33.39
N PHE D 588 -34.06 34.41 -34.25
CA PHE D 588 -33.72 35.03 -35.52
C PHE D 588 -34.96 35.25 -36.37
N ASN D 589 -35.86 34.27 -36.40
CA ASN D 589 -37.09 34.43 -37.17
C ASN D 589 -37.94 35.56 -36.62
N LYS D 590 -38.16 35.57 -35.31
CA LYS D 590 -39.02 36.60 -34.72
C LYS D 590 -38.42 37.99 -34.88
N VAL D 591 -37.10 38.09 -34.94
CA VAL D 591 -36.47 39.40 -35.10
C VAL D 591 -36.51 39.84 -36.55
N ASP D 592 -35.99 39.01 -37.46
CA ASP D 592 -35.92 39.38 -38.86
C ASP D 592 -37.31 39.59 -39.47
N SER D 593 -38.31 38.86 -38.98
CA SER D 593 -39.66 39.04 -39.50
C SER D 593 -40.16 40.46 -39.27
N ALA D 594 -39.90 41.01 -38.09
CA ALA D 594 -40.30 42.38 -37.77
C ALA D 594 -39.36 43.38 -38.41
N LEU D 603 -39.28 41.11 -25.23
CA LEU D 603 -40.73 41.09 -25.10
C LEU D 603 -41.15 40.29 -23.86
N ASN D 604 -41.10 38.96 -23.97
CA ASN D 604 -41.47 38.11 -22.86
C ASN D 604 -40.48 38.29 -21.70
N MET D 605 -41.01 38.28 -20.48
CA MET D 605 -40.21 38.44 -19.28
C MET D 605 -40.20 37.18 -18.42
N LYS D 606 -40.71 36.06 -18.93
CA LYS D 606 -40.71 34.79 -18.22
C LYS D 606 -39.54 33.90 -18.63
N GLN D 607 -38.50 34.47 -19.24
CA GLN D 607 -37.33 33.71 -19.69
C GLN D 607 -36.09 34.53 -19.38
N ASN D 608 -35.47 34.24 -18.23
CA ASN D 608 -34.20 34.84 -17.84
C ASN D 608 -33.14 33.75 -17.78
N ILE D 609 -31.91 34.09 -18.17
CA ILE D 609 -30.85 33.11 -18.27
C ILE D 609 -30.40 32.57 -16.92
N LEU D 610 -30.83 33.20 -15.82
CA LEU D 610 -30.39 32.82 -14.48
C LEU D 610 -31.50 32.14 -13.68
N LYS D 611 -32.31 31.30 -14.33
CA LYS D 611 -33.38 30.58 -13.66
C LYS D 611 -33.33 29.10 -14.03
N THR D 612 -33.68 28.26 -13.07
CA THR D 612 -33.67 26.83 -13.29
C THR D 612 -34.76 26.44 -14.29
N PRO D 613 -34.47 25.51 -15.21
CA PRO D 613 -35.52 25.02 -16.11
C PRO D 613 -36.64 24.34 -15.33
N ARG D 614 -37.86 24.51 -15.82
CA ARG D 614 -39.03 23.99 -15.11
C ARG D 614 -39.02 22.47 -15.05
N HIS D 615 -38.64 21.80 -16.14
CA HIS D 615 -38.72 20.35 -16.21
C HIS D 615 -37.75 19.64 -15.27
N LEU D 616 -36.78 20.35 -14.70
CA LEU D 616 -35.85 19.76 -13.74
C LEU D 616 -36.22 20.06 -12.29
N LEU D 617 -37.39 20.64 -12.06
CA LEU D 617 -37.77 21.04 -10.70
C LEU D 617 -38.07 19.82 -9.82
N LEU D 618 -38.78 18.84 -10.35
CA LEU D 618 -39.32 17.76 -9.53
C LEU D 618 -38.51 16.48 -9.71
N PRO D 619 -38.20 15.76 -8.64
CA PRO D 619 -37.48 14.49 -8.79
C PRO D 619 -38.33 13.46 -9.53
N LYS D 620 -37.65 12.52 -10.18
CA LYS D 620 -38.34 11.50 -10.97
C LYS D 620 -39.23 10.64 -10.09
N GLY D 621 -38.71 10.15 -8.98
CA GLY D 621 -39.46 9.25 -8.13
C GLY D 621 -39.31 7.80 -8.56
N ARG D 622 -40.31 6.98 -8.28
CA ARG D 622 -40.30 5.57 -8.66
C ARG D 622 -41.68 5.18 -9.16
N VAL D 623 -41.73 4.10 -9.95
CA VAL D 623 -43.00 3.52 -10.36
C VAL D 623 -43.62 2.83 -9.15
N GLY D 624 -44.81 3.26 -8.77
CA GLY D 624 -45.46 2.79 -7.56
C GLY D 624 -45.41 3.77 -6.41
N GLY D 625 -44.61 4.82 -6.52
CA GLY D 625 -44.57 5.88 -5.51
C GLY D 625 -43.26 5.88 -4.74
N MET D 626 -42.70 7.07 -4.54
CA MET D 626 -41.53 7.28 -3.71
C MET D 626 -41.87 8.34 -2.68
N PRO D 627 -41.66 8.07 -1.38
CA PRO D 627 -42.06 9.04 -0.35
C PRO D 627 -41.12 10.24 -0.29
N PHE D 628 -41.70 11.42 -0.10
CA PHE D 628 -40.96 12.66 0.09
C PHE D 628 -41.69 13.48 1.16
N VAL D 629 -41.03 14.54 1.62
CA VAL D 629 -41.55 15.39 2.68
C VAL D 629 -41.63 16.82 2.16
N LEU D 630 -42.83 17.40 2.23
CA LEU D 630 -43.07 18.80 1.91
C LEU D 630 -43.15 19.61 3.20
N MET D 631 -42.64 20.83 3.15
CA MET D 631 -42.64 21.73 4.29
C MET D 631 -43.14 23.09 3.85
N VAL D 632 -44.23 23.55 4.45
CA VAL D 632 -44.83 24.85 4.17
C VAL D 632 -44.50 25.77 5.33
N TYR D 633 -43.86 26.90 5.03
CA TYR D 633 -43.48 27.87 6.05
C TYR D 633 -44.05 29.24 5.68
N ILE D 634 -44.69 29.89 6.63
CA ILE D 634 -45.30 31.20 6.43
C ILE D 634 -44.64 32.18 7.38
N SER D 635 -44.24 33.35 6.85
CA SER D 635 -43.58 34.37 7.64
C SER D 635 -44.12 35.74 7.24
N GLU D 636 -43.70 36.76 7.96
CA GLU D 636 -44.11 38.13 7.63
C GLU D 636 -43.42 38.58 6.34
N TYR D 637 -44.07 39.52 5.65
CA TYR D 637 -43.50 40.15 4.46
C TYR D 637 -42.63 41.31 4.92
N HIS D 638 -41.34 41.04 5.10
CA HIS D 638 -40.37 42.09 5.41
C HIS D 638 -39.93 42.72 4.10
N ALA D 639 -40.44 43.91 3.82
CA ALA D 639 -40.19 44.54 2.53
C ALA D 639 -38.69 44.74 2.32
N PRO D 640 -38.14 44.34 1.16
CA PRO D 640 -36.72 44.54 0.86
C PRO D 640 -36.26 45.98 1.08
N ILE D 653 -32.56 43.54 -16.11
CA ILE D 653 -33.35 42.34 -16.39
C ILE D 653 -32.42 41.16 -16.65
N ASP D 654 -31.24 41.45 -17.20
CA ASP D 654 -30.29 40.39 -17.50
C ASP D 654 -29.88 39.64 -16.24
N ASN D 655 -29.52 40.38 -15.19
CA ASN D 655 -29.12 39.81 -13.90
C ASN D 655 -29.88 40.57 -12.82
N THR D 656 -31.08 40.10 -12.50
CA THR D 656 -31.97 40.76 -11.54
C THR D 656 -32.75 39.71 -10.78
N ILE D 657 -32.48 39.59 -9.47
CA ILE D 657 -33.22 38.69 -8.61
C ILE D 657 -33.20 39.26 -7.19
N ARG D 658 -34.38 39.48 -6.62
CA ARG D 658 -34.48 40.02 -5.26
C ARG D 658 -35.79 39.55 -4.65
N LEU D 659 -35.73 39.18 -3.38
CA LEU D 659 -36.91 38.77 -2.61
C LEU D 659 -36.83 39.47 -1.25
N THR D 660 -37.76 39.11 -0.36
CA THR D 660 -37.79 39.69 0.98
C THR D 660 -36.42 39.59 1.63
N SER D 661 -36.00 40.67 2.28
CA SER D 661 -34.66 40.77 2.84
C SER D 661 -34.52 39.76 3.98
N ASP D 662 -33.81 38.67 3.71
CA ASP D 662 -33.58 37.60 4.67
C ASP D 662 -32.66 36.57 4.04
N THR D 663 -32.04 35.74 4.86
CA THR D 663 -31.15 34.70 4.33
C THR D 663 -31.93 33.80 3.37
N LEU D 664 -31.31 33.53 2.21
CA LEU D 664 -32.00 32.82 1.14
C LEU D 664 -32.52 31.47 1.61
N GLY D 665 -31.75 30.77 2.44
CA GLY D 665 -32.14 29.45 2.90
C GLY D 665 -32.91 29.47 4.19
N PHE D 666 -33.49 30.61 4.54
CA PHE D 666 -34.26 30.71 5.77
C PHE D 666 -35.52 29.85 5.65
N PRO D 667 -35.89 29.08 6.70
CA PRO D 667 -35.18 28.86 7.96
C PRO D 667 -34.38 27.56 7.98
N VAL D 668 -33.92 27.07 6.83
CA VAL D 668 -33.20 25.81 6.76
C VAL D 668 -31.70 26.01 6.59
N ASP D 669 -31.22 27.26 6.65
CA ASP D 669 -29.79 27.50 6.59
C ASP D 669 -29.09 27.02 7.85
N ARG D 670 -29.71 27.25 9.02
CA ARG D 670 -29.18 26.77 10.29
C ARG D 670 -29.85 25.46 10.68
N PRO D 671 -29.18 24.62 11.47
CA PRO D 671 -29.80 23.36 11.88
C PRO D 671 -31.08 23.61 12.67
N LEU D 672 -32.06 22.73 12.46
CA LEU D 672 -33.37 22.85 13.08
C LEU D 672 -33.70 21.54 13.79
N PHE D 673 -34.33 21.65 14.97
CA PHE D 673 -34.66 20.49 15.77
C PHE D 673 -36.15 20.46 16.09
N PRO D 674 -36.73 19.27 16.26
CA PRO D 674 -38.17 19.21 16.57
C PRO D 674 -38.55 19.92 17.85
N TRP D 675 -37.70 19.89 18.89
CA TRP D 675 -38.07 20.44 20.17
C TRP D 675 -38.18 21.95 20.16
N MET D 676 -37.55 22.63 19.21
CA MET D 676 -37.64 24.08 19.10
C MET D 676 -38.74 24.52 18.14
N LEU D 677 -39.50 23.60 17.57
CA LEU D 677 -40.63 23.92 16.72
C LEU D 677 -41.95 23.86 17.47
N THR D 678 -41.92 23.67 18.78
CA THR D 678 -43.13 23.72 19.61
C THR D 678 -43.40 25.18 19.97
N GLY D 679 -44.59 25.65 19.65
CA GLY D 679 -44.93 27.06 19.75
C GLY D 679 -44.87 27.79 18.42
N VAL D 680 -44.28 27.18 17.40
CA VAL D 680 -44.23 27.73 16.05
C VAL D 680 -45.25 26.95 15.23
N GLU D 681 -46.43 27.55 15.03
CA GLU D 681 -47.52 26.89 14.34
C GLU D 681 -47.60 27.22 12.86
N ASN D 682 -46.88 28.23 12.39
CA ASN D 682 -46.91 28.62 10.99
C ASN D 682 -45.99 27.78 10.11
N ILE D 683 -45.48 26.65 10.61
CA ILE D 683 -44.67 25.73 9.84
C ILE D 683 -45.32 24.35 9.91
N PHE D 684 -45.49 23.72 8.75
CA PHE D 684 -46.18 22.44 8.66
C PHE D 684 -45.37 21.48 7.79
N LEU D 685 -45.27 20.24 8.24
CA LEU D 685 -44.53 19.18 7.54
C LEU D 685 -45.52 18.09 7.14
N GLN D 686 -45.74 17.95 5.85
CA GLN D 686 -46.60 16.90 5.29
C GLN D 686 -45.75 15.90 4.51
N ASP D 687 -46.34 14.73 4.26
CA ASP D 687 -45.71 13.69 3.48
C ASP D 687 -46.46 13.51 2.16
N VAL D 688 -45.69 13.27 1.09
CA VAL D 688 -46.24 13.11 -0.25
C VAL D 688 -45.54 11.93 -0.93
N GLN D 689 -46.07 11.54 -2.09
CA GLN D 689 -45.47 10.48 -2.89
C GLN D 689 -45.33 10.95 -4.32
N ILE D 690 -44.15 10.77 -4.90
CA ILE D 690 -43.86 11.13 -6.28
C ILE D 690 -43.88 9.86 -7.11
N TYR D 691 -44.60 9.90 -8.22
CA TYR D 691 -44.75 8.76 -9.11
C TYR D 691 -44.07 9.02 -10.44
N HIS D 692 -43.65 7.94 -11.09
CA HIS D 692 -43.06 8.00 -12.42
C HIS D 692 -43.92 7.20 -13.39
N LYS D 693 -44.26 7.82 -14.52
CA LYS D 693 -45.06 7.15 -15.54
C LYS D 693 -44.11 6.41 -16.48
N PRO D 694 -44.14 5.08 -16.53
CA PRO D 694 -43.18 4.36 -17.39
C PRO D 694 -43.63 4.32 -18.84
N THR D 695 -42.66 4.42 -19.74
CA THR D 695 -42.95 4.40 -21.17
C THR D 695 -41.78 3.76 -21.93
N THR E 31 -29.05 12.74 62.38
CA THR E 31 -29.89 12.36 61.25
C THR E 31 -29.05 11.88 60.07
N VAL E 32 -27.74 11.74 60.30
CA VAL E 32 -26.85 11.30 59.24
C VAL E 32 -27.19 9.89 58.80
N LEU E 33 -27.47 9.00 59.75
CA LEU E 33 -27.65 7.58 59.44
C LEU E 33 -28.88 7.37 58.56
N ASP E 34 -30.01 8.01 58.90
CA ASP E 34 -31.22 7.81 58.11
C ASP E 34 -31.08 8.38 56.71
N ARG E 35 -30.48 9.56 56.58
CA ARG E 35 -30.26 10.14 55.26
C ARG E 35 -29.35 9.26 54.42
N GLN E 36 -28.27 8.74 55.02
CA GLN E 36 -27.39 7.84 54.29
C GLN E 36 -28.12 6.56 53.89
N TYR E 37 -29.00 6.05 54.77
CA TYR E 37 -29.77 4.86 54.44
C TYR E 37 -30.68 5.11 53.24
N LYS E 38 -31.36 6.25 53.22
CA LYS E 38 -32.23 6.56 52.09
C LYS E 38 -31.43 6.72 50.80
N LEU E 39 -30.30 7.42 50.87
CA LEU E 39 -29.49 7.60 49.66
C LEU E 39 -28.92 6.28 49.18
N LEU E 40 -28.61 5.36 50.10
CA LEU E 40 -28.21 4.01 49.70
C LEU E 40 -29.36 3.28 49.02
N THR E 41 -30.58 3.38 49.59
CA THR E 41 -31.73 2.75 48.94
C THR E 41 -31.91 3.28 47.54
N LEU E 42 -31.51 4.53 47.29
CA LEU E 42 -31.52 5.06 45.93
C LEU E 42 -30.55 4.32 45.01
N PHE E 43 -29.63 3.52 45.56
CA PHE E 43 -28.64 2.77 44.77
C PHE E 43 -28.75 1.28 45.02
N PHE E 44 -29.97 0.74 45.10
CA PHE E 44 -30.15 -0.68 45.35
C PHE E 44 -30.35 -1.48 44.07
N HIS E 45 -31.15 -0.98 43.12
CA HIS E 45 -31.41 -1.69 41.87
C HIS E 45 -31.70 -0.68 40.78
N PRO E 46 -30.65 -0.18 40.11
CA PRO E 46 -30.87 0.84 39.07
C PRO E 46 -31.73 0.33 37.92
N HIS E 47 -31.37 -0.82 37.35
CA HIS E 47 -32.08 -1.30 36.17
C HIS E 47 -33.55 -1.58 36.48
N GLU E 48 -33.82 -2.20 37.63
CA GLU E 48 -35.18 -2.53 38.03
C GLU E 48 -35.90 -1.28 38.53
N PRO E 49 -37.24 -1.26 38.46
CA PRO E 49 -37.97 -0.05 38.87
C PRO E 49 -38.06 0.12 40.38
N ILE E 50 -38.75 1.16 40.83
CA ILE E 50 -38.86 1.43 42.26
C ILE E 50 -39.75 0.38 42.92
N HIS E 51 -39.25 -0.23 43.99
CA HIS E 51 -39.99 -1.24 44.73
C HIS E 51 -40.54 -0.71 46.05
N ILE E 52 -39.93 0.33 46.61
CA ILE E 52 -40.37 0.88 47.89
C ILE E 52 -41.55 1.80 47.67
N LYS E 53 -42.60 1.62 48.48
CA LYS E 53 -43.89 2.23 48.18
C LYS E 53 -43.86 3.75 48.32
N GLU E 54 -43.31 4.25 49.43
CA GLU E 54 -43.36 5.70 49.65
C GLU E 54 -42.56 6.46 48.59
N GLN E 55 -41.50 5.85 48.05
CA GLN E 55 -40.79 6.48 46.95
C GLN E 55 -41.67 6.55 45.71
N GLN E 56 -42.49 5.52 45.46
CA GLN E 56 -43.46 5.59 44.38
C GLN E 56 -44.45 6.71 44.62
N GLU E 57 -44.91 6.85 45.87
CA GLU E 57 -45.83 7.93 46.20
C GLU E 57 -45.21 9.30 45.92
N ILE E 58 -43.94 9.47 46.30
CA ILE E 58 -43.25 10.74 46.04
C ILE E 58 -43.13 10.97 44.54
N ALA E 59 -42.76 9.94 43.78
CA ALA E 59 -42.60 10.09 42.35
C ALA E 59 -43.91 10.46 41.68
N ALA E 60 -45.02 9.92 42.18
CA ALA E 60 -46.33 10.22 41.60
C ALA E 60 -46.89 11.56 42.07
N SER E 61 -46.48 12.03 43.24
CA SER E 61 -47.03 13.24 43.83
C SER E 61 -46.27 14.50 43.44
N TRP E 62 -44.93 14.46 43.49
CA TRP E 62 -44.14 15.65 43.21
C TRP E 62 -44.36 16.11 41.78
N ASP E 63 -44.41 17.43 41.61
CA ASP E 63 -44.60 18.06 40.30
C ASP E 63 -43.72 19.29 40.24
N LEU E 64 -42.77 19.32 39.31
CA LEU E 64 -41.83 20.42 39.23
C LEU E 64 -42.51 21.74 38.91
N GLU E 65 -43.60 21.70 38.13
CA GLU E 65 -44.23 22.94 37.67
C GLU E 65 -44.65 23.81 38.85
N LYS E 66 -45.38 23.23 39.81
CA LYS E 66 -45.86 24.00 40.95
C LYS E 66 -44.80 24.26 42.00
N ASN E 67 -43.75 23.43 42.07
CA ASN E 67 -42.70 23.56 43.06
C ASN E 67 -41.45 24.24 42.49
N ILE E 68 -41.62 25.18 41.56
CA ILE E 68 -40.48 25.89 41.01
C ILE E 68 -39.87 26.82 42.05
N GLY E 69 -40.66 27.27 43.02
CA GLY E 69 -40.19 28.23 44.00
C GLY E 69 -39.11 27.70 44.91
N LEU E 70 -38.94 26.38 45.00
CA LEU E 70 -37.94 25.78 45.87
C LEU E 70 -36.62 25.53 45.16
N TYR E 71 -36.48 25.94 43.90
CA TYR E 71 -35.24 25.79 43.14
C TYR E 71 -34.69 27.17 42.80
N GLU E 72 -33.39 27.36 43.02
CA GLU E 72 -32.76 28.64 42.72
C GLU E 72 -32.66 28.87 41.21
N ASN E 73 -32.25 27.86 40.45
CA ASN E 73 -32.02 28.01 39.02
C ASN E 73 -33.31 27.67 38.29
N ALA E 74 -34.12 28.70 38.03
CA ALA E 74 -35.40 28.48 37.38
C ALA E 74 -35.23 28.04 35.93
N THR E 75 -34.19 28.51 35.25
CA THR E 75 -33.96 28.10 33.86
C THR E 75 -33.75 26.60 33.77
N ALA E 76 -32.99 26.03 34.72
CA ALA E 76 -32.81 24.59 34.75
C ALA E 76 -34.15 23.87 34.95
N VAL E 77 -35.00 24.43 35.81
CA VAL E 77 -36.31 23.83 36.04
C VAL E 77 -37.12 23.81 34.74
N HIS E 78 -37.13 24.93 34.03
CA HIS E 78 -37.88 25.00 32.78
C HIS E 78 -37.33 24.02 31.75
N LEU E 79 -36.01 23.95 31.64
CA LEU E 79 -35.40 23.02 30.68
C LEU E 79 -35.74 21.57 31.03
N THR E 80 -35.66 21.22 32.32
CA THR E 80 -35.99 19.86 32.73
C THR E 80 -37.44 19.53 32.44
N ILE E 81 -38.35 20.47 32.74
CA ILE E 81 -39.76 20.25 32.46
C ILE E 81 -39.99 20.04 30.97
N GLN E 82 -39.36 20.88 30.14
CA GLN E 82 -39.53 20.73 28.70
C GLN E 82 -39.01 19.38 28.21
N MET E 83 -37.83 18.98 28.70
CA MET E 83 -37.28 17.70 28.26
C MET E 83 -38.15 16.53 28.69
N LEU E 84 -38.64 16.55 29.93
CA LEU E 84 -39.47 15.46 30.41
C LEU E 84 -40.84 15.44 29.75
N HIS E 85 -41.34 16.59 29.30
CA HIS E 85 -42.62 16.62 28.62
C HIS E 85 -42.50 16.14 27.18
N ASN E 86 -41.48 16.61 26.46
CA ASN E 86 -41.28 16.21 25.08
C ASN E 86 -40.67 14.82 24.94
N ASN E 87 -40.34 14.15 26.05
CA ASN E 87 -39.67 12.86 26.04
C ASN E 87 -38.30 12.93 25.37
N TYR E 88 -37.73 14.13 25.25
CA TYR E 88 -36.42 14.33 24.63
C TYR E 88 -35.34 14.02 25.67
N GLN E 89 -35.19 12.72 25.94
CA GLN E 89 -34.22 12.25 26.92
C GLN E 89 -33.66 10.91 26.47
N VAL E 90 -32.50 10.56 27.02
CA VAL E 90 -31.89 9.27 26.66
C VAL E 90 -32.81 8.14 27.11
N PRO E 91 -33.16 7.19 26.25
CA PRO E 91 -34.04 6.10 26.68
C PRO E 91 -33.40 5.25 27.77
N ARG E 92 -34.23 4.72 28.64
CA ARG E 92 -33.74 3.87 29.73
C ARG E 92 -33.26 2.53 29.19
N GLY E 93 -32.34 1.91 29.94
CA GLY E 93 -31.76 0.65 29.52
C GLY E 93 -30.90 0.77 28.28
N VAL E 94 -30.14 1.85 28.15
CA VAL E 94 -29.27 2.08 27.00
C VAL E 94 -27.91 2.56 27.51
N PRO E 95 -26.80 2.19 26.86
CA PRO E 95 -25.50 2.68 27.31
C PRO E 95 -25.43 4.20 27.29
N PHE E 96 -24.73 4.75 28.29
CA PHE E 96 -24.58 6.19 28.45
C PHE E 96 -23.11 6.56 28.38
N THR E 97 -22.80 7.59 27.58
CA THR E 97 -21.44 8.08 27.43
C THR E 97 -21.44 9.60 27.51
N VAL E 98 -20.49 10.16 28.26
CA VAL E 98 -20.39 11.61 28.39
C VAL E 98 -19.75 12.27 27.19
N LEU E 99 -19.15 11.51 26.28
CA LEU E 99 -18.48 12.10 25.14
C LEU E 99 -19.46 12.62 24.08
N GLU E 100 -20.73 12.22 24.17
CA GLU E 100 -21.75 12.70 23.24
C GLU E 100 -22.34 14.02 23.75
N SER E 101 -22.63 14.92 22.81
CA SER E 101 -23.02 16.28 23.18
C SER E 101 -24.36 16.30 23.91
N VAL E 102 -25.38 15.61 23.36
CA VAL E 102 -26.70 15.65 23.98
C VAL E 102 -26.67 15.03 25.37
N HIS E 103 -25.88 13.98 25.56
CA HIS E 103 -25.73 13.40 26.89
C HIS E 103 -25.14 14.41 27.86
N ARG E 104 -24.12 15.16 27.41
CA ARG E 104 -23.55 16.22 28.25
C ARG E 104 -24.59 17.25 28.61
N PHE E 105 -25.39 17.68 27.63
CA PHE E 105 -26.41 18.68 27.90
C PHE E 105 -27.41 18.17 28.93
N GLU E 106 -27.89 16.94 28.76
CA GLU E 106 -28.88 16.40 29.68
C GLU E 106 -28.32 16.26 31.08
N ILE E 107 -27.10 15.72 31.20
CA ILE E 107 -26.53 15.51 32.54
C ILE E 107 -26.23 16.85 33.20
N SER E 108 -25.77 17.84 32.43
CA SER E 108 -25.53 19.16 33.00
C SER E 108 -26.83 19.80 33.48
N VAL E 109 -27.91 19.68 32.70
CA VAL E 109 -29.18 20.25 33.11
C VAL E 109 -29.67 19.60 34.40
N TYR E 110 -29.57 18.27 34.47
CA TYR E 110 -30.02 17.57 35.68
C TYR E 110 -29.15 17.93 36.88
N TYR E 111 -27.85 18.07 36.68
CA TYR E 111 -26.98 18.51 37.78
C TYR E 111 -27.35 19.90 38.25
N SER E 112 -27.63 20.81 37.31
CA SER E 112 -28.03 22.17 37.69
C SER E 112 -29.32 22.14 38.50
N LEU E 113 -30.28 21.32 38.06
CA LEU E 113 -31.55 21.21 38.78
C LEU E 113 -31.33 20.67 40.19
N LEU E 114 -30.56 19.58 40.32
CA LEU E 114 -30.36 18.97 41.63
C LEU E 114 -29.58 19.89 42.56
N TYR E 115 -28.54 20.56 42.05
CA TYR E 115 -27.69 21.41 42.88
C TYR E 115 -28.42 22.67 43.34
N SER E 116 -29.46 23.08 42.62
CA SER E 116 -30.22 24.28 42.97
C SER E 116 -31.31 24.01 44.00
N ALA E 117 -31.26 22.86 44.67
CA ALA E 117 -32.26 22.54 45.69
C ALA E 117 -31.93 23.28 46.97
N LYS E 118 -32.86 24.14 47.41
CA LYS E 118 -32.62 24.93 48.62
C LYS E 118 -32.54 24.05 49.86
N THR E 119 -33.46 23.08 49.97
CA THR E 119 -33.53 22.20 51.12
C THR E 119 -33.12 20.77 50.74
N TYR E 120 -32.63 20.03 51.74
CA TYR E 120 -32.31 18.62 51.54
C TYR E 120 -33.55 17.80 51.17
N ASP E 121 -34.71 18.16 51.71
CA ASP E 121 -35.94 17.48 51.36
C ASP E 121 -36.25 17.63 49.88
N THR E 122 -36.12 18.85 49.36
CA THR E 122 -36.36 19.10 47.94
C THR E 122 -35.37 18.31 47.08
N PHE E 123 -34.10 18.28 47.52
CA PHE E 123 -33.08 17.51 46.83
C PHE E 123 -33.44 16.03 46.74
N TYR E 124 -33.83 15.44 47.88
CA TYR E 124 -34.20 14.03 47.87
C TYR E 124 -35.43 13.78 47.02
N LYS E 125 -36.41 14.68 47.08
CA LYS E 125 -37.63 14.49 46.30
C LYS E 125 -37.38 14.61 44.81
N THR E 126 -36.46 15.48 44.41
CA THR E 126 -36.06 15.55 43.00
C THR E 126 -35.26 14.32 42.61
N ALA E 127 -34.41 13.81 43.51
CA ALA E 127 -33.64 12.60 43.20
C ALA E 127 -34.56 11.42 42.96
N VAL E 128 -35.59 11.26 43.79
CA VAL E 128 -36.54 10.16 43.60
C VAL E 128 -37.25 10.29 42.26
N PHE E 129 -37.72 11.50 41.95
CA PHE E 129 -38.44 11.71 40.70
C PHE E 129 -37.56 11.40 39.49
N LEU E 130 -36.30 11.85 39.52
CA LEU E 130 -35.40 11.55 38.41
C LEU E 130 -35.08 10.06 38.34
N ARG E 131 -34.83 9.42 39.48
CA ARG E 131 -34.66 7.98 39.49
C ARG E 131 -35.83 7.29 38.81
N GLN E 132 -37.03 7.81 39.00
CA GLN E 132 -38.20 7.26 38.33
C GLN E 132 -38.18 7.56 36.83
N HIS E 133 -37.69 8.74 36.43
CA HIS E 133 -37.82 9.22 35.06
C HIS E 133 -36.48 9.55 34.41
N VAL E 134 -35.42 8.79 34.71
CA VAL E 134 -34.12 9.04 34.10
C VAL E 134 -33.36 7.72 33.96
N ASN E 135 -32.46 7.68 32.97
CA ASN E 135 -31.63 6.51 32.73
C ASN E 135 -30.79 6.18 33.96
N GLU E 136 -30.45 4.90 34.11
CA GLU E 136 -29.79 4.44 35.33
C GLU E 136 -28.39 5.02 35.45
N ASN E 137 -27.57 4.88 34.41
CA ASN E 137 -26.19 5.33 34.48
C ASN E 137 -26.10 6.83 34.69
N LEU E 138 -26.88 7.59 33.93
CA LEU E 138 -26.87 9.05 34.06
C LEU E 138 -27.30 9.46 35.46
N PHE E 139 -28.37 8.85 35.98
CA PHE E 139 -28.83 9.20 37.31
C PHE E 139 -27.78 8.91 38.36
N VAL E 140 -27.16 7.72 38.28
CA VAL E 140 -26.14 7.37 39.26
C VAL E 140 -24.99 8.38 39.22
N ASN E 141 -24.51 8.68 38.02
CA ASN E 141 -23.38 9.60 37.89
C ASN E 141 -23.73 10.98 38.43
N VAL E 142 -24.89 11.52 38.03
CA VAL E 142 -25.24 12.87 38.43
C VAL E 142 -25.49 12.94 39.94
N LEU E 143 -26.14 11.93 40.50
CA LEU E 143 -26.40 11.93 41.93
C LEU E 143 -25.10 11.82 42.72
N SER E 144 -24.16 10.99 42.26
CA SER E 144 -22.87 10.92 42.93
C SER E 144 -22.14 12.25 42.88
N VAL E 145 -22.15 12.90 41.72
CA VAL E 145 -21.48 14.20 41.60
C VAL E 145 -22.12 15.22 42.53
N VAL E 146 -23.46 15.24 42.58
CA VAL E 146 -24.15 16.20 43.44
C VAL E 146 -23.82 15.94 44.90
N ILE E 147 -23.80 14.67 45.31
CA ILE E 147 -23.51 14.34 46.70
C ILE E 147 -22.08 14.77 47.05
N LEU E 148 -21.14 14.57 46.11
CA LEU E 148 -19.76 14.94 46.39
C LEU E 148 -19.58 16.46 46.51
N HIS E 149 -20.37 17.24 45.77
CA HIS E 149 -20.16 18.68 45.68
C HIS E 149 -21.26 19.48 46.38
N ARG E 150 -21.96 18.89 47.33
CA ARG E 150 -23.02 19.57 48.07
C ARG E 150 -22.67 19.61 49.55
N SER E 151 -22.87 20.78 50.15
CA SER E 151 -22.54 20.95 51.57
C SER E 151 -23.41 20.08 52.46
N ASP E 152 -24.69 19.96 52.15
CA ASP E 152 -25.59 19.16 52.97
C ASP E 152 -25.25 17.67 52.96
N THR E 153 -24.41 17.23 52.03
CA THR E 153 -24.07 15.82 51.88
C THR E 153 -22.57 15.63 51.86
N GLN E 154 -21.85 16.30 52.76
CA GLN E 154 -20.42 16.13 52.88
C GLN E 154 -20.04 14.95 53.79
N ASP E 155 -21.01 14.33 54.45
CA ASP E 155 -20.78 13.16 55.28
C ASP E 155 -21.26 11.86 54.64
N ILE E 156 -22.25 11.94 53.74
CA ILE E 156 -22.76 10.75 53.07
C ILE E 156 -21.64 10.06 52.31
N ARG E 157 -21.58 8.74 52.43
CA ARG E 157 -20.60 7.92 51.71
C ARG E 157 -21.31 7.20 50.57
N ILE E 158 -20.79 7.34 49.36
CA ILE E 158 -21.40 6.74 48.18
C ILE E 158 -20.82 5.35 47.95
N PRO E 159 -21.58 4.39 47.44
CA PRO E 159 -21.06 3.04 47.27
C PRO E 159 -20.05 2.98 46.13
N PRO E 160 -19.16 1.98 46.12
CA PRO E 160 -18.24 1.84 44.99
C PRO E 160 -18.97 1.59 43.69
N ILE E 161 -18.38 2.09 42.60
CA ILE E 161 -19.01 1.92 41.29
C ILE E 161 -19.04 0.46 40.88
N TYR E 162 -18.01 -0.31 41.24
CA TYR E 162 -17.96 -1.71 40.82
C TYR E 162 -18.97 -2.58 41.54
N ASP E 163 -19.68 -2.05 42.54
CA ASP E 163 -20.78 -2.76 43.17
C ASP E 163 -22.13 -2.39 42.58
N VAL E 164 -22.31 -1.14 42.15
CA VAL E 164 -23.58 -0.74 41.56
C VAL E 164 -23.76 -1.38 40.19
N PHE E 165 -22.71 -1.39 39.37
CA PHE E 165 -22.75 -1.92 38.02
C PHE E 165 -21.60 -2.91 37.84
N PRO E 166 -21.75 -4.13 38.36
CA PRO E 166 -20.67 -5.12 38.23
C PRO E 166 -20.38 -5.52 36.79
N SER E 167 -21.31 -5.28 35.86
CA SER E 167 -21.14 -5.74 34.48
C SER E 167 -19.99 -5.05 33.75
N TYR E 168 -19.48 -3.95 34.28
CA TYR E 168 -18.38 -3.22 33.65
C TYR E 168 -17.01 -3.68 34.13
N PHE E 169 -16.95 -4.66 35.04
CA PHE E 169 -15.68 -5.08 35.61
C PHE E 169 -15.47 -6.60 35.58
N HIS E 170 -16.43 -7.37 35.06
CA HIS E 170 -16.30 -8.82 34.98
C HIS E 170 -16.77 -9.28 33.61
N ASN E 171 -16.25 -10.42 33.18
CA ASN E 171 -16.57 -10.95 31.86
C ASN E 171 -18.02 -11.39 31.79
N GLY E 172 -18.55 -11.42 30.58
CA GLY E 172 -19.94 -11.81 30.39
C GLY E 172 -20.23 -13.24 30.82
N GLU E 173 -19.27 -14.14 30.65
CA GLU E 173 -19.45 -15.51 31.08
C GLU E 173 -19.68 -15.58 32.59
N ILE E 174 -18.93 -14.79 33.35
CA ILE E 174 -19.10 -14.78 34.81
C ILE E 174 -20.51 -14.33 35.16
N MET E 175 -21.00 -13.28 34.51
CA MET E 175 -22.32 -12.75 34.85
C MET E 175 -23.42 -13.74 34.46
N THR E 176 -23.29 -14.39 33.30
CA THR E 176 -24.28 -15.39 32.90
C THR E 176 -24.28 -16.56 33.88
N THR E 177 -23.09 -17.03 34.28
CA THR E 177 -23.01 -18.10 35.25
C THR E 177 -23.62 -17.68 36.59
N ALA E 178 -23.41 -16.43 36.99
CA ALA E 178 -24.02 -15.92 38.21
C ALA E 178 -25.54 -15.98 38.12
N GLN E 179 -26.09 -15.48 37.01
CA GLN E 179 -27.54 -15.52 36.82
C GLN E 179 -28.05 -16.95 36.90
N ARG E 180 -27.37 -17.88 36.24
CA ARG E 180 -27.81 -19.27 36.23
C ARG E 180 -27.76 -19.88 37.62
N ILE E 181 -26.65 -19.70 38.34
CA ILE E 181 -26.51 -20.30 39.66
C ILE E 181 -27.54 -19.70 40.62
N THR E 182 -27.87 -18.43 40.45
CA THR E 182 -28.86 -17.80 41.33
C THR E 182 -30.27 -18.32 41.03
N THR E 183 -30.66 -18.30 39.76
CA THR E 183 -32.02 -18.70 39.41
C THR E 183 -32.22 -20.21 39.60
N HIS E 184 -31.14 -20.98 39.58
CA HIS E 184 -31.25 -22.43 39.74
C HIS E 184 -31.60 -22.82 41.16
N GLY E 185 -31.55 -21.86 42.08
CA GLY E 185 -31.76 -22.18 43.48
C GLY E 185 -30.61 -22.93 44.11
N GLN E 186 -29.42 -22.84 43.51
CA GLN E 186 -28.22 -23.51 44.02
C GLN E 186 -28.42 -25.03 44.10
N ARG E 187 -29.21 -25.59 43.18
CA ARG E 187 -29.31 -27.04 43.03
C ARG E 187 -28.43 -27.58 41.91
N MET E 188 -28.41 -26.93 40.76
CA MET E 188 -27.42 -27.23 39.74
C MET E 188 -26.10 -26.51 39.96
N LEU E 189 -26.04 -25.63 40.96
CA LEU E 189 -24.76 -25.01 41.32
C LEU E 189 -23.77 -26.04 41.81
N GLU E 190 -24.22 -26.99 42.63
CA GLU E 190 -23.32 -28.05 43.10
C GLU E 190 -22.88 -28.97 41.98
N HIS E 191 -23.57 -28.95 40.83
CA HIS E 191 -23.07 -29.63 39.65
C HIS E 191 -21.88 -28.88 39.06
N TYR E 192 -21.92 -27.56 39.09
CA TYR E 192 -20.78 -26.75 38.67
C TYR E 192 -19.60 -27.01 39.60
N PRO E 193 -18.44 -27.40 39.08
CA PRO E 193 -17.27 -27.53 39.98
C PRO E 193 -16.61 -26.20 40.27
N SER E 194 -16.72 -25.23 39.37
CA SER E 194 -16.07 -23.93 39.57
C SER E 194 -16.60 -23.25 40.83
N THR E 195 -17.91 -23.17 40.97
CA THR E 195 -18.51 -22.47 42.09
C THR E 195 -18.37 -23.29 43.38
N TYR E 196 -18.35 -22.58 44.50
CA TYR E 196 -18.22 -23.21 45.81
C TYR E 196 -18.80 -22.28 46.87
N VAL E 197 -19.09 -22.85 48.03
CA VAL E 197 -19.71 -22.13 49.14
C VAL E 197 -18.62 -21.88 50.19
N TRP E 198 -18.09 -20.66 50.22
CA TRP E 198 -17.07 -20.32 51.20
C TRP E 198 -17.68 -20.14 52.59
N GLU E 199 -18.85 -19.52 52.66
CA GLU E 199 -19.54 -19.31 53.92
C GLU E 199 -21.04 -19.35 53.67
N ASN E 200 -21.81 -19.35 54.75
CA ASN E 200 -23.27 -19.32 54.63
C ASN E 200 -23.71 -18.06 53.92
N ASN E 201 -24.72 -18.20 53.06
CA ASN E 201 -25.36 -17.11 52.32
C ASN E 201 -24.45 -16.50 51.26
N VAL E 202 -23.31 -17.12 50.94
CA VAL E 202 -22.41 -16.62 49.91
C VAL E 202 -21.91 -17.81 49.09
N VAL E 203 -21.90 -17.64 47.77
CA VAL E 203 -21.36 -18.63 46.85
C VAL E 203 -20.33 -17.94 45.96
N ILE E 204 -19.16 -18.55 45.82
CA ILE E 204 -18.01 -17.94 45.19
C ILE E 204 -17.57 -18.78 44.00
N ARG E 205 -17.04 -18.11 42.98
CA ARG E 205 -16.59 -18.73 41.75
C ARG E 205 -15.08 -18.55 41.59
N HIS E 206 -14.56 -19.06 40.47
CA HIS E 206 -13.17 -18.88 40.08
C HIS E 206 -13.12 -18.24 38.70
N ASN E 207 -12.40 -17.12 38.58
CA ASN E 207 -12.06 -16.56 37.29
C ASN E 207 -10.68 -17.00 36.82
N GLU E 208 -10.00 -17.86 37.58
CA GLU E 208 -8.68 -18.33 37.19
C GLU E 208 -8.73 -19.08 35.87
N THR E 209 -9.74 -19.94 35.69
CA THR E 209 -9.88 -20.76 34.49
C THR E 209 -11.08 -20.25 33.70
N ALA E 210 -10.84 -19.34 32.78
CA ALA E 210 -11.87 -18.78 31.92
C ALA E 210 -11.20 -17.87 30.90
N TRP E 211 -11.96 -17.49 29.88
CA TRP E 211 -11.50 -16.58 28.83
C TRP E 211 -10.19 -17.07 28.19
N PRO E 212 -10.13 -18.34 27.78
CA PRO E 212 -8.93 -18.81 27.06
C PRO E 212 -8.69 -18.07 25.77
N TYR E 213 -9.76 -17.59 25.12
CA TYR E 213 -9.63 -16.70 23.98
C TYR E 213 -9.41 -15.28 24.49
N TYR E 214 -8.32 -14.67 24.07
CA TYR E 214 -7.93 -13.35 24.58
C TYR E 214 -7.01 -12.68 23.57
N CYS E 215 -6.79 -11.38 23.78
CA CYS E 215 -6.04 -10.59 22.82
C CYS E 215 -4.60 -11.07 22.67
N ASN E 216 -3.96 -11.42 23.79
CA ASN E 216 -2.55 -11.81 23.83
C ASN E 216 -1.71 -10.60 23.44
N THR E 217 -0.76 -10.72 22.51
CA THR E 217 0.15 -9.63 22.17
C THR E 217 0.71 -9.00 23.44
N GLU E 218 0.45 -7.71 23.67
CA GLU E 218 0.94 -7.00 24.85
C GLU E 218 -0.10 -6.92 25.95
N SER E 219 -1.25 -7.57 25.78
CA SER E 219 -2.37 -7.40 26.70
C SER E 219 -2.37 -8.39 27.85
N MET E 220 -1.88 -9.61 27.63
CA MET E 220 -2.00 -10.64 28.68
C MET E 220 -0.98 -10.44 29.79
N PRO E 221 0.30 -10.21 29.51
CA PRO E 221 1.29 -10.14 30.60
C PRO E 221 1.00 -9.04 31.61
N VAL E 222 0.31 -7.97 31.22
CA VAL E 222 -0.02 -6.87 32.11
C VAL E 222 -1.50 -6.90 32.48
N SER E 223 -2.19 -8.01 32.22
CA SER E 223 -3.61 -8.10 32.51
C SER E 223 -3.91 -8.02 34.00
N TYR E 224 -2.95 -8.33 34.86
CA TYR E 224 -3.16 -8.23 36.30
C TYR E 224 -3.17 -6.79 36.78
N PHE E 225 -2.67 -5.86 35.97
CA PHE E 225 -2.64 -4.44 36.31
C PHE E 225 -3.67 -3.63 35.53
N THR E 226 -3.81 -3.89 34.23
CA THR E 226 -4.72 -3.09 33.41
C THR E 226 -6.18 -3.43 33.68
N HIS E 227 -6.47 -4.68 34.05
CA HIS E 227 -7.84 -5.12 34.31
C HIS E 227 -8.21 -5.04 35.79
N ASP E 228 -7.35 -4.45 36.61
CA ASP E 228 -7.66 -4.34 38.03
C ASP E 228 -8.91 -3.49 38.23
N VAL E 229 -9.82 -3.97 39.08
CA VAL E 229 -11.06 -3.24 39.34
C VAL E 229 -10.77 -1.89 39.98
N THR E 230 -9.84 -1.87 40.94
CA THR E 230 -9.60 -0.65 41.69
C THR E 230 -9.08 0.48 40.80
N LEU E 231 -8.27 0.15 39.78
CA LEU E 231 -7.73 1.18 38.91
C LEU E 231 -8.83 1.85 38.09
N ASN E 232 -9.71 1.06 37.49
CA ASN E 232 -10.82 1.62 36.74
C ASN E 232 -11.76 2.40 37.64
N ALA E 233 -12.02 1.88 38.85
CA ALA E 233 -12.84 2.61 39.80
C ALA E 233 -12.19 3.94 40.16
N LEU E 234 -10.87 3.96 40.28
CA LEU E 234 -10.16 5.20 40.58
C LEU E 234 -10.30 6.20 39.46
N TYR E 235 -10.18 5.75 38.21
CA TYR E 235 -10.39 6.66 37.08
C TYR E 235 -11.81 7.23 37.09
N TYR E 236 -12.80 6.37 37.35
CA TYR E 236 -14.18 6.81 37.39
C TYR E 236 -14.41 7.83 38.50
N ASN E 237 -13.84 7.59 39.68
CA ASN E 237 -14.00 8.53 40.79
C ASN E 237 -13.27 9.84 40.52
N ILE E 238 -12.11 9.77 39.86
CA ILE E 238 -11.38 10.98 39.50
C ILE E 238 -12.22 11.84 38.57
N LYS E 239 -12.84 11.21 37.56
CA LYS E 239 -13.69 11.99 36.67
C LYS E 239 -15.01 12.39 37.31
N LEU E 240 -15.41 11.71 38.39
CA LEU E 240 -16.51 12.22 39.21
C LEU E 240 -16.12 13.51 39.92
N ALA E 241 -14.87 13.57 40.40
CA ALA E 241 -14.42 14.75 41.12
C ALA E 241 -14.22 15.94 40.19
N TYR E 242 -13.77 15.69 38.97
CA TYR E 242 -13.51 16.74 37.98
C TYR E 242 -14.19 16.39 36.67
N PRO E 243 -15.52 16.50 36.62
CA PRO E 243 -16.22 16.25 35.35
C PRO E 243 -15.84 17.28 34.30
N ILE E 244 -15.81 16.83 33.05
CA ILE E 244 -15.49 17.75 31.95
C ILE E 244 -16.60 18.74 31.69
N TRP E 245 -17.82 18.46 32.15
CA TRP E 245 -18.99 19.28 31.91
C TRP E 245 -19.33 20.21 33.07
N LEU E 246 -18.52 20.22 34.13
CA LEU E 246 -18.79 21.02 35.32
C LEU E 246 -17.76 22.14 35.42
N ARG E 247 -18.24 23.38 35.58
CA ARG E 247 -17.36 24.52 35.74
C ARG E 247 -16.90 24.64 37.19
N SER E 248 -15.63 24.98 37.38
CA SER E 248 -15.03 24.99 38.70
C SER E 248 -15.55 26.17 39.53
N ASP E 249 -15.59 25.95 40.84
CA ASP E 249 -15.91 26.97 41.83
C ASP E 249 -14.61 27.37 42.55
N ALA E 250 -14.74 28.19 43.59
CA ALA E 250 -13.57 28.63 44.32
C ALA E 250 -12.72 27.45 44.78
N CYS E 251 -13.37 26.40 45.30
CA CYS E 251 -12.65 25.21 45.73
C CYS E 251 -11.97 24.52 44.55
N ALA E 252 -12.72 24.29 43.47
CA ALA E 252 -12.17 23.63 42.29
C ALA E 252 -11.22 24.51 41.50
N ILE E 253 -11.22 25.83 41.74
CA ILE E 253 -10.30 26.72 41.06
C ILE E 253 -8.91 26.70 41.70
N LYS E 254 -8.81 26.30 42.97
CA LYS E 254 -7.53 26.10 43.64
C LYS E 254 -7.00 24.68 43.46
N GLU E 255 -7.73 23.83 42.74
CA GLU E 255 -7.31 22.45 42.53
C GLU E 255 -6.27 22.31 41.43
N LYS E 256 -6.07 23.33 40.61
CA LYS E 256 -5.10 23.27 39.52
C LYS E 256 -5.40 22.07 38.62
N ARG E 257 -6.57 22.14 37.98
CA ARG E 257 -7.10 21.02 37.21
C ARG E 257 -6.08 20.52 36.19
N GLY E 258 -5.50 21.43 35.41
CA GLY E 258 -4.57 21.01 34.37
C GLY E 258 -3.33 20.33 34.91
N GLU E 259 -2.77 20.87 35.98
CA GLU E 259 -1.58 20.27 36.58
C GLU E 259 -1.90 18.88 37.13
N LEU E 260 -3.07 18.72 37.75
CA LEU E 260 -3.48 17.39 38.20
C LEU E 260 -3.60 16.43 37.03
N PHE E 261 -4.21 16.88 35.93
CA PHE E 261 -4.33 16.04 34.74
C PHE E 261 -2.94 15.57 34.28
N PHE E 262 -2.02 16.51 34.11
CA PHE E 262 -0.69 16.16 33.63
C PHE E 262 0.01 15.20 34.59
N PHE E 263 -0.01 15.52 35.90
CA PHE E 263 0.71 14.71 36.87
C PHE E 263 0.15 13.29 36.94
N TRP E 264 -1.18 13.17 36.97
CA TRP E 264 -1.79 11.85 37.06
C TRP E 264 -1.53 11.03 35.81
N ASN E 265 -1.60 11.65 34.63
CA ASN E 265 -1.29 10.90 33.41
C ASN E 265 0.16 10.45 33.41
N LYS E 266 1.08 11.32 33.83
CA LYS E 266 2.49 10.94 33.88
C LYS E 266 2.71 9.78 34.84
N GLN E 267 2.09 9.83 36.03
CA GLN E 267 2.25 8.77 37.00
C GLN E 267 1.71 7.45 36.46
N LEU E 268 0.53 7.49 35.83
CA LEU E 268 -0.05 6.26 35.28
C LEU E 268 0.85 5.68 34.19
N LEU E 269 1.36 6.53 33.30
CA LEU E 269 2.21 6.02 32.22
C LEU E 269 3.53 5.47 32.75
N ALA E 270 4.12 6.11 33.77
CA ALA E 270 5.34 5.59 34.35
C ALA E 270 5.10 4.24 35.02
N ARG E 271 3.99 4.10 35.75
CA ARG E 271 3.68 2.82 36.36
C ARG E 271 3.44 1.74 35.31
N TYR E 272 2.73 2.08 34.22
CA TYR E 272 2.48 1.12 33.16
C TYR E 272 3.77 0.68 32.49
N TYR E 273 4.69 1.62 32.26
CA TYR E 273 5.98 1.27 31.67
C TYR E 273 6.79 0.38 32.60
N MET E 274 6.75 0.66 33.91
CA MET E 274 7.43 -0.22 34.86
C MET E 274 6.85 -1.63 34.80
N GLU E 275 5.52 -1.74 34.74
CA GLU E 275 4.90 -3.07 34.63
C GLU E 275 5.34 -3.78 33.35
N ARG E 276 5.36 -3.06 32.22
CA ARG E 276 5.76 -3.66 30.96
C ARG E 276 7.19 -4.17 31.03
N LEU E 277 8.10 -3.37 31.60
CA LEU E 277 9.47 -3.82 31.75
C LEU E 277 9.57 -5.02 32.69
N SER E 278 8.74 -5.04 33.74
CA SER E 278 8.75 -6.18 34.65
C SER E 278 8.34 -7.46 33.93
N VAL E 279 7.33 -7.39 33.07
CA VAL E 279 6.86 -8.55 32.33
C VAL E 279 7.56 -8.71 30.98
N GLY E 280 8.56 -7.88 30.70
CA GLY E 280 9.33 -8.03 29.47
C GLY E 280 8.54 -7.79 28.19
N LEU E 281 7.72 -6.74 28.16
CA LEU E 281 6.97 -6.38 26.97
C LEU E 281 7.59 -5.21 26.21
N GLY E 282 8.49 -4.47 26.84
CA GLY E 282 9.18 -3.39 26.16
C GLY E 282 8.52 -2.04 26.36
N GLU E 283 9.01 -1.06 25.60
CA GLU E 283 8.54 0.30 25.69
C GLU E 283 7.12 0.43 25.13
N ILE E 284 6.42 1.45 25.59
CA ILE E 284 5.06 1.69 25.11
C ILE E 284 5.10 2.00 23.62
N PRO E 285 4.33 1.31 22.78
CA PRO E 285 4.38 1.60 21.34
C PRO E 285 4.00 3.03 21.05
N GLU E 286 4.66 3.61 20.05
CA GLU E 286 4.38 4.98 19.62
C GLU E 286 3.22 4.96 18.62
N LEU E 287 2.27 5.86 18.81
CA LEU E 287 1.08 5.91 17.98
C LEU E 287 1.32 6.82 16.77
N GLY E 288 1.06 6.29 15.58
CA GLY E 288 1.21 7.02 14.36
C GLY E 288 -0.11 7.56 13.83
N LEU E 289 -0.15 7.80 12.52
CA LEU E 289 -1.33 8.32 11.86
C LEU E 289 -1.70 7.50 10.62
N ASN E 290 -1.13 6.31 10.48
CA ASN E 290 -1.39 5.45 9.33
C ASN E 290 -1.97 4.10 9.68
N GLU E 291 -1.48 3.46 10.75
CA GLU E 291 -1.93 2.12 11.09
C GLU E 291 -1.63 1.84 12.55
N VAL E 292 -2.54 1.10 13.20
CA VAL E 292 -2.36 0.63 14.56
C VAL E 292 -2.28 -0.90 14.53
N GLU E 293 -1.17 -1.45 15.02
CA GLU E 293 -0.95 -2.89 14.92
C GLU E 293 -1.74 -3.66 15.97
N GLU E 294 -1.75 -3.17 17.22
CA GLU E 294 -2.36 -3.92 18.31
C GLU E 294 -3.86 -3.64 18.40
N GLY E 295 -4.65 -4.71 18.43
CA GLY E 295 -6.07 -4.62 18.62
C GLY E 295 -6.47 -4.97 20.05
N TYR E 296 -7.79 -5.01 20.26
CA TYR E 296 -8.32 -5.30 21.59
C TYR E 296 -9.67 -5.98 21.47
N VAL E 297 -9.85 -7.06 22.23
CA VAL E 297 -11.14 -7.72 22.40
C VAL E 297 -11.46 -7.67 23.89
N SER E 298 -12.55 -6.99 24.24
CA SER E 298 -12.86 -6.74 25.65
C SER E 298 -13.33 -8.01 26.35
N GLY E 299 -14.24 -8.75 25.72
CA GLY E 299 -14.88 -9.86 26.40
C GLY E 299 -15.98 -9.45 27.35
N LEU E 300 -16.37 -8.18 27.36
CA LEU E 300 -17.40 -7.67 28.25
C LEU E 300 -18.73 -7.59 27.53
N LEU E 301 -19.81 -7.57 28.32
CA LEU E 301 -21.16 -7.48 27.80
C LEU E 301 -21.92 -6.41 28.55
N TYR E 302 -22.76 -5.67 27.83
CA TYR E 302 -23.62 -4.68 28.45
C TYR E 302 -24.75 -5.36 29.22
N HIS E 303 -25.46 -4.57 30.03
CA HIS E 303 -26.54 -5.12 30.83
C HIS E 303 -27.57 -5.84 29.97
N ASN E 304 -27.99 -5.21 28.87
CA ASN E 304 -28.97 -5.84 28.00
C ASN E 304 -28.41 -7.09 27.33
N GLY E 305 -27.14 -7.08 26.96
CA GLY E 305 -26.50 -8.23 26.36
C GLY E 305 -25.88 -7.95 25.00
N ILE E 306 -25.56 -6.69 24.73
CA ILE E 306 -24.95 -6.31 23.47
C ILE E 306 -23.43 -6.39 23.60
N PRO E 307 -22.74 -7.14 22.74
CA PRO E 307 -21.28 -7.20 22.84
C PRO E 307 -20.63 -5.86 22.54
N TYR E 308 -19.45 -5.66 23.12
CA TYR E 308 -18.69 -4.45 22.92
C TYR E 308 -18.03 -4.43 21.55
N PRO E 309 -17.76 -3.24 21.00
CA PRO E 309 -17.01 -3.17 19.74
C PRO E 309 -15.60 -3.73 19.90
N VAL E 310 -15.07 -4.24 18.78
CA VAL E 310 -13.75 -4.87 18.74
C VAL E 310 -12.90 -4.14 17.73
N ARG E 311 -11.67 -3.77 18.14
CA ARG E 311 -10.70 -3.20 17.21
C ARG E 311 -9.81 -4.32 16.66
N PRO E 312 -9.77 -4.52 15.35
CA PRO E 312 -8.92 -5.59 14.81
C PRO E 312 -7.45 -5.22 14.84
N ASN E 313 -6.61 -6.25 14.73
CA ASN E 313 -5.18 -6.03 14.58
C ASN E 313 -4.86 -5.45 13.22
N HIS E 314 -3.80 -4.64 13.17
CA HIS E 314 -3.37 -3.98 11.93
C HIS E 314 -4.50 -3.16 11.33
N LEU E 315 -5.11 -2.31 12.15
CA LEU E 315 -6.16 -1.42 11.68
C LEU E 315 -5.58 -0.35 10.77
N VAL E 316 -6.21 -0.15 9.62
CA VAL E 316 -5.74 0.79 8.61
C VAL E 316 -6.48 2.10 8.78
N LEU E 317 -5.74 3.20 8.78
CA LEU E 317 -6.30 4.54 8.97
C LEU E 317 -6.16 5.45 7.76
N ASN E 318 -5.57 4.96 6.67
CA ASN E 318 -5.34 5.77 5.47
C ASN E 318 -6.07 5.17 4.27
N HIS E 319 -7.30 4.72 4.49
CA HIS E 319 -8.17 4.20 3.44
C HIS E 319 -9.43 5.05 3.35
N GLN E 320 -10.36 4.64 2.48
CA GLN E 320 -11.60 5.37 2.28
C GLN E 320 -12.59 5.02 3.39
N THR E 321 -12.34 5.62 4.56
CA THR E 321 -13.17 5.41 5.73
C THR E 321 -13.24 6.71 6.51
N TRP E 322 -14.25 6.79 7.40
CA TRP E 322 -14.38 7.95 8.28
C TRP E 322 -13.16 8.10 9.19
N HIS E 323 -12.42 7.02 9.40
CA HIS E 323 -11.19 7.10 10.18
C HIS E 323 -10.25 8.16 9.62
N ALA E 324 -10.15 8.24 8.28
CA ALA E 324 -9.25 9.21 7.67
C ALA E 324 -9.67 10.64 8.00
N GLU E 325 -10.97 10.95 7.89
CA GLU E 325 -11.43 12.30 8.21
C GLU E 325 -11.21 12.61 9.69
N ALA E 326 -11.49 11.65 10.57
CA ALA E 326 -11.26 11.87 12.00
C ALA E 326 -9.80 12.14 12.27
N ILE E 327 -8.90 11.40 11.62
CA ILE E 327 -7.47 11.59 11.81
C ILE E 327 -7.02 12.94 11.28
N GLU E 328 -7.62 13.38 10.17
CA GLU E 328 -7.29 14.70 9.65
C GLU E 328 -7.68 15.80 10.63
N GLU E 329 -8.88 15.70 11.20
CA GLU E 329 -9.28 16.67 12.21
C GLU E 329 -8.36 16.62 13.42
N ILE E 330 -7.98 15.41 13.85
CA ILE E 330 -7.07 15.26 14.98
C ILE E 330 -5.75 15.94 14.68
N GLU E 331 -5.22 15.73 13.47
CA GLU E 331 -3.95 16.34 13.08
C GLU E 331 -4.06 17.86 13.09
N VAL E 332 -5.17 18.40 12.58
CA VAL E 332 -5.35 19.85 12.58
C VAL E 332 -5.33 20.38 14.01
N TYR E 333 -6.07 19.74 14.90
CA TYR E 333 -6.16 20.23 16.27
C TYR E 333 -4.80 20.12 16.99
N GLU E 334 -4.10 19.00 16.79
CA GLU E 334 -2.79 18.84 17.42
C GLU E 334 -1.78 19.82 16.85
N ASN E 335 -1.87 20.15 15.57
CA ASN E 335 -1.00 21.17 15.01
C ASN E 335 -1.32 22.55 15.59
N ARG E 336 -2.60 22.82 15.85
CA ARG E 336 -2.95 24.06 16.53
C ARG E 336 -2.31 24.11 17.91
N ILE E 337 -2.38 23.00 18.65
CA ILE E 337 -1.76 22.95 19.97
C ILE E 337 -0.26 23.17 19.87
N ARG E 338 0.38 22.52 18.90
CA ARG E 338 1.82 22.67 18.72
C ARG E 338 2.19 24.11 18.41
N ASP E 339 1.43 24.76 17.53
CA ASP E 339 1.70 26.16 17.21
C ASP E 339 1.53 27.05 18.42
N MET E 340 0.48 26.81 19.22
CA MET E 340 0.30 27.59 20.44
C MET E 340 1.47 27.40 21.40
N ILE E 341 1.95 26.17 21.54
CA ILE E 341 3.07 25.91 22.44
C ILE E 341 4.34 26.60 21.95
N ASP E 342 4.62 26.51 20.64
CA ASP E 342 5.87 27.04 20.12
C ASP E 342 5.87 28.57 20.11
N GLN E 343 4.76 29.18 19.68
CA GLN E 343 4.73 30.64 19.58
C GLN E 343 4.79 31.31 20.94
N GLY E 344 4.45 30.61 22.01
CA GLY E 344 4.52 31.16 23.35
C GLY E 344 3.25 31.84 23.84
N PHE E 345 2.17 31.81 23.07
CA PHE E 345 0.94 32.47 23.46
C PHE E 345 -0.24 31.73 22.85
N TYR E 346 -1.41 31.93 23.45
CA TYR E 346 -2.66 31.38 22.94
C TYR E 346 -3.60 32.51 22.55
N ILE E 347 -4.53 32.18 21.66
CA ILE E 347 -5.46 33.14 21.09
C ILE E 347 -6.76 33.09 21.89
N THR E 348 -7.26 34.27 22.27
CA THR E 348 -8.52 34.35 22.98
C THR E 348 -9.68 34.24 21.98
N ASN E 349 -10.91 34.23 22.51
CA ASN E 349 -12.09 34.16 21.65
C ASN E 349 -12.29 35.42 20.83
N THR E 350 -11.60 36.51 21.15
CA THR E 350 -11.70 37.75 20.41
C THR E 350 -10.53 37.99 19.46
N GLY E 351 -9.41 37.31 19.68
CA GLY E 351 -8.22 37.47 18.87
C GLY E 351 -7.00 38.02 19.60
N GLU E 352 -7.06 38.15 20.92
CA GLU E 352 -5.94 38.65 21.69
C GLU E 352 -4.94 37.52 21.96
N HIS E 353 -3.70 37.91 22.24
CA HIS E 353 -2.62 36.98 22.56
C HIS E 353 -2.39 36.99 24.06
N VAL E 354 -2.39 35.80 24.67
CA VAL E 354 -2.15 35.65 26.10
C VAL E 354 -0.95 34.73 26.25
N SER E 355 0.11 35.24 26.89
CA SER E 355 1.36 34.50 26.99
C SER E 355 1.22 33.31 27.93
N ILE E 356 1.93 32.22 27.60
CA ILE E 356 1.96 31.02 28.43
C ILE E 356 3.41 30.61 28.68
N ASN E 357 4.33 31.56 28.54
CA ASN E 357 5.75 31.26 28.67
C ASN E 357 6.21 31.17 30.13
N SER E 358 5.41 31.64 31.07
CA SER E 358 5.81 31.55 32.47
C SER E 358 5.69 30.12 32.96
N PRO E 359 6.46 29.73 33.99
CA PRO E 359 6.40 28.35 34.49
C PRO E 359 5.09 28.01 35.20
N ASP E 360 4.27 29.00 35.54
CA ASP E 360 3.02 28.77 36.25
C ASP E 360 1.83 28.65 35.30
N SER E 361 2.07 28.59 34.00
CA SER E 361 1.00 28.46 33.01
C SER E 361 0.67 27.01 32.68
N ILE E 362 1.25 26.05 33.41
CA ILE E 362 0.96 24.64 33.14
C ILE E 362 -0.52 24.34 33.30
N ASP E 363 -1.17 24.96 34.29
CA ASP E 363 -2.58 24.69 34.53
C ASP E 363 -3.44 25.07 33.32
N VAL E 364 -3.28 26.28 32.80
CA VAL E 364 -4.08 26.70 31.65
C VAL E 364 -3.70 25.88 30.42
N LEU E 365 -2.43 25.48 30.31
CA LEU E 365 -2.03 24.60 29.22
C LEU E 365 -2.79 23.28 29.27
N GLY E 366 -2.85 22.66 30.45
CA GLY E 366 -3.60 21.43 30.59
C GLY E 366 -5.08 21.62 30.33
N ARG E 367 -5.64 22.74 30.79
CA ARG E 367 -7.05 23.02 30.54
C ARG E 367 -7.33 23.16 29.05
N LEU E 368 -6.43 23.85 28.33
CA LEU E 368 -6.57 23.96 26.88
C LEU E 368 -6.47 22.61 26.20
N ILE E 369 -5.51 21.77 26.61
CA ILE E 369 -5.33 20.48 25.97
C ILE E 369 -6.55 19.58 26.22
N GLU E 370 -7.12 19.66 27.43
CA GLU E 370 -8.27 18.84 27.77
C GLU E 370 -9.56 19.34 27.13
N ALA E 371 -9.62 20.63 26.80
CA ALA E 371 -10.80 21.21 26.17
C ALA E 371 -12.05 21.07 27.04
N ASN E 372 -11.88 21.23 28.35
CA ASN E 372 -13.01 21.18 29.27
C ASN E 372 -13.76 22.51 29.25
N VAL E 373 -14.84 22.59 30.04
CA VAL E 373 -15.64 23.80 30.11
C VAL E 373 -14.89 24.96 30.77
N ASP E 374 -13.76 24.69 31.41
CA ASP E 374 -12.95 25.73 32.02
C ASP E 374 -11.86 26.25 31.10
N SER E 375 -11.78 25.74 29.88
CA SER E 375 -10.77 26.21 28.93
C SER E 375 -11.14 27.61 28.43
N PRO E 376 -10.14 28.49 28.24
CA PRO E 376 -10.47 29.84 27.79
C PRO E 376 -11.19 29.88 26.44
N ASN E 377 -10.79 29.03 25.50
CA ASN E 377 -11.32 29.06 24.14
C ASN E 377 -11.45 27.62 23.64
N VAL E 378 -12.64 27.05 23.79
CA VAL E 378 -12.89 25.69 23.32
C VAL E 378 -13.26 25.65 21.85
N GLN E 379 -13.71 26.77 21.27
CA GLN E 379 -14.11 26.77 19.87
C GLN E 379 -12.91 26.56 18.95
N TYR E 380 -11.77 27.18 19.28
CA TYR E 380 -10.56 27.02 18.47
C TYR E 380 -9.72 25.84 18.93
N TYR E 381 -9.59 25.64 20.24
CA TYR E 381 -8.88 24.51 20.81
C TYR E 381 -9.91 23.46 21.18
N LYS E 382 -10.04 22.44 20.34
CA LYS E 382 -11.09 21.44 20.46
C LYS E 382 -10.53 20.14 21.04
N ASP E 383 -11.42 19.20 21.33
CA ASP E 383 -11.07 17.97 22.03
C ASP E 383 -10.68 16.92 21.00
N PHE E 384 -9.37 16.80 20.76
CA PHE E 384 -8.86 15.77 19.85
C PHE E 384 -8.70 14.43 20.53
N ILE E 385 -8.61 14.40 21.87
CA ILE E 385 -8.46 13.13 22.58
C ILE E 385 -9.73 12.31 22.45
N SER E 386 -10.90 12.96 22.50
CA SER E 386 -12.15 12.24 22.29
C SER E 386 -12.23 11.66 20.88
N ILE E 387 -11.73 12.39 19.90
CA ILE E 387 -11.71 11.87 18.53
C ILE E 387 -10.76 10.68 18.43
N TRP E 388 -9.61 10.76 19.11
CA TRP E 388 -8.72 9.60 19.16
C TRP E 388 -9.41 8.39 19.76
N LYS E 389 -10.14 8.60 20.86
CA LYS E 389 -10.85 7.50 21.49
C LYS E 389 -11.90 6.91 20.56
N LYS E 390 -12.65 7.76 19.86
CA LYS E 390 -13.65 7.26 18.92
C LYS E 390 -12.99 6.47 17.80
N VAL E 391 -11.87 6.96 17.27
CA VAL E 391 -11.21 6.28 16.16
C VAL E 391 -10.68 4.92 16.60
N LEU E 392 -10.01 4.88 17.76
CA LEU E 392 -9.38 3.64 18.20
C LEU E 392 -10.34 2.71 18.93
N GLY E 393 -11.59 3.13 19.18
CA GLY E 393 -12.59 2.22 19.67
C GLY E 393 -13.27 1.41 18.59
N ASN E 394 -13.20 1.88 17.34
CA ASN E 394 -13.79 1.19 16.20
C ASN E 394 -15.27 0.90 16.45
N SER E 395 -15.97 1.88 17.05
CA SER E 395 -17.40 1.78 17.26
C SER E 395 -18.11 2.22 15.99
N LEU E 396 -18.74 1.27 15.30
CA LEU E 396 -19.38 1.57 14.02
C LEU E 396 -20.50 2.57 14.21
N VAL E 397 -20.34 3.76 13.62
CA VAL E 397 -21.35 4.81 13.71
C VAL E 397 -22.43 4.50 12.68
N HIS E 398 -23.65 4.23 13.16
CA HIS E 398 -24.77 3.89 12.29
C HIS E 398 -25.81 5.00 12.20
N GLU E 399 -25.55 6.16 12.80
CA GLU E 399 -26.40 7.33 12.67
C GLU E 399 -27.87 6.98 12.91
N SER E 400 -28.14 6.40 14.07
CA SER E 400 -29.49 6.08 14.50
C SER E 400 -29.90 7.01 15.63
N VAL E 401 -31.15 7.47 15.59
CA VAL E 401 -31.64 8.47 16.52
C VAL E 401 -33.02 8.06 17.02
N ALA E 402 -33.30 8.40 18.28
CA ALA E 402 -34.57 8.15 18.92
C ALA E 402 -35.24 9.47 19.24
N PHE E 403 -36.58 9.47 19.24
CA PHE E 403 -37.37 10.69 19.45
C PHE E 403 -37.10 11.74 18.39
N ASN E 404 -36.63 11.31 17.21
CA ASN E 404 -36.08 12.23 16.21
C ASN E 404 -34.95 13.06 16.83
N GLY E 405 -34.40 12.56 17.92
CA GLY E 405 -33.47 13.29 18.75
C GLY E 405 -32.26 12.46 19.14
N ILE E 406 -32.10 12.27 20.45
CA ILE E 406 -30.94 11.64 21.07
C ILE E 406 -30.42 10.50 20.18
N PRO E 407 -29.18 10.57 19.70
CA PRO E 407 -28.60 9.42 19.00
C PRO E 407 -28.47 8.21 19.91
N LEU E 408 -28.54 7.03 19.31
CA LEU E 408 -28.27 5.77 19.98
C LEU E 408 -26.86 5.33 19.64
N VAL E 409 -26.04 5.13 20.68
CA VAL E 409 -24.61 4.84 20.51
C VAL E 409 -24.25 3.60 21.32
N VAL E 410 -23.36 2.79 20.77
CA VAL E 410 -22.80 1.64 21.47
C VAL E 410 -21.33 1.95 21.76
N PRO E 411 -21.01 2.61 22.87
CA PRO E 411 -19.64 3.03 23.11
C PRO E 411 -18.70 1.85 23.33
N SER E 412 -17.44 2.07 22.96
CA SER E 412 -16.39 1.07 23.17
C SER E 412 -15.82 1.25 24.58
N VAL E 413 -14.80 0.45 24.92
CA VAL E 413 -14.21 0.54 26.25
C VAL E 413 -13.50 1.88 26.44
N LEU E 414 -12.94 2.44 25.37
CA LEU E 414 -12.21 3.69 25.47
C LEU E 414 -13.11 4.89 25.74
N GLU E 415 -14.40 4.79 25.44
CA GLU E 415 -15.33 5.89 25.64
C GLU E 415 -15.95 5.89 27.03
N GLN E 416 -15.58 4.95 27.89
CA GLN E 416 -16.05 4.90 29.26
C GLN E 416 -14.86 4.94 30.20
N TYR E 417 -14.91 5.82 31.20
CA TYR E 417 -13.80 5.95 32.12
C TYR E 417 -13.61 4.71 32.97
N GLN E 418 -14.68 3.94 33.18
CA GLN E 418 -14.62 2.73 33.98
C GLN E 418 -14.10 1.52 33.21
N THR E 419 -13.81 1.66 31.91
CA THR E 419 -13.24 0.59 31.12
C THR E 419 -12.12 1.05 30.19
N ALA E 420 -11.76 2.33 30.20
CA ALA E 420 -10.79 2.84 29.24
C ALA E 420 -9.40 2.24 29.48
N LEU E 421 -9.01 2.08 30.75
CA LEU E 421 -7.65 1.68 31.06
C LEU E 421 -7.32 0.25 30.62
N ARG E 422 -8.33 -0.54 30.24
CA ARG E 422 -8.08 -1.90 29.77
C ARG E 422 -7.41 -1.94 28.40
N ASP E 423 -7.41 -0.82 27.66
CA ASP E 423 -6.92 -0.81 26.28
C ASP E 423 -5.57 -0.12 26.20
N PRO E 424 -4.56 -0.76 25.59
CA PRO E 424 -3.26 -0.07 25.42
C PRO E 424 -3.34 1.22 24.62
N ALA E 425 -4.32 1.32 23.71
CA ALA E 425 -4.45 2.53 22.91
C ALA E 425 -4.59 3.77 23.79
N TYR E 426 -5.23 3.64 24.95
CA TYR E 426 -5.32 4.75 25.88
C TYR E 426 -3.93 5.21 26.31
N TYR E 427 -3.07 4.26 26.67
CA TYR E 427 -1.72 4.62 27.08
C TYR E 427 -0.93 5.23 25.93
N MET E 428 -1.14 4.73 24.71
CA MET E 428 -0.47 5.33 23.55
C MET E 428 -0.89 6.78 23.35
N ILE E 429 -2.20 7.04 23.43
CA ILE E 429 -2.70 8.41 23.24
C ILE E 429 -2.15 9.33 24.34
N MET E 430 -2.18 8.84 25.59
CA MET E 430 -1.65 9.66 26.68
C MET E 430 -0.15 9.87 26.53
N LYS E 431 0.56 8.90 25.95
CA LYS E 431 1.99 9.11 25.67
C LYS E 431 2.18 10.21 24.64
N ARG E 432 1.32 10.27 23.62
CA ARG E 432 1.39 11.38 22.67
C ARG E 432 1.13 12.72 23.36
N VAL E 433 0.10 12.79 24.20
CA VAL E 433 -0.19 14.03 24.91
C VAL E 433 0.98 14.41 25.83
N LEU E 434 1.61 13.40 26.44
CA LEU E 434 2.77 13.65 27.28
C LEU E 434 3.97 14.09 26.45
N LYS E 435 4.07 13.66 25.21
CA LYS E 435 5.09 14.22 24.32
C LYS E 435 4.86 15.70 24.11
N LEU E 436 3.60 16.10 23.91
CA LEU E 436 3.30 17.53 23.82
C LEU E 436 3.70 18.26 25.11
N PHE E 437 3.34 17.69 26.25
CA PHE E 437 3.69 18.30 27.54
C PHE E 437 5.21 18.41 27.71
N ASN E 438 5.94 17.38 27.29
CA ASN E 438 7.39 17.41 27.40
C ASN E 438 7.98 18.47 26.47
N LEU E 439 7.39 18.65 25.28
CA LEU E 439 7.81 19.74 24.42
C LEU E 439 7.64 21.07 25.13
N TRP E 440 6.50 21.27 25.79
CA TRP E 440 6.30 22.53 26.50
C TRP E 440 7.31 22.70 27.63
N HIS E 441 7.54 21.64 28.41
CA HIS E 441 8.47 21.73 29.53
C HIS E 441 9.90 21.96 29.06
N GLU E 442 10.25 21.45 27.88
CA GLU E 442 11.61 21.62 27.36
C GLU E 442 11.91 23.10 27.12
N HIS E 443 10.93 23.85 26.63
CA HIS E 443 11.13 25.28 26.36
C HIS E 443 11.37 26.08 27.63
N LEU E 444 11.05 25.52 28.81
CA LEU E 444 11.25 26.24 30.05
C LEU E 444 12.73 26.22 30.44
N PRO E 445 13.18 27.25 31.16
CA PRO E 445 14.57 27.23 31.63
C PRO E 445 14.79 26.12 32.65
N HIS E 446 16.00 25.56 32.62
CA HIS E 446 16.36 24.51 33.56
C HIS E 446 16.55 25.09 34.96
N TYR E 447 16.33 24.25 35.97
CA TYR E 447 16.51 24.69 37.35
C TYR E 447 17.96 25.06 37.61
N THR E 448 18.16 26.01 38.52
CA THR E 448 19.48 26.49 38.89
C THR E 448 19.96 25.76 40.15
N THR E 449 21.20 26.02 40.51
CA THR E 449 21.78 25.48 41.73
C THR E 449 21.26 26.17 42.99
N LYS E 450 20.51 27.26 42.83
CA LYS E 450 19.90 27.97 43.95
C LYS E 450 18.47 27.50 44.22
N GLU E 451 17.70 27.25 43.16
CA GLU E 451 16.36 26.73 43.33
C GLU E 451 16.36 25.27 43.79
N LEU E 452 17.41 24.52 43.44
CA LEU E 452 17.43 23.08 43.63
C LEU E 452 18.35 22.65 44.78
N SER E 453 18.85 23.59 45.59
CA SER E 453 19.80 23.28 46.65
C SER E 453 19.27 23.79 47.99
N VAL E 454 19.57 23.04 49.04
CA VAL E 454 19.27 23.43 50.42
C VAL E 454 20.60 23.62 51.14
N PRO E 455 20.84 24.75 51.80
CA PRO E 455 22.16 24.99 52.42
C PRO E 455 22.46 23.95 53.51
N SER E 456 23.64 23.35 53.41
CA SER E 456 24.20 22.52 54.47
C SER E 456 23.24 21.38 54.87
N VAL E 457 22.85 20.58 53.90
CA VAL E 457 22.10 19.35 54.13
C VAL E 457 22.62 18.31 53.16
N LYS E 458 23.40 17.36 53.66
CA LYS E 458 24.05 16.34 52.85
C LYS E 458 23.50 14.97 53.22
N ILE E 459 23.07 14.22 52.22
CA ILE E 459 22.58 12.86 52.43
C ILE E 459 23.75 11.89 52.38
N GLU E 460 23.85 11.04 53.39
CA GLU E 460 24.98 10.10 53.49
C GLU E 460 24.65 8.78 52.82
N LYS E 461 23.61 8.09 53.30
CA LYS E 461 23.25 6.78 52.78
C LYS E 461 21.75 6.58 52.88
N VAL E 462 21.21 5.84 51.91
CA VAL E 462 19.79 5.48 51.86
C VAL E 462 19.71 3.97 51.66
N GLU E 463 18.87 3.30 52.44
CA GLU E 463 18.75 1.85 52.37
C GLU E 463 17.32 1.43 52.68
N VAL E 464 16.78 0.54 51.84
CA VAL E 464 15.46 -0.04 52.08
C VAL E 464 15.65 -1.46 52.61
N ASP E 465 14.71 -1.90 53.46
CA ASP E 465 14.85 -3.20 54.09
C ASP E 465 14.63 -4.34 53.11
N LYS E 466 13.62 -4.23 52.25
CA LYS E 466 13.27 -5.29 51.32
C LYS E 466 12.14 -4.79 50.43
N LEU E 467 12.06 -5.37 49.23
CA LEU E 467 11.00 -5.06 48.28
C LEU E 467 10.53 -6.38 47.67
N LEU E 468 9.41 -6.89 48.16
CA LEU E 468 8.86 -8.17 47.74
C LEU E 468 7.40 -8.00 47.33
N THR E 469 6.99 -8.74 46.31
CA THR E 469 5.63 -8.71 45.80
C THR E 469 5.09 -10.12 45.65
N TYR E 470 3.78 -10.26 45.82
CA TYR E 470 3.11 -11.55 45.75
C TYR E 470 1.69 -11.38 45.26
N PHE E 471 1.16 -12.46 44.67
CA PHE E 471 -0.22 -12.49 44.22
C PHE E 471 -1.12 -13.09 45.29
N GLU E 472 -2.32 -12.53 45.43
CA GLU E 472 -3.27 -12.98 46.43
C GLU E 472 -4.67 -12.97 45.83
N TYR E 473 -5.59 -13.63 46.53
CA TYR E 473 -6.98 -13.71 46.11
C TYR E 473 -7.83 -12.67 46.82
N THR E 474 -8.83 -12.18 46.12
CA THR E 474 -9.79 -11.22 46.68
C THR E 474 -11.16 -11.54 46.13
N ASN E 475 -12.19 -11.13 46.87
CA ASN E 475 -13.58 -11.43 46.54
C ASN E 475 -14.35 -10.13 46.31
N PHE E 476 -15.11 -10.10 45.22
CA PHE E 476 -15.96 -8.96 44.88
C PHE E 476 -17.42 -9.39 44.88
N ASN E 477 -18.31 -8.50 45.27
CA ASN E 477 -19.75 -8.81 45.39
C ASN E 477 -20.45 -8.29 44.14
N VAL E 478 -21.09 -9.16 43.37
CA VAL E 478 -21.76 -8.84 42.12
C VAL E 478 -23.24 -9.23 42.24
N THR E 479 -23.76 -9.22 43.46
CA THR E 479 -25.17 -9.57 43.68
C THR E 479 -26.11 -8.52 43.13
N ASN E 480 -25.65 -7.27 42.97
CA ASN E 480 -26.55 -6.19 42.55
C ASN E 480 -26.97 -6.32 41.09
N HIS E 481 -26.25 -7.12 40.30
CA HIS E 481 -26.65 -7.38 38.92
C HIS E 481 -27.78 -8.41 38.84
N LEU E 482 -27.79 -9.37 39.75
CA LEU E 482 -28.81 -10.41 39.75
C LEU E 482 -30.20 -9.81 39.90
N HIS E 483 -31.12 -10.25 39.04
CA HIS E 483 -32.52 -9.83 39.11
C HIS E 483 -33.29 -10.76 40.04
N LEU E 484 -33.11 -10.53 41.34
CA LEU E 484 -33.76 -11.36 42.35
C LEU E 484 -35.28 -11.23 42.25
N ASN E 485 -35.96 -12.36 42.38
CA ASN E 485 -37.42 -12.40 42.37
C ASN E 485 -37.92 -12.73 43.77
N GLU E 486 -38.88 -11.94 44.25
CA GLU E 486 -39.41 -12.09 45.61
C GLU E 486 -38.29 -12.00 46.64
N LYS E 496 -29.78 -14.64 47.15
CA LYS E 496 -28.46 -15.07 47.56
C LYS E 496 -27.40 -14.00 47.26
N SER E 497 -26.15 -14.33 47.54
CA SER E 497 -25.04 -13.38 47.38
C SER E 497 -23.92 -14.10 46.62
N VAL E 498 -23.85 -13.84 45.32
CA VAL E 498 -22.81 -14.42 44.47
C VAL E 498 -21.60 -13.50 44.49
N LEU E 499 -20.43 -14.08 44.62
CA LEU E 499 -19.17 -13.34 44.65
C LEU E 499 -18.24 -13.88 43.57
N VAL E 500 -17.24 -13.07 43.24
CA VAL E 500 -16.26 -13.40 42.20
C VAL E 500 -14.87 -13.31 42.80
N GLN E 501 -14.06 -14.34 42.56
CA GLN E 501 -12.70 -14.40 43.07
C GLN E 501 -11.72 -13.94 41.99
N ARG E 502 -10.84 -13.02 42.35
CA ARG E 502 -9.87 -12.44 41.43
C ARG E 502 -8.49 -12.45 42.04
N THR E 503 -7.48 -12.47 41.19
CA THR E 503 -6.09 -12.46 41.60
C THR E 503 -5.54 -11.05 41.46
N ARG E 504 -4.87 -10.56 42.52
CA ARG E 504 -4.33 -9.21 42.53
C ARG E 504 -2.92 -9.23 43.09
N LEU E 505 -2.15 -8.21 42.71
CA LEU E 505 -0.79 -8.03 43.18
C LEU E 505 -0.80 -7.28 44.51
N ASN E 506 0.20 -7.56 45.33
CA ASN E 506 0.35 -6.87 46.61
C ASN E 506 1.82 -6.94 47.02
N HIS E 507 2.18 -6.13 48.01
CA HIS E 507 3.55 -6.05 48.48
C HIS E 507 3.58 -6.08 50.00
N LYS E 508 4.70 -6.55 50.54
CA LYS E 508 4.92 -6.55 51.97
C LYS E 508 5.41 -5.18 52.43
N VAL E 509 5.12 -4.85 53.70
CA VAL E 509 5.51 -3.56 54.24
C VAL E 509 7.02 -3.42 54.17
N PHE E 510 7.49 -2.27 53.70
CA PHE E 510 8.91 -1.99 53.56
C PHE E 510 9.25 -0.68 54.28
N THR E 511 10.48 -0.60 54.76
CA THR E 511 10.97 0.58 55.48
C THR E 511 12.18 1.14 54.76
N VAL E 512 12.20 2.47 54.61
CA VAL E 512 13.31 3.18 53.99
C VAL E 512 13.97 4.04 55.05
N ARG E 513 15.27 3.81 55.26
CA ARG E 513 16.04 4.53 56.26
C ARG E 513 17.18 5.30 55.57
N VAL E 514 17.27 6.59 55.86
CA VAL E 514 18.29 7.45 55.29
C VAL E 514 18.94 8.25 56.39
N ASN E 515 20.27 8.41 56.29
CA ASN E 515 21.05 9.23 57.21
C ASN E 515 21.50 10.49 56.48
N VAL E 516 21.35 11.63 57.15
CA VAL E 516 21.59 12.93 56.52
C VAL E 516 22.26 13.86 57.51
N LYS E 517 23.25 14.61 57.04
CA LYS E 517 23.75 15.77 57.77
C LYS E 517 22.78 16.93 57.58
N SER E 518 22.56 17.70 58.65
CA SER E 518 21.49 18.69 58.67
C SER E 518 21.98 20.13 58.74
N GLY E 519 23.25 20.37 59.02
CA GLY E 519 23.69 21.73 59.27
C GLY E 519 23.03 22.30 60.51
N VAL E 520 22.13 23.25 60.31
CA VAL E 520 21.36 23.82 61.41
C VAL E 520 19.95 23.24 61.36
N ALA E 521 19.20 23.44 62.45
CA ALA E 521 17.86 22.89 62.55
C ALA E 521 16.95 23.49 61.49
N LYS E 522 16.06 22.66 60.95
CA LYS E 522 15.18 23.10 59.87
C LYS E 522 13.92 22.24 59.86
N HIS E 523 12.91 22.73 59.15
CA HIS E 523 11.71 21.96 58.84
C HIS E 523 11.71 21.68 57.35
N VAL E 524 11.83 20.40 56.98
CA VAL E 524 12.11 20.01 55.60
C VAL E 524 11.03 19.05 55.12
N THR E 525 10.98 18.90 53.80
CA THR E 525 10.10 17.95 53.11
C THR E 525 10.95 16.95 52.35
N VAL E 526 10.60 15.68 52.45
CA VAL E 526 11.32 14.59 51.81
C VAL E 526 10.38 13.92 50.82
N ARG E 527 10.85 13.75 49.58
CA ARG E 527 10.13 13.08 48.52
C ARG E 527 10.94 11.90 47.99
N PHE E 528 10.27 10.77 47.78
CA PHE E 528 10.88 9.57 47.21
C PHE E 528 10.34 9.34 45.81
N PHE E 529 11.24 9.05 44.87
CA PHE E 529 10.87 8.72 43.49
C PHE E 529 11.46 7.38 43.12
N LEU E 530 10.73 6.61 42.31
CA LEU E 530 11.16 5.30 41.85
C LEU E 530 11.14 5.28 40.33
N ALA E 531 12.19 4.71 39.73
CA ALA E 531 12.32 4.64 38.28
C ALA E 531 12.98 3.33 37.89
N PRO E 532 12.83 2.91 36.64
CA PRO E 532 13.62 1.78 36.15
C PRO E 532 15.05 2.19 35.85
N LYS E 533 15.94 1.20 35.87
CA LYS E 533 17.36 1.42 35.62
C LYS E 533 17.81 1.00 34.24
N TYR E 534 17.19 -0.02 33.66
CA TYR E 534 17.53 -0.49 32.32
C TYR E 534 16.27 -0.52 31.46
N ASP E 535 16.46 -0.25 30.17
CA ASP E 535 15.36 -0.24 29.22
C ASP E 535 15.09 -1.66 28.73
N SER E 536 14.25 -1.79 27.70
CA SER E 536 13.86 -3.10 27.20
C SER E 536 15.00 -3.86 26.55
N VAL E 537 16.08 -3.19 26.16
CA VAL E 537 17.17 -3.83 25.45
C VAL E 537 18.37 -4.13 26.34
N GLY E 538 18.66 -3.29 27.34
CA GLY E 538 19.73 -3.54 28.29
C GLY E 538 20.62 -2.34 28.60
N ASN E 539 20.52 -1.23 27.86
CA ASN E 539 21.37 -0.08 28.13
C ASN E 539 20.81 0.73 29.29
N GLU E 540 21.70 1.23 30.14
CA GLU E 540 21.29 2.05 31.27
C GLU E 540 20.69 3.35 30.75
N ILE E 541 19.53 3.70 31.27
CA ILE E 541 18.79 4.87 30.76
C ILE E 541 19.41 6.13 31.35
N PRO E 542 19.78 7.12 30.53
CA PRO E 542 20.34 8.35 31.10
C PRO E 542 19.32 9.09 31.96
N LEU E 543 19.85 9.84 32.93
CA LEU E 543 18.99 10.48 33.93
C LEU E 543 17.98 11.42 33.28
N ASN E 544 18.39 12.10 32.20
CA ASN E 544 17.48 13.04 31.55
C ASN E 544 16.24 12.32 31.03
N VAL E 545 16.43 11.15 30.40
CA VAL E 545 15.28 10.38 29.93
C VAL E 545 14.50 9.81 31.10
N ASN E 546 15.18 9.32 32.13
CA ASN E 546 14.50 8.78 33.29
C ASN E 546 13.68 9.84 34.02
N THR E 547 13.98 11.13 33.79
CA THR E 547 13.20 12.18 34.45
C THR E 547 11.72 12.05 34.16
N GLN E 548 11.37 11.53 32.98
CA GLN E 548 9.97 11.32 32.63
C GLN E 548 9.40 10.03 33.18
N ASN E 549 10.25 9.15 33.73
CA ASN E 549 9.81 7.85 34.23
C ASN E 549 9.85 7.75 35.75
N PHE E 550 10.11 8.85 36.45
CA PHE E 550 10.18 8.82 37.91
C PHE E 550 8.78 8.84 38.50
N LEU E 551 8.48 7.85 39.34
CA LEU E 551 7.18 7.72 39.98
C LEU E 551 7.30 8.14 41.44
N LEU E 552 6.52 9.15 41.83
CA LEU E 552 6.51 9.61 43.20
C LEU E 552 5.76 8.59 44.06
N ILE E 553 6.44 8.05 45.08
CA ILE E 553 5.85 7.04 45.94
C ILE E 553 5.60 7.53 47.36
N ASP E 554 6.21 8.64 47.77
CA ASP E 554 6.00 9.13 49.13
C ASP E 554 6.50 10.56 49.24
N ILE E 555 5.80 11.34 50.07
CA ILE E 555 6.20 12.71 50.38
C ILE E 555 5.75 13.00 51.80
N PHE E 556 6.65 13.55 52.62
CA PHE E 556 6.32 13.78 54.01
C PHE E 556 7.20 14.88 54.59
N ASN E 557 6.80 15.36 55.76
CA ASN E 557 7.51 16.40 56.48
C ASN E 557 8.43 15.80 57.54
N TYR E 558 9.40 16.61 57.98
CA TYR E 558 10.27 16.22 59.07
C TYR E 558 10.90 17.49 59.64
N GLU E 559 11.41 17.37 60.87
CA GLU E 559 12.13 18.45 61.54
C GLU E 559 13.55 17.95 61.78
N LEU E 560 14.47 18.40 60.92
CA LEU E 560 15.86 18.01 61.04
C LEU E 560 16.55 18.81 62.15
N LYS E 561 17.24 18.09 63.05
CA LYS E 561 17.95 18.68 64.17
C LYS E 561 19.31 19.18 63.69
N GLU E 562 20.26 19.35 64.61
CA GLU E 562 21.61 19.77 64.25
C GLU E 562 22.57 18.59 64.41
N GLY E 563 23.27 18.25 63.33
CA GLY E 563 24.26 17.19 63.38
C GLY E 563 23.84 15.99 62.56
N ASP E 564 23.70 14.84 63.21
CA ASP E 564 23.30 13.61 62.55
C ASP E 564 21.82 13.35 62.81
N ASN E 565 21.12 12.87 61.79
CA ASN E 565 19.69 12.59 61.86
C ASN E 565 19.44 11.19 61.31
N LEU E 566 18.15 10.81 61.30
CA LEU E 566 17.76 9.49 60.83
C LEU E 566 16.30 9.53 60.43
N ILE E 567 16.01 9.28 59.16
CA ILE E 567 14.64 9.10 58.68
C ILE E 567 14.42 7.61 58.51
N THR E 568 13.29 7.12 59.01
CA THR E 568 12.97 5.69 59.05
C THR E 568 11.54 5.45 58.57
N ARG E 569 11.22 6.00 57.40
CA ARG E 569 9.84 5.97 56.93
C ARG E 569 9.36 4.55 56.68
N VAL E 570 8.13 4.26 57.09
CA VAL E 570 7.50 2.96 56.89
C VAL E 570 6.37 3.13 55.87
N SER E 571 6.29 2.18 54.94
CA SER E 571 5.31 2.29 53.86
C SER E 571 3.88 2.36 54.39
N SER E 572 3.62 1.77 55.55
CA SER E 572 2.27 1.76 56.11
C SER E 572 1.79 3.12 56.56
N ASP E 573 2.68 4.12 56.64
CA ASP E 573 2.32 5.44 57.12
C ASP E 573 1.98 6.42 56.00
N ASN E 574 2.37 6.13 54.77
CA ASN E 574 2.12 7.05 53.67
C ASN E 574 0.64 7.27 53.47
N LEU E 575 0.24 8.54 53.31
CA LEU E 575 -1.15 8.90 53.10
C LEU E 575 -1.53 9.02 51.63
N LEU E 576 -0.55 9.02 50.71
CA LEU E 576 -0.88 9.10 49.29
C LEU E 576 -1.66 7.87 48.85
N VAL E 577 -1.22 6.70 49.26
CA VAL E 577 -1.88 5.44 48.92
C VAL E 577 -2.75 5.02 50.10
N THR E 578 -3.96 4.57 49.81
CA THR E 578 -4.95 4.20 50.81
C THR E 578 -5.27 2.72 50.71
N ASP E 579 -5.96 2.22 51.74
CA ASP E 579 -6.41 0.85 51.77
C ASP E 579 -7.74 0.72 51.02
N GLU E 580 -8.28 -0.50 51.01
CA GLU E 580 -9.54 -0.74 50.32
C GLU E 580 -10.68 -0.01 51.04
N ILE E 581 -11.59 0.57 50.26
CA ILE E 581 -12.77 1.18 50.83
C ILE E 581 -13.77 0.09 51.21
N ASP E 582 -14.54 0.33 52.27
CA ASP E 582 -15.53 -0.63 52.71
C ASP E 582 -16.55 -0.87 51.60
N SER E 583 -16.88 -2.14 51.37
CA SER E 583 -17.82 -2.49 50.33
C SER E 583 -19.21 -1.95 50.67
N ALA E 584 -20.12 -2.08 49.69
CA ALA E 584 -21.49 -1.64 49.93
C ALA E 584 -22.12 -2.41 51.07
N SER E 585 -21.91 -3.73 51.12
CA SER E 585 -22.47 -4.54 52.20
C SER E 585 -21.90 -4.13 53.54
N VAL E 586 -20.58 -3.93 53.62
CA VAL E 586 -19.95 -3.57 54.88
C VAL E 586 -20.45 -2.22 55.36
N LEU E 587 -20.50 -1.24 54.46
CA LEU E 587 -20.98 0.09 54.83
C LEU E 587 -22.44 0.03 55.28
N PHE E 588 -23.27 -0.72 54.55
CA PHE E 588 -24.66 -0.86 54.93
C PHE E 588 -24.80 -1.48 56.32
N ASN E 589 -23.98 -2.49 56.62
CA ASN E 589 -24.03 -3.11 57.93
C ASN E 589 -23.63 -2.12 59.02
N LYS E 590 -22.51 -1.42 58.82
CA LYS E 590 -22.04 -0.49 59.85
C LYS E 590 -23.01 0.67 60.05
N VAL E 591 -23.76 1.04 59.02
CA VAL E 591 -24.72 2.14 59.15
C VAL E 591 -26.00 1.65 59.83
N ASP E 592 -26.61 0.61 59.27
CA ASP E 592 -27.89 0.13 59.79
C ASP E 592 -27.76 -0.39 61.22
N SER E 593 -26.59 -0.94 61.57
CA SER E 593 -26.39 -1.42 62.93
C SER E 593 -26.53 -0.30 63.94
N ALA E 594 -25.97 0.86 63.64
CA ALA E 594 -26.06 2.02 64.53
C ALA E 594 -27.43 2.68 64.40
N LEU E 603 -16.39 8.36 59.43
CA LEU E 603 -15.56 8.07 60.59
C LEU E 603 -14.08 8.03 60.20
N ASN E 604 -13.66 6.93 59.56
CA ASN E 604 -12.28 6.80 59.14
C ASN E 604 -11.95 7.83 58.07
N MET E 605 -10.74 8.39 58.16
CA MET E 605 -10.27 9.39 57.20
C MET E 605 -9.11 8.88 56.36
N LYS E 606 -8.81 7.59 56.40
CA LYS E 606 -7.75 6.99 55.59
C LYS E 606 -8.28 6.35 54.33
N GLN E 607 -9.51 6.72 53.91
CA GLN E 607 -10.13 6.15 52.71
C GLN E 607 -10.83 7.28 51.97
N ASN E 608 -10.14 7.86 50.98
CA ASN E 608 -10.70 8.86 50.10
C ASN E 608 -10.75 8.30 48.68
N ILE E 609 -11.80 8.65 47.93
CA ILE E 609 -12.01 8.08 46.61
C ILE E 609 -10.97 8.53 45.59
N LEU E 610 -10.16 9.55 45.92
CA LEU E 610 -9.19 10.11 44.99
C LEU E 610 -7.76 9.76 45.35
N LYS E 611 -7.52 8.53 45.83
CA LYS E 611 -6.19 8.08 46.18
C LYS E 611 -5.91 6.72 45.55
N THR E 612 -4.66 6.51 45.17
CA THR E 612 -4.26 5.26 44.55
C THR E 612 -4.35 4.12 45.56
N PRO E 613 -4.82 2.94 45.15
CA PRO E 613 -4.79 1.79 46.06
C PRO E 613 -3.37 1.41 46.44
N ARG E 614 -3.21 0.96 47.69
CA ARG E 614 -1.88 0.67 48.20
C ARG E 614 -1.23 -0.49 47.46
N HIS E 615 -2.00 -1.53 47.14
CA HIS E 615 -1.44 -2.74 46.56
C HIS E 615 -0.91 -2.53 45.14
N LEU E 616 -1.23 -1.40 44.49
CA LEU E 616 -0.72 -1.10 43.16
C LEU E 616 0.46 -0.13 43.20
N LEU E 617 1.00 0.17 44.37
CA LEU E 617 2.07 1.15 44.48
C LEU E 617 3.39 0.62 43.90
N LEU E 618 3.73 -0.63 44.18
CA LEU E 618 5.05 -1.15 43.89
C LEU E 618 5.02 -2.06 42.66
N PRO E 619 5.98 -1.94 41.75
CA PRO E 619 6.02 -2.85 40.60
C PRO E 619 6.28 -4.29 41.04
N LYS E 620 5.80 -5.23 40.21
CA LYS E 620 5.95 -6.64 40.53
C LYS E 620 7.41 -7.05 40.62
N GLY E 621 8.20 -6.67 39.62
CA GLY E 621 9.59 -7.09 39.57
C GLY E 621 9.76 -8.44 38.90
N ARG E 622 10.80 -9.17 39.26
CA ARG E 622 11.07 -10.50 38.71
C ARG E 622 11.52 -11.42 39.81
N VAL E 623 11.36 -12.73 39.58
CA VAL E 623 11.90 -13.73 40.48
C VAL E 623 13.42 -13.75 40.31
N GLY E 624 14.14 -13.48 41.40
CA GLY E 624 15.58 -13.34 41.37
C GLY E 624 16.05 -11.91 41.45
N GLY E 625 15.15 -10.94 41.31
CA GLY E 625 15.49 -9.53 41.48
C GLY E 625 15.43 -8.77 40.17
N MET E 626 14.84 -7.58 40.21
CA MET E 626 14.82 -6.65 39.09
C MET E 626 15.36 -5.33 39.57
N PRO E 627 16.36 -4.75 38.89
CA PRO E 627 16.97 -3.51 39.39
C PRO E 627 16.08 -2.29 39.14
N PHE E 628 16.03 -1.39 40.12
CA PHE E 628 15.32 -0.13 40.05
C PHE E 628 16.17 0.94 40.73
N VAL E 629 15.78 2.20 40.54
CA VAL E 629 16.53 3.34 41.07
C VAL E 629 15.59 4.14 41.97
N LEU E 630 16.01 4.35 43.20
CA LEU E 630 15.32 5.21 44.16
C LEU E 630 16.04 6.55 44.23
N MET E 631 15.25 7.61 44.40
CA MET E 631 15.78 8.97 44.49
C MET E 631 15.14 9.66 45.68
N VAL E 632 15.98 10.10 46.62
CA VAL E 632 15.53 10.81 47.82
C VAL E 632 15.89 12.27 47.64
N TYR E 633 14.89 13.15 47.73
CA TYR E 633 15.11 14.58 47.58
C TYR E 633 14.55 15.31 48.80
N ILE E 634 15.36 16.19 49.38
CA ILE E 634 14.98 16.96 50.55
C ILE E 634 14.99 18.44 50.18
N SER E 635 13.93 19.15 50.56
CA SER E 635 13.80 20.57 50.25
C SER E 635 13.21 21.29 51.46
N GLU E 636 13.16 22.61 51.38
CA GLU E 636 12.55 23.39 52.46
C GLU E 636 11.04 23.19 52.49
N TYR E 637 10.46 23.38 53.67
CA TYR E 637 9.00 23.34 53.84
C TYR E 637 8.47 24.73 53.53
N HIS E 638 8.07 24.94 52.28
CA HIS E 638 7.41 26.18 51.86
C HIS E 638 5.93 26.04 52.18
N ALA E 639 5.48 26.70 53.25
CA ALA E 639 4.13 26.53 53.72
C ALA E 639 3.14 26.93 52.62
N PRO E 640 2.13 26.10 52.31
CA PRO E 640 1.11 26.45 51.31
C PRO E 640 0.48 27.81 51.55
N ILE E 653 -13.64 17.09 52.32
CA ILE E 653 -12.99 15.80 52.49
C ILE E 653 -13.18 14.95 51.24
N ASP E 654 -14.31 15.16 50.56
CA ASP E 654 -14.59 14.38 49.35
C ASP E 654 -13.53 14.61 48.29
N ASN E 655 -13.19 15.89 48.03
CA ASN E 655 -12.16 16.26 47.06
C ASN E 655 -11.25 17.28 47.74
N THR E 656 -10.22 16.79 48.41
CA THR E 656 -9.31 17.63 49.18
C THR E 656 -7.90 17.05 49.12
N ILE E 657 -6.99 17.76 48.46
CA ILE E 657 -5.60 17.36 48.40
C ILE E 657 -4.74 18.61 48.24
N ARG E 658 -3.79 18.81 49.15
CA ARG E 658 -2.92 19.97 49.10
C ARG E 658 -1.61 19.63 49.80
N LEU E 659 -0.51 20.08 49.20
CA LEU E 659 0.83 19.89 49.76
C LEU E 659 1.56 21.23 49.64
N THR E 660 2.85 21.22 49.98
CA THR E 660 3.66 22.42 49.88
C THR E 660 3.53 23.05 48.50
N SER E 661 3.40 24.37 48.48
CA SER E 661 3.13 25.10 47.25
C SER E 661 4.34 24.98 46.32
N ASP E 662 4.21 24.15 45.30
CA ASP E 662 5.27 23.91 44.32
C ASP E 662 4.73 22.97 43.26
N THR E 663 5.38 22.93 42.10
CA THR E 663 4.95 22.03 41.03
C THR E 663 4.95 20.59 41.53
N LEU E 664 3.85 19.88 41.23
CA LEU E 664 3.67 18.55 41.78
C LEU E 664 4.82 17.62 41.43
N GLY E 665 5.35 17.73 40.23
CA GLY E 665 6.43 16.86 39.79
C GLY E 665 7.81 17.41 40.07
N PHE E 666 7.90 18.36 40.98
CA PHE E 666 9.20 18.93 41.33
C PHE E 666 10.07 17.88 42.01
N PRO E 667 11.36 17.78 41.63
CA PRO E 667 12.08 18.50 40.58
C PRO E 667 12.21 17.69 39.29
N VAL E 668 11.29 16.76 39.01
CA VAL E 668 11.38 15.90 37.84
C VAL E 668 10.42 16.34 36.74
N ASP E 669 9.75 17.47 36.91
CA ASP E 669 8.89 17.98 35.84
C ASP E 669 9.71 18.49 34.68
N ARG E 670 10.83 19.18 34.96
CA ARG E 670 11.73 19.65 33.92
C ARG E 670 12.89 18.68 33.73
N PRO E 671 13.49 18.63 32.55
CA PRO E 671 14.63 17.71 32.36
C PRO E 671 15.77 18.04 33.31
N LEU E 672 16.44 16.99 33.77
CA LEU E 672 17.53 17.11 34.74
C LEU E 672 18.76 16.40 34.19
N PHE E 673 19.93 17.00 34.42
CA PHE E 673 21.18 16.46 33.91
C PHE E 673 22.18 16.24 35.05
N PRO E 674 23.07 15.25 34.92
CA PRO E 674 24.05 15.03 36.00
C PRO E 674 24.94 16.22 36.28
N TRP E 675 25.32 16.99 35.25
CA TRP E 675 26.30 18.06 35.45
C TRP E 675 25.73 19.21 36.26
N MET E 676 24.41 19.36 36.34
CA MET E 676 23.80 20.42 37.13
C MET E 676 23.42 19.96 38.52
N LEU E 677 23.74 18.72 38.88
CA LEU E 677 23.51 18.21 40.23
C LEU E 677 24.76 18.26 41.08
N THR E 678 25.84 18.86 40.59
CA THR E 678 27.05 19.06 41.37
C THR E 678 26.89 20.35 42.17
N GLY E 679 27.04 20.24 43.49
CA GLY E 679 26.72 21.32 44.40
C GLY E 679 25.38 21.17 45.08
N VAL E 680 24.54 20.25 44.60
CA VAL E 680 23.26 19.94 45.21
C VAL E 680 23.44 18.61 45.94
N GLU E 681 23.63 18.67 47.26
CA GLU E 681 23.91 17.49 48.06
C GLU E 681 22.67 16.90 48.72
N ASN E 682 21.54 17.61 48.72
CA ASN E 682 20.33 17.12 49.34
C ASN E 682 19.52 16.18 48.43
N ILE E 683 20.11 15.70 47.34
CA ILE E 683 19.48 14.74 46.45
C ILE E 683 20.40 13.54 46.32
N PHE E 684 19.83 12.35 46.50
CA PHE E 684 20.62 11.12 46.50
C PHE E 684 19.93 10.07 45.63
N LEU E 685 20.72 9.37 44.82
CA LEU E 685 20.24 8.33 43.91
C LEU E 685 20.86 7.00 44.33
N GLN E 686 20.02 6.10 44.84
CA GLN E 686 20.43 4.75 45.21
C GLN E 686 19.81 3.73 44.27
N ASP E 687 20.39 2.52 44.28
CA ASP E 687 19.87 1.41 43.49
C ASP E 687 19.31 0.34 44.41
N VAL E 688 18.20 -0.26 43.98
CA VAL E 688 17.49 -1.28 44.75
C VAL E 688 17.09 -2.42 43.81
N GLN E 689 16.62 -3.50 44.39
CA GLN E 689 16.13 -4.65 43.64
C GLN E 689 14.76 -5.05 44.16
N ILE E 690 13.80 -5.23 43.25
CA ILE E 690 12.45 -5.66 43.59
C ILE E 690 12.33 -7.13 43.25
N TYR E 691 11.80 -7.90 44.20
CA TYR E 691 11.66 -9.34 44.05
C TYR E 691 10.18 -9.72 43.99
N HIS E 692 9.90 -10.84 43.32
CA HIS E 692 8.56 -11.39 43.24
C HIS E 692 8.56 -12.78 43.87
N LYS E 693 7.61 -13.02 44.76
CA LYS E 693 7.47 -14.31 45.41
C LYS E 693 6.58 -15.20 44.55
N PRO E 694 7.09 -16.28 43.96
CA PRO E 694 6.24 -17.09 43.07
C PRO E 694 5.36 -18.05 43.85
N THR E 695 4.14 -18.25 43.36
CA THR E 695 3.18 -19.13 43.99
C THR E 695 2.27 -19.78 42.95
N THR F 31 57.47 38.09 12.01
CA THR F 31 57.16 36.94 12.86
C THR F 31 56.02 36.10 12.28
N VAL F 32 55.61 36.45 11.06
CA VAL F 32 54.51 35.72 10.41
C VAL F 32 54.91 34.28 10.17
N LEU F 33 56.14 34.05 9.69
CA LEU F 33 56.55 32.71 9.27
C LEU F 33 56.57 31.74 10.45
N ASP F 34 57.13 32.16 11.59
CA ASP F 34 57.21 31.26 12.74
C ASP F 34 55.83 30.95 13.30
N ARG F 35 54.96 31.96 13.39
CA ARG F 35 53.60 31.72 13.86
C ARG F 35 52.86 30.77 12.94
N GLN F 36 53.00 30.98 11.62
CA GLN F 36 52.36 30.07 10.67
C GLN F 36 52.91 28.67 10.81
N TYR F 37 54.22 28.53 11.03
CA TYR F 37 54.83 27.22 11.21
C TYR F 37 54.26 26.51 12.43
N LYS F 38 54.12 27.23 13.55
CA LYS F 38 53.56 26.62 14.74
C LYS F 38 52.11 26.21 14.53
N LEU F 39 51.32 27.09 13.89
CA LEU F 39 49.92 26.75 13.66
C LEU F 39 49.79 25.57 12.70
N LEU F 40 50.71 25.45 11.75
CA LEU F 40 50.73 24.26 10.90
C LEU F 40 51.08 23.01 11.71
N THR F 41 52.07 23.11 12.59
CA THR F 41 52.40 21.97 13.44
C THR F 41 51.19 21.55 14.26
N LEU F 42 50.31 22.49 14.58
CA LEU F 42 49.05 22.13 15.24
C LEU F 42 48.15 21.27 14.34
N PHE F 43 48.44 21.19 13.04
CA PHE F 43 47.65 20.40 12.10
C PHE F 43 48.49 19.33 11.41
N PHE F 44 49.36 18.66 12.17
CA PHE F 44 50.21 17.63 11.57
C PHE F 44 49.65 16.23 11.73
N HIS F 45 49.11 15.88 12.90
CA HIS F 45 48.55 14.56 13.14
C HIS F 45 47.45 14.67 14.18
N PRO F 46 46.22 14.94 13.74
CA PRO F 46 45.12 15.10 14.70
C PRO F 46 44.86 13.84 15.52
N HIS F 47 44.69 12.70 14.84
CA HIS F 47 44.33 11.47 15.55
C HIS F 47 45.42 11.07 16.55
N GLU F 48 46.68 11.16 16.15
CA GLU F 48 47.79 10.80 17.01
C GLU F 48 48.05 11.88 18.05
N PRO F 49 48.64 11.53 19.19
CA PRO F 49 48.84 12.53 20.26
C PRO F 49 49.98 13.49 19.96
N ILE F 50 50.25 14.39 20.91
CA ILE F 50 51.31 15.39 20.71
C ILE F 50 52.67 14.71 20.76
N HIS F 51 53.49 14.96 19.75
CA HIS F 51 54.84 14.40 19.68
C HIS F 51 55.91 15.43 19.99
N ILE F 52 55.64 16.71 19.82
CA ILE F 52 56.62 17.76 20.06
C ILE F 52 56.66 18.07 21.55
N LYS F 53 57.88 18.12 22.10
CA LYS F 53 58.05 18.11 23.55
C LYS F 53 57.53 19.40 24.19
N GLU F 54 57.92 20.56 23.66
CA GLU F 54 57.53 21.81 24.31
C GLU F 54 56.02 22.01 24.31
N GLN F 55 55.32 21.49 23.30
CA GLN F 55 53.87 21.53 23.33
C GLN F 55 53.32 20.68 24.46
N GLN F 56 53.94 19.52 24.72
CA GLN F 56 53.56 18.72 25.87
C GLN F 56 53.80 19.49 27.17
N GLU F 57 54.92 20.20 27.25
CA GLU F 57 55.21 21.01 28.44
C GLU F 57 54.14 22.08 28.63
N ILE F 58 53.73 22.74 27.55
CA ILE F 58 52.69 23.76 27.66
C ILE F 58 51.38 23.12 28.10
N ALA F 59 51.03 21.98 27.52
CA ALA F 59 49.78 21.33 27.87
C ALA F 59 49.76 20.91 29.34
N ALA F 60 50.91 20.50 29.87
CA ALA F 60 51.00 20.08 31.26
C ALA F 60 51.10 21.26 32.23
N SER F 61 51.62 22.40 31.76
CA SER F 61 51.86 23.54 32.63
C SER F 61 50.67 24.51 32.69
N TRP F 62 50.07 24.83 31.55
CA TRP F 62 48.99 25.81 31.52
C TRP F 62 47.80 25.31 32.34
N ASP F 63 47.18 26.24 33.06
CA ASP F 63 46.00 25.94 33.89
C ASP F 63 45.04 27.11 33.75
N LEU F 64 43.83 26.83 33.25
CA LEU F 64 42.86 27.88 33.01
C LEU F 64 42.43 28.57 34.30
N GLU F 65 42.39 27.83 35.40
CA GLU F 65 41.86 28.39 36.64
C GLU F 65 42.62 29.63 37.07
N LYS F 66 43.95 29.54 37.12
CA LYS F 66 44.76 30.67 37.56
C LYS F 66 44.95 31.73 36.48
N ASN F 67 44.82 31.38 35.20
CA ASN F 67 45.00 32.31 34.10
C ASN F 67 43.68 32.83 33.54
N ILE F 68 42.67 33.00 34.41
CA ILE F 68 41.39 33.53 33.94
C ILE F 68 41.52 35.00 33.58
N GLY F 69 42.49 35.70 34.18
CA GLY F 69 42.63 37.14 33.94
C GLY F 69 43.00 37.50 32.52
N LEU F 70 43.52 36.55 31.74
CA LEU F 70 43.93 36.81 30.36
C LEU F 70 42.83 36.54 29.35
N TYR F 71 41.62 36.20 29.80
CA TYR F 71 40.48 35.95 28.92
C TYR F 71 39.40 36.98 29.21
N GLU F 72 38.84 37.57 28.15
CA GLU F 72 37.79 38.56 28.32
C GLU F 72 36.49 37.92 28.78
N ASN F 73 36.11 36.80 28.18
CA ASN F 73 34.82 36.16 28.49
C ASN F 73 35.04 35.16 29.61
N ALA F 74 34.83 35.63 30.84
CA ALA F 74 35.04 34.77 32.01
C ALA F 74 34.01 33.65 32.07
N THR F 75 32.79 33.89 31.63
CA THR F 75 31.77 32.85 31.64
C THR F 75 32.20 31.66 30.79
N ALA F 76 32.77 31.94 29.61
CA ALA F 76 33.27 30.86 28.78
C ALA F 76 34.39 30.09 29.48
N VAL F 77 35.25 30.80 30.21
CA VAL F 77 36.32 30.13 30.95
C VAL F 77 35.73 29.18 32.00
N HIS F 78 34.73 29.66 32.74
CA HIS F 78 34.11 28.83 33.76
C HIS F 78 33.43 27.60 33.13
N LEU F 79 32.72 27.81 32.03
CA LEU F 79 32.06 26.69 31.37
C LEU F 79 33.07 25.66 30.87
N THR F 80 34.17 26.13 30.27
CA THR F 80 35.19 25.21 29.78
C THR F 80 35.82 24.44 30.92
N ILE F 81 36.12 25.12 32.03
CA ILE F 81 36.69 24.44 33.19
C ILE F 81 35.74 23.37 33.70
N GLN F 82 34.45 23.72 33.82
CA GLN F 82 33.48 22.75 34.32
C GLN F 82 33.39 21.54 33.39
N MET F 83 33.33 21.78 32.08
CA MET F 83 33.23 20.68 31.13
C MET F 83 34.46 19.78 31.18
N LEU F 84 35.66 20.38 31.24
CA LEU F 84 36.87 19.58 31.28
C LEU F 84 37.05 18.85 32.60
N HIS F 85 36.49 19.37 33.69
CA HIS F 85 36.59 18.70 34.98
C HIS F 85 35.60 17.54 35.06
N ASN F 86 34.36 17.76 34.64
CA ASN F 86 33.35 16.70 34.69
C ASN F 86 33.51 15.69 33.57
N ASN F 87 34.45 15.87 32.65
CA ASN F 87 34.63 15.02 31.48
C ASN F 87 33.41 15.03 30.58
N TYR F 88 32.56 16.05 30.71
CA TYR F 88 31.35 16.18 29.89
C TYR F 88 31.73 16.79 28.54
N GLN F 89 32.38 15.95 27.73
CA GLN F 89 32.86 16.38 26.41
C GLN F 89 32.76 15.21 25.46
N VAL F 90 32.75 15.53 24.16
CA VAL F 90 32.69 14.47 23.15
C VAL F 90 33.94 13.61 23.25
N PRO F 91 33.82 12.28 23.35
CA PRO F 91 35.03 11.46 23.44
C PRO F 91 35.88 11.56 22.18
N ARG F 92 37.20 11.43 22.37
CA ARG F 92 38.12 11.49 21.25
C ARG F 92 38.00 10.25 20.37
N GLY F 93 38.37 10.42 19.11
CA GLY F 93 38.26 9.33 18.14
C GLY F 93 36.83 8.93 17.85
N VAL F 94 35.92 9.91 17.76
CA VAL F 94 34.52 9.65 17.48
C VAL F 94 34.05 10.65 16.42
N PRO F 95 33.14 10.27 15.52
CA PRO F 95 32.64 11.23 14.53
C PRO F 95 32.00 12.44 15.20
N PHE F 96 32.19 13.60 14.58
CA PHE F 96 31.67 14.86 15.09
C PHE F 96 30.73 15.48 14.05
N THR F 97 29.56 15.92 14.51
CA THR F 97 28.57 16.56 13.65
C THR F 97 28.04 17.79 14.35
N VAL F 98 27.91 18.89 13.61
CA VAL F 98 27.40 20.14 14.17
C VAL F 98 25.88 20.14 14.30
N LEU F 99 25.18 19.17 13.70
CA LEU F 99 23.73 19.15 13.76
C LEU F 99 23.21 18.72 15.13
N GLU F 100 24.06 18.14 15.97
CA GLU F 100 23.65 17.75 17.32
C GLU F 100 23.82 18.92 18.28
N SER F 101 22.88 19.02 19.23
CA SER F 101 22.81 20.21 20.09
C SER F 101 24.04 20.30 20.99
N VAL F 102 24.39 19.21 21.68
CA VAL F 102 25.50 19.26 22.62
C VAL F 102 26.80 19.56 21.89
N HIS F 103 26.98 19.04 20.68
CA HIS F 103 28.16 19.37 19.90
C HIS F 103 28.21 20.86 19.60
N ARG F 104 27.07 21.45 19.24
CA ARG F 104 27.01 22.89 19.02
C ARG F 104 27.40 23.65 20.27
N PHE F 105 26.86 23.25 21.42
CA PHE F 105 27.18 23.93 22.66
C PHE F 105 28.67 23.87 22.95
N GLU F 106 29.26 22.68 22.82
CA GLU F 106 30.69 22.52 23.12
C GLU F 106 31.54 23.36 22.18
N ILE F 107 31.25 23.30 20.87
CA ILE F 107 32.08 24.03 19.92
C ILE F 107 31.91 25.53 20.10
N SER F 108 30.69 25.99 20.42
CA SER F 108 30.48 27.41 20.67
C SER F 108 31.24 27.86 21.91
N VAL F 109 31.23 27.06 22.98
CA VAL F 109 31.95 27.43 24.19
C VAL F 109 33.44 27.52 23.91
N TYR F 110 33.99 26.54 23.18
CA TYR F 110 35.41 26.56 22.88
C TYR F 110 35.76 27.73 21.97
N TYR F 111 34.90 28.06 21.00
CA TYR F 111 35.16 29.23 20.17
C TYR F 111 35.15 30.50 21.00
N SER F 112 34.20 30.63 21.93
CA SER F 112 34.15 31.81 22.80
C SER F 112 35.42 31.91 23.63
N LEU F 113 35.89 30.79 24.16
CA LEU F 113 37.12 30.80 24.95
C LEU F 113 38.31 31.22 24.11
N LEU F 114 38.47 30.63 22.91
CA LEU F 114 39.61 30.94 22.08
C LEU F 114 39.59 32.38 21.59
N TYR F 115 38.40 32.87 21.20
CA TYR F 115 38.29 34.22 20.65
C TYR F 115 38.50 35.30 21.71
N SER F 116 38.31 34.96 22.98
CA SER F 116 38.47 35.91 24.08
C SER F 116 39.92 36.00 24.56
N ALA F 117 40.87 35.50 23.79
CA ALA F 117 42.27 35.57 24.16
C ALA F 117 42.81 36.96 23.87
N LYS F 118 43.26 37.66 24.91
CA LYS F 118 43.75 39.02 24.73
C LYS F 118 45.02 39.04 23.90
N THR F 119 45.95 38.12 24.16
CA THR F 119 47.23 38.05 23.48
C THR F 119 47.30 36.82 22.58
N TYR F 120 48.12 36.93 21.53
CA TYR F 120 48.37 35.78 20.66
C TYR F 120 49.02 34.62 21.40
N ASP F 121 49.87 34.92 22.38
CA ASP F 121 50.48 33.88 23.19
C ASP F 121 49.43 33.09 23.95
N THR F 122 48.48 33.79 24.57
CA THR F 122 47.41 33.12 25.29
C THR F 122 46.57 32.27 24.35
N PHE F 123 46.29 32.80 23.15
CA PHE F 123 45.56 32.06 22.15
C PHE F 123 46.26 30.75 21.77
N TYR F 124 47.57 30.83 21.49
CA TYR F 124 48.31 29.63 21.13
C TYR F 124 48.35 28.65 22.29
N LYS F 125 48.53 29.14 23.51
CA LYS F 125 48.62 28.25 24.67
C LYS F 125 47.29 27.57 24.94
N THR F 126 46.17 28.25 24.71
CA THR F 126 44.86 27.61 24.81
C THR F 126 44.65 26.61 23.69
N ALA F 127 45.13 26.93 22.48
CA ALA F 127 44.99 26.00 21.36
C ALA F 127 45.74 24.71 21.63
N VAL F 128 46.94 24.80 22.17
CA VAL F 128 47.71 23.59 22.50
C VAL F 128 46.97 22.76 23.54
N PHE F 129 46.48 23.41 24.60
CA PHE F 129 45.79 22.70 25.66
C PHE F 129 44.55 21.99 25.13
N LEU F 130 43.77 22.67 24.28
CA LEU F 130 42.58 22.03 23.72
C LEU F 130 42.96 20.90 22.77
N ARG F 131 43.98 21.10 21.94
CA ARG F 131 44.48 20.02 21.11
C ARG F 131 44.80 18.80 21.95
N GLN F 132 45.34 19.02 23.15
CA GLN F 132 45.61 17.92 24.06
C GLN F 132 44.33 17.31 24.62
N HIS F 133 43.32 18.14 24.88
CA HIS F 133 42.13 17.70 25.61
C HIS F 133 40.83 17.94 24.84
N VAL F 134 40.83 17.77 23.52
CA VAL F 134 39.63 17.94 22.72
C VAL F 134 39.67 17.01 21.51
N ASN F 135 38.47 16.64 21.04
CA ASN F 135 38.35 15.79 19.86
C ASN F 135 39.00 16.44 18.65
N GLU F 136 39.47 15.59 17.73
CA GLU F 136 40.26 16.08 16.60
C GLU F 136 39.43 16.96 15.67
N ASN F 137 38.27 16.46 15.23
CA ASN F 137 37.47 17.19 14.26
C ASN F 137 36.99 18.52 14.84
N LEU F 138 36.48 18.49 16.07
CA LEU F 138 36.00 19.72 16.70
C LEU F 138 37.13 20.73 16.85
N PHE F 139 38.30 20.27 17.30
CA PHE F 139 39.42 21.19 17.47
C PHE F 139 39.83 21.81 16.15
N VAL F 140 39.92 20.99 15.09
CA VAL F 140 40.32 21.52 13.79
C VAL F 140 39.32 22.57 13.32
N ASN F 141 38.02 22.25 13.41
CA ASN F 141 37.00 23.18 12.94
C ASN F 141 37.04 24.49 13.73
N VAL F 142 37.10 24.40 15.06
CA VAL F 142 37.04 25.60 15.88
C VAL F 142 38.29 26.44 15.68
N LEU F 143 39.46 25.80 15.58
CA LEU F 143 40.69 26.55 15.38
C LEU F 143 40.70 27.24 14.02
N SER F 144 40.21 26.55 12.98
CA SER F 144 40.11 27.19 11.67
C SER F 144 39.18 28.39 11.72
N VAL F 145 38.03 28.25 12.37
CA VAL F 145 37.10 29.37 12.45
C VAL F 145 37.72 30.54 13.20
N VAL F 146 38.41 30.25 14.31
CA VAL F 146 39.04 31.31 15.08
C VAL F 146 40.10 32.02 14.25
N ILE F 147 40.92 31.25 13.52
CA ILE F 147 41.98 31.86 12.72
C ILE F 147 41.37 32.74 11.63
N LEU F 148 40.26 32.29 11.03
CA LEU F 148 39.64 33.08 9.97
C LEU F 148 39.04 34.39 10.50
N HIS F 149 38.55 34.39 11.73
CA HIS F 149 37.81 35.53 12.27
C HIS F 149 38.57 36.28 13.36
N ARG F 150 39.89 36.18 13.39
CA ARG F 150 40.71 36.87 14.38
C ARG F 150 41.67 37.82 13.68
N SER F 151 41.76 39.04 14.21
CA SER F 151 42.63 40.06 13.60
C SER F 151 44.09 39.65 13.66
N ASP F 152 44.53 39.06 14.77
CA ASP F 152 45.93 38.68 14.90
C ASP F 152 46.35 37.58 13.93
N THR F 153 45.38 36.92 13.28
CA THR F 153 45.66 35.81 12.38
C THR F 153 44.98 36.02 11.04
N GLN F 154 45.05 37.24 10.50
CA GLN F 154 44.51 37.53 9.18
C GLN F 154 45.48 37.21 8.05
N ASP F 155 46.73 36.85 8.38
CA ASP F 155 47.71 36.45 7.39
C ASP F 155 47.98 34.95 7.37
N ILE F 156 47.75 34.26 8.49
CA ILE F 156 47.96 32.82 8.54
C ILE F 156 47.09 32.13 7.51
N ARG F 157 47.67 31.17 6.80
CA ARG F 157 46.96 30.36 5.82
C ARG F 157 46.72 28.97 6.40
N ILE F 158 45.47 28.52 6.38
CA ILE F 158 45.09 27.23 6.95
C ILE F 158 45.19 26.16 5.88
N PRO F 159 45.56 24.92 6.21
CA PRO F 159 45.71 23.89 5.19
C PRO F 159 44.36 23.45 4.65
N PRO F 160 44.31 22.88 3.45
CA PRO F 160 43.03 22.36 2.94
C PRO F 160 42.48 21.25 3.82
N ILE F 161 41.15 21.17 3.87
CA ILE F 161 40.52 20.14 4.70
C ILE F 161 40.81 18.75 4.15
N TYR F 162 40.88 18.61 2.82
CA TYR F 162 41.09 17.28 2.24
C TYR F 162 42.49 16.75 2.47
N ASP F 163 43.40 17.56 3.02
CA ASP F 163 44.72 17.08 3.42
C ASP F 163 44.79 16.70 4.89
N VAL F 164 44.04 17.40 5.76
CA VAL F 164 44.06 17.06 7.18
C VAL F 164 43.34 15.75 7.42
N PHE F 165 42.19 15.54 6.78
CA PHE F 165 41.38 14.34 6.96
C PHE F 165 41.07 13.75 5.58
N PRO F 166 42.03 13.05 4.97
CA PRO F 166 41.78 12.46 3.65
C PRO F 166 40.68 11.40 3.64
N SER F 167 40.33 10.84 4.80
CA SER F 167 39.38 9.74 4.84
C SER F 167 37.97 10.15 4.43
N TYR F 168 37.68 11.45 4.36
CA TYR F 168 36.36 11.93 3.98
C TYR F 168 36.24 12.18 2.48
N PHE F 169 37.29 11.94 1.71
CA PHE F 169 37.28 12.24 0.28
C PHE F 169 37.75 11.08 -0.60
N HIS F 170 38.14 9.95 -0.01
CA HIS F 170 38.59 8.80 -0.78
C HIS F 170 37.94 7.55 -0.21
N ASN F 171 37.81 6.53 -1.06
CA ASN F 171 37.15 5.29 -0.65
C ASN F 171 38.01 4.55 0.36
N GLY F 172 37.34 3.70 1.15
CA GLY F 172 38.04 2.94 2.18
C GLY F 172 39.09 2.00 1.62
N GLU F 173 38.83 1.43 0.44
CA GLU F 173 39.81 0.55 -0.17
C GLU F 173 41.12 1.29 -0.45
N ILE F 174 41.01 2.52 -0.94
CA ILE F 174 42.21 3.32 -1.21
C ILE F 174 43.01 3.52 0.07
N MET F 175 42.33 3.86 1.16
CA MET F 175 43.03 4.13 2.42
C MET F 175 43.67 2.86 2.98
N THR F 176 42.97 1.73 2.90
CA THR F 176 43.56 0.47 3.37
C THR F 176 44.78 0.10 2.54
N THR F 177 44.68 0.25 1.21
CA THR F 177 45.82 -0.01 0.34
C THR F 177 46.99 0.92 0.67
N ALA F 178 46.69 2.18 0.97
CA ALA F 178 47.73 3.12 1.36
C ALA F 178 48.44 2.65 2.62
N GLN F 179 47.66 2.28 3.65
CA GLN F 179 48.25 1.78 4.89
C GLN F 179 49.14 0.57 4.61
N ARG F 180 48.65 -0.36 3.80
CA ARG F 180 49.41 -1.57 3.52
C ARG F 180 50.72 -1.25 2.78
N ILE F 181 50.64 -0.43 1.72
CA ILE F 181 51.83 -0.12 0.95
C ILE F 181 52.84 0.63 1.81
N THR F 182 52.38 1.46 2.73
CA THR F 182 53.29 2.21 3.59
C THR F 182 53.96 1.28 4.59
N THR F 183 53.17 0.48 5.31
CA THR F 183 53.74 -0.37 6.36
C THR F 183 54.57 -1.50 5.76
N HIS F 184 54.34 -1.85 4.50
CA HIS F 184 55.08 -2.93 3.86
C HIS F 184 56.52 -2.51 3.55
N GLY F 185 56.82 -1.22 3.70
CA GLY F 185 58.13 -0.75 3.32
C GLY F 185 58.35 -0.69 1.82
N GLN F 186 57.26 -0.66 1.05
CA GLN F 186 57.33 -0.61 -0.41
C GLN F 186 58.08 -1.81 -0.99
N ARG F 187 57.99 -2.97 -0.33
CA ARG F 187 58.50 -4.22 -0.88
C ARG F 187 57.42 -5.05 -1.55
N MET F 188 56.26 -5.19 -0.92
CA MET F 188 55.10 -5.76 -1.59
C MET F 188 54.34 -4.74 -2.41
N LEU F 189 54.73 -3.46 -2.34
CA LEU F 189 54.12 -2.46 -3.20
C LEU F 189 54.42 -2.75 -4.67
N GLU F 190 55.66 -3.14 -4.98
CA GLU F 190 56.00 -3.49 -6.36
C GLU F 190 55.27 -4.74 -6.83
N HIS F 191 54.72 -5.54 -5.91
CA HIS F 191 53.84 -6.62 -6.32
C HIS F 191 52.49 -6.07 -6.78
N TYR F 192 52.01 -5.02 -6.13
CA TYR F 192 50.80 -4.34 -6.58
C TYR F 192 51.04 -3.73 -7.95
N PRO F 193 50.21 -4.04 -8.96
CA PRO F 193 50.37 -3.35 -10.25
C PRO F 193 49.75 -1.97 -10.26
N SER F 194 48.72 -1.74 -9.44
CA SER F 194 48.04 -0.45 -9.43
C SER F 194 48.99 0.67 -9.03
N THR F 195 49.73 0.49 -7.94
CA THR F 195 50.62 1.53 -7.45
C THR F 195 51.86 1.64 -8.33
N TYR F 196 52.44 2.85 -8.34
CA TYR F 196 53.63 3.12 -9.13
C TYR F 196 54.37 4.30 -8.50
N VAL F 197 55.63 4.44 -8.87
CA VAL F 197 56.50 5.49 -8.33
C VAL F 197 56.67 6.54 -9.44
N TRP F 198 55.95 7.64 -9.31
CA TRP F 198 56.07 8.72 -10.28
C TRP F 198 57.38 9.50 -10.09
N GLU F 199 57.76 9.74 -8.85
CA GLU F 199 59.00 10.44 -8.54
C GLU F 199 59.57 9.89 -7.24
N ASN F 200 60.78 10.32 -6.92
CA ASN F 200 61.40 9.91 -5.66
C ASN F 200 60.56 10.39 -4.48
N ASN F 201 60.45 9.54 -3.46
CA ASN F 201 59.76 9.83 -2.20
C ASN F 201 58.25 9.93 -2.36
N VAL F 202 57.69 9.55 -3.51
CA VAL F 202 56.26 9.58 -3.73
C VAL F 202 55.84 8.31 -4.46
N VAL F 203 54.76 7.69 -3.99
CA VAL F 203 54.16 6.53 -4.65
C VAL F 203 52.70 6.83 -4.92
N ILE F 204 52.25 6.55 -6.15
CA ILE F 204 50.95 6.96 -6.63
C ILE F 204 50.15 5.74 -7.03
N ARG F 205 48.84 5.83 -6.88
CA ARG F 205 47.90 4.75 -7.18
C ARG F 205 46.97 5.17 -8.31
N HIS F 206 46.05 4.27 -8.65
CA HIS F 206 44.99 4.53 -9.61
C HIS F 206 43.64 4.27 -8.95
N ASN F 207 42.74 5.27 -9.00
CA ASN F 207 41.35 5.06 -8.64
C ASN F 207 40.47 4.79 -9.85
N GLU F 208 41.07 4.71 -11.04
CA GLU F 208 40.30 4.45 -12.26
C GLU F 208 39.61 3.09 -12.18
N THR F 209 40.31 2.07 -11.70
CA THR F 209 39.79 0.71 -11.61
C THR F 209 39.57 0.37 -10.14
N ALA F 210 38.36 0.63 -9.64
CA ALA F 210 38.00 0.32 -8.27
C ALA F 210 36.51 0.63 -8.10
N TRP F 211 35.95 0.16 -6.99
CA TRP F 211 34.56 0.41 -6.65
C TRP F 211 33.61 -0.03 -7.78
N PRO F 212 33.76 -1.24 -8.31
CA PRO F 212 32.81 -1.72 -9.32
C PRO F 212 31.39 -1.81 -8.79
N TYR F 213 31.23 -2.06 -7.49
CA TYR F 213 29.93 -1.97 -6.85
C TYR F 213 29.65 -0.51 -6.50
N TYR F 214 28.54 0.00 -7.00
CA TYR F 214 28.22 1.42 -6.85
C TYR F 214 26.71 1.61 -7.01
N CYS F 215 26.25 2.80 -6.65
CA CYS F 215 24.81 3.07 -6.61
C CYS F 215 24.18 2.97 -8.00
N ASN F 216 24.87 3.48 -9.01
CA ASN F 216 24.35 3.54 -10.40
C ASN F 216 23.16 4.48 -10.40
N THR F 217 22.02 4.10 -10.99
CA THR F 217 20.86 4.99 -11.13
C THR F 217 21.32 6.35 -11.66
N GLU F 218 21.11 7.42 -10.91
CA GLU F 218 21.50 8.77 -11.33
C GLU F 218 22.83 9.20 -10.75
N SER F 219 23.53 8.31 -10.05
CA SER F 219 24.72 8.68 -9.30
C SER F 219 26.02 8.55 -10.10
N MET F 220 26.09 7.59 -11.02
CA MET F 220 27.37 7.35 -11.71
C MET F 220 27.63 8.38 -12.79
N PRO F 221 26.69 8.72 -13.67
CA PRO F 221 27.02 9.64 -14.77
C PRO F 221 27.50 11.00 -14.30
N VAL F 222 27.11 11.45 -13.11
CA VAL F 222 27.53 12.74 -12.58
C VAL F 222 28.56 12.55 -11.47
N SER F 223 29.14 11.36 -11.35
CA SER F 223 30.11 11.10 -10.29
C SER F 223 31.37 11.93 -10.43
N TYR F 224 31.68 12.42 -11.63
CA TYR F 224 32.86 13.25 -11.83
C TYR F 224 32.66 14.66 -11.27
N PHE F 225 31.42 15.06 -11.02
CA PHE F 225 31.09 16.37 -10.48
C PHE F 225 30.68 16.32 -9.02
N THR F 226 29.86 15.35 -8.64
CA THR F 226 29.36 15.28 -7.26
C THR F 226 30.42 14.81 -6.29
N HIS F 227 31.35 13.96 -6.74
CA HIS F 227 32.40 13.42 -5.88
C HIS F 227 33.69 14.22 -5.96
N ASP F 228 33.68 15.37 -6.64
CA ASP F 228 34.88 16.18 -6.75
C ASP F 228 35.31 16.66 -5.36
N VAL F 229 36.61 16.54 -5.09
CA VAL F 229 37.13 16.95 -3.78
C VAL F 229 36.95 18.44 -3.58
N THR F 230 37.21 19.23 -4.62
CA THR F 230 37.18 20.68 -4.47
C THR F 230 35.79 21.19 -4.11
N LEU F 231 34.75 20.55 -4.64
CA LEU F 231 33.39 21.01 -4.36
C LEU F 231 33.03 20.80 -2.88
N ASN F 232 33.33 19.62 -2.34
CA ASN F 232 33.07 19.36 -0.93
C ASN F 232 33.93 20.25 -0.05
N ALA F 233 35.19 20.46 -0.42
CA ALA F 233 36.04 21.37 0.33
C ALA F 233 35.47 22.78 0.30
N LEU F 234 34.89 23.20 -0.83
CA LEU F 234 34.29 24.51 -0.92
C LEU F 234 33.08 24.63 0.00
N TYR F 235 32.23 23.60 0.05
CA TYR F 235 31.11 23.63 0.98
C TYR F 235 31.60 23.73 2.42
N TYR F 236 32.63 22.95 2.77
CA TYR F 236 33.17 22.98 4.12
C TYR F 236 33.74 24.35 4.46
N ASN F 237 34.46 24.98 3.53
CA ASN F 237 35.02 26.30 3.79
C ASN F 237 33.93 27.35 3.88
N ILE F 238 32.88 27.22 3.07
CA ILE F 238 31.76 28.15 3.14
C ILE F 238 31.10 28.09 4.52
N LYS F 239 30.88 26.87 5.03
CA LYS F 239 30.30 26.77 6.36
C LYS F 239 31.30 27.12 7.47
N LEU F 240 32.60 27.10 7.17
CA LEU F 240 33.58 27.68 8.07
C LEU F 240 33.41 29.20 8.14
N ALA F 241 33.14 29.83 6.99
CA ALA F 241 33.01 31.28 6.96
C ALA F 241 31.71 31.73 7.64
N TYR F 242 30.64 30.96 7.50
CA TYR F 242 29.34 31.30 8.06
C TYR F 242 28.81 30.10 8.85
N PRO F 243 29.38 29.84 10.03
CA PRO F 243 28.85 28.75 10.85
C PRO F 243 27.44 29.06 11.34
N ILE F 244 26.63 28.01 11.47
CA ILE F 244 25.27 28.19 11.94
C ILE F 244 25.22 28.55 13.42
N TRP F 245 26.30 28.28 14.16
CA TRP F 245 26.35 28.51 15.60
C TRP F 245 27.05 29.81 15.98
N LEU F 246 27.46 30.61 15.00
CA LEU F 246 28.19 31.85 15.25
C LEU F 246 27.32 33.05 14.90
N ARG F 247 27.19 33.99 15.83
CA ARG F 247 26.42 35.20 15.59
C ARG F 247 27.26 36.23 14.84
N SER F 248 26.64 36.91 13.89
CA SER F 248 27.36 37.81 13.01
C SER F 248 27.79 39.08 13.76
N ASP F 249 28.90 39.64 13.30
CA ASP F 249 29.42 40.93 13.75
C ASP F 249 29.17 41.97 12.67
N ALA F 250 29.71 43.16 12.85
CA ALA F 250 29.52 44.22 11.86
C ALA F 250 29.93 43.76 10.47
N CYS F 251 31.07 43.06 10.37
CA CYS F 251 31.52 42.55 9.08
C CYS F 251 30.54 41.52 8.54
N ALA F 252 30.18 40.53 9.37
CA ALA F 252 29.26 39.49 8.94
C ALA F 252 27.83 39.97 8.80
N ILE F 253 27.49 41.14 9.35
CA ILE F 253 26.15 41.68 9.20
C ILE F 253 25.96 42.37 7.85
N LYS F 254 27.05 42.80 7.20
CA LYS F 254 27.01 43.34 5.86
C LYS F 254 27.18 42.25 4.80
N GLU F 255 27.32 40.99 5.21
CA GLU F 255 27.51 39.89 4.27
C GLU F 255 26.20 39.42 3.65
N LYS F 256 25.05 39.80 4.22
CA LYS F 256 23.75 39.38 3.71
C LYS F 256 23.68 37.86 3.65
N ARG F 257 23.75 37.27 4.83
CA ARG F 257 23.86 35.82 4.96
C ARG F 257 22.77 35.10 4.18
N GLY F 258 21.52 35.52 4.34
CA GLY F 258 20.42 34.82 3.69
C GLY F 258 20.49 34.91 2.18
N GLU F 259 20.83 36.08 1.65
CA GLU F 259 20.94 36.23 0.21
C GLU F 259 22.07 35.38 -0.34
N LEU F 260 23.20 35.30 0.38
CA LEU F 260 24.27 34.41 -0.04
C LEU F 260 23.82 32.97 -0.05
N PHE F 261 23.09 32.55 0.99
CA PHE F 261 22.56 31.19 1.03
C PHE F 261 21.72 30.90 -0.21
N PHE F 262 20.75 31.77 -0.48
CA PHE F 262 19.86 31.56 -1.62
C PHE F 262 20.64 31.52 -2.93
N PHE F 263 21.52 32.50 -3.15
CA PHE F 263 22.24 32.59 -4.41
C PHE F 263 23.14 31.38 -4.62
N TRP F 264 23.87 30.97 -3.59
CA TRP F 264 24.77 29.83 -3.73
C TRP F 264 24.00 28.54 -3.98
N ASN F 265 22.88 28.34 -3.27
CA ASN F 265 22.08 27.15 -3.52
C ASN F 265 21.54 27.15 -4.95
N LYS F 266 21.06 28.30 -5.43
CA LYS F 266 20.56 28.37 -6.79
C LYS F 266 21.65 28.06 -7.80
N GLN F 267 22.85 28.61 -7.59
CA GLN F 267 23.95 28.37 -8.52
C GLN F 267 24.33 26.89 -8.54
N LEU F 268 24.41 26.28 -7.35
CA LEU F 268 24.76 24.86 -7.29
C LEU F 268 23.71 24.00 -7.99
N LEU F 269 22.43 24.29 -7.76
CA LEU F 269 21.38 23.50 -8.40
C LEU F 269 21.35 23.69 -9.90
N ALA F 270 21.59 24.91 -10.39
CA ALA F 270 21.63 25.14 -11.82
C ALA F 270 22.80 24.39 -12.45
N ARG F 271 23.98 24.42 -11.81
CA ARG F 271 25.12 23.68 -12.33
C ARG F 271 24.85 22.18 -12.34
N TYR F 272 24.22 21.66 -11.27
CA TYR F 272 23.92 20.24 -11.20
C TYR F 272 22.93 19.84 -12.30
N TYR F 273 21.92 20.68 -12.55
CA TYR F 273 20.98 20.38 -13.61
C TYR F 273 21.65 20.41 -14.98
N MET F 274 22.57 21.36 -15.19
CA MET F 274 23.32 21.37 -16.44
C MET F 274 24.11 20.09 -16.61
N GLU F 275 24.77 19.63 -15.53
CA GLU F 275 25.51 18.37 -15.62
C GLU F 275 24.59 17.21 -15.95
N ARG F 276 23.44 17.13 -15.30
CA ARG F 276 22.50 16.04 -15.56
C ARG F 276 22.04 16.04 -17.00
N LEU F 277 21.71 17.21 -17.54
CA LEU F 277 21.32 17.29 -18.94
C LEU F 277 22.48 16.89 -19.85
N SER F 278 23.71 17.27 -19.49
CA SER F 278 24.87 16.89 -20.29
C SER F 278 25.02 15.37 -20.35
N VAL F 279 24.83 14.69 -19.21
CA VAL F 279 24.96 13.24 -19.17
C VAL F 279 23.63 12.53 -19.42
N GLY F 280 22.58 13.27 -19.79
CA GLY F 280 21.32 12.64 -20.14
C GLY F 280 20.64 11.92 -19.00
N LEU F 281 20.60 12.53 -17.82
CA LEU F 281 19.90 11.95 -16.67
C LEU F 281 18.55 12.60 -16.41
N GLY F 282 18.28 13.76 -17.00
CA GLY F 282 16.99 14.40 -16.87
C GLY F 282 16.93 15.41 -15.74
N GLU F 283 15.71 15.86 -15.47
CA GLU F 283 15.47 16.87 -14.46
C GLU F 283 15.70 16.31 -13.06
N ILE F 284 15.99 17.20 -12.12
CA ILE F 284 16.20 16.78 -10.74
C ILE F 284 14.91 16.19 -10.19
N PRO F 285 14.92 14.98 -9.63
CA PRO F 285 13.66 14.41 -9.12
C PRO F 285 13.05 15.27 -8.03
N GLU F 286 11.73 15.33 -8.02
CA GLU F 286 10.99 16.09 -7.01
C GLU F 286 10.80 15.23 -5.78
N LEU F 287 11.06 15.81 -4.62
CA LEU F 287 10.98 15.08 -3.35
C LEU F 287 9.57 15.18 -2.78
N GLY F 288 8.99 14.02 -2.46
CA GLY F 288 7.68 13.94 -1.88
C GLY F 288 7.72 13.74 -0.39
N LEU F 289 6.62 13.18 0.15
CA LEU F 289 6.49 12.92 1.57
C LEU F 289 6.05 11.49 1.85
N ASN F 290 6.13 10.61 0.86
CA ASN F 290 5.70 9.22 1.01
C ASN F 290 6.82 8.21 0.74
N GLU F 291 7.65 8.43 -0.27
CA GLU F 291 8.66 7.46 -0.63
C GLU F 291 9.76 8.14 -1.44
N VAL F 292 11.00 7.70 -1.22
CA VAL F 292 12.15 8.14 -1.99
C VAL F 292 12.69 6.94 -2.76
N GLU F 293 12.75 7.06 -4.09
CA GLU F 293 13.13 5.93 -4.92
C GLU F 293 14.65 5.72 -4.94
N GLU F 294 15.42 6.81 -5.05
CA GLU F 294 16.86 6.68 -5.22
C GLU F 294 17.56 6.59 -3.87
N GLY F 295 18.41 5.56 -3.72
CA GLY F 295 19.23 5.38 -2.55
C GLY F 295 20.66 5.82 -2.80
N TYR F 296 21.49 5.59 -1.79
CA TYR F 296 22.90 5.97 -1.87
C TYR F 296 23.74 5.03 -1.02
N VAL F 297 24.85 4.57 -1.61
CA VAL F 297 25.89 3.83 -0.89
C VAL F 297 27.18 4.63 -1.04
N SER F 298 27.71 5.10 0.09
CA SER F 298 28.85 6.01 0.05
C SER F 298 30.13 5.29 -0.36
N GLY F 299 30.40 4.13 0.23
CA GLY F 299 31.67 3.48 0.05
C GLY F 299 32.80 4.06 0.88
N LEU F 300 32.49 4.97 1.80
CA LEU F 300 33.48 5.62 2.63
C LEU F 300 33.56 4.95 3.99
N LEU F 301 34.69 5.14 4.67
CA LEU F 301 34.93 4.58 5.99
C LEU F 301 35.46 5.67 6.91
N TYR F 302 35.01 5.63 8.16
CA TYR F 302 35.53 6.55 9.17
C TYR F 302 36.95 6.17 9.56
N HIS F 303 37.61 7.06 10.29
CA HIS F 303 38.99 6.82 10.69
C HIS F 303 39.12 5.51 11.47
N ASN F 304 38.22 5.29 12.43
CA ASN F 304 38.29 4.05 13.20
C ASN F 304 37.99 2.83 12.34
N GLY F 305 37.07 2.95 11.39
CA GLY F 305 36.75 1.86 10.50
C GLY F 305 35.29 1.46 10.52
N ILE F 306 34.42 2.38 10.92
CA ILE F 306 32.99 2.12 10.96
C ILE F 306 32.37 2.51 9.61
N PRO F 307 31.66 1.61 8.94
CA PRO F 307 31.04 1.97 7.67
C PRO F 307 29.96 3.03 7.84
N TYR F 308 29.74 3.80 6.78
CA TYR F 308 28.73 4.83 6.77
C TYR F 308 27.33 4.23 6.65
N PRO F 309 26.30 4.92 7.13
CA PRO F 309 24.93 4.46 6.91
C PRO F 309 24.57 4.45 5.43
N VAL F 310 23.65 3.55 5.07
CA VAL F 310 23.22 3.35 3.69
C VAL F 310 21.72 3.58 3.61
N ARG F 311 21.29 4.39 2.65
CA ARG F 311 19.86 4.56 2.38
C ARG F 311 19.45 3.59 1.28
N PRO F 312 18.49 2.70 1.53
CA PRO F 312 18.07 1.76 0.48
C PRO F 312 17.23 2.44 -0.59
N ASN F 313 17.12 1.77 -1.73
CA ASN F 313 16.23 2.21 -2.78
C ASN F 313 14.78 1.98 -2.38
N HIS F 314 13.90 2.85 -2.86
CA HIS F 314 12.47 2.77 -2.55
C HIS F 314 12.23 2.80 -1.04
N LEU F 315 12.83 3.79 -0.38
CA LEU F 315 12.64 3.96 1.05
C LEU F 315 11.21 4.43 1.33
N VAL F 316 10.56 3.78 2.29
CA VAL F 316 9.17 4.07 2.64
C VAL F 316 9.14 5.01 3.83
N LEU F 317 8.33 6.06 3.73
CA LEU F 317 8.24 7.08 4.77
C LEU F 317 6.87 7.15 5.42
N ASN F 318 5.93 6.29 5.03
CA ASN F 318 4.57 6.31 5.57
C ASN F 318 4.24 4.98 6.24
N HIS F 319 5.20 4.44 7.00
CA HIS F 319 5.02 3.22 7.78
C HIS F 319 5.25 3.54 9.25
N GLN F 320 5.20 2.49 10.08
CA GLN F 320 5.37 2.64 11.53
C GLN F 320 6.85 2.75 11.85
N THR F 321 7.40 3.95 11.58
CA THR F 321 8.80 4.24 11.84
C THR F 321 8.92 5.68 12.28
N TRP F 322 10.06 5.99 12.91
CA TRP F 322 10.35 7.38 13.30
C TRP F 322 10.39 8.31 12.10
N HIS F 323 10.61 7.77 10.90
CA HIS F 323 10.57 8.58 9.69
C HIS F 323 9.25 9.32 9.58
N ALA F 324 8.14 8.66 9.91
CA ALA F 324 6.84 9.30 9.80
C ALA F 324 6.73 10.50 10.72
N GLU F 325 7.16 10.37 11.99
CA GLU F 325 7.10 11.49 12.91
C GLU F 325 8.00 12.62 12.45
N ALA F 326 9.21 12.29 11.97
CA ALA F 326 10.11 13.34 11.47
C ALA F 326 9.48 14.06 10.30
N ILE F 327 8.83 13.32 9.39
CA ILE F 327 8.20 13.95 8.23
C ILE F 327 7.03 14.82 8.66
N GLU F 328 6.29 14.39 9.68
CA GLU F 328 5.19 15.22 10.18
C GLU F 328 5.71 16.54 10.73
N GLU F 329 6.79 16.49 11.52
CA GLU F 329 7.38 17.73 12.02
C GLU F 329 7.88 18.60 10.87
N ILE F 330 8.51 17.98 9.87
CA ILE F 330 8.98 18.72 8.71
C ILE F 330 7.82 19.42 8.01
N GLU F 331 6.72 18.69 7.83
CA GLU F 331 5.55 19.28 7.18
C GLU F 331 5.00 20.45 7.98
N VAL F 332 4.94 20.31 9.30
CA VAL F 332 4.45 21.40 10.14
C VAL F 332 5.33 22.64 9.95
N TYR F 333 6.65 22.46 10.01
CA TYR F 333 7.55 23.60 9.91
C TYR F 333 7.48 24.24 8.53
N GLU F 334 7.42 23.43 7.47
CA GLU F 334 7.32 23.98 6.12
C GLU F 334 5.99 24.69 5.91
N ASN F 335 4.91 24.19 6.51
CA ASN F 335 3.64 24.90 6.43
C ASN F 335 3.71 26.23 7.18
N ARG F 336 4.43 26.27 8.31
CA ARG F 336 4.63 27.55 8.97
C ARG F 336 5.37 28.53 8.06
N ILE F 337 6.41 28.05 7.37
CA ILE F 337 7.14 28.91 6.46
C ILE F 337 6.23 29.40 5.33
N ARG F 338 5.43 28.50 4.78
CA ARG F 338 4.51 28.87 3.70
C ARG F 338 3.51 29.92 4.17
N ASP F 339 2.96 29.74 5.37
CA ASP F 339 2.02 30.73 5.90
C ASP F 339 2.69 32.08 6.10
N MET F 340 3.91 32.08 6.63
CA MET F 340 4.63 33.33 6.79
C MET F 340 4.87 34.02 5.46
N ILE F 341 5.24 33.25 4.42
CA ILE F 341 5.48 33.84 3.11
C ILE F 341 4.18 34.41 2.53
N ASP F 342 3.08 33.67 2.63
CA ASP F 342 1.85 34.11 1.99
C ASP F 342 1.23 35.30 2.71
N GLN F 343 1.20 35.27 4.05
CA GLN F 343 0.56 36.35 4.79
C GLN F 343 1.31 37.66 4.66
N GLY F 344 2.59 37.63 4.31
CA GLY F 344 3.36 38.83 4.12
C GLY F 344 4.10 39.33 5.34
N PHE F 345 4.05 38.61 6.46
CA PHE F 345 4.71 39.04 7.68
C PHE F 345 5.12 37.82 8.49
N TYR F 346 6.07 38.04 9.39
CA TYR F 346 6.52 37.00 10.30
C TYR F 346 6.25 37.44 11.74
N ILE F 347 6.15 36.45 12.62
CA ILE F 347 5.78 36.65 14.02
C ILE F 347 7.06 36.74 14.85
N THR F 348 7.13 37.76 15.70
CA THR F 348 8.27 37.91 16.60
C THR F 348 8.12 36.97 17.79
N ASN F 349 9.15 36.96 18.66
CA ASN F 349 9.10 36.13 19.85
C ASN F 349 8.06 36.60 20.86
N THR F 350 7.53 37.81 20.69
CA THR F 350 6.50 38.35 21.58
C THR F 350 5.10 38.28 20.99
N GLY F 351 4.99 38.16 19.68
CA GLY F 351 3.71 38.12 19.01
C GLY F 351 3.45 39.26 18.04
N GLU F 352 4.44 40.10 17.76
CA GLU F 352 4.29 41.20 16.84
C GLU F 352 4.44 40.72 15.39
N HIS F 353 3.90 41.49 14.46
CA HIS F 353 3.97 41.21 13.04
C HIS F 353 5.01 42.12 12.40
N VAL F 354 5.96 41.53 11.67
CA VAL F 354 7.00 42.27 10.98
C VAL F 354 6.89 41.94 9.49
N SER F 355 6.67 42.96 8.68
CA SER F 355 6.42 42.75 7.26
C SER F 355 7.69 42.30 6.54
N ILE F 356 7.51 41.43 5.53
CA ILE F 356 8.62 40.97 4.70
C ILE F 356 8.25 41.14 3.23
N ASN F 357 7.31 42.04 2.95
CA ASN F 357 6.83 42.23 1.58
C ASN F 357 7.75 43.10 0.74
N SER F 358 8.69 43.80 1.34
CA SER F 358 9.61 44.62 0.57
C SER F 358 10.62 43.74 -0.15
N PRO F 359 11.18 44.20 -1.27
CA PRO F 359 12.16 43.38 -2.02
C PRO F 359 13.48 43.19 -1.29
N ASP F 360 13.76 43.97 -0.25
CA ASP F 360 15.02 43.88 0.48
C ASP F 360 14.93 42.95 1.68
N SER F 361 13.82 42.23 1.84
CA SER F 361 13.64 41.31 2.95
C SER F 361 14.13 39.90 2.64
N ILE F 362 14.79 39.69 1.50
CA ILE F 362 15.28 38.36 1.15
C ILE F 362 16.26 37.85 2.20
N ASP F 363 17.09 38.73 2.75
CA ASP F 363 18.09 38.31 3.72
C ASP F 363 17.44 37.71 4.96
N VAL F 364 16.48 38.41 5.55
CA VAL F 364 15.81 37.89 6.75
C VAL F 364 15.00 36.64 6.40
N LEU F 365 14.45 36.58 5.19
CA LEU F 365 13.75 35.37 4.76
C LEU F 365 14.69 34.18 4.76
N GLY F 366 15.89 34.34 4.18
CA GLY F 366 16.86 33.26 4.17
C GLY F 366 17.31 32.90 5.57
N ARG F 367 17.50 33.90 6.43
CA ARG F 367 17.90 33.63 7.81
C ARG F 367 16.83 32.83 8.54
N LEU F 368 15.55 33.18 8.34
CA LEU F 368 14.46 32.42 8.93
C LEU F 368 14.41 31.00 8.40
N ILE F 369 14.59 30.81 7.09
CA ILE F 369 14.52 29.47 6.52
C ILE F 369 15.68 28.61 7.04
N GLU F 370 16.86 29.21 7.19
CA GLU F 370 18.03 28.47 7.66
C GLU F 370 17.96 28.19 9.16
N ALA F 371 17.24 29.00 9.92
CA ALA F 371 17.10 28.81 11.36
C ALA F 371 18.45 28.88 12.08
N ASN F 372 19.31 29.79 11.63
CA ASN F 372 20.60 29.99 12.28
C ASN F 372 20.43 30.83 13.54
N VAL F 373 21.54 31.08 14.23
CA VAL F 373 21.50 31.88 15.46
C VAL F 373 21.18 33.34 15.19
N ASP F 374 21.23 33.78 13.94
CA ASP F 374 20.88 35.14 13.58
C ASP F 374 19.42 35.30 13.17
N SER F 375 18.64 34.22 13.23
CA SER F 375 17.22 34.31 12.89
C SER F 375 16.46 35.04 14.00
N PRO F 376 15.48 35.87 13.64
CA PRO F 376 14.74 36.60 14.68
C PRO F 376 14.06 35.69 15.68
N ASN F 377 13.46 34.58 15.23
CA ASN F 377 12.66 33.71 16.08
C ASN F 377 12.92 32.26 15.66
N VAL F 378 13.86 31.60 16.34
CA VAL F 378 14.15 30.20 16.04
C VAL F 378 13.21 29.25 16.76
N GLN F 379 12.55 29.70 17.82
CA GLN F 379 11.66 28.80 18.57
C GLN F 379 10.45 28.42 17.74
N TYR F 380 9.88 29.37 16.98
CA TYR F 380 8.73 29.09 16.15
C TYR F 380 9.13 28.63 14.75
N TYR F 381 10.16 29.24 14.17
CA TYR F 381 10.69 28.85 12.87
C TYR F 381 11.91 27.97 13.13
N LYS F 382 11.73 26.67 13.00
CA LYS F 382 12.74 25.69 13.37
C LYS F 382 13.42 25.13 12.12
N ASP F 383 14.47 24.34 12.35
CA ASP F 383 15.33 23.85 11.26
C ASP F 383 14.76 22.54 10.74
N PHE F 384 13.97 22.63 9.68
CA PHE F 384 13.43 21.44 9.02
C PHE F 384 14.42 20.81 8.05
N ILE F 385 15.40 21.56 7.58
CA ILE F 385 16.38 21.00 6.65
C ILE F 385 17.25 19.96 7.36
N SER F 386 17.60 20.21 8.62
CA SER F 386 18.35 19.22 9.39
C SER F 386 17.53 17.96 9.58
N ILE F 387 16.22 18.09 9.80
CA ILE F 387 15.37 16.92 9.94
C ILE F 387 15.30 16.16 8.62
N TRP F 388 15.22 16.89 7.50
CA TRP F 388 15.28 16.23 6.19
C TRP F 388 16.57 15.44 6.03
N LYS F 389 17.69 16.04 6.41
CA LYS F 389 18.98 15.36 6.30
C LYS F 389 19.01 14.11 7.17
N LYS F 390 18.50 14.20 8.40
CA LYS F 390 18.47 13.03 9.27
C LYS F 390 17.60 11.93 8.67
N VAL F 391 16.44 12.30 8.13
CA VAL F 391 15.52 11.30 7.58
C VAL F 391 16.15 10.62 6.37
N LEU F 392 16.72 11.39 5.46
CA LEU F 392 17.24 10.83 4.22
C LEU F 392 18.65 10.27 4.37
N GLY F 393 19.29 10.44 5.53
CA GLY F 393 20.53 9.75 5.79
C GLY F 393 20.36 8.33 6.29
N ASN F 394 19.17 8.01 6.82
CA ASN F 394 18.86 6.68 7.32
C ASN F 394 19.90 6.23 8.35
N SER F 395 20.31 7.16 9.20
CA SER F 395 21.23 6.85 10.29
C SER F 395 20.43 6.30 11.46
N LEU F 396 20.59 5.01 11.73
CA LEU F 396 19.80 4.36 12.78
C LEU F 396 20.10 4.98 14.13
N VAL F 397 19.10 5.62 14.73
CA VAL F 397 19.24 6.24 16.05
C VAL F 397 19.11 5.15 17.10
N HIS F 398 20.18 4.92 17.84
CA HIS F 398 20.21 3.88 18.87
C HIS F 398 20.22 4.44 20.29
N GLU F 399 20.09 5.75 20.44
CA GLU F 399 19.95 6.40 21.74
C GLU F 399 20.99 5.89 22.73
N SER F 400 22.25 6.02 22.33
CA SER F 400 23.38 5.68 23.19
C SER F 400 24.09 6.95 23.63
N VAL F 401 24.48 6.98 24.90
CA VAL F 401 25.06 8.17 25.51
C VAL F 401 26.29 7.79 26.31
N ALA F 402 27.25 8.70 26.34
CA ALA F 402 28.49 8.54 27.12
C ALA F 402 28.54 9.60 28.20
N PHE F 403 29.19 9.27 29.31
CA PHE F 403 29.28 10.15 30.47
C PHE F 403 27.89 10.44 31.06
N ASN F 404 26.93 9.56 30.81
CA ASN F 404 25.52 9.86 31.07
C ASN F 404 25.10 11.14 30.35
N GLY F 405 25.87 11.50 29.33
CA GLY F 405 25.77 12.77 28.66
C GLY F 405 25.80 12.64 27.15
N ILE F 406 26.81 13.27 26.54
CA ILE F 406 26.95 13.40 25.09
C ILE F 406 26.47 12.14 24.38
N PRO F 407 25.44 12.23 23.53
CA PRO F 407 25.09 11.07 22.70
C PRO F 407 26.21 10.67 21.76
N LEU F 408 26.24 9.38 21.44
CA LEU F 408 27.14 8.84 20.43
C LEU F 408 26.35 8.65 19.14
N VAL F 409 26.81 9.28 18.06
CA VAL F 409 26.10 9.30 16.79
C VAL F 409 27.04 8.88 15.67
N VAL F 410 26.49 8.15 14.70
CA VAL F 410 27.22 7.78 13.49
C VAL F 410 26.59 8.55 12.33
N PRO F 411 27.02 9.77 12.06
CA PRO F 411 26.36 10.59 11.03
C PRO F 411 26.53 10.01 9.64
N SER F 412 25.54 10.29 8.80
CA SER F 412 25.58 9.88 7.40
C SER F 412 26.32 10.96 6.59
N VAL F 413 26.39 10.77 5.28
CA VAL F 413 27.09 11.74 4.43
C VAL F 413 26.35 13.08 4.42
N LEU F 414 25.02 13.05 4.53
CA LEU F 414 24.24 14.28 4.48
C LEU F 414 24.41 15.15 5.72
N GLU F 415 24.86 14.58 6.83
CA GLU F 415 25.04 15.33 8.07
C GLU F 415 26.42 15.96 8.18
N GLN F 416 27.27 15.80 7.18
CA GLN F 416 28.59 16.42 7.15
C GLN F 416 28.70 17.27 5.90
N TYR F 417 29.15 18.52 6.06
CA TYR F 417 29.26 19.42 4.93
C TYR F 417 30.32 18.97 3.94
N GLN F 418 31.31 18.22 4.41
CA GLN F 418 32.39 17.73 3.55
C GLN F 418 32.00 16.48 2.77
N THR F 419 30.81 15.93 2.98
CA THR F 419 30.34 14.78 2.23
C THR F 419 28.89 14.89 1.79
N ALA F 420 28.21 15.99 2.09
CA ALA F 420 26.78 16.09 1.80
C ALA F 420 26.52 16.10 0.29
N LEU F 421 27.36 16.78 -0.48
CA LEU F 421 27.09 16.98 -1.89
C LEU F 421 27.16 15.69 -2.70
N ARG F 422 27.68 14.61 -2.13
CA ARG F 422 27.73 13.33 -2.85
C ARG F 422 26.36 12.70 -3.02
N ASP F 423 25.34 13.16 -2.28
CA ASP F 423 24.04 12.50 -2.28
C ASP F 423 23.02 13.33 -3.06
N PRO F 424 22.30 12.74 -4.03
CA PRO F 424 21.26 13.51 -4.74
C PRO F 424 20.17 14.05 -3.82
N ALA F 425 19.91 13.38 -2.70
CA ALA F 425 18.87 13.84 -1.78
C ALA F 425 19.13 15.28 -1.34
N TYR F 426 20.40 15.68 -1.21
CA TYR F 426 20.71 17.05 -0.88
C TYR F 426 20.18 18.00 -1.95
N TYR F 427 20.41 17.67 -3.21
CA TYR F 427 19.92 18.52 -4.29
C TYR F 427 18.39 18.54 -4.32
N MET F 428 17.75 17.41 -4.02
CA MET F 428 16.29 17.39 -3.96
C MET F 428 15.76 18.32 -2.86
N ILE F 429 16.36 18.24 -1.68
CA ILE F 429 15.93 19.09 -0.57
C ILE F 429 16.14 20.56 -0.91
N MET F 430 17.31 20.88 -1.48
CA MET F 430 17.56 22.27 -1.86
C MET F 430 16.62 22.72 -2.96
N LYS F 431 16.19 21.81 -3.84
CA LYS F 431 15.20 22.17 -4.84
C LYS F 431 13.87 22.51 -4.19
N ARG F 432 13.49 21.76 -3.15
CA ARG F 432 12.28 22.12 -2.40
C ARG F 432 12.39 23.49 -1.76
N VAL F 433 13.53 23.77 -1.12
CA VAL F 433 13.73 25.07 -0.50
C VAL F 433 13.71 26.18 -1.56
N LEU F 434 14.26 25.88 -2.73
CA LEU F 434 14.23 26.85 -3.82
C LEU F 434 12.83 27.03 -4.39
N LYS F 435 11.99 26.00 -4.29
CA LYS F 435 10.58 26.19 -4.63
C LYS F 435 9.95 27.19 -3.67
N LEU F 436 10.25 27.07 -2.38
CA LEU F 436 9.77 28.08 -1.43
C LEU F 436 10.27 29.47 -1.79
N PHE F 437 11.57 29.59 -2.10
CA PHE F 437 12.13 30.88 -2.47
C PHE F 437 11.47 31.44 -3.73
N ASN F 438 11.20 30.57 -4.71
CA ASN F 438 10.54 31.02 -5.94
C ASN F 438 9.11 31.47 -5.66
N LEU F 439 8.42 30.80 -4.73
CA LEU F 439 7.12 31.27 -4.31
C LEU F 439 7.22 32.68 -3.77
N TRP F 440 8.21 32.93 -2.90
CA TRP F 440 8.36 34.27 -2.35
C TRP F 440 8.66 35.29 -3.45
N HIS F 441 9.57 34.96 -4.36
CA HIS F 441 9.93 35.89 -5.42
C HIS F 441 8.77 36.16 -6.37
N GLU F 442 7.89 35.18 -6.55
CA GLU F 442 6.75 35.36 -7.45
C GLU F 442 5.82 36.46 -6.94
N HIS F 443 5.62 36.53 -5.62
CA HIS F 443 4.76 37.55 -5.05
C HIS F 443 5.31 38.96 -5.24
N LEU F 444 6.59 39.10 -5.56
CA LEU F 444 7.16 40.42 -5.76
C LEU F 444 6.74 40.99 -7.11
N PRO F 445 6.66 42.32 -7.22
CA PRO F 445 6.35 42.92 -8.52
C PRO F 445 7.46 42.68 -9.52
N HIS F 446 7.07 42.51 -10.78
CA HIS F 446 8.04 42.31 -11.84
C HIS F 446 8.79 43.60 -12.14
N TYR F 447 10.00 43.46 -12.65
CA TYR F 447 10.81 44.62 -12.99
C TYR F 447 10.14 45.42 -14.11
N THR F 448 10.36 46.73 -14.09
CA THR F 448 9.81 47.65 -15.07
C THR F 448 10.84 47.90 -16.17
N THR F 449 10.39 48.63 -17.20
CA THR F 449 11.27 49.03 -18.29
C THR F 449 12.21 50.16 -17.90
N LYS F 450 12.03 50.74 -16.72
CA LYS F 450 12.91 51.78 -16.20
C LYS F 450 14.01 51.21 -15.31
N GLU F 451 13.68 50.22 -14.47
CA GLU F 451 14.70 49.58 -13.65
C GLU F 451 15.62 48.69 -14.48
N LEU F 452 15.14 48.16 -15.60
CA LEU F 452 15.85 47.14 -16.36
C LEU F 452 16.44 47.68 -17.66
N SER F 453 16.44 49.00 -17.85
CA SER F 453 16.91 49.59 -19.10
C SER F 453 18.00 50.62 -18.82
N VAL F 454 18.97 50.70 -19.72
CA VAL F 454 20.02 51.71 -19.69
C VAL F 454 19.86 52.59 -20.92
N PRO F 455 19.79 53.91 -20.78
CA PRO F 455 19.53 54.78 -21.95
C PRO F 455 20.62 54.65 -23.00
N SER F 456 20.20 54.41 -24.24
CA SER F 456 21.08 54.50 -25.41
C SER F 456 22.31 53.60 -25.26
N VAL F 457 22.07 52.32 -25.03
CA VAL F 457 23.12 51.29 -25.05
C VAL F 457 22.52 50.06 -25.70
N LYS F 458 22.91 49.79 -26.95
CA LYS F 458 22.36 48.69 -27.72
C LYS F 458 23.47 47.68 -28.02
N ILE F 459 23.21 46.41 -27.72
CA ILE F 459 24.16 45.35 -28.02
C ILE F 459 23.92 44.84 -29.43
N GLU F 460 24.99 44.77 -30.22
CA GLU F 460 24.88 44.37 -31.62
C GLU F 460 25.05 42.86 -31.78
N LYS F 461 26.21 42.34 -31.38
CA LYS F 461 26.51 40.92 -31.54
C LYS F 461 27.42 40.45 -30.41
N VAL F 462 27.23 39.19 -30.02
CA VAL F 462 28.03 38.52 -29.01
C VAL F 462 28.52 37.20 -29.60
N GLU F 463 29.81 36.91 -29.43
CA GLU F 463 30.40 35.70 -30.00
C GLU F 463 31.51 35.19 -29.09
N VAL F 464 31.48 33.88 -28.83
CA VAL F 464 32.55 33.23 -28.08
C VAL F 464 33.43 32.46 -29.05
N ASP F 465 34.72 32.36 -28.72
CA ASP F 465 35.66 31.73 -29.64
C ASP F 465 35.47 30.22 -29.70
N LYS F 466 35.25 29.58 -28.56
CA LYS F 466 35.14 28.13 -28.49
C LYS F 466 34.81 27.74 -27.06
N LEU F 467 34.15 26.59 -26.92
CA LEU F 467 33.83 26.02 -25.60
C LEU F 467 34.11 24.53 -25.66
N LEU F 468 35.26 24.13 -25.11
CA LEU F 468 35.71 22.74 -25.13
C LEU F 468 36.04 22.29 -23.72
N THR F 469 35.75 21.02 -23.43
CA THR F 469 36.03 20.43 -22.13
C THR F 469 36.74 19.10 -22.31
N TYR F 470 37.57 18.76 -21.32
CA TYR F 470 38.37 17.54 -21.37
C TYR F 470 38.61 17.04 -19.96
N PHE F 471 38.86 15.72 -19.85
CA PHE F 471 39.21 15.10 -18.58
C PHE F 471 40.73 15.02 -18.44
N GLU F 472 41.20 15.24 -17.22
CA GLU F 472 42.62 15.22 -16.92
C GLU F 472 42.85 14.54 -15.58
N TYR F 473 44.12 14.19 -15.33
CA TYR F 473 44.51 13.54 -14.09
C TYR F 473 45.06 14.56 -13.10
N THR F 474 44.82 14.30 -11.82
CA THR F 474 45.35 15.14 -10.74
C THR F 474 45.74 14.23 -9.59
N ASN F 475 46.65 14.71 -8.76
CA ASN F 475 47.20 13.94 -7.65
C ASN F 475 46.88 14.65 -6.33
N PHE F 476 46.40 13.87 -5.36
CA PHE F 476 46.11 14.36 -4.02
C PHE F 476 47.01 13.66 -3.01
N ASN F 477 47.40 14.36 -1.96
CA ASN F 477 48.33 13.84 -0.92
C ASN F 477 47.50 13.36 0.25
N VAL F 478 47.57 12.08 0.59
CA VAL F 478 46.82 11.46 1.68
C VAL F 478 47.79 10.85 2.68
N THR F 479 48.99 11.43 2.78
CA THR F 479 49.99 10.92 3.72
C THR F 479 49.61 11.21 5.16
N ASN F 480 48.77 12.21 5.41
CA ASN F 480 48.46 12.60 6.79
C ASN F 480 47.60 11.57 7.50
N HIS F 481 46.94 10.67 6.77
CA HIS F 481 46.18 9.59 7.36
C HIS F 481 47.09 8.46 7.84
N LEU F 482 48.19 8.21 7.13
CA LEU F 482 49.11 7.14 7.49
C LEU F 482 49.66 7.35 8.89
N HIS F 483 49.65 6.29 9.70
CA HIS F 483 50.21 6.32 11.04
C HIS F 483 51.69 5.92 10.97
N LEU F 484 52.51 6.88 10.56
CA LEU F 484 53.94 6.63 10.41
C LEU F 484 54.56 6.31 11.76
N ASN F 485 55.45 5.32 11.77
CA ASN F 485 56.18 4.92 12.96
C ASN F 485 57.64 5.33 12.82
N GLU F 486 58.17 5.99 13.85
CA GLU F 486 59.54 6.51 13.82
C GLU F 486 59.75 7.43 12.63
N LYS F 496 56.98 7.75 4.16
CA LYS F 496 56.81 7.98 2.72
C LYS F 496 55.64 8.91 2.44
N SER F 497 55.35 9.11 1.16
CA SER F 497 54.30 10.05 0.73
C SER F 497 53.45 9.33 -0.32
N VAL F 498 52.31 8.82 0.12
CA VAL F 498 51.37 8.14 -0.76
C VAL F 498 50.41 9.17 -1.34
N LEU F 499 50.17 9.08 -2.64
CA LEU F 499 49.28 9.99 -3.34
C LEU F 499 48.20 9.19 -4.06
N VAL F 500 47.12 9.88 -4.41
CA VAL F 500 45.96 9.28 -5.07
C VAL F 500 45.70 10.04 -6.37
N GLN F 501 45.52 9.29 -7.46
CA GLN F 501 45.27 9.87 -8.77
C GLN F 501 43.78 9.86 -9.05
N ARG F 502 43.25 11.01 -9.46
CA ARG F 502 41.82 11.18 -9.71
C ARG F 502 41.62 11.87 -11.05
N THR F 503 40.46 11.61 -11.66
CA THR F 503 40.09 12.20 -12.94
C THR F 503 39.15 13.37 -12.68
N ARG F 504 39.43 14.52 -13.31
CA ARG F 504 38.64 15.72 -13.13
C ARG F 504 38.38 16.37 -14.48
N LEU F 505 37.30 17.15 -14.52
CA LEU F 505 36.92 17.89 -15.71
C LEU F 505 37.64 19.23 -15.74
N ASN F 506 37.90 19.72 -16.95
CA ASN F 506 38.54 21.03 -17.11
C ASN F 506 38.15 21.57 -18.49
N HIS F 507 38.41 22.85 -18.69
CA HIS F 507 38.07 23.52 -19.94
C HIS F 507 39.24 24.36 -20.41
N LYS F 508 39.28 24.57 -21.73
CA LYS F 508 40.28 25.44 -22.32
C LYS F 508 39.84 26.89 -22.22
N VAL F 509 40.84 27.79 -22.19
CA VAL F 509 40.55 29.22 -22.07
C VAL F 509 39.70 29.67 -23.25
N PHE F 510 38.64 30.42 -22.96
CA PHE F 510 37.72 30.92 -23.96
C PHE F 510 37.58 32.43 -23.83
N THR F 511 37.30 33.07 -24.96
CA THR F 511 37.16 34.53 -25.02
C THR F 511 35.78 34.87 -25.56
N VAL F 512 35.12 35.83 -24.91
CA VAL F 512 33.80 36.31 -25.31
C VAL F 512 33.95 37.75 -25.78
N ARG F 513 33.56 38.02 -27.02
CA ARG F 513 33.66 39.34 -27.62
C ARG F 513 32.27 39.83 -28.00
N VAL F 514 31.93 41.03 -27.54
CA VAL F 514 30.64 41.64 -27.82
C VAL F 514 30.85 43.06 -28.32
N ASN F 515 30.05 43.45 -29.31
CA ASN F 515 30.04 44.81 -29.85
C ASN F 515 28.76 45.50 -29.42
N VAL F 516 28.89 46.74 -28.94
CA VAL F 516 27.77 47.46 -28.35
C VAL F 516 27.83 48.93 -28.76
N LYS F 517 26.68 49.49 -29.10
CA LYS F 517 26.53 50.94 -29.18
C LYS F 517 26.41 51.51 -27.77
N SER F 518 27.03 52.66 -27.53
CA SER F 518 27.19 53.20 -26.18
C SER F 518 26.42 54.48 -25.92
N GLY F 519 25.91 55.15 -26.96
CA GLY F 519 25.34 56.47 -26.76
C GLY F 519 26.41 57.45 -26.30
N VAL F 520 26.32 57.87 -25.04
CA VAL F 520 27.31 58.74 -24.45
C VAL F 520 28.22 57.91 -23.53
N ALA F 521 29.33 58.50 -23.14
CA ALA F 521 30.31 57.79 -22.31
C ALA F 521 29.69 57.43 -20.95
N LYS F 522 30.05 56.26 -20.44
CA LYS F 522 29.48 55.78 -19.20
C LYS F 522 30.43 54.78 -18.56
N HIS F 523 30.19 54.51 -17.27
CA HIS F 523 30.86 53.44 -16.55
C HIS F 523 29.82 52.37 -16.24
N VAL F 524 29.98 51.19 -16.84
CA VAL F 524 28.94 50.17 -16.85
C VAL F 524 29.48 48.87 -16.27
N THR F 525 28.55 48.00 -15.91
CA THR F 525 28.84 46.65 -15.43
C THR F 525 28.21 45.64 -16.39
N VAL F 526 28.98 44.61 -16.73
CA VAL F 526 28.55 43.57 -17.65
C VAL F 526 28.52 42.25 -16.90
N ARG F 527 27.41 41.54 -17.01
CA ARG F 527 27.21 40.22 -16.41
C ARG F 527 26.87 39.20 -17.48
N PHE F 528 27.49 38.03 -17.40
CA PHE F 528 27.23 36.91 -18.31
C PHE F 528 26.51 35.80 -17.55
N PHE F 529 25.45 35.26 -18.18
CA PHE F 529 24.70 34.14 -17.62
C PHE F 529 24.66 33.02 -18.63
N LEU F 530 24.70 31.77 -18.14
CA LEU F 530 24.65 30.59 -18.99
C LEU F 530 23.50 29.71 -18.55
N ALA F 531 22.74 29.18 -19.50
CA ALA F 531 21.60 28.34 -19.22
C ALA F 531 21.49 27.25 -20.28
N PRO F 532 20.76 26.18 -19.99
CA PRO F 532 20.44 25.21 -21.04
C PRO F 532 19.34 25.72 -21.96
N LYS F 533 19.30 25.16 -23.16
CA LYS F 533 18.32 25.55 -24.16
C LYS F 533 17.20 24.56 -24.34
N TYR F 534 17.47 23.27 -24.13
CA TYR F 534 16.45 22.23 -24.24
C TYR F 534 16.42 21.41 -22.96
N ASP F 535 15.23 20.94 -22.62
CA ASP F 535 15.03 20.13 -21.42
C ASP F 535 15.36 18.67 -21.72
N SER F 536 15.03 17.78 -20.79
CA SER F 536 15.36 16.37 -20.93
C SER F 536 14.59 15.69 -22.05
N VAL F 537 13.49 16.26 -22.52
CA VAL F 537 12.66 15.62 -23.52
C VAL F 537 12.86 16.19 -24.93
N GLY F 538 13.16 17.48 -25.05
CA GLY F 538 13.47 18.09 -26.34
C GLY F 538 12.78 19.43 -26.60
N ASN F 539 11.82 19.86 -25.78
CA ASN F 539 11.15 21.13 -26.03
C ASN F 539 12.00 22.28 -25.52
N GLU F 540 12.01 23.38 -26.28
CA GLU F 540 12.76 24.55 -25.87
C GLU F 540 12.14 25.15 -24.61
N ILE F 541 12.98 25.42 -23.62
CA ILE F 541 12.49 25.87 -22.32
C ILE F 541 12.13 27.35 -22.40
N PRO F 542 10.92 27.76 -22.01
CA PRO F 542 10.59 29.19 -22.06
C PRO F 542 11.47 30.01 -21.13
N LEU F 543 11.66 31.28 -21.49
CA LEU F 543 12.60 32.13 -20.77
C LEU F 543 12.21 32.25 -19.29
N ASN F 544 10.92 32.28 -18.99
CA ASN F 544 10.49 32.42 -17.60
C ASN F 544 10.98 31.25 -16.75
N VAL F 545 10.87 30.02 -17.29
CA VAL F 545 11.38 28.86 -16.56
C VAL F 545 12.91 28.89 -16.51
N ASN F 546 13.55 29.25 -17.61
CA ASN F 546 15.01 29.32 -17.64
C ASN F 546 15.55 30.36 -16.67
N THR F 547 14.73 31.32 -16.25
CA THR F 547 15.18 32.33 -15.30
C THR F 547 15.75 31.69 -14.03
N GLN F 548 15.22 30.53 -13.64
CA GLN F 548 15.73 29.82 -12.47
C GLN F 548 16.96 28.98 -12.78
N ASN F 549 17.31 28.81 -14.05
CA ASN F 549 18.43 27.95 -14.45
C ASN F 549 19.62 28.74 -14.97
N PHE F 550 19.60 30.07 -14.86
CA PHE F 550 20.69 30.88 -15.37
C PHE F 550 21.83 30.89 -14.37
N LEU F 551 23.03 30.51 -14.82
CA LEU F 551 24.22 30.45 -13.99
C LEU F 551 25.12 31.64 -14.31
N LEU F 552 25.40 32.46 -13.31
CA LEU F 552 26.29 33.60 -13.49
C LEU F 552 27.73 33.10 -13.60
N ILE F 553 28.39 33.41 -14.71
CA ILE F 553 29.75 32.95 -14.94
C ILE F 553 30.77 34.08 -14.92
N ASP F 554 30.35 35.34 -15.03
CA ASP F 554 31.32 36.44 -15.02
C ASP F 554 30.58 37.75 -14.78
N ILE F 555 31.24 38.66 -14.08
CA ILE F 555 30.75 40.01 -13.85
C ILE F 555 31.95 40.93 -13.75
N PHE F 556 31.91 42.05 -14.49
CA PHE F 556 33.07 42.94 -14.51
C PHE F 556 32.64 44.35 -14.88
N ASN F 557 33.55 45.28 -14.67
CA ASN F 557 33.33 46.69 -14.98
C ASN F 557 33.93 47.05 -16.34
N TYR F 558 33.46 48.17 -16.89
CA TYR F 558 34.04 48.70 -18.12
C TYR F 558 33.67 50.17 -18.21
N GLU F 559 34.40 50.89 -19.04
CA GLU F 559 34.13 52.30 -19.33
C GLU F 559 33.81 52.40 -20.82
N LEU F 560 32.52 52.50 -21.13
CA LEU F 560 32.07 52.61 -22.50
C LEU F 560 32.27 54.02 -23.02
N LYS F 561 32.91 54.13 -24.19
CA LYS F 561 33.18 55.41 -24.84
C LYS F 561 31.95 55.87 -25.60
N GLU F 562 32.12 56.77 -26.58
CA GLU F 562 31.00 57.23 -27.41
C GLU F 562 31.12 56.63 -28.80
N GLY F 563 30.08 55.92 -29.23
CA GLY F 563 30.04 55.35 -30.56
C GLY F 563 30.10 53.85 -30.54
N ASP F 564 31.13 53.27 -31.16
CA ASP F 564 31.32 51.84 -31.21
C ASP F 564 32.35 51.41 -30.18
N ASN F 565 32.10 50.28 -29.52
CA ASN F 565 32.96 49.75 -28.49
C ASN F 565 33.24 48.28 -28.77
N LEU F 566 34.01 47.65 -27.89
CA LEU F 566 34.36 46.25 -28.04
C LEU F 566 34.77 45.69 -26.69
N ILE F 567 34.02 44.70 -26.19
CA ILE F 567 34.40 43.96 -25.01
C ILE F 567 34.98 42.63 -25.47
N THR F 568 36.12 42.25 -24.91
CA THR F 568 36.88 41.07 -25.32
C THR F 568 37.31 40.25 -24.11
N ARG F 569 36.35 39.94 -23.24
CA ARG F 569 36.68 39.31 -21.97
C ARG F 569 37.30 37.93 -22.16
N VAL F 570 38.33 37.64 -21.40
CA VAL F 570 39.00 36.34 -21.42
C VAL F 570 38.71 35.62 -20.11
N SER F 571 38.42 34.33 -20.21
CA SER F 571 38.03 33.56 -19.04
C SER F 571 39.12 33.56 -17.97
N SER F 572 40.38 33.69 -18.37
CA SER F 572 41.48 33.66 -17.41
C SER F 572 41.52 34.87 -16.51
N ASP F 573 40.75 35.92 -16.80
CA ASP F 573 40.76 37.15 -16.01
C ASP F 573 39.68 37.19 -14.94
N ASN F 574 38.65 36.36 -15.04
CA ASN F 574 37.56 36.41 -14.08
C ASN F 574 38.06 36.10 -12.68
N LEU F 575 37.62 36.91 -11.71
CA LEU F 575 38.00 36.73 -10.32
C LEU F 575 37.01 35.90 -9.52
N LEU F 576 35.82 35.63 -10.07
CA LEU F 576 34.86 34.81 -9.35
C LEU F 576 35.38 33.39 -9.14
N VAL F 577 35.95 32.81 -10.19
CA VAL F 577 36.53 31.47 -10.12
C VAL F 577 38.03 31.59 -9.95
N THR F 578 38.58 30.76 -9.07
CA THR F 578 39.99 30.80 -8.71
C THR F 578 40.67 29.50 -9.11
N ASP F 579 42.00 29.52 -9.06
CA ASP F 579 42.80 28.34 -9.35
C ASP F 579 42.93 27.49 -8.09
N GLU F 580 43.66 26.39 -8.20
CA GLU F 580 43.86 25.50 -7.06
C GLU F 580 44.70 26.19 -5.99
N ILE F 581 44.31 25.99 -4.74
CA ILE F 581 45.09 26.49 -3.63
C ILE F 581 46.31 25.61 -3.42
N ASP F 582 47.41 26.20 -2.97
CA ASP F 582 48.63 25.45 -2.73
C ASP F 582 48.37 24.39 -1.67
N SER F 583 48.86 23.17 -1.93
CA SER F 583 48.66 22.07 -1.00
C SER F 583 49.40 22.35 0.31
N ALA F 584 49.15 21.47 1.29
CA ALA F 584 49.83 21.61 2.57
C ALA F 584 51.34 21.49 2.40
N SER F 585 51.79 20.53 1.59
CA SER F 585 53.23 20.36 1.36
C SER F 585 53.82 21.59 0.68
N VAL F 586 53.15 22.11 -0.34
CA VAL F 586 53.67 23.27 -1.07
C VAL F 586 53.74 24.48 -0.15
N LEU F 587 52.68 24.73 0.61
CA LEU F 587 52.68 25.87 1.53
C LEU F 587 53.76 25.71 2.58
N PHE F 588 53.91 24.51 3.13
CA PHE F 588 54.96 24.26 4.13
C PHE F 588 56.34 24.53 3.53
N ASN F 589 56.57 24.10 2.29
CA ASN F 589 57.86 24.35 1.66
C ASN F 589 58.10 25.84 1.48
N LYS F 590 57.11 26.55 0.93
CA LYS F 590 57.31 27.98 0.68
C LYS F 590 57.49 28.77 1.97
N VAL F 591 56.91 28.29 3.07
CA VAL F 591 57.06 28.99 4.35
C VAL F 591 58.40 28.67 4.99
N ASP F 592 58.69 27.39 5.18
CA ASP F 592 59.92 26.99 5.85
C ASP F 592 61.16 27.42 5.08
N SER F 593 61.06 27.47 3.75
CA SER F 593 62.21 27.91 2.96
C SER F 593 62.62 29.33 3.32
N ALA F 594 61.64 30.22 3.48
CA ALA F 594 61.91 31.61 3.85
C ALA F 594 62.23 31.72 5.33
N LEU F 603 50.66 36.11 0.27
CA LEU F 603 51.26 36.74 -0.91
C LEU F 603 50.25 36.85 -2.03
N ASN F 604 49.98 35.73 -2.71
CA ASN F 604 49.02 35.74 -3.81
C ASN F 604 47.61 36.03 -3.28
N MET F 605 46.86 36.81 -4.05
CA MET F 605 45.50 37.18 -3.69
C MET F 605 44.47 36.59 -4.65
N LYS F 606 44.87 35.67 -5.53
CA LYS F 606 43.97 35.01 -6.46
C LYS F 606 43.50 33.65 -5.94
N GLN F 607 43.63 33.40 -4.64
CA GLN F 607 43.26 32.12 -4.03
C GLN F 607 42.58 32.42 -2.69
N ASN F 608 41.24 32.49 -2.72
CA ASN F 608 40.44 32.64 -1.51
C ASN F 608 39.60 31.38 -1.33
N ILE F 609 39.39 30.98 -0.07
CA ILE F 609 38.70 29.73 0.22
C ILE F 609 37.22 29.77 -0.13
N LEU F 610 36.67 30.95 -0.43
CA LEU F 610 35.25 31.11 -0.70
C LEU F 610 34.96 31.39 -2.17
N LYS F 611 35.70 30.75 -3.07
CA LYS F 611 35.48 30.93 -4.50
C LYS F 611 35.41 29.57 -5.19
N THR F 612 34.58 29.50 -6.21
CA THR F 612 34.39 28.27 -6.97
C THR F 612 35.68 27.92 -7.72
N PRO F 613 36.07 26.64 -7.76
CA PRO F 613 37.21 26.25 -8.59
C PRO F 613 36.95 26.53 -10.06
N ARG F 614 38.02 26.92 -10.77
CA ARG F 614 37.87 27.31 -12.17
C ARG F 614 37.43 26.13 -13.04
N HIS F 615 37.98 24.95 -12.80
CA HIS F 615 37.73 23.80 -13.66
C HIS F 615 36.30 23.30 -13.59
N LEU F 616 35.51 23.74 -12.61
CA LEU F 616 34.10 23.36 -12.50
C LEU F 616 33.16 24.43 -13.04
N LEU F 617 33.69 25.46 -13.69
CA LEU F 617 32.84 26.56 -14.15
C LEU F 617 31.96 26.14 -15.32
N LEU F 618 32.50 25.40 -16.27
CA LEU F 618 31.83 25.15 -17.53
C LEU F 618 31.26 23.74 -17.59
N PRO F 619 30.02 23.55 -18.05
CA PRO F 619 29.49 22.19 -18.19
C PRO F 619 30.26 21.38 -19.22
N LYS F 620 30.24 20.05 -19.01
CA LYS F 620 30.98 19.16 -19.89
C LYS F 620 30.49 19.25 -21.33
N GLY F 621 29.17 19.18 -21.52
CA GLY F 621 28.61 19.16 -22.86
C GLY F 621 28.55 17.76 -23.44
N ARG F 622 28.60 17.65 -24.76
CA ARG F 622 28.57 16.36 -25.44
C ARG F 622 29.57 16.37 -26.58
N VAL F 623 29.99 15.16 -26.98
CA VAL F 623 30.81 15.02 -28.19
C VAL F 623 29.94 15.29 -29.40
N GLY F 624 30.31 16.29 -30.19
CA GLY F 624 29.51 16.75 -31.31
C GLY F 624 28.77 18.04 -31.05
N GLY F 625 28.72 18.49 -29.81
CA GLY F 625 28.14 19.78 -29.46
C GLY F 625 26.84 19.63 -28.69
N MET F 626 26.70 20.44 -27.64
CA MET F 626 25.47 20.53 -26.86
C MET F 626 25.04 21.98 -26.84
N PRO F 627 23.80 22.30 -27.19
CA PRO F 627 23.38 23.71 -27.26
C PRO F 627 23.16 24.30 -25.87
N PHE F 628 23.57 25.55 -25.70
CA PHE F 628 23.37 26.33 -24.49
C PHE F 628 23.04 27.76 -24.89
N VAL F 629 22.59 28.56 -23.92
CA VAL F 629 22.18 29.93 -24.16
C VAL F 629 23.01 30.84 -23.26
N LEU F 630 23.68 31.80 -23.87
CA LEU F 630 24.42 32.85 -23.17
C LEU F 630 23.58 34.13 -23.16
N MET F 631 23.68 34.86 -22.05
CA MET F 631 22.94 36.11 -21.87
C MET F 631 23.90 37.17 -21.37
N VAL F 632 24.04 38.25 -22.13
CA VAL F 632 24.90 39.38 -21.78
C VAL F 632 24.00 40.52 -21.34
N TYR F 633 24.21 41.01 -20.12
CA TYR F 633 23.42 42.11 -19.57
C TYR F 633 24.35 43.23 -19.12
N ILE F 634 24.04 44.45 -19.54
CA ILE F 634 24.83 45.63 -19.21
C ILE F 634 23.96 46.59 -18.42
N SER F 635 24.48 47.10 -17.30
CA SER F 635 23.75 48.01 -16.44
C SER F 635 24.70 49.11 -15.96
N GLU F 636 24.13 50.09 -15.27
CA GLU F 636 24.95 51.17 -14.71
C GLU F 636 25.80 50.65 -13.56
N TYR F 637 26.92 51.32 -13.33
CA TYR F 637 27.79 51.02 -12.18
C TYR F 637 27.26 51.81 -10.99
N HIS F 638 26.41 51.18 -10.21
CA HIS F 638 25.93 51.76 -8.96
C HIS F 638 26.96 51.46 -7.87
N ALA F 639 27.74 52.47 -7.51
CA ALA F 639 28.85 52.26 -6.59
C ALA F 639 28.33 51.71 -5.25
N PRO F 640 28.92 50.63 -4.71
CA PRO F 640 28.51 50.09 -3.42
C PRO F 640 28.46 51.14 -2.32
N ILE F 653 40.33 39.64 4.17
CA ILE F 653 40.66 38.88 2.96
C ILE F 653 40.12 37.46 3.08
N ASP F 654 40.07 36.96 4.32
CA ASP F 654 39.59 35.60 4.54
C ASP F 654 38.14 35.45 4.07
N ASN F 655 37.27 36.38 4.46
CA ASN F 655 35.87 36.38 4.08
C ASN F 655 35.54 37.80 3.59
N THR F 656 35.74 38.05 2.30
CA THR F 656 35.54 39.37 1.73
C THR F 656 35.04 39.22 0.30
N ILE F 657 33.79 39.63 0.07
CA ILE F 657 33.21 39.63 -1.27
C ILE F 657 32.16 40.73 -1.34
N ARG F 658 32.32 41.64 -2.30
CA ARG F 658 31.38 42.75 -2.46
C ARG F 658 31.41 43.19 -3.92
N LEU F 659 30.23 43.48 -4.46
CA LEU F 659 30.07 43.99 -5.81
C LEU F 659 29.09 45.15 -5.76
N THR F 660 28.71 45.65 -6.93
CA THR F 660 27.75 46.74 -7.02
C THR F 660 26.50 46.43 -6.20
N SER F 661 26.02 47.42 -5.46
CA SER F 661 24.91 47.23 -4.54
C SER F 661 23.65 46.92 -5.34
N ASP F 662 23.26 45.65 -5.33
CA ASP F 662 22.07 45.17 -6.04
C ASP F 662 21.89 43.70 -5.73
N THR F 663 20.68 43.18 -5.94
CA THR F 663 20.44 41.76 -5.70
C THR F 663 21.39 40.90 -6.52
N LEU F 664 21.99 39.90 -5.86
CA LEU F 664 23.04 39.12 -6.49
C LEU F 664 22.57 38.48 -7.79
N GLY F 665 21.33 38.01 -7.83
CA GLY F 665 20.80 37.34 -9.00
C GLY F 665 20.13 38.28 -9.98
N PHE F 666 20.40 39.57 -9.87
CA PHE F 666 19.79 40.53 -10.78
C PHE F 666 20.30 40.30 -12.19
N PRO F 667 19.42 40.34 -13.21
CA PRO F 667 17.96 40.48 -13.16
C PRO F 667 17.23 39.15 -13.29
N VAL F 668 17.83 38.03 -12.87
CA VAL F 668 17.23 36.72 -13.01
C VAL F 668 16.67 36.21 -11.69
N ASP F 669 16.69 37.03 -10.64
CA ASP F 669 16.10 36.61 -9.37
C ASP F 669 14.58 36.55 -9.48
N ARG F 670 13.96 37.53 -10.17
CA ARG F 670 12.53 37.54 -10.39
C ARG F 670 12.21 36.96 -11.76
N PRO F 671 11.02 36.40 -11.95
CA PRO F 671 10.66 35.85 -13.26
C PRO F 671 10.70 36.93 -14.33
N LEU F 672 11.15 36.53 -15.52
CA LEU F 672 11.31 37.44 -16.66
C LEU F 672 10.56 36.88 -17.86
N PHE F 673 9.92 37.77 -18.62
CA PHE F 673 9.12 37.36 -19.76
C PHE F 673 9.59 38.08 -21.02
N PRO F 674 9.43 37.45 -22.19
CA PRO F 674 9.87 38.13 -23.43
C PRO F 674 9.18 39.45 -23.69
N TRP F 675 7.89 39.57 -23.35
CA TRP F 675 7.14 40.76 -23.72
C TRP F 675 7.57 41.98 -22.93
N MET F 676 8.23 41.82 -21.79
CA MET F 676 8.73 42.95 -21.01
C MET F 676 10.18 43.28 -21.32
N LEU F 677 10.78 42.59 -22.27
CA LEU F 677 12.15 42.89 -22.71
C LEU F 677 12.16 43.72 -23.99
N THR F 678 11.01 44.18 -24.45
CA THR F 678 10.93 45.09 -25.59
C THR F 678 11.12 46.51 -25.08
N GLY F 679 12.10 47.21 -25.65
CA GLY F 679 12.54 48.50 -25.14
C GLY F 679 13.78 48.42 -24.29
N VAL F 680 14.20 47.22 -23.88
CA VAL F 680 15.42 47.01 -23.14
C VAL F 680 16.42 46.42 -24.13
N GLU F 681 17.32 47.26 -24.65
CA GLU F 681 18.28 46.85 -25.67
C GLU F 681 19.63 46.45 -25.11
N ASN F 682 19.91 46.73 -23.83
CA ASN F 682 21.19 46.39 -23.23
C ASN F 682 21.26 44.94 -22.74
N ILE F 683 20.31 44.10 -23.14
CA ILE F 683 20.33 42.68 -22.81
C ILE F 683 20.25 41.89 -24.10
N PHE F 684 21.14 40.91 -24.25
CA PHE F 684 21.24 40.14 -25.48
C PHE F 684 21.33 38.65 -25.15
N LEU F 685 20.59 37.84 -25.90
CA LEU F 685 20.54 36.39 -25.73
C LEU F 685 21.09 35.73 -26.99
N GLN F 686 22.25 35.10 -26.86
CA GLN F 686 22.88 34.35 -27.95
C GLN F 686 22.86 32.87 -27.64
N ASP F 687 23.06 32.06 -28.68
CA ASP F 687 23.15 30.62 -28.56
C ASP F 687 24.58 30.15 -28.85
N VAL F 688 25.03 29.16 -28.10
CA VAL F 688 26.38 28.62 -28.22
C VAL F 688 26.30 27.09 -28.14
N GLN F 689 27.42 26.45 -28.43
CA GLN F 689 27.54 25.00 -28.34
C GLN F 689 28.78 24.64 -27.54
N ILE F 690 28.62 23.75 -26.56
CA ILE F 690 29.72 23.27 -25.73
C ILE F 690 30.11 21.89 -26.22
N TYR F 691 31.40 21.68 -26.43
CA TYR F 691 31.94 20.43 -26.95
C TYR F 691 32.77 19.74 -25.88
N HIS F 692 32.83 18.41 -25.98
CA HIS F 692 33.66 17.60 -25.10
C HIS F 692 34.70 16.86 -25.94
N LYS F 693 35.96 16.94 -25.52
CA LYS F 693 37.04 16.25 -26.20
C LYS F 693 37.17 14.85 -25.62
N PRO F 694 36.90 13.79 -26.38
CA PRO F 694 36.96 12.44 -25.80
C PRO F 694 38.38 11.91 -25.75
N THR F 695 38.68 11.17 -24.69
CA THR F 695 40.00 10.60 -24.48
C THR F 695 39.91 9.27 -23.73
#